data_5X6Y
#
_entry.id   5X6Y
#
_cell.length_a   60.182
_cell.length_b   122.778
_cell.length_c   129.257
_cell.angle_alpha   73.80
_cell.angle_beta   87.14
_cell.angle_gamma   86.08
#
_symmetry.space_group_name_H-M   'P 1'
#
loop_
_entity.id
_entity.type
_entity.pdbx_description
1 polymer 'mRNA capping enzyme P5'
2 non-polymer S-ADENOSYLMETHIONINE
3 non-polymer 1,2-ETHANEDIOL
4 non-polymer 'CITRATE ANION'
5 water water
#
_entity_poly.entity_id   1
_entity_poly.type   'polypeptide(L)'
_entity_poly.pdbx_seq_one_letter_code
;GGSMSNPDYCIPNFSQTVNERTIIDIFTICRYRSPLVVFCLSHNELAKKYAQDVSMSSGTHVHIIDGSVEITVSLYRTFR
TIATQLLGRMQIVVFVTVDKSVVSTQVMKSIAWAFRGSFVELRNQSVDSSTLVSKLENLVSFAPLYNVPKCGPDYYGPTV
YSELLSLATNARTHWYATIDYSMFTRSVLTGFVAKYFNEEAVPIDKRIVSIVGYNPPYVWTCLRHGIRPTYIEKSLPNPG
GKGPFGLILPVINELVLKSKVKYVMHNPQIKLLCLDTFMLSTSMNILYIGAYPATHLLSLQLNGWTILAFDPKITSDWTD
AMAKATGAKVIGVSKEFDFKSFSVQANQLNMFQNSKLSVIDDTWVETDYEKFQSEKQAYFEWLIDRTSIDVRLISMKWNR
SKDTSVSHLLALLPQPYGASIREMRAFFHKKGASDIKILAAETEKYMDDFTAMSVSDQINTQKFMHCMITTVGDALKMDL
DGGRAVIASYSLSNSSNSKERVLKFLSDANKAKAMVVFGAPNTHRLAYAKKVGLVLDSAIKMSKDLITFSNPTGRRWRDY
GYSQSELYDAGYVEITIDQMVAYSSDVYNGVGYFANSTYNDLFSWYIPKWYVHKRMLMQDIRLSPAALVKCFTTLIRNIC
YVPHETYYRFRGILVDKYLRSKNVDPSQYSIVGSGSKTFTVLSHFEVPHECGPLVFEASTDVNISGHLLSLAIAAHFVAS
PMILWAEQMKYMAVDRMLPPNLDKSLFFDNKVTPSGALQRWHSREEVLLAAEICESYAAMMLNNKHSPDIIGTLKSAINL
VFKI
;
_entity_poly.pdbx_strand_id   A,B,C,D
#
# COMPACT_ATOMS: atom_id res chain seq x y z
N PRO A 7 -18.98 19.25 53.16
CA PRO A 7 -19.77 19.36 51.92
C PRO A 7 -19.42 20.67 51.21
N ASP A 8 -19.79 21.75 51.87
CA ASP A 8 -19.23 23.09 51.65
C ASP A 8 -17.73 23.06 51.45
N TYR A 9 -17.05 22.23 52.25
CA TYR A 9 -15.60 22.17 52.27
C TYR A 9 -15.12 20.79 51.88
N CYS A 10 -15.69 20.24 50.80
CA CYS A 10 -15.25 18.98 50.22
C CYS A 10 -15.19 19.13 48.71
N ILE A 11 -14.24 18.44 48.10
CA ILE A 11 -14.26 18.20 46.67
C ILE A 11 -14.38 16.70 46.42
N PRO A 12 -14.98 16.26 45.30
CA PRO A 12 -15.65 17.13 44.32
C PRO A 12 -16.79 17.95 44.98
N ASN A 13 -17.08 19.13 44.45
CA ASN A 13 -18.14 19.95 45.03
C ASN A 13 -19.15 20.32 43.96
N PHE A 14 -20.31 19.70 44.02
CA PHE A 14 -21.43 20.12 43.20
C PHE A 14 -22.34 21.09 43.94
N SER A 15 -22.27 21.10 45.28
CA SER A 15 -23.23 21.82 46.11
C SER A 15 -23.07 23.33 46.00
N GLN A 16 -21.83 23.83 46.06
CA GLN A 16 -21.61 25.26 45.93
C GLN A 16 -21.43 25.70 44.49
N THR A 17 -21.07 24.77 43.60
CA THR A 17 -20.66 25.14 42.26
C THR A 17 -21.81 25.13 41.26
N VAL A 18 -22.84 24.31 41.49
CA VAL A 18 -23.93 24.15 40.52
C VAL A 18 -25.23 24.61 41.16
N ASN A 19 -25.64 25.84 40.84
CA ASN A 19 -27.01 26.26 41.14
C ASN A 19 -27.67 26.77 39.86
N GLU A 20 -28.85 27.41 40.00
CA GLU A 20 -29.56 27.91 38.83
C GLU A 20 -28.72 28.88 38.01
N ARG A 21 -27.82 29.63 38.66
CA ARG A 21 -26.94 30.53 37.93
C ARG A 21 -25.91 29.75 37.11
N THR A 22 -25.43 28.61 37.63
CA THR A 22 -24.50 27.81 36.87
C THR A 22 -25.17 27.24 35.62
N ILE A 23 -26.41 26.77 35.78
CA ILE A 23 -27.16 26.21 34.67
C ILE A 23 -27.33 27.26 33.58
N ILE A 24 -27.70 28.48 33.99
CA ILE A 24 -27.84 29.54 33.00
C ILE A 24 -26.53 29.78 32.29
N ASP A 25 -25.43 29.71 33.03
N ASP A 25 -25.42 29.73 33.02
CA ASP A 25 -24.11 29.92 32.44
CA ASP A 25 -24.11 29.92 32.38
C ASP A 25 -23.73 28.81 31.46
C ASP A 25 -23.84 28.82 31.36
N ILE A 26 -24.22 27.58 31.68
CA ILE A 26 -23.97 26.49 30.75
C ILE A 26 -24.77 26.70 29.47
N PHE A 27 -26.03 27.13 29.58
CA PHE A 27 -26.79 27.55 28.41
C PHE A 27 -26.03 28.63 27.63
N THR A 28 -25.43 29.56 28.35
CA THR A 28 -24.71 30.64 27.68
C THR A 28 -23.49 30.10 26.94
N ILE A 29 -22.73 29.24 27.60
CA ILE A 29 -21.54 28.68 26.98
C ILE A 29 -21.92 27.86 25.75
N CYS A 30 -23.13 27.28 25.76
CA CYS A 30 -23.58 26.47 24.63
C CYS A 30 -23.65 27.26 23.34
N ARG A 31 -23.80 28.58 23.44
CA ARG A 31 -23.78 29.42 22.27
C ARG A 31 -22.41 29.45 21.60
N TYR A 32 -21.35 29.12 22.33
CA TYR A 32 -19.98 29.11 21.85
C TYR A 32 -19.45 27.69 21.59
N ARG A 33 -20.35 26.71 21.41
CA ARG A 33 -19.97 25.30 21.37
C ARG A 33 -19.39 24.84 20.02
N SER A 34 -19.14 25.74 19.07
CA SER A 34 -18.55 25.40 17.78
C SER A 34 -17.20 26.09 17.55
N PRO A 35 -16.18 25.79 18.35
CA PRO A 35 -14.91 26.52 18.23
C PRO A 35 -13.95 26.05 17.14
N LEU A 36 -14.22 24.97 16.41
CA LEU A 36 -13.21 24.26 15.62
C LEU A 36 -13.05 24.81 14.20
N VAL A 37 -11.79 24.93 13.76
CA VAL A 37 -11.46 25.13 12.34
C VAL A 37 -10.60 23.94 11.90
N VAL A 38 -10.97 23.31 10.79
CA VAL A 38 -10.13 22.29 10.16
C VAL A 38 -9.60 22.90 8.86
N PHE A 39 -8.26 22.95 8.72
CA PHE A 39 -7.60 23.70 7.65
C PHE A 39 -6.57 22.79 6.97
N CYS A 40 -6.80 22.43 5.72
CA CYS A 40 -5.94 21.48 5.02
C CYS A 40 -5.07 22.24 4.01
N LEU A 41 -3.80 21.88 3.98
CA LEU A 41 -2.84 22.57 3.12
C LEU A 41 -1.63 21.67 3.00
N SER A 42 -0.82 21.89 1.96
CA SER A 42 0.24 20.95 1.61
C SER A 42 1.63 21.37 2.10
N HIS A 43 1.73 22.39 2.95
CA HIS A 43 3.02 22.97 3.31
C HIS A 43 3.18 23.01 4.83
N ASN A 44 4.00 22.12 5.36
N ASN A 44 4.00 22.13 5.35
CA ASN A 44 4.10 21.91 6.80
CA ASN A 44 4.11 21.94 6.79
C ASN A 44 4.75 23.09 7.52
C ASN A 44 4.68 23.17 7.47
N GLU A 45 5.70 23.79 6.88
CA GLU A 45 6.34 24.93 7.52
C GLU A 45 5.39 26.10 7.64
N LEU A 46 4.57 26.33 6.60
CA LEU A 46 3.50 27.31 6.69
C LEU A 46 2.55 26.95 7.83
N ALA A 47 2.13 25.68 7.92
CA ALA A 47 1.23 25.27 8.99
C ALA A 47 1.85 25.48 10.37
N LYS A 48 3.14 25.16 10.50
CA LYS A 48 3.81 25.38 11.78
C LYS A 48 3.91 26.88 12.11
N LYS A 49 4.13 27.74 11.10
CA LYS A 49 4.25 29.16 11.40
C LYS A 49 2.93 29.70 11.97
N TYR A 50 1.83 29.49 11.25
CA TYR A 50 0.57 30.10 11.66
C TYR A 50 -0.01 29.43 12.89
N ALA A 51 0.29 28.15 13.13
CA ALA A 51 -0.09 27.50 14.38
C ALA A 51 0.56 28.20 15.56
N GLN A 52 1.87 28.46 15.46
CA GLN A 52 2.58 29.24 16.46
C GLN A 52 1.99 30.63 16.60
N ASP A 53 1.71 31.29 15.47
CA ASP A 53 1.26 32.68 15.57
C ASP A 53 -0.11 32.80 16.24
N VAL A 54 -1.06 31.95 15.88
CA VAL A 54 -2.42 32.11 16.44
C VAL A 54 -2.43 31.67 17.90
N SER A 55 -1.67 30.64 18.22
CA SER A 55 -1.60 30.11 19.57
C SER A 55 -0.96 31.11 20.53
N MET A 56 0.13 31.74 20.10
CA MET A 56 0.84 32.63 20.97
C MET A 56 0.10 33.95 21.19
N SER A 57 -0.67 34.42 20.21
CA SER A 57 -1.35 35.71 20.34
C SER A 57 -2.73 35.57 20.98
N SER A 58 -3.44 34.49 20.69
CA SER A 58 -4.84 34.34 21.10
C SER A 58 -5.10 33.14 21.97
N GLY A 59 -4.11 32.27 22.14
CA GLY A 59 -4.35 31.09 22.92
C GLY A 59 -5.14 30.02 22.22
N THR A 60 -5.41 30.16 20.93
CA THR A 60 -5.97 29.05 20.17
C THR A 60 -5.18 27.77 20.38
N HIS A 61 -5.90 26.66 20.56
CA HIS A 61 -5.31 25.33 20.68
C HIS A 61 -5.11 24.74 19.29
N VAL A 62 -3.89 24.26 18.99
CA VAL A 62 -3.56 23.90 17.61
C VAL A 62 -3.04 22.47 17.52
N HIS A 63 -3.43 21.78 16.46
CA HIS A 63 -3.01 20.42 16.17
C HIS A 63 -2.54 20.41 14.71
N ILE A 64 -1.51 19.60 14.44
CA ILE A 64 -1.07 19.40 13.07
C ILE A 64 -1.04 17.91 12.79
N ILE A 65 -1.85 17.46 11.84
CA ILE A 65 -1.84 16.06 11.40
C ILE A 65 -0.92 16.05 10.19
N ASP A 66 0.32 15.62 10.39
CA ASP A 66 1.35 15.76 9.37
C ASP A 66 1.85 14.44 8.81
N GLY A 67 1.35 13.32 9.28
CA GLY A 67 1.80 12.05 8.73
C GLY A 67 2.94 11.44 9.51
N SER A 68 3.39 12.08 10.58
CA SER A 68 4.33 11.43 11.47
C SER A 68 3.69 10.23 12.15
N VAL A 69 2.37 10.24 12.29
CA VAL A 69 1.64 9.12 12.86
C VAL A 69 0.62 8.67 11.83
N GLU A 70 0.38 7.36 11.76
CA GLU A 70 -0.61 6.80 10.86
C GLU A 70 -1.96 7.52 11.01
N ILE A 71 -2.66 7.71 9.89
CA ILE A 71 -3.76 8.69 9.82
C ILE A 71 -4.92 8.29 10.75
N THR A 72 -5.25 6.99 10.84
CA THR A 72 -6.33 6.57 11.72
C THR A 72 -6.02 6.88 13.18
N VAL A 73 -4.79 6.61 13.60
CA VAL A 73 -4.40 6.92 14.96
C VAL A 73 -4.35 8.43 15.18
N SER A 74 -3.83 9.18 14.20
CA SER A 74 -3.74 10.63 14.37
C SER A 74 -5.13 11.24 14.55
N LEU A 75 -6.08 10.87 13.68
CA LEU A 75 -7.45 11.33 13.80
C LEU A 75 -8.05 10.98 15.16
N TYR A 76 -7.86 9.73 15.60
CA TYR A 76 -8.40 9.26 16.89
C TYR A 76 -7.91 10.11 18.05
N ARG A 77 -6.58 10.25 18.20
CA ARG A 77 -6.08 11.00 19.35
C ARG A 77 -6.44 12.48 19.27
N THR A 78 -6.42 13.03 18.06
CA THR A 78 -6.70 14.46 17.90
C THR A 78 -8.15 14.78 18.29
N PHE A 79 -9.10 14.02 17.77
CA PHE A 79 -10.52 14.32 17.95
C PHE A 79 -11.12 13.73 19.21
N ARG A 80 -10.47 12.75 19.85
CA ARG A 80 -10.81 12.41 21.23
C ARG A 80 -10.47 13.54 22.17
N THR A 81 -9.25 14.09 22.03
CA THR A 81 -8.91 15.28 22.79
C THR A 81 -9.91 16.42 22.55
N ILE A 82 -10.23 16.70 21.29
CA ILE A 82 -11.02 17.88 20.97
C ILE A 82 -12.45 17.73 21.48
N ALA A 83 -13.01 16.51 21.40
CA ALA A 83 -14.36 16.26 21.90
C ALA A 83 -14.56 16.75 23.33
N THR A 84 -13.52 16.66 24.18
CA THR A 84 -13.66 17.10 25.56
C THR A 84 -13.61 18.63 25.73
N GLN A 85 -13.13 19.37 24.73
CA GLN A 85 -12.84 20.78 24.91
C GLN A 85 -13.85 21.72 24.24
N LEU A 86 -14.92 21.19 23.64
CA LEU A 86 -15.74 22.02 22.77
C LEU A 86 -16.57 23.04 23.52
N LEU A 87 -16.63 22.98 24.85
CA LEU A 87 -17.29 24.00 25.64
C LEU A 87 -16.29 24.90 26.36
N GLY A 88 -15.01 24.86 25.96
CA GLY A 88 -14.02 25.67 26.64
C GLY A 88 -13.97 27.13 26.24
N ARG A 89 -14.69 27.54 25.21
CA ARG A 89 -14.72 28.92 24.77
C ARG A 89 -13.34 29.40 24.35
N MET A 90 -12.56 28.49 23.74
CA MET A 90 -11.34 28.85 23.06
C MET A 90 -11.33 28.18 21.68
N GLN A 91 -10.85 28.90 20.68
CA GLN A 91 -10.80 28.33 19.34
C GLN A 91 -9.86 27.13 19.31
N ILE A 92 -10.11 26.23 18.39
CA ILE A 92 -9.29 25.05 18.16
C ILE A 92 -9.05 24.94 16.66
N VAL A 93 -7.79 24.77 16.26
CA VAL A 93 -7.49 24.63 14.84
C VAL A 93 -6.78 23.29 14.62
N VAL A 94 -7.22 22.54 13.61
CA VAL A 94 -6.53 21.31 13.21
C VAL A 94 -6.02 21.56 11.81
N PHE A 95 -4.68 21.65 11.67
CA PHE A 95 -4.05 21.67 10.36
C PHE A 95 -3.84 20.22 9.90
N VAL A 96 -4.21 19.94 8.66
CA VAL A 96 -4.01 18.63 8.06
C VAL A 96 -3.06 18.83 6.88
N THR A 97 -1.84 18.31 6.98
CA THR A 97 -0.90 18.52 5.90
C THR A 97 -0.56 17.24 5.14
N VAL A 98 -1.24 16.11 5.42
CA VAL A 98 -1.02 14.92 4.61
C VAL A 98 -1.77 15.04 3.29
N ASP A 99 -1.39 14.21 2.31
CA ASP A 99 -1.98 14.21 0.97
C ASP A 99 -3.45 13.83 1.01
N LYS A 100 -4.15 14.26 -0.04
CA LYS A 100 -5.53 13.83 -0.26
C LYS A 100 -5.65 12.33 -0.42
N SER A 101 -4.57 11.66 -0.81
CA SER A 101 -4.62 10.21 -0.89
C SER A 101 -4.43 9.56 0.47
N VAL A 102 -4.00 10.35 1.46
CA VAL A 102 -3.98 9.85 2.83
C VAL A 102 -5.33 10.06 3.51
N VAL A 103 -5.89 11.28 3.44
CA VAL A 103 -7.28 11.51 3.86
C VAL A 103 -7.94 12.42 2.84
N SER A 104 -9.01 11.93 2.23
CA SER A 104 -9.67 12.66 1.16
C SER A 104 -10.29 13.97 1.69
N THR A 105 -10.54 14.88 0.75
CA THR A 105 -11.33 16.07 1.03
C THR A 105 -12.67 15.70 1.65
N GLN A 106 -13.38 14.72 1.06
CA GLN A 106 -14.72 14.40 1.56
C GLN A 106 -14.68 13.86 2.99
N VAL A 107 -13.72 12.98 3.29
CA VAL A 107 -13.61 12.44 4.65
C VAL A 107 -13.30 13.54 5.67
N MET A 108 -12.28 14.38 5.38
CA MET A 108 -11.91 15.41 6.34
C MET A 108 -13.05 16.41 6.56
N LYS A 109 -13.77 16.73 5.48
CA LYS A 109 -14.95 17.59 5.58
C LYS A 109 -16.01 16.95 6.48
N SER A 110 -16.27 15.65 6.30
CA SER A 110 -17.21 14.92 7.16
C SER A 110 -16.79 15.03 8.61
N ILE A 111 -15.50 14.83 8.88
CA ILE A 111 -14.99 14.87 10.25
C ILE A 111 -15.15 16.29 10.82
N ALA A 112 -14.76 17.31 10.05
CA ALA A 112 -14.85 18.70 10.52
C ALA A 112 -16.29 19.07 10.92
N TRP A 113 -17.25 18.75 10.05
CA TRP A 113 -18.64 19.12 10.33
C TRP A 113 -19.27 18.29 11.44
N ALA A 114 -18.87 17.01 11.62
CA ALA A 114 -19.36 16.25 12.76
C ALA A 114 -18.90 16.84 14.10
N PHE A 115 -17.78 17.57 14.11
CA PHE A 115 -17.33 18.33 15.27
C PHE A 115 -17.70 19.82 15.19
N ARG A 116 -18.68 20.17 14.35
CA ARG A 116 -19.23 21.54 14.23
C ARG A 116 -18.18 22.57 13.80
N GLY A 117 -17.23 22.18 12.95
CA GLY A 117 -16.13 23.06 12.61
C GLY A 117 -16.25 23.70 11.24
N SER A 118 -15.48 24.77 11.05
CA SER A 118 -15.17 25.30 9.72
C SER A 118 -14.27 24.33 8.98
N PHE A 119 -14.45 24.23 7.65
CA PHE A 119 -13.60 23.37 6.82
C PHE A 119 -12.96 24.17 5.70
N VAL A 120 -11.64 24.10 5.62
CA VAL A 120 -10.84 24.76 4.59
C VAL A 120 -10.01 23.70 3.86
N GLU A 121 -10.23 23.53 2.57
CA GLU A 121 -9.46 22.59 1.78
C GLU A 121 -8.59 23.37 0.80
N LEU A 122 -7.27 23.43 1.07
CA LEU A 122 -6.36 24.13 0.17
C LEU A 122 -5.12 23.29 -0.15
N ARG A 123 -5.15 21.98 0.06
CA ARG A 123 -4.02 21.17 -0.37
C ARG A 123 -3.84 21.30 -1.88
N ASN A 124 -2.60 21.13 -2.33
CA ASN A 124 -2.23 21.36 -3.73
C ASN A 124 -2.44 22.81 -4.18
N GLN A 125 -2.71 23.76 -3.29
CA GLN A 125 -2.44 25.14 -3.60
C GLN A 125 -0.95 25.35 -3.44
N SER A 126 -0.37 26.11 -4.37
CA SER A 126 1.02 26.49 -4.28
C SER A 126 1.29 27.36 -3.05
N VAL A 127 2.53 27.29 -2.58
CA VAL A 127 3.01 28.14 -1.49
C VAL A 127 2.93 29.62 -1.88
N ASP A 128 2.79 29.93 -3.16
CA ASP A 128 2.58 31.27 -3.67
C ASP A 128 1.11 31.68 -3.76
N SER A 129 0.16 30.83 -3.35
CA SER A 129 -1.24 31.18 -3.51
C SER A 129 -1.61 32.34 -2.57
N SER A 130 -2.03 33.47 -3.15
CA SER A 130 -2.56 34.54 -2.30
C SER A 130 -3.81 34.07 -1.53
N THR A 131 -4.56 33.13 -2.10
CA THR A 131 -5.72 32.61 -1.37
C THR A 131 -5.29 31.81 -0.14
N LEU A 132 -4.28 30.95 -0.29
CA LEU A 132 -3.76 30.22 0.86
C LEU A 132 -3.21 31.16 1.92
N VAL A 133 -2.30 32.08 1.54
CA VAL A 133 -1.73 32.99 2.54
C VAL A 133 -2.80 33.82 3.23
N SER A 134 -3.77 34.31 2.47
CA SER A 134 -4.85 35.13 3.02
C SER A 134 -5.68 34.34 4.05
N LYS A 135 -6.07 33.11 3.73
CA LYS A 135 -6.85 32.33 4.69
C LYS A 135 -6.04 31.98 5.92
N LEU A 136 -4.72 31.83 5.81
CA LEU A 136 -3.88 31.61 6.99
C LEU A 136 -3.79 32.87 7.86
N GLU A 137 -3.56 34.03 7.23
CA GLU A 137 -3.46 35.28 7.98
C GLU A 137 -4.76 35.58 8.68
N ASN A 138 -5.90 35.25 8.02
CA ASN A 138 -7.20 35.43 8.62
C ASN A 138 -7.36 34.66 9.92
N LEU A 139 -6.68 33.52 10.05
CA LEU A 139 -6.72 32.77 11.30
C LEU A 139 -6.19 33.61 12.45
N VAL A 140 -5.06 34.29 12.22
CA VAL A 140 -4.44 35.11 13.27
C VAL A 140 -5.23 36.39 13.48
N SER A 141 -5.72 36.99 12.37
CA SER A 141 -6.44 38.26 12.43
C SER A 141 -7.75 38.13 13.20
N PHE A 142 -8.53 37.06 12.95
CA PHE A 142 -9.89 36.99 13.46
C PHE A 142 -10.02 36.25 14.79
N ALA A 143 -8.98 35.50 15.20
CA ALA A 143 -9.15 34.57 16.32
C ALA A 143 -9.60 35.35 17.56
N PRO A 144 -10.48 34.79 18.39
CA PRO A 144 -10.96 33.38 18.32
C PRO A 144 -12.06 33.14 17.31
N LEU A 145 -12.48 34.17 16.57
CA LEU A 145 -13.42 33.97 15.48
C LEU A 145 -12.67 33.58 14.22
N TYR A 146 -13.44 33.24 13.20
CA TYR A 146 -12.91 32.93 11.88
C TYR A 146 -14.01 33.18 10.85
N ASN A 147 -13.62 33.62 9.66
CA ASN A 147 -14.57 34.06 8.66
C ASN A 147 -15.03 32.95 7.72
N VAL A 148 -14.53 31.73 7.88
CA VAL A 148 -15.10 30.63 7.12
C VAL A 148 -16.21 30.04 7.99
N PRO A 149 -17.41 29.86 7.47
CA PRO A 149 -18.51 29.39 8.31
C PRO A 149 -18.31 27.95 8.75
N LYS A 150 -18.84 27.65 9.93
CA LYS A 150 -18.92 26.28 10.42
C LYS A 150 -20.01 25.50 9.66
N CYS A 151 -19.70 24.25 9.30
CA CYS A 151 -20.68 23.32 8.73
C CYS A 151 -21.28 23.83 7.41
N GLY A 152 -20.50 24.58 6.63
CA GLY A 152 -20.85 24.91 5.27
C GLY A 152 -19.88 25.92 4.67
N PRO A 153 -19.64 25.84 3.35
CA PRO A 153 -18.68 26.77 2.74
C PRO A 153 -19.17 28.20 2.67
N ASP A 154 -20.46 28.43 2.52
CA ASP A 154 -21.00 29.74 2.14
C ASP A 154 -21.83 30.37 3.23
N TYR A 155 -21.99 31.69 3.11
CA TYR A 155 -22.79 32.47 4.04
C TYR A 155 -23.27 33.72 3.32
N TYR A 156 -24.56 34.04 3.45
CA TYR A 156 -25.16 35.19 2.78
C TYR A 156 -25.94 36.04 3.78
N GLY A 157 -25.54 36.03 5.05
CA GLY A 157 -26.21 36.86 6.01
C GLY A 157 -25.55 38.21 6.10
N PRO A 158 -25.99 39.03 7.05
CA PRO A 158 -25.43 40.39 7.18
C PRO A 158 -24.03 40.47 7.79
N THR A 159 -23.52 39.42 8.43
CA THR A 159 -22.22 39.55 9.08
C THR A 159 -21.12 39.69 8.03
N VAL A 160 -20.32 40.75 8.15
CA VAL A 160 -19.25 41.00 7.16
C VAL A 160 -17.92 41.07 7.90
N TYR A 161 -17.13 40.01 7.78
CA TYR A 161 -15.95 39.86 8.62
C TYR A 161 -14.90 40.93 8.32
N SER A 162 -14.73 41.29 7.02
CA SER A 162 -13.79 42.36 6.67
C SER A 162 -14.07 43.62 7.47
N GLU A 163 -15.34 43.88 7.83
CA GLU A 163 -15.69 45.09 8.58
C GLU A 163 -15.06 45.11 9.96
N LEU A 164 -14.79 43.94 10.54
CA LEU A 164 -14.13 43.87 11.85
C LEU A 164 -12.68 44.38 11.83
N LEU A 165 -12.06 44.47 10.65
CA LEU A 165 -10.67 44.88 10.53
C LEU A 165 -10.49 46.34 10.13
N SER A 166 -11.57 47.13 10.11
CA SER A 166 -11.53 48.45 9.49
C SER A 166 -12.26 49.47 10.35
N LEU A 167 -11.71 50.68 10.41
CA LEU A 167 -12.35 51.73 11.18
C LEU A 167 -13.58 52.32 10.51
N ALA A 168 -13.86 51.96 9.25
CA ALA A 168 -14.98 52.54 8.53
C ALA A 168 -16.31 52.28 9.26
N THR A 169 -16.48 51.07 9.81
CA THR A 169 -17.63 50.73 10.65
C THR A 169 -17.24 50.63 12.13
N ASN A 170 -16.22 51.39 12.54
CA ASN A 170 -15.71 51.31 13.92
C ASN A 170 -15.37 49.87 14.31
N ALA A 171 -14.86 49.10 13.33
CA ALA A 171 -14.42 47.71 13.53
C ALA A 171 -15.51 46.85 14.14
N ARG A 172 -16.76 47.07 13.71
CA ARG A 172 -17.88 46.26 14.14
C ARG A 172 -18.69 45.82 12.92
N THR A 173 -19.38 44.69 13.05
CA THR A 173 -20.26 44.22 11.97
C THR A 173 -21.53 43.70 12.60
N HIS A 174 -22.54 43.49 11.76
CA HIS A 174 -23.82 42.94 12.17
C HIS A 174 -23.64 41.51 12.66
N TRP A 175 -24.58 41.08 13.50
CA TRP A 175 -24.54 39.75 14.12
C TRP A 175 -25.98 39.39 14.47
N TYR A 176 -26.62 38.56 13.64
CA TYR A 176 -27.99 38.09 13.89
C TYR A 176 -27.94 36.57 14.07
N ALA A 177 -27.52 36.15 15.26
CA ALA A 177 -27.27 34.74 15.53
C ALA A 177 -28.52 33.89 15.28
N THR A 178 -29.69 34.32 15.76
CA THR A 178 -30.85 33.46 15.64
C THR A 178 -31.32 33.35 14.20
N ILE A 179 -31.37 34.47 13.48
CA ILE A 179 -31.77 34.44 12.08
C ILE A 179 -30.77 33.63 11.23
N ASP A 180 -29.47 33.76 11.49
CA ASP A 180 -28.51 33.03 10.68
C ASP A 180 -28.59 31.54 10.94
N TYR A 181 -28.79 31.12 12.19
CA TYR A 181 -28.88 29.69 12.47
C TYR A 181 -30.17 29.11 11.93
N SER A 182 -31.24 29.90 11.88
CA SER A 182 -32.46 29.38 11.27
C SER A 182 -32.27 29.18 9.75
N MET A 183 -31.60 30.13 9.09
CA MET A 183 -31.30 29.94 7.67
C MET A 183 -30.38 28.73 7.44
N PHE A 184 -29.34 28.60 8.26
CA PHE A 184 -28.54 27.38 8.29
C PHE A 184 -29.41 26.13 8.44
N THR A 185 -30.37 26.17 9.37
CA THR A 185 -31.21 25.00 9.61
C THR A 185 -32.04 24.62 8.36
N ARG A 186 -32.63 25.60 7.68
CA ARG A 186 -33.37 25.29 6.45
C ARG A 186 -32.46 24.67 5.41
N SER A 187 -31.25 25.23 5.27
CA SER A 187 -30.26 24.73 4.34
C SER A 187 -29.94 23.27 4.60
N VAL A 188 -29.67 22.93 5.86
CA VAL A 188 -29.32 21.56 6.23
C VAL A 188 -30.49 20.60 6.01
N LEU A 189 -31.69 21.02 6.38
CA LEU A 189 -32.85 20.16 6.17
C LEU A 189 -32.98 19.84 4.69
N THR A 190 -32.74 20.83 3.84
CA THR A 190 -32.74 20.62 2.40
C THR A 190 -31.62 19.68 2.00
N GLY A 191 -30.41 19.92 2.49
CA GLY A 191 -29.31 19.03 2.19
C GLY A 191 -29.57 17.61 2.63
N PHE A 192 -30.22 17.42 3.79
CA PHE A 192 -30.54 16.06 4.21
C PHE A 192 -31.48 15.38 3.20
N VAL A 193 -32.47 16.11 2.68
CA VAL A 193 -33.34 15.53 1.65
C VAL A 193 -32.55 15.19 0.38
N ALA A 194 -31.60 16.06 0.00
CA ALA A 194 -30.75 15.75 -1.15
C ALA A 194 -29.97 14.48 -0.88
N LYS A 195 -29.47 14.31 0.35
CA LYS A 195 -28.73 13.10 0.66
C LYS A 195 -29.62 11.89 0.56
N TYR A 196 -30.84 11.99 1.11
CA TYR A 196 -31.82 10.92 1.01
C TYR A 196 -32.06 10.56 -0.45
N PHE A 197 -32.19 11.57 -1.32
CA PHE A 197 -32.45 11.29 -2.74
C PHE A 197 -31.30 10.52 -3.37
N ASN A 198 -30.06 10.88 -3.03
CA ASN A 198 -28.91 10.15 -3.57
C ASN A 198 -28.88 8.73 -3.04
N GLU A 199 -29.01 8.55 -1.73
CA GLU A 199 -28.85 7.24 -1.12
C GLU A 199 -29.92 6.27 -1.59
N GLU A 200 -31.14 6.76 -1.82
CA GLU A 200 -32.24 5.92 -2.24
C GLU A 200 -32.35 5.84 -3.75
N ALA A 201 -31.40 6.45 -4.48
CA ALA A 201 -31.35 6.37 -5.94
C ALA A 201 -32.63 6.91 -6.57
N VAL A 202 -33.13 8.01 -6.03
CA VAL A 202 -34.37 8.59 -6.57
C VAL A 202 -34.09 9.14 -7.97
N PRO A 203 -34.94 8.86 -8.95
CA PRO A 203 -34.72 9.39 -10.30
C PRO A 203 -34.73 10.91 -10.32
N ILE A 204 -33.83 11.46 -11.14
CA ILE A 204 -33.60 12.90 -11.15
C ILE A 204 -34.90 13.69 -11.32
N ASP A 205 -35.85 13.15 -12.08
CA ASP A 205 -37.06 13.91 -12.34
C ASP A 205 -38.08 13.79 -11.20
N LYS A 206 -37.81 12.96 -10.20
CA LYS A 206 -38.63 12.84 -9.00
C LYS A 206 -38.01 13.54 -7.78
N ARG A 207 -36.98 14.36 -7.97
CA ARG A 207 -36.32 15.07 -6.87
C ARG A 207 -37.13 16.32 -6.57
N ILE A 208 -38.24 16.09 -5.88
CA ILE A 208 -39.23 17.10 -5.54
C ILE A 208 -39.51 16.95 -4.05
N VAL A 209 -39.56 18.06 -3.33
CA VAL A 209 -39.88 18.04 -1.90
C VAL A 209 -41.08 18.94 -1.66
N SER A 210 -41.97 18.52 -0.76
CA SER A 210 -43.06 19.39 -0.33
C SER A 210 -42.65 20.06 0.97
N ILE A 211 -42.80 21.38 1.02
CA ILE A 211 -42.53 22.18 2.21
C ILE A 211 -43.87 22.51 2.84
N VAL A 212 -44.08 22.08 4.09
CA VAL A 212 -45.35 22.31 4.76
C VAL A 212 -45.34 23.72 5.34
N GLY A 213 -46.21 24.58 4.80
CA GLY A 213 -46.28 25.95 5.25
C GLY A 213 -45.36 26.84 4.47
N TYR A 214 -45.83 28.02 4.09
CA TYR A 214 -45.02 28.89 3.26
C TYR A 214 -43.77 29.32 4.01
N ASN A 215 -42.62 29.21 3.35
CA ASN A 215 -41.32 29.41 3.97
C ASN A 215 -40.35 29.79 2.85
N PRO A 216 -40.18 31.08 2.57
CA PRO A 216 -39.58 31.51 1.28
C PRO A 216 -38.18 30.99 1.02
N PRO A 217 -37.28 30.90 2.02
CA PRO A 217 -35.89 30.55 1.69
C PRO A 217 -35.72 29.16 1.09
N TYR A 218 -36.72 28.28 1.22
CA TYR A 218 -36.57 26.94 0.70
C TYR A 218 -36.50 26.90 -0.83
N VAL A 219 -37.01 27.91 -1.54
CA VAL A 219 -36.83 27.93 -3.00
C VAL A 219 -35.35 27.97 -3.35
N TRP A 220 -34.60 28.87 -2.71
CA TRP A 220 -33.17 28.98 -3.00
C TRP A 220 -32.41 27.75 -2.50
N THR A 221 -32.66 27.31 -1.26
CA THR A 221 -31.92 26.15 -0.77
C THR A 221 -32.20 24.92 -1.64
N CYS A 222 -33.46 24.74 -2.08
CA CYS A 222 -33.74 23.58 -2.92
C CYS A 222 -32.96 23.64 -4.24
N LEU A 223 -32.94 24.81 -4.88
CA LEU A 223 -32.24 24.90 -6.16
C LEU A 223 -30.74 24.81 -5.99
N ARG A 224 -30.24 25.11 -4.79
CA ARG A 224 -28.83 24.91 -4.49
C ARG A 224 -28.47 23.44 -4.47
N HIS A 225 -29.46 22.56 -4.29
CA HIS A 225 -29.25 21.12 -4.24
C HIS A 225 -29.95 20.37 -5.36
N GLY A 226 -30.43 21.05 -6.38
CA GLY A 226 -31.02 20.38 -7.53
C GLY A 226 -32.37 19.78 -7.25
N ILE A 227 -33.11 20.36 -6.32
CA ILE A 227 -34.40 19.86 -5.86
C ILE A 227 -35.45 20.89 -6.20
N ARG A 228 -36.64 20.44 -6.61
CA ARG A 228 -37.70 21.38 -6.89
C ARG A 228 -38.64 21.47 -5.70
N PRO A 229 -38.83 22.67 -5.15
CA PRO A 229 -39.72 22.82 -4.00
C PRO A 229 -41.16 22.99 -4.42
N THR A 230 -42.06 22.52 -3.56
CA THR A 230 -43.45 22.90 -3.63
C THR A 230 -43.97 23.06 -2.21
N TYR A 231 -44.89 24.00 -2.02
CA TYR A 231 -45.45 24.28 -0.72
C TYR A 231 -46.86 23.70 -0.59
N ILE A 232 -47.23 23.35 0.63
CA ILE A 232 -48.60 23.00 1.00
C ILE A 232 -49.02 23.96 2.11
N GLU A 233 -50.08 24.73 1.86
CA GLU A 233 -50.62 25.66 2.85
C GLU A 233 -52.08 25.34 3.10
N LYS A 234 -52.45 25.20 4.37
CA LYS A 234 -53.86 25.20 4.75
C LYS A 234 -54.54 26.47 4.26
N SER A 235 -53.88 27.61 4.43
CA SER A 235 -54.50 28.91 4.28
C SER A 235 -54.83 29.23 2.83
N LEU A 236 -56.02 29.75 2.61
CA LEU A 236 -56.40 30.27 1.30
C LEU A 236 -55.71 31.61 1.06
N PRO A 237 -55.03 31.79 -0.08
CA PRO A 237 -54.14 32.96 -0.24
C PRO A 237 -54.84 34.31 -0.36
N ASN A 238 -55.88 34.40 -1.20
CA ASN A 238 -56.69 35.62 -1.41
C ASN A 238 -55.85 36.87 -1.65
N PRO A 239 -55.17 36.97 -2.80
CA PRO A 239 -54.23 38.09 -3.01
C PRO A 239 -54.91 39.41 -3.35
N GLY A 240 -56.19 39.41 -3.69
CA GLY A 240 -56.94 40.64 -3.88
C GLY A 240 -56.70 41.40 -5.17
N GLY A 241 -56.00 40.82 -6.14
CA GLY A 241 -55.86 41.41 -7.45
C GLY A 241 -56.98 40.98 -8.37
N LYS A 242 -56.77 41.16 -9.67
CA LYS A 242 -57.74 40.72 -10.67
C LYS A 242 -57.24 39.42 -11.29
N GLY A 243 -57.95 38.94 -12.32
CA GLY A 243 -57.59 37.69 -12.93
C GLY A 243 -58.18 36.53 -12.15
N PRO A 244 -58.13 35.32 -12.71
CA PRO A 244 -58.75 34.17 -12.04
C PRO A 244 -58.12 33.82 -10.70
N PHE A 245 -56.90 34.30 -10.44
CA PHE A 245 -56.18 33.95 -9.23
C PHE A 245 -55.76 35.17 -8.43
N GLY A 246 -56.22 36.37 -8.83
CA GLY A 246 -55.96 37.55 -8.05
C GLY A 246 -54.52 38.02 -8.03
N LEU A 247 -53.69 37.52 -8.95
CA LEU A 247 -52.26 37.86 -8.93
C LEU A 247 -51.89 38.98 -9.89
N ILE A 248 -52.86 39.56 -10.59
CA ILE A 248 -52.62 40.74 -11.42
C ILE A 248 -52.81 41.96 -10.52
N LEU A 249 -51.69 42.65 -10.21
CA LEU A 249 -51.57 43.75 -9.25
C LEU A 249 -52.21 43.42 -7.91
N PRO A 250 -51.67 42.48 -7.13
CA PRO A 250 -52.27 42.15 -5.83
C PRO A 250 -52.08 43.28 -4.82
N VAL A 251 -52.89 43.23 -3.76
CA VAL A 251 -52.89 44.32 -2.78
C VAL A 251 -51.56 44.36 -2.05
N ILE A 252 -50.96 45.54 -1.98
CA ILE A 252 -49.78 45.78 -1.15
C ILE A 252 -50.01 47.02 -0.29
N HIS A 266 -29.00 37.95 1.53
CA HIS A 266 -28.08 38.95 0.98
C HIS A 266 -27.10 38.35 -0.03
N ASN A 267 -27.60 37.40 -0.81
CA ASN A 267 -26.83 36.84 -1.91
C ASN A 267 -26.47 37.96 -2.89
N PRO A 268 -25.32 37.86 -3.57
CA PRO A 268 -25.10 38.68 -4.76
C PRO A 268 -26.18 38.40 -5.81
N GLN A 269 -26.61 39.46 -6.50
CA GLN A 269 -27.65 39.36 -7.53
C GLN A 269 -28.91 38.67 -7.01
N ILE A 270 -29.20 38.85 -5.72
CA ILE A 270 -30.36 38.21 -5.10
C ILE A 270 -31.63 38.52 -5.87
N LYS A 271 -31.71 39.70 -6.47
CA LYS A 271 -32.82 40.04 -7.36
C LYS A 271 -32.99 38.98 -8.44
N LEU A 272 -31.90 38.64 -9.13
CA LEU A 272 -32.01 37.64 -10.19
C LEU A 272 -32.20 36.23 -9.63
N LEU A 273 -31.56 35.90 -8.50
CA LEU A 273 -31.76 34.60 -7.87
C LEU A 273 -33.21 34.39 -7.48
N CYS A 274 -33.85 35.43 -6.94
CA CYS A 274 -35.23 35.32 -6.50
C CYS A 274 -36.15 34.86 -7.65
N LEU A 275 -36.11 35.53 -8.80
CA LEU A 275 -37.01 35.13 -9.89
C LEU A 275 -36.53 33.83 -10.54
N ASP A 276 -35.21 33.67 -10.72
CA ASP A 276 -34.70 32.55 -11.49
C ASP A 276 -34.85 31.21 -10.77
N THR A 277 -34.57 31.16 -9.46
CA THR A 277 -34.81 29.90 -8.75
C THR A 277 -36.30 29.58 -8.70
N PHE A 278 -37.14 30.61 -8.60
CA PHE A 278 -38.57 30.37 -8.71
C PHE A 278 -38.93 29.76 -10.06
N MET A 279 -38.44 30.35 -11.16
CA MET A 279 -38.81 29.86 -12.49
C MET A 279 -38.29 28.44 -12.70
N LEU A 280 -37.02 28.20 -12.35
CA LEU A 280 -36.44 26.87 -12.39
C LEU A 280 -37.23 25.86 -11.57
N SER A 281 -38.02 26.32 -10.60
CA SER A 281 -38.86 25.44 -9.80
C SER A 281 -40.05 24.95 -10.58
N THR A 282 -40.37 25.58 -11.70
CA THR A 282 -41.59 25.27 -12.42
C THR A 282 -41.41 24.28 -13.54
N SER A 283 -40.17 24.01 -13.97
CA SER A 283 -39.93 23.08 -15.05
C SER A 283 -38.46 22.68 -15.10
N MET A 284 -38.20 21.44 -15.50
CA MET A 284 -36.82 20.99 -15.76
C MET A 284 -36.28 21.49 -17.09
N ASN A 285 -37.13 22.01 -17.96
CA ASN A 285 -36.69 22.58 -19.22
C ASN A 285 -37.01 24.07 -19.21
N ILE A 286 -36.00 24.88 -19.52
CA ILE A 286 -36.09 26.32 -19.46
C ILE A 286 -35.63 26.92 -20.80
N LEU A 287 -36.41 27.86 -21.32
CA LEU A 287 -35.96 28.75 -22.38
C LEU A 287 -35.60 30.06 -21.71
N TYR A 288 -34.31 30.37 -21.69
CA TYR A 288 -33.83 31.59 -21.03
C TYR A 288 -33.41 32.58 -22.13
N ILE A 289 -34.29 33.54 -22.38
CA ILE A 289 -34.06 34.56 -23.41
C ILE A 289 -33.31 35.71 -22.77
N GLY A 290 -32.15 36.04 -23.33
CA GLY A 290 -31.36 37.14 -22.83
C GLY A 290 -30.67 36.73 -21.56
N ALA A 291 -29.95 35.61 -21.63
CA ALA A 291 -29.47 34.94 -20.43
C ALA A 291 -28.11 35.43 -19.97
N TYR A 292 -27.37 36.15 -20.81
CA TYR A 292 -25.97 36.46 -20.48
C TYR A 292 -25.90 37.60 -19.47
N PRO A 293 -25.07 37.49 -18.42
CA PRO A 293 -24.22 36.32 -18.19
C PRO A 293 -24.79 35.33 -17.14
N ALA A 294 -25.84 35.73 -16.42
CA ALA A 294 -26.48 34.90 -15.40
C ALA A 294 -25.45 34.22 -14.52
N THR A 295 -24.52 35.04 -14.00
CA THR A 295 -23.47 34.53 -13.14
C THR A 295 -24.03 33.85 -11.89
N HIS A 296 -25.13 34.40 -11.35
CA HIS A 296 -25.78 33.83 -10.17
C HIS A 296 -26.24 32.39 -10.36
N LEU A 297 -26.45 31.93 -11.59
CA LEU A 297 -26.87 30.54 -11.78
C LEU A 297 -25.76 29.56 -11.42
N LEU A 298 -24.48 29.98 -11.53
CA LEU A 298 -23.35 29.06 -11.41
C LEU A 298 -23.25 28.39 -10.05
N SER A 299 -23.82 29.00 -9.03
CA SER A 299 -23.82 28.43 -7.70
C SER A 299 -24.87 27.35 -7.52
N LEU A 300 -25.78 27.20 -8.48
CA LEU A 300 -26.86 26.25 -8.35
C LEU A 300 -26.43 24.87 -8.83
N GLN A 301 -27.10 23.85 -8.32
CA GLN A 301 -26.96 22.49 -8.82
C GLN A 301 -28.19 22.18 -9.66
N LEU A 302 -27.99 22.00 -10.95
CA LEU A 302 -29.09 21.88 -11.89
C LEU A 302 -28.97 20.61 -12.70
N ASN A 303 -28.52 19.53 -12.06
CA ASN A 303 -28.50 18.23 -12.71
C ASN A 303 -29.93 17.82 -13.04
N GLY A 304 -30.15 17.44 -14.31
CA GLY A 304 -31.46 17.13 -14.78
C GLY A 304 -32.17 18.27 -15.51
N TRP A 305 -31.67 19.51 -15.40
CA TRP A 305 -32.28 20.61 -16.11
C TRP A 305 -31.71 20.76 -17.51
N THR A 306 -32.54 21.22 -18.43
CA THR A 306 -32.08 21.61 -19.76
C THR A 306 -32.41 23.08 -19.99
N ILE A 307 -31.40 23.86 -20.34
CA ILE A 307 -31.52 25.30 -20.51
C ILE A 307 -31.12 25.64 -21.94
N LEU A 308 -32.08 26.11 -22.73
CA LEU A 308 -31.81 26.74 -24.02
C LEU A 308 -31.68 28.24 -23.77
N ALA A 309 -30.47 28.76 -23.87
CA ALA A 309 -30.19 30.17 -23.62
C ALA A 309 -29.95 30.91 -24.93
N PHE A 310 -30.67 32.01 -25.13
CA PHE A 310 -30.50 32.90 -26.27
C PHE A 310 -29.97 34.23 -25.78
N ASP A 311 -28.79 34.63 -26.28
CA ASP A 311 -28.23 35.97 -26.10
C ASP A 311 -27.16 36.19 -27.16
N PRO A 312 -27.17 37.34 -27.84
CA PRO A 312 -26.09 37.62 -28.80
C PRO A 312 -24.71 37.65 -28.16
N LYS A 313 -24.63 37.89 -26.85
CA LYS A 313 -23.36 37.89 -26.13
C LYS A 313 -22.94 36.50 -25.66
N ILE A 314 -23.66 35.44 -26.04
CA ILE A 314 -23.26 34.10 -25.66
C ILE A 314 -21.99 33.71 -26.43
N THR A 315 -21.01 33.18 -25.72
CA THR A 315 -19.85 32.56 -26.32
C THR A 315 -19.86 31.07 -25.97
N SER A 316 -19.06 30.30 -26.71
CA SER A 316 -18.95 28.89 -26.40
C SER A 316 -18.33 28.64 -25.02
N ASP A 317 -17.60 29.62 -24.48
CA ASP A 317 -16.98 29.44 -23.18
C ASP A 317 -17.97 29.66 -22.05
N TRP A 318 -18.85 30.65 -22.21
CA TRP A 318 -19.95 30.82 -21.25
C TRP A 318 -20.81 29.56 -21.21
N THR A 319 -21.17 29.03 -22.38
CA THR A 319 -21.98 27.82 -22.41
C THR A 319 -21.28 26.67 -21.67
N ASP A 320 -19.98 26.52 -21.89
CA ASP A 320 -19.26 25.42 -21.27
C ASP A 320 -19.00 25.65 -19.79
N ALA A 321 -18.99 26.90 -19.33
CA ALA A 321 -18.80 27.17 -17.90
C ALA A 321 -20.10 26.99 -17.13
N MET A 322 -21.19 27.53 -17.67
CA MET A 322 -22.52 27.29 -17.10
C MET A 322 -22.81 25.80 -16.97
N ALA A 323 -22.53 25.03 -18.02
CA ALA A 323 -22.80 23.60 -17.98
C ALA A 323 -21.93 22.92 -16.93
N LYS A 324 -20.68 23.38 -16.78
CA LYS A 324 -19.76 22.77 -15.84
C LYS A 324 -20.08 23.17 -14.40
N ALA A 325 -20.44 24.43 -14.17
CA ALA A 325 -20.80 24.86 -12.83
C ALA A 325 -22.09 24.16 -12.35
N THR A 326 -23.14 24.20 -13.17
CA THR A 326 -24.47 23.77 -12.72
C THR A 326 -24.78 22.31 -12.97
N GLY A 327 -24.09 21.65 -13.90
CA GLY A 327 -24.44 20.29 -14.28
C GLY A 327 -25.65 20.16 -15.17
N ALA A 328 -26.28 21.26 -15.57
CA ALA A 328 -27.38 21.21 -16.52
C ALA A 328 -26.85 21.11 -17.93
N LYS A 329 -27.67 20.53 -18.82
CA LYS A 329 -27.34 20.51 -20.23
C LYS A 329 -27.76 21.85 -20.81
N VAL A 330 -26.78 22.65 -21.19
CA VAL A 330 -26.97 24.02 -21.63
C VAL A 330 -26.69 24.09 -23.12
N ILE A 331 -27.63 24.65 -23.87
CA ILE A 331 -27.41 24.99 -25.27
C ILE A 331 -27.45 26.49 -25.36
N GLY A 332 -26.29 27.08 -25.70
CA GLY A 332 -26.17 28.51 -25.83
C GLY A 332 -26.24 28.94 -27.28
N VAL A 333 -27.27 29.72 -27.60
CA VAL A 333 -27.45 30.29 -28.94
C VAL A 333 -26.93 31.72 -28.91
N SER A 334 -25.92 31.99 -29.75
CA SER A 334 -25.26 33.29 -29.79
C SER A 334 -26.00 34.31 -30.63
N LYS A 335 -27.30 34.12 -30.86
CA LYS A 335 -28.08 34.99 -31.71
C LYS A 335 -29.19 35.66 -30.88
N GLU A 336 -29.81 36.65 -31.49
CA GLU A 336 -31.06 37.17 -30.95
C GLU A 336 -32.17 36.15 -31.15
N PHE A 337 -33.08 36.07 -30.18
CA PHE A 337 -34.27 35.23 -30.30
C PHE A 337 -35.31 35.95 -31.15
N ASP A 338 -35.94 35.20 -32.05
CA ASP A 338 -36.81 35.79 -33.07
C ASP A 338 -38.25 35.78 -32.56
N PHE A 339 -38.74 36.94 -32.17
CA PHE A 339 -40.07 37.04 -31.60
C PHE A 339 -41.18 37.15 -32.65
N LYS A 340 -40.86 37.16 -33.95
CA LYS A 340 -41.85 37.23 -35.01
C LYS A 340 -41.94 35.95 -35.83
N SER A 341 -41.22 34.91 -35.42
CA SER A 341 -41.28 33.60 -36.07
C SER A 341 -42.12 32.68 -35.18
N PHE A 342 -43.40 32.54 -35.54
CA PHE A 342 -44.39 31.85 -34.70
C PHE A 342 -44.43 30.38 -35.08
N SER A 343 -43.35 29.68 -34.74
CA SER A 343 -43.19 28.29 -35.15
C SER A 343 -42.39 27.55 -34.09
N VAL A 344 -42.92 26.41 -33.62
CA VAL A 344 -42.23 25.63 -32.59
C VAL A 344 -41.02 24.95 -33.20
N GLN A 345 -40.83 25.10 -34.51
CA GLN A 345 -39.62 24.62 -35.16
C GLN A 345 -38.58 25.70 -35.37
N ALA A 346 -38.95 26.96 -35.15
CA ALA A 346 -37.98 28.03 -35.07
C ALA A 346 -37.41 28.15 -33.66
N ASN A 347 -36.29 28.87 -33.54
CA ASN A 347 -35.65 29.16 -32.26
C ASN A 347 -35.30 27.89 -31.49
N GLN A 348 -35.11 26.79 -32.20
CA GLN A 348 -34.73 25.50 -31.64
C GLN A 348 -35.71 24.99 -30.60
N LEU A 349 -36.97 25.46 -30.63
CA LEU A 349 -37.94 25.04 -29.64
C LEU A 349 -38.34 23.57 -29.79
N ASN A 350 -37.99 22.92 -30.90
CA ASN A 350 -38.47 21.57 -31.11
C ASN A 350 -37.92 20.60 -30.07
N MET A 351 -36.76 20.91 -29.48
CA MET A 351 -36.19 20.03 -28.45
C MET A 351 -37.13 19.83 -27.26
N PHE A 352 -38.14 20.68 -27.11
CA PHE A 352 -39.01 20.59 -25.94
C PHE A 352 -40.40 20.02 -26.21
N GLN A 353 -40.68 19.58 -27.45
CA GLN A 353 -41.96 18.95 -27.71
C GLN A 353 -42.13 17.69 -26.88
N ASN A 354 -43.38 17.38 -26.53
CA ASN A 354 -43.71 16.30 -25.60
C ASN A 354 -43.05 16.50 -24.24
N SER A 355 -42.92 17.75 -23.80
CA SER A 355 -42.31 18.03 -22.51
C SER A 355 -42.85 19.35 -21.99
N LYS A 356 -42.62 19.58 -20.70
CA LYS A 356 -42.99 20.82 -20.06
C LYS A 356 -41.90 21.86 -20.26
N LEU A 357 -42.33 23.12 -20.40
CA LEU A 357 -41.40 24.22 -20.67
C LEU A 357 -41.81 25.44 -19.87
N SER A 358 -40.82 26.11 -19.30
CA SER A 358 -41.04 27.43 -18.76
C SER A 358 -40.02 28.36 -19.38
N VAL A 359 -40.35 29.64 -19.44
CA VAL A 359 -39.57 30.61 -20.19
C VAL A 359 -39.23 31.78 -19.28
N ILE A 360 -37.95 32.15 -19.26
CA ILE A 360 -37.46 33.32 -18.54
C ILE A 360 -37.03 34.34 -19.58
N ASP A 361 -37.74 35.46 -19.64
CA ASP A 361 -37.38 36.54 -20.55
C ASP A 361 -36.77 37.70 -19.78
N ASP A 362 -35.47 37.91 -19.94
CA ASP A 362 -34.78 39.04 -19.36
C ASP A 362 -34.26 39.99 -20.43
N THR A 363 -34.85 39.95 -21.63
CA THR A 363 -34.34 40.75 -22.74
C THR A 363 -34.63 42.23 -22.52
N TRP A 364 -33.75 43.05 -23.08
CA TRP A 364 -33.87 44.50 -22.97
C TRP A 364 -33.06 45.11 -24.12
N VAL A 365 -33.55 46.22 -24.64
CA VAL A 365 -32.89 46.98 -25.70
C VAL A 365 -33.09 48.46 -25.43
N GLU A 366 -32.08 49.27 -25.78
CA GLU A 366 -32.23 50.71 -25.64
C GLU A 366 -33.06 51.29 -26.78
N THR A 367 -32.86 50.79 -28.00
CA THR A 367 -33.60 51.25 -29.17
C THR A 367 -34.99 50.62 -29.19
N ASP A 368 -36.03 51.45 -29.03
CA ASP A 368 -37.42 51.06 -29.24
C ASP A 368 -37.85 49.99 -28.23
N TYR A 369 -37.70 50.33 -26.94
CA TYR A 369 -37.98 49.36 -25.89
C TYR A 369 -39.47 49.05 -25.79
N GLU A 370 -40.33 50.06 -25.96
CA GLU A 370 -41.77 49.82 -25.84
C GLU A 370 -42.30 48.93 -26.95
N LYS A 371 -41.79 49.10 -28.17
CA LYS A 371 -42.23 48.26 -29.29
C LYS A 371 -41.71 46.83 -29.13
N PHE A 372 -40.48 46.70 -28.65
CA PHE A 372 -39.91 45.39 -28.33
C PHE A 372 -40.86 44.56 -27.47
N GLN A 373 -41.42 45.17 -26.43
CA GLN A 373 -42.28 44.42 -25.52
C GLN A 373 -43.59 44.00 -26.18
N SER A 374 -44.21 44.91 -26.93
CA SER A 374 -45.43 44.55 -27.65
C SER A 374 -45.17 43.34 -28.57
N GLU A 375 -44.00 43.28 -29.18
CA GLU A 375 -43.63 42.10 -29.96
C GLU A 375 -43.57 40.87 -29.05
N LYS A 376 -42.76 40.96 -27.99
CA LYS A 376 -42.62 39.84 -27.06
C LYS A 376 -43.97 39.42 -26.50
N GLN A 377 -44.78 40.38 -26.07
CA GLN A 377 -46.11 40.06 -25.57
C GLN A 377 -46.89 39.20 -26.56
N ALA A 378 -47.00 39.65 -27.81
CA ALA A 378 -47.73 38.86 -28.81
C ALA A 378 -47.10 37.49 -29.01
N TYR A 379 -45.76 37.42 -29.05
CA TYR A 379 -45.11 36.13 -29.16
C TYR A 379 -45.49 35.22 -27.99
N PHE A 380 -45.42 35.74 -26.75
CA PHE A 380 -45.66 34.88 -25.59
C PHE A 380 -47.12 34.44 -25.50
N GLU A 381 -48.05 35.35 -25.81
CA GLU A 381 -49.46 34.97 -25.89
C GLU A 381 -49.67 33.84 -26.87
N TRP A 382 -48.88 33.79 -27.94
CA TRP A 382 -48.93 32.67 -28.86
C TRP A 382 -48.30 31.44 -28.22
N LEU A 383 -47.08 31.60 -27.68
CA LEU A 383 -46.30 30.47 -27.21
C LEU A 383 -46.99 29.73 -26.07
N ILE A 384 -47.60 30.47 -25.15
CA ILE A 384 -48.19 29.86 -23.95
C ILE A 384 -49.26 28.84 -24.32
N ASP A 385 -49.88 28.98 -25.49
CA ASP A 385 -51.05 28.18 -25.86
C ASP A 385 -50.70 27.03 -26.83
N ARG A 386 -49.42 26.68 -26.97
CA ARG A 386 -49.07 25.63 -27.93
C ARG A 386 -49.50 24.27 -27.42
N THR A 387 -49.58 23.30 -28.34
CA THR A 387 -50.03 21.97 -27.97
C THR A 387 -48.96 20.89 -28.14
N SER A 388 -47.88 21.17 -28.86
CA SER A 388 -46.75 20.23 -28.90
C SER A 388 -45.82 20.39 -27.71
N ILE A 389 -45.87 21.53 -27.03
CA ILE A 389 -45.10 21.79 -25.82
C ILE A 389 -46.08 22.19 -24.74
N ASP A 390 -45.89 21.66 -23.54
CA ASP A 390 -46.69 22.05 -22.39
C ASP A 390 -45.97 23.23 -21.72
N VAL A 391 -46.23 24.44 -22.21
CA VAL A 391 -45.58 25.62 -21.64
C VAL A 391 -46.26 25.98 -20.34
N ARG A 392 -45.51 25.91 -19.23
CA ARG A 392 -46.06 26.05 -17.88
C ARG A 392 -46.11 27.49 -17.42
N LEU A 393 -45.03 28.24 -17.60
CA LEU A 393 -45.02 29.61 -17.11
C LEU A 393 -44.01 30.43 -17.89
N ILE A 394 -44.40 31.64 -18.29
CA ILE A 394 -43.54 32.60 -18.95
C ILE A 394 -43.45 33.84 -18.07
N SER A 395 -42.24 34.37 -17.90
CA SER A 395 -42.03 35.59 -17.15
C SER A 395 -41.34 36.61 -18.05
N MET A 396 -41.84 37.84 -18.03
CA MET A 396 -41.39 38.89 -18.93
C MET A 396 -41.20 40.19 -18.15
N LYS A 397 -40.05 40.84 -18.38
CA LYS A 397 -39.87 42.22 -17.97
C LYS A 397 -41.05 43.06 -18.47
N TRP A 398 -41.65 43.84 -17.58
CA TRP A 398 -42.83 44.64 -17.92
C TRP A 398 -42.61 46.09 -17.52
N ASN A 399 -42.38 46.95 -18.52
CA ASN A 399 -42.15 48.39 -18.30
C ASN A 399 -42.81 49.11 -19.49
N ARG A 400 -44.14 49.19 -19.44
CA ARG A 400 -44.92 49.62 -20.59
C ARG A 400 -45.37 51.07 -20.41
N SER A 401 -45.13 51.89 -21.44
CA SER A 401 -45.58 53.27 -21.51
C SER A 401 -47.01 53.38 -22.03
N LYS A 402 -47.27 52.82 -23.21
CA LYS A 402 -48.61 52.79 -23.76
C LYS A 402 -49.45 51.71 -23.08
N ASP A 403 -50.74 52.01 -22.91
CA ASP A 403 -51.68 51.01 -22.41
C ASP A 403 -51.76 49.82 -23.36
N THR A 404 -52.19 48.68 -22.82
CA THR A 404 -52.34 47.48 -23.64
C THR A 404 -53.34 46.54 -23.00
N SER A 405 -53.92 45.70 -23.85
CA SER A 405 -54.74 44.57 -23.42
C SER A 405 -53.90 43.31 -23.59
N VAL A 406 -53.88 42.47 -22.56
CA VAL A 406 -52.98 41.32 -22.48
C VAL A 406 -53.80 40.05 -22.44
N SER A 407 -53.31 39.01 -23.11
CA SER A 407 -53.97 37.71 -23.15
C SER A 407 -53.18 36.68 -22.34
N HIS A 408 -53.91 35.81 -21.64
CA HIS A 408 -53.33 34.71 -20.87
C HIS A 408 -52.45 35.21 -19.73
N LEU A 409 -52.76 36.39 -19.18
CA LEU A 409 -51.96 36.96 -18.12
C LEU A 409 -52.43 36.42 -16.78
N LEU A 410 -51.54 35.72 -16.08
CA LEU A 410 -51.88 35.19 -14.77
C LEU A 410 -51.50 36.15 -13.66
N ALA A 411 -50.34 36.78 -13.77
CA ALA A 411 -49.83 37.66 -12.74
C ALA A 411 -49.03 38.78 -13.39
N LEU A 412 -49.11 39.97 -12.80
CA LEU A 412 -48.15 41.05 -13.06
C LEU A 412 -47.68 41.51 -11.69
N LEU A 413 -46.43 41.25 -11.38
CA LEU A 413 -46.03 41.43 -10.00
C LEU A 413 -44.87 42.40 -9.93
N PRO A 414 -44.71 43.08 -8.79
CA PRO A 414 -43.48 43.82 -8.55
C PRO A 414 -42.36 42.85 -8.23
N GLN A 415 -41.14 43.35 -8.35
CA GLN A 415 -39.99 42.56 -7.96
C GLN A 415 -39.73 42.75 -6.46
N PRO A 416 -39.73 41.67 -5.68
CA PRO A 416 -39.53 41.82 -4.23
C PRO A 416 -38.17 42.38 -3.86
N TYR A 417 -37.14 42.13 -4.68
CA TYR A 417 -35.84 42.75 -4.52
C TYR A 417 -35.59 43.83 -5.57
N GLY A 418 -36.68 44.43 -6.07
CA GLY A 418 -36.55 45.43 -7.13
C GLY A 418 -36.17 46.80 -6.62
N ALA A 419 -36.58 47.15 -5.40
CA ALA A 419 -36.17 48.36 -4.69
C ALA A 419 -36.34 49.64 -5.51
N SER A 420 -37.55 50.19 -5.49
CA SER A 420 -37.87 51.42 -6.21
C SER A 420 -37.44 51.38 -7.69
N ILE A 421 -37.90 50.36 -8.43
CA ILE A 421 -37.50 50.31 -9.83
C ILE A 421 -38.74 50.28 -10.73
N ARG A 422 -38.64 50.97 -11.89
CA ARG A 422 -39.69 51.03 -12.91
C ARG A 422 -40.38 49.69 -13.16
N GLU A 423 -39.60 48.61 -13.29
CA GLU A 423 -40.05 47.49 -14.08
C GLU A 423 -40.71 46.42 -13.21
N MET A 424 -41.75 45.80 -13.75
CA MET A 424 -42.47 44.72 -13.10
C MET A 424 -42.13 43.40 -13.79
N ARG A 425 -42.93 42.39 -13.50
CA ARG A 425 -42.71 41.05 -14.05
C ARG A 425 -44.08 40.48 -14.37
N ALA A 426 -44.32 40.19 -15.65
CA ALA A 426 -45.59 39.65 -16.12
C ALA A 426 -45.48 38.14 -16.26
N PHE A 427 -46.55 37.43 -15.92
CA PHE A 427 -46.53 35.97 -15.88
C PHE A 427 -47.68 35.42 -16.70
N PHE A 428 -47.35 34.73 -17.81
CA PHE A 428 -48.32 34.13 -18.72
C PHE A 428 -48.57 32.66 -18.36
N HIS A 429 -49.83 32.27 -18.38
CA HIS A 429 -50.23 30.94 -17.97
C HIS A 429 -51.43 30.52 -18.79
N LYS A 430 -51.58 29.20 -18.98
CA LYS A 430 -52.74 28.72 -19.72
C LYS A 430 -54.04 28.93 -18.93
N LYS A 431 -53.95 28.99 -17.60
CA LYS A 431 -55.12 29.28 -16.78
C LYS A 431 -55.25 30.78 -16.47
N GLY A 432 -54.50 31.62 -17.16
CA GLY A 432 -54.52 33.04 -16.88
C GLY A 432 -55.78 33.72 -17.40
N ALA A 433 -55.80 35.04 -17.21
CA ALA A 433 -56.94 35.84 -17.68
C ALA A 433 -56.93 35.86 -19.21
N SER A 434 -58.05 35.43 -19.80
CA SER A 434 -58.17 35.35 -21.26
C SER A 434 -57.81 36.67 -21.92
N ASP A 435 -58.45 37.75 -21.49
CA ASP A 435 -58.09 39.10 -21.89
C ASP A 435 -58.21 39.99 -20.66
N ILE A 436 -57.42 41.06 -20.64
CA ILE A 436 -57.44 42.00 -19.53
C ILE A 436 -56.78 43.28 -20.02
N LYS A 437 -57.34 44.41 -19.61
CA LYS A 437 -56.82 45.72 -19.98
C LYS A 437 -55.89 46.19 -18.87
N ILE A 438 -54.60 46.26 -19.18
CA ILE A 438 -53.58 46.70 -18.22
C ILE A 438 -53.36 48.18 -18.49
N LEU A 439 -53.91 49.02 -17.62
CA LEU A 439 -53.80 50.47 -17.76
C LEU A 439 -52.44 50.94 -17.24
N ALA A 440 -51.65 51.57 -18.12
CA ALA A 440 -50.32 52.06 -17.75
C ALA A 440 -50.38 53.21 -16.74
N ALA A 441 -51.59 53.72 -16.44
CA ALA A 441 -51.73 54.70 -15.37
C ALA A 441 -51.74 54.02 -14.01
N GLU A 442 -52.30 52.80 -13.93
CA GLU A 442 -52.32 52.07 -12.67
C GLU A 442 -51.00 51.35 -12.43
N THR A 443 -50.37 50.81 -13.48
CA THR A 443 -49.04 50.23 -13.31
C THR A 443 -48.02 51.27 -12.91
N GLU A 444 -48.25 52.54 -13.28
CA GLU A 444 -47.40 53.62 -12.80
C GLU A 444 -47.73 53.95 -11.34
N LYS A 445 -49.02 54.03 -11.01
CA LYS A 445 -49.41 54.25 -9.62
C LYS A 445 -48.90 53.13 -8.73
N TYR A 446 -49.34 51.89 -9.01
CA TYR A 446 -48.92 50.70 -8.26
C TYR A 446 -47.42 50.67 -7.98
N MET A 447 -46.62 50.92 -9.02
CA MET A 447 -45.18 50.97 -8.84
C MET A 447 -44.75 52.17 -8.00
N ASP A 448 -45.52 53.25 -8.04
CA ASP A 448 -45.19 54.43 -7.25
C ASP A 448 -45.46 54.19 -5.77
N ASP A 449 -46.63 53.61 -5.43
CA ASP A 449 -46.79 53.10 -4.07
C ASP A 449 -45.65 52.15 -3.73
N PHE A 450 -45.38 51.20 -4.62
CA PHE A 450 -44.41 50.14 -4.32
C PHE A 450 -43.01 50.71 -4.10
N THR A 451 -42.64 51.74 -4.85
CA THR A 451 -41.38 52.41 -4.62
C THR A 451 -41.32 53.01 -3.22
N ALA A 452 -42.47 53.40 -2.68
CA ALA A 452 -42.57 54.05 -1.37
C ALA A 452 -42.86 53.06 -0.25
N MET A 453 -42.09 51.97 -0.18
CA MET A 453 -42.27 50.99 0.88
C MET A 453 -40.91 50.53 1.39
N SER A 454 -40.96 49.91 2.55
CA SER A 454 -39.76 49.39 3.19
C SER A 454 -39.23 48.18 2.44
N VAL A 455 -37.94 47.90 2.64
CA VAL A 455 -37.32 46.74 2.02
C VAL A 455 -37.98 45.45 2.52
N SER A 456 -38.27 45.37 3.82
CA SER A 456 -38.81 44.14 4.37
C SER A 456 -40.26 43.92 3.98
N ASP A 457 -40.98 44.99 3.65
CA ASP A 457 -42.36 44.85 3.18
C ASP A 457 -42.40 44.31 1.75
N GLN A 458 -41.64 44.96 0.85
CA GLN A 458 -41.67 44.59 -0.55
C GLN A 458 -41.07 43.21 -0.79
N ILE A 459 -40.03 42.85 -0.04
CA ILE A 459 -39.47 41.50 -0.14
C ILE A 459 -40.53 40.46 0.18
N ASN A 460 -41.43 40.77 1.11
CA ASN A 460 -42.49 39.81 1.44
C ASN A 460 -43.46 39.58 0.30
N THR A 461 -43.45 40.43 -0.74
CA THR A 461 -44.31 40.20 -1.91
C THR A 461 -43.85 39.01 -2.75
N GLN A 462 -42.72 38.37 -2.41
CA GLN A 462 -42.35 37.16 -3.11
C GLN A 462 -43.36 36.05 -2.87
N LYS A 463 -44.21 36.17 -1.85
CA LYS A 463 -45.29 35.19 -1.67
C LYS A 463 -46.24 35.19 -2.86
N PHE A 464 -46.36 36.31 -3.58
CA PHE A 464 -47.22 36.32 -4.76
C PHE A 464 -46.64 35.41 -5.84
N MET A 465 -45.32 35.44 -6.01
CA MET A 465 -44.65 34.49 -6.89
C MET A 465 -44.87 33.06 -6.42
N HIS A 466 -44.55 32.79 -5.15
CA HIS A 466 -44.50 31.43 -4.63
C HIS A 466 -45.86 30.79 -4.45
N CYS A 467 -46.96 31.55 -4.49
CA CYS A 467 -48.24 30.86 -4.42
C CYS A 467 -48.47 30.03 -5.67
N MET A 468 -47.84 30.42 -6.79
CA MET A 468 -47.90 29.64 -8.02
C MET A 468 -47.26 28.26 -7.89
N ILE A 469 -46.39 28.05 -6.90
CA ILE A 469 -45.89 26.69 -6.67
C ILE A 469 -46.40 26.22 -5.30
N THR A 470 -47.61 26.63 -4.94
CA THR A 470 -48.23 26.29 -3.66
C THR A 470 -49.55 25.57 -3.87
N THR A 471 -49.68 24.40 -3.24
CA THR A 471 -50.92 23.64 -3.17
C THR A 471 -51.67 24.00 -1.89
N VAL A 472 -52.98 24.14 -2.00
CA VAL A 472 -53.83 24.42 -0.84
C VAL A 472 -54.40 23.10 -0.35
N GLY A 473 -54.23 22.82 0.94
CA GLY A 473 -54.68 21.54 1.46
C GLY A 473 -54.10 21.29 2.83
N ASP A 474 -54.59 20.23 3.45
CA ASP A 474 -54.18 19.84 4.80
C ASP A 474 -53.09 18.80 4.69
N ALA A 475 -51.87 19.18 5.09
CA ALA A 475 -50.72 18.28 4.92
C ALA A 475 -50.95 16.93 5.63
N LEU A 476 -51.74 16.89 6.71
CA LEU A 476 -52.00 15.61 7.36
C LEU A 476 -52.75 14.64 6.46
N LYS A 477 -53.36 15.13 5.39
CA LYS A 477 -54.12 14.30 4.47
C LYS A 477 -53.38 14.01 3.19
N MET A 478 -52.10 14.38 3.11
CA MET A 478 -51.42 14.28 1.84
C MET A 478 -51.04 12.83 1.56
N ASP A 479 -50.94 12.52 0.28
CA ASP A 479 -50.48 11.22 -0.17
C ASP A 479 -49.00 11.04 0.18
N LEU A 480 -48.68 9.95 0.86
CA LEU A 480 -47.33 9.65 1.31
C LEU A 480 -46.63 8.60 0.45
N ASP A 481 -47.17 8.30 -0.75
CA ASP A 481 -46.69 7.20 -1.57
C ASP A 481 -45.34 7.53 -2.19
N GLY A 482 -44.63 6.49 -2.60
CA GLY A 482 -43.44 6.65 -3.40
C GLY A 482 -42.20 7.13 -2.68
N GLY A 483 -42.08 6.92 -1.38
CA GLY A 483 -40.92 7.41 -0.67
C GLY A 483 -40.86 8.92 -0.61
N ARG A 484 -42.02 9.57 -0.68
CA ARG A 484 -42.15 11.03 -0.83
C ARG A 484 -41.39 11.81 0.25
N ALA A 485 -40.72 12.87 -0.18
CA ALA A 485 -39.94 13.73 0.71
C ALA A 485 -40.78 14.95 1.12
N VAL A 486 -40.84 15.20 2.42
CA VAL A 486 -41.63 16.31 2.95
C VAL A 486 -40.85 16.94 4.08
N ILE A 487 -40.79 18.27 4.09
CA ILE A 487 -40.13 18.99 5.17
C ILE A 487 -41.20 19.75 5.90
N ALA A 488 -41.48 19.33 7.12
CA ALA A 488 -42.55 19.90 7.91
C ALA A 488 -41.92 20.66 9.06
N SER A 489 -41.24 21.75 8.69
CA SER A 489 -40.42 22.54 9.60
C SER A 489 -41.31 23.48 10.41
N TYR A 490 -41.42 23.21 11.71
CA TYR A 490 -42.20 23.98 12.67
C TYR A 490 -43.71 23.88 12.42
N SER A 491 -44.10 23.73 11.15
CA SER A 491 -45.48 23.96 10.73
C SER A 491 -46.45 22.96 11.35
N LEU A 492 -46.12 21.66 11.31
CA LEU A 492 -47.06 20.67 11.83
C LEU A 492 -47.17 20.74 13.35
N SER A 493 -46.21 21.35 14.04
CA SER A 493 -46.32 21.51 15.48
C SER A 493 -47.28 22.62 15.89
N ASN A 494 -47.74 23.46 14.96
CA ASN A 494 -48.69 24.53 15.33
C ASN A 494 -49.91 23.90 15.98
N SER A 495 -50.37 24.53 17.07
CA SER A 495 -51.45 23.97 17.90
C SER A 495 -52.76 23.78 17.17
N SER A 496 -52.92 24.32 15.95
CA SER A 496 -54.11 23.99 15.17
C SER A 496 -54.12 22.52 14.76
N ASN A 497 -52.96 21.88 14.68
CA ASN A 497 -52.87 20.44 14.46
C ASN A 497 -52.82 19.74 15.83
N SER A 498 -53.82 18.93 16.13
CA SER A 498 -53.82 18.23 17.41
C SER A 498 -52.70 17.18 17.44
N LYS A 499 -52.13 17.00 18.64
CA LYS A 499 -51.02 16.07 18.79
C LYS A 499 -51.42 14.67 18.36
N GLU A 500 -52.67 14.27 18.63
CA GLU A 500 -53.12 12.94 18.24
C GLU A 500 -53.13 12.77 16.72
N ARG A 501 -53.56 13.81 16.00
CA ARG A 501 -53.57 13.72 14.53
C ARG A 501 -52.15 13.75 13.95
N VAL A 502 -51.25 14.53 14.54
CA VAL A 502 -49.89 14.59 14.02
C VAL A 502 -49.16 13.27 14.27
N LEU A 503 -49.25 12.73 15.49
CA LEU A 503 -48.62 11.45 15.78
C LEU A 503 -49.16 10.34 14.89
N LYS A 504 -50.48 10.35 14.60
CA LYS A 504 -51.04 9.35 13.68
C LYS A 504 -50.48 9.52 12.27
N PHE A 505 -50.47 10.75 11.77
CA PHE A 505 -49.84 11.06 10.49
C PHE A 505 -48.40 10.56 10.40
N LEU A 506 -47.58 10.88 11.40
CA LEU A 506 -46.16 10.53 11.38
C LEU A 506 -45.98 9.02 11.44
N SER A 507 -46.77 8.37 12.30
CA SER A 507 -46.77 6.92 12.38
C SER A 507 -47.12 6.32 11.03
N ASP A 508 -48.16 6.85 10.40
CA ASP A 508 -48.53 6.35 9.08
C ASP A 508 -47.42 6.63 8.07
N ALA A 509 -46.80 7.80 8.17
CA ALA A 509 -45.72 8.14 7.25
C ALA A 509 -44.56 7.15 7.37
N ASN A 510 -44.18 6.79 8.61
CA ASN A 510 -43.12 5.80 8.80
C ASN A 510 -43.52 4.44 8.23
N LYS A 511 -44.80 4.04 8.44
CA LYS A 511 -45.28 2.76 7.88
C LYS A 511 -45.24 2.78 6.36
N ALA A 512 -45.58 3.91 5.75
CA ALA A 512 -45.50 4.03 4.30
C ALA A 512 -44.07 4.15 3.79
N LYS A 513 -43.09 4.27 4.69
CA LYS A 513 -41.69 4.52 4.31
C LYS A 513 -41.55 5.78 3.45
N ALA A 514 -42.29 6.82 3.83
CA ALA A 514 -42.06 8.16 3.30
C ALA A 514 -40.92 8.82 4.06
N MET A 515 -40.50 9.99 3.58
CA MET A 515 -39.45 10.76 4.25
C MET A 515 -40.05 12.10 4.63
N VAL A 516 -40.83 12.09 5.71
CA VAL A 516 -41.36 13.32 6.30
C VAL A 516 -40.39 13.70 7.41
N VAL A 517 -39.72 14.84 7.25
CA VAL A 517 -38.81 15.37 8.26
C VAL A 517 -39.60 16.33 9.14
N PHE A 518 -39.55 16.13 10.46
CA PHE A 518 -40.46 16.78 11.39
C PHE A 518 -39.68 17.57 12.43
N GLY A 519 -40.10 18.81 12.67
CA GLY A 519 -39.53 19.62 13.73
C GLY A 519 -40.59 20.13 14.69
N ALA A 520 -40.22 20.23 15.97
CA ALA A 520 -41.15 20.70 16.97
C ALA A 520 -40.36 21.21 18.16
N PRO A 521 -40.87 22.19 18.90
CA PRO A 521 -40.22 22.55 20.16
C PRO A 521 -40.13 21.33 21.07
N ASN A 522 -39.06 21.27 21.85
CA ASN A 522 -38.80 20.11 22.70
C ASN A 522 -39.37 20.42 24.08
N THR A 523 -40.51 19.79 24.38
CA THR A 523 -41.27 20.12 25.58
C THR A 523 -40.39 20.34 26.81
N HIS A 524 -39.70 19.28 27.23
CA HIS A 524 -39.02 19.29 28.52
C HIS A 524 -37.76 20.16 28.50
N ARG A 525 -37.13 20.37 27.34
CA ARG A 525 -35.98 21.28 27.34
C ARG A 525 -36.47 22.72 27.43
N LEU A 526 -37.54 23.04 26.71
CA LEU A 526 -38.15 24.35 26.84
C LEU A 526 -38.61 24.60 28.29
N ALA A 527 -39.19 23.58 28.92
CA ALA A 527 -39.62 23.73 30.31
C ALA A 527 -38.42 23.88 31.25
N TYR A 528 -37.36 23.09 31.03
CA TYR A 528 -36.15 23.26 31.82
C TYR A 528 -35.61 24.68 31.71
N ALA A 529 -35.53 25.20 30.49
CA ALA A 529 -35.01 26.55 30.27
C ALA A 529 -35.88 27.63 30.90
N LYS A 530 -37.18 27.38 31.01
CA LYS A 530 -38.08 28.29 31.72
C LYS A 530 -37.83 28.21 33.22
N LYS A 531 -37.76 26.98 33.73
CA LYS A 531 -37.70 26.72 35.17
C LYS A 531 -36.44 27.28 35.81
N VAL A 532 -35.31 27.32 35.09
CA VAL A 532 -34.08 27.84 35.68
C VAL A 532 -33.93 29.34 35.44
N GLY A 533 -34.81 29.95 34.66
CA GLY A 533 -34.81 31.38 34.50
C GLY A 533 -34.12 31.91 33.27
N LEU A 534 -33.80 31.05 32.30
CA LEU A 534 -33.20 31.51 31.06
C LEU A 534 -34.19 32.35 30.25
N VAL A 535 -35.29 31.74 29.85
CA VAL A 535 -36.37 32.47 29.17
C VAL A 535 -37.37 32.91 30.24
N LEU A 536 -37.73 34.20 30.25
CA LEU A 536 -38.29 34.79 31.46
C LEU A 536 -39.69 34.32 31.79
N ASP A 537 -40.34 33.49 30.95
CA ASP A 537 -41.77 33.19 31.10
C ASP A 537 -42.60 34.41 30.65
N SER A 538 -42.04 35.16 29.69
CA SER A 538 -42.70 36.27 29.01
C SER A 538 -42.48 36.17 27.51
N ALA A 539 -41.22 36.14 27.08
CA ALA A 539 -40.92 36.00 25.66
C ALA A 539 -41.34 34.64 25.14
N ILE A 540 -41.26 33.61 25.98
CA ILE A 540 -41.81 32.29 25.68
C ILE A 540 -42.53 31.80 26.92
N LYS A 541 -43.71 31.20 26.72
CA LYS A 541 -44.49 30.69 27.83
C LYS A 541 -45.15 29.38 27.41
N MET A 542 -45.34 28.48 28.38
CA MET A 542 -46.01 27.22 28.07
C MET A 542 -46.92 26.82 29.22
N SER A 543 -47.83 25.89 28.88
CA SER A 543 -48.77 25.29 29.82
C SER A 543 -49.01 23.87 29.33
N LYS A 544 -48.63 22.88 30.13
CA LYS A 544 -48.55 21.48 29.66
C LYS A 544 -47.64 21.49 28.43
N ASP A 545 -48.03 20.87 27.32
CA ASP A 545 -47.21 20.86 26.11
C ASP A 545 -47.61 21.93 25.10
N LEU A 546 -48.45 22.89 25.49
CA LEU A 546 -48.87 23.97 24.61
C LEU A 546 -48.00 25.20 24.88
N ILE A 547 -47.41 25.76 23.82
CA ILE A 547 -46.34 26.75 23.96
C ILE A 547 -46.65 27.97 23.13
N THR A 548 -46.52 29.15 23.74
CA THR A 548 -46.75 30.41 23.05
C THR A 548 -45.40 31.07 22.79
N PHE A 549 -45.11 31.32 21.51
CA PHE A 549 -43.90 32.02 21.09
C PHE A 549 -44.23 33.47 20.76
N SER A 550 -43.22 34.33 20.90
CA SER A 550 -43.38 35.74 20.57
C SER A 550 -42.17 36.27 19.80
N TRP A 557 -47.64 33.31 18.17
CA TRP A 557 -48.14 32.01 17.71
C TRP A 557 -47.92 30.89 18.73
N ARG A 558 -48.75 29.84 18.61
CA ARG A 558 -48.74 28.72 19.52
C ARG A 558 -48.41 27.43 18.79
N ASP A 559 -47.43 26.69 19.31
CA ASP A 559 -47.18 25.31 18.90
C ASP A 559 -47.30 24.38 20.09
N TYR A 560 -47.53 23.11 19.79
CA TYR A 560 -47.36 22.06 20.79
C TYR A 560 -45.88 21.67 20.84
N GLY A 561 -45.35 21.53 22.05
CA GLY A 561 -44.11 20.82 22.21
C GLY A 561 -44.29 19.32 22.04
N TYR A 562 -43.21 18.67 21.60
CA TYR A 562 -43.20 17.22 21.43
C TYR A 562 -41.96 16.65 22.10
N SER A 563 -42.02 15.37 22.49
CA SER A 563 -40.90 14.69 23.15
C SER A 563 -40.59 13.36 22.47
N GLN A 564 -39.40 12.83 22.79
CA GLN A 564 -38.88 11.67 22.05
C GLN A 564 -39.69 10.40 22.30
N SER A 565 -40.17 10.17 23.52
CA SER A 565 -40.92 8.93 23.80
C SER A 565 -42.16 8.81 22.92
N GLU A 566 -43.03 9.82 22.96
CA GLU A 566 -44.23 9.79 22.12
C GLU A 566 -43.89 9.70 20.62
N LEU A 567 -42.82 10.40 20.17
CA LEU A 567 -42.45 10.32 18.75
C LEU A 567 -41.87 8.95 18.41
N TYR A 568 -41.08 8.36 19.32
CA TYR A 568 -40.56 7.03 19.02
C TYR A 568 -41.71 6.03 18.92
N ASP A 569 -42.74 6.19 19.76
CA ASP A 569 -43.95 5.38 19.60
C ASP A 569 -44.56 5.55 18.21
N ALA A 570 -44.51 6.78 17.68
CA ALA A 570 -44.98 7.09 16.34
C ALA A 570 -43.95 6.79 15.25
N GLY A 571 -42.90 6.03 15.56
CA GLY A 571 -41.95 5.66 14.53
C GLY A 571 -40.97 6.74 14.11
N TYR A 572 -40.61 7.66 15.01
CA TYR A 572 -39.70 8.75 14.67
C TYR A 572 -38.54 8.83 15.67
N VAL A 573 -37.36 9.17 15.14
CA VAL A 573 -36.10 9.19 15.88
C VAL A 573 -35.49 10.57 15.75
N GLU A 574 -35.07 11.16 16.85
CA GLU A 574 -34.43 12.47 16.75
C GLU A 574 -33.05 12.32 16.10
N ILE A 575 -32.70 13.28 15.28
CA ILE A 575 -31.34 13.43 14.77
C ILE A 575 -31.01 14.91 14.90
N THR A 576 -29.75 15.22 15.25
CA THR A 576 -29.46 16.65 15.36
C THR A 576 -29.12 17.24 14.01
N ILE A 577 -29.12 18.58 13.97
CA ILE A 577 -28.81 19.32 12.76
C ILE A 577 -27.35 19.08 12.39
N ASP A 578 -26.48 19.04 13.40
CA ASP A 578 -25.06 18.71 13.18
C ASP A 578 -24.94 17.35 12.49
N GLN A 579 -25.66 16.35 13.00
CA GLN A 579 -25.55 15.03 12.41
C GLN A 579 -26.07 15.03 11.00
N MET A 580 -27.13 15.82 10.74
CA MET A 580 -27.73 15.82 9.40
C MET A 580 -26.77 16.44 8.38
N VAL A 581 -26.08 17.52 8.74
CA VAL A 581 -25.18 18.15 7.78
C VAL A 581 -23.88 17.35 7.62
N ALA A 582 -23.42 16.66 8.67
CA ALA A 582 -22.27 15.78 8.52
C ALA A 582 -22.64 14.59 7.64
N TYR A 583 -23.81 14.00 7.88
CA TYR A 583 -24.29 12.87 7.09
C TYR A 583 -24.41 13.24 5.63
N SER A 584 -24.87 14.46 5.35
CA SER A 584 -25.06 14.96 3.99
C SER A 584 -23.84 15.68 3.45
N SER A 585 -22.71 15.61 4.14
CA SER A 585 -21.58 16.48 3.75
C SER A 585 -21.21 16.34 2.28
N ASP A 586 -21.27 15.13 1.72
CA ASP A 586 -20.76 15.00 0.35
C ASP A 586 -21.75 15.45 -0.73
N VAL A 587 -22.99 15.81 -0.40
CA VAL A 587 -23.86 16.49 -1.35
C VAL A 587 -24.20 17.90 -0.93
N TYR A 588 -23.73 18.35 0.23
CA TYR A 588 -24.19 19.64 0.78
C TYR A 588 -23.70 20.80 -0.06
N ASN A 589 -24.58 21.75 -0.31
CA ASN A 589 -24.24 22.95 -1.08
C ASN A 589 -24.91 24.17 -0.48
N GLY A 590 -25.11 24.16 0.84
CA GLY A 590 -25.82 25.23 1.54
C GLY A 590 -24.90 26.17 2.30
N VAL A 591 -25.49 26.87 3.30
CA VAL A 591 -24.73 27.83 4.09
C VAL A 591 -24.22 27.16 5.37
N GLY A 592 -23.19 27.76 5.96
CA GLY A 592 -22.77 27.43 7.30
C GLY A 592 -23.31 28.45 8.28
N TYR A 593 -22.72 28.49 9.47
CA TYR A 593 -23.13 29.42 10.50
C TYR A 593 -21.89 29.87 11.26
N PHE A 594 -22.08 30.87 12.12
CA PHE A 594 -20.98 31.35 12.96
C PHE A 594 -21.25 31.20 14.45
N ALA A 595 -22.45 31.46 14.92
CA ALA A 595 -22.73 31.29 16.33
C ALA A 595 -23.88 30.31 16.50
N ASN A 596 -23.86 29.58 17.59
CA ASN A 596 -25.05 28.83 17.91
C ASN A 596 -26.10 29.76 18.54
N SER A 597 -27.32 29.25 18.70
CA SER A 597 -28.46 30.09 19.05
C SER A 597 -29.34 29.34 20.03
N THR A 598 -29.53 29.92 21.23
CA THR A 598 -30.35 29.31 22.27
C THR A 598 -31.77 29.03 21.77
N TYR A 599 -32.37 30.00 21.07
CA TYR A 599 -33.70 29.81 20.51
C TYR A 599 -33.77 28.57 19.62
N ASN A 600 -32.84 28.43 18.67
CA ASN A 600 -32.88 27.27 17.78
C ASN A 600 -32.68 25.98 18.55
N ASP A 601 -31.86 26.01 19.60
CA ASP A 601 -31.61 24.81 20.38
C ASP A 601 -32.85 24.32 21.13
N LEU A 602 -33.90 25.14 21.24
CA LEU A 602 -35.13 24.67 21.90
C LEU A 602 -35.94 23.72 21.01
N PHE A 603 -35.61 23.62 19.74
CA PHE A 603 -36.29 22.71 18.83
C PHE A 603 -35.51 21.41 18.64
N SER A 604 -36.25 20.33 18.35
CA SER A 604 -35.72 19.02 18.02
C SER A 604 -36.26 18.61 16.65
N TRP A 605 -35.46 17.87 15.89
CA TRP A 605 -35.82 17.41 14.56
C TRP A 605 -35.83 15.89 14.53
N TYR A 606 -36.72 15.31 13.70
CA TYR A 606 -36.92 13.86 13.73
C TYR A 606 -37.09 13.27 12.33
N ILE A 607 -36.57 12.05 12.15
CA ILE A 607 -36.70 11.34 10.88
C ILE A 607 -37.32 9.98 11.15
N PRO A 608 -37.97 9.38 10.15
CA PRO A 608 -38.67 8.11 10.41
C PRO A 608 -37.72 6.96 10.71
N LYS A 609 -38.16 6.13 11.65
CA LYS A 609 -37.42 4.95 12.10
C LYS A 609 -36.95 4.07 10.94
N TRP A 610 -37.81 3.85 9.93
CA TRP A 610 -37.45 2.92 8.86
C TRP A 610 -36.15 3.32 8.18
N TYR A 611 -35.93 4.62 8.00
CA TYR A 611 -34.71 5.09 7.36
C TYR A 611 -33.51 4.94 8.29
N VAL A 612 -33.69 5.21 9.59
CA VAL A 612 -32.63 4.95 10.55
C VAL A 612 -32.17 3.50 10.47
N HIS A 613 -33.11 2.57 10.52
CA HIS A 613 -32.74 1.15 10.53
C HIS A 613 -32.14 0.72 9.20
N LYS A 614 -32.63 1.28 8.10
CA LYS A 614 -32.07 0.93 6.78
C LYS A 614 -30.65 1.45 6.57
N ARG A 615 -30.34 2.67 7.01
CA ARG A 615 -29.10 3.31 6.58
C ARG A 615 -28.24 3.92 7.68
N MET A 616 -28.69 3.93 8.94
CA MET A 616 -27.93 4.66 9.95
C MET A 616 -27.56 3.85 11.18
N LEU A 617 -27.69 2.53 11.13
CA LEU A 617 -27.31 1.74 12.30
C LEU A 617 -25.80 1.61 12.42
N MET A 618 -25.08 1.72 11.31
CA MET A 618 -23.61 1.67 11.32
C MET A 618 -23.10 3.08 11.57
N GLN A 619 -22.51 3.30 12.74
CA GLN A 619 -22.19 4.64 13.19
C GLN A 619 -20.77 5.03 12.79
N ASP A 620 -20.64 5.60 11.61
CA ASP A 620 -19.41 6.30 11.31
C ASP A 620 -19.47 7.69 11.94
N ILE A 621 -18.36 8.44 11.86
CA ILE A 621 -18.25 9.69 12.60
C ILE A 621 -19.36 10.68 12.25
N ARG A 622 -19.89 10.64 11.02
CA ARG A 622 -20.93 11.58 10.64
C ARG A 622 -22.19 11.42 11.49
N LEU A 623 -22.48 10.19 11.96
CA LEU A 623 -23.65 9.97 12.77
C LEU A 623 -23.32 9.74 14.23
N SER A 624 -22.24 10.09 14.60
CA SER A 624 -21.74 9.89 15.96
C SER A 624 -22.16 11.08 16.82
N PRO A 625 -22.31 10.89 18.12
CA PRO A 625 -22.53 12.04 19.01
C PRO A 625 -21.22 12.46 19.66
N ALA A 626 -20.09 12.18 18.99
CA ALA A 626 -18.78 12.47 19.56
C ALA A 626 -18.69 13.92 20.05
N ALA A 627 -19.25 14.86 19.32
CA ALA A 627 -19.13 16.25 19.74
C ALA A 627 -20.07 16.64 20.91
N LEU A 628 -20.76 15.68 21.55
CA LEU A 628 -21.64 15.97 22.67
C LEU A 628 -21.29 15.12 23.89
N VAL A 629 -20.74 13.93 23.68
CA VAL A 629 -20.64 12.97 24.78
C VAL A 629 -19.55 13.27 25.79
N LYS A 630 -18.61 14.16 25.49
CA LYS A 630 -17.59 14.50 26.48
C LYS A 630 -17.55 15.95 26.90
N CYS A 631 -18.07 16.88 26.10
CA CYS A 631 -17.75 18.29 26.36
C CYS A 631 -18.49 18.81 27.58
N PHE A 632 -19.76 18.39 27.77
CA PHE A 632 -20.50 18.82 28.95
C PHE A 632 -19.89 18.22 30.22
N THR A 633 -19.63 16.91 30.20
CA THR A 633 -19.04 16.24 31.36
C THR A 633 -17.73 16.88 31.76
N THR A 634 -16.86 17.14 30.78
CA THR A 634 -15.56 17.75 31.08
C THR A 634 -15.74 19.14 31.67
N LEU A 635 -16.64 19.95 31.11
CA LEU A 635 -16.86 21.28 31.68
C LEU A 635 -17.30 21.16 33.14
N ILE A 636 -18.22 20.23 33.42
CA ILE A 636 -18.73 20.12 34.78
C ILE A 636 -17.64 19.60 35.72
N ARG A 637 -16.83 18.62 35.28
CA ARG A 637 -15.72 18.16 36.11
C ARG A 637 -14.74 19.30 36.41
N ASN A 638 -14.48 20.17 35.42
CA ASN A 638 -13.56 21.29 35.67
C ASN A 638 -14.16 22.24 36.70
N ILE A 639 -15.43 22.64 36.50
CA ILE A 639 -16.13 23.51 37.44
C ILE A 639 -16.17 22.88 38.84
N CYS A 640 -16.45 21.58 38.91
CA CYS A 640 -16.80 20.95 40.16
C CYS A 640 -15.64 20.24 40.84
N TYR A 641 -14.43 20.29 40.26
CA TYR A 641 -13.24 19.65 40.82
C TYR A 641 -13.40 18.14 40.89
N VAL A 642 -13.78 17.52 39.78
CA VAL A 642 -13.98 16.09 39.75
C VAL A 642 -12.81 15.46 39.00
N PRO A 643 -11.87 14.82 39.70
CA PRO A 643 -10.76 14.14 39.03
C PRO A 643 -11.25 13.04 38.09
N HIS A 644 -10.40 12.75 37.09
CA HIS A 644 -10.76 11.80 36.04
C HIS A 644 -11.16 10.46 36.62
N GLU A 645 -10.29 9.85 37.43
CA GLU A 645 -10.62 8.55 38.00
C GLU A 645 -11.74 8.63 39.04
N THR A 646 -11.93 9.79 39.69
CA THR A 646 -13.01 9.97 40.67
C THR A 646 -14.38 9.88 39.99
N TYR A 647 -14.48 10.45 38.80
CA TYR A 647 -15.69 10.33 38.00
C TYR A 647 -16.12 8.87 37.88
N TYR A 648 -15.18 7.97 37.61
CA TYR A 648 -15.53 6.57 37.44
C TYR A 648 -15.84 5.90 38.78
N ARG A 649 -15.18 6.35 39.87
CA ARG A 649 -15.61 5.93 41.20
C ARG A 649 -17.06 6.33 41.49
N PHE A 650 -17.43 7.57 41.14
CA PHE A 650 -18.80 8.01 41.38
C PHE A 650 -19.77 7.09 40.65
N ARG A 651 -19.40 6.66 39.44
CA ARG A 651 -20.26 5.81 38.64
C ARG A 651 -20.52 4.48 39.33
N GLY A 652 -19.46 3.88 39.90
CA GLY A 652 -19.62 2.62 40.61
C GLY A 652 -20.44 2.77 41.87
N ILE A 653 -20.32 3.91 42.54
CA ILE A 653 -21.13 4.17 43.72
C ILE A 653 -22.60 4.32 43.33
N LEU A 654 -22.88 5.00 42.21
CA LEU A 654 -24.26 5.13 41.75
C LEU A 654 -24.84 3.78 41.43
N VAL A 655 -24.04 2.90 40.85
CA VAL A 655 -24.53 1.55 40.58
C VAL A 655 -24.83 0.84 41.89
N ASP A 656 -23.90 0.95 42.85
CA ASP A 656 -24.09 0.38 44.19
C ASP A 656 -25.42 0.79 44.80
N LYS A 657 -25.71 2.10 44.83
CA LYS A 657 -26.95 2.58 45.40
C LYS A 657 -28.17 2.11 44.61
N TYR A 658 -28.05 1.95 43.29
CA TYR A 658 -29.18 1.44 42.51
C TYR A 658 -29.47 -0.01 42.86
N LEU A 659 -28.43 -0.84 42.86
CA LEU A 659 -28.62 -2.25 43.19
C LEU A 659 -29.16 -2.43 44.60
N ARG A 660 -28.63 -1.66 45.56
CA ARG A 660 -29.17 -1.70 46.92
C ARG A 660 -30.65 -1.34 46.93
N SER A 661 -31.04 -0.32 46.17
CA SER A 661 -32.44 0.09 46.11
C SER A 661 -33.32 -0.96 45.43
N LYS A 662 -32.73 -1.97 44.80
CA LYS A 662 -33.44 -3.10 44.23
C LYS A 662 -33.31 -4.32 45.09
N ASN A 663 -32.89 -4.14 46.35
CA ASN A 663 -32.77 -5.22 47.31
C ASN A 663 -31.90 -6.35 46.77
N VAL A 664 -30.91 -6.00 45.94
CA VAL A 664 -29.89 -6.97 45.53
C VAL A 664 -28.92 -7.14 46.70
N ASP A 665 -28.52 -8.39 46.95
CA ASP A 665 -27.71 -8.69 48.13
C ASP A 665 -26.27 -8.26 47.90
N PRO A 666 -25.73 -7.33 48.70
CA PRO A 666 -24.40 -6.76 48.43
C PRO A 666 -23.34 -7.82 48.23
N SER A 667 -23.61 -9.02 48.76
CA SER A 667 -22.66 -10.12 48.66
C SER A 667 -22.44 -10.58 47.24
N GLN A 668 -23.35 -10.28 46.32
CA GLN A 668 -23.26 -10.88 44.98
C GLN A 668 -22.39 -10.08 43.99
N TYR A 669 -21.92 -8.88 44.36
CA TYR A 669 -21.13 -8.07 43.44
C TYR A 669 -20.03 -7.32 44.18
N SER A 670 -19.09 -6.80 43.40
CA SER A 670 -17.99 -5.97 43.91
C SER A 670 -17.82 -4.76 42.99
N ILE A 671 -18.18 -3.57 43.50
CA ILE A 671 -17.91 -2.32 42.80
C ILE A 671 -16.42 -2.18 42.54
N VAL A 672 -16.06 -1.86 41.29
CA VAL A 672 -14.70 -1.50 40.91
C VAL A 672 -14.57 -0.01 40.65
N GLY A 673 -15.47 0.54 39.84
CA GLY A 673 -15.49 1.99 39.66
C GLY A 673 -14.33 2.53 38.85
N SER A 674 -13.88 1.81 37.82
CA SER A 674 -12.85 2.27 36.91
C SER A 674 -13.47 2.55 35.54
N GLY A 675 -12.68 3.18 34.67
CA GLY A 675 -13.12 3.38 33.30
C GLY A 675 -13.42 2.09 32.57
N SER A 676 -12.70 1.01 32.88
CA SER A 676 -12.88 -0.23 32.14
C SER A 676 -13.79 -1.22 32.82
N LYS A 677 -14.09 -1.04 34.10
CA LYS A 677 -14.92 -1.99 34.86
C LYS A 677 -15.77 -1.21 35.84
N THR A 678 -17.09 -1.26 35.67
CA THR A 678 -17.93 -0.64 36.68
C THR A 678 -18.02 -1.53 37.93
N PHE A 679 -18.37 -2.80 37.74
CA PHE A 679 -18.36 -3.75 38.84
C PHE A 679 -18.16 -5.15 38.28
N THR A 680 -17.91 -6.08 39.19
CA THR A 680 -17.73 -7.49 38.87
C THR A 680 -18.81 -8.29 39.58
N VAL A 681 -19.39 -9.25 38.87
CA VAL A 681 -20.44 -10.09 39.44
C VAL A 681 -19.78 -11.26 40.17
N LEU A 682 -20.07 -11.38 41.47
CA LEU A 682 -19.53 -12.50 42.23
C LEU A 682 -20.36 -13.76 41.99
N SER A 683 -21.68 -13.66 42.22
CA SER A 683 -22.62 -14.75 41.99
C SER A 683 -23.82 -14.25 41.19
N HIS A 684 -24.52 -15.21 40.55
CA HIS A 684 -25.62 -14.91 39.63
C HIS A 684 -26.74 -14.14 40.33
N PHE A 685 -27.20 -13.08 39.69
CA PHE A 685 -28.41 -12.40 40.15
C PHE A 685 -29.08 -11.69 38.97
N GLU A 686 -30.36 -11.34 39.18
CA GLU A 686 -31.17 -10.74 38.15
C GLU A 686 -31.93 -9.59 38.77
N VAL A 687 -32.12 -8.53 38.00
CA VAL A 687 -32.89 -7.36 38.41
C VAL A 687 -34.14 -7.28 37.53
N PRO A 688 -35.34 -7.22 38.12
CA PRO A 688 -36.54 -7.06 37.29
C PRO A 688 -36.48 -5.73 36.53
N HIS A 689 -36.93 -5.77 35.29
CA HIS A 689 -36.87 -4.62 34.40
C HIS A 689 -37.96 -4.75 33.34
N GLU A 690 -38.52 -3.60 32.96
CA GLU A 690 -39.58 -3.58 31.95
C GLU A 690 -39.24 -4.42 30.72
N CYS A 691 -37.97 -4.40 30.27
CA CYS A 691 -37.57 -5.10 29.05
C CYS A 691 -37.25 -6.57 29.29
N GLY A 692 -37.65 -7.11 30.43
CA GLY A 692 -37.20 -8.40 30.86
C GLY A 692 -36.06 -8.20 31.84
N PRO A 693 -35.86 -9.18 32.74
CA PRO A 693 -34.82 -9.02 33.77
C PRO A 693 -33.42 -8.71 33.21
N LEU A 694 -32.67 -7.91 33.97
CA LEU A 694 -31.24 -7.75 33.71
C LEU A 694 -30.51 -8.91 34.35
N VAL A 695 -29.80 -9.68 33.53
CA VAL A 695 -29.16 -10.92 33.94
C VAL A 695 -27.69 -10.64 34.17
N PHE A 696 -27.20 -10.91 35.38
CA PHE A 696 -25.78 -10.77 35.69
C PHE A 696 -25.24 -12.13 36.08
N GLU A 697 -24.36 -12.65 35.23
CA GLU A 697 -23.76 -13.96 35.43
C GLU A 697 -22.55 -13.87 36.35
N ALA A 698 -22.38 -14.89 37.21
CA ALA A 698 -21.24 -14.90 38.12
C ALA A 698 -19.95 -14.79 37.34
N SER A 699 -18.99 -14.05 37.91
CA SER A 699 -17.61 -13.97 37.42
C SER A 699 -17.51 -13.32 36.04
N THR A 700 -18.30 -12.29 35.81
CA THR A 700 -18.18 -11.43 34.65
C THR A 700 -17.94 -10.00 35.09
N ASP A 701 -17.37 -9.20 34.19
CA ASP A 701 -17.11 -7.79 34.42
C ASP A 701 -18.15 -6.95 33.68
N VAL A 702 -18.74 -5.97 34.37
CA VAL A 702 -19.79 -5.13 33.79
C VAL A 702 -19.23 -3.72 33.63
N ASN A 703 -19.26 -3.21 32.39
CA ASN A 703 -18.77 -1.86 32.05
C ASN A 703 -19.95 -1.10 31.46
N ILE A 704 -20.59 -0.22 32.25
CA ILE A 704 -21.86 0.32 31.75
C ILE A 704 -21.58 1.34 30.65
N SER A 705 -22.63 1.67 29.90
CA SER A 705 -22.63 2.57 28.75
C SER A 705 -22.60 4.03 29.21
N GLY A 706 -21.41 4.59 29.43
CA GLY A 706 -21.31 5.92 30.00
C GLY A 706 -21.84 7.04 29.12
N HIS A 707 -21.81 6.87 27.79
CA HIS A 707 -22.29 7.92 26.90
C HIS A 707 -23.80 8.17 27.03
N LEU A 708 -24.59 7.14 27.38
CA LEU A 708 -25.99 7.41 27.70
C LEU A 708 -26.10 8.47 28.78
N LEU A 709 -25.25 8.40 29.79
CA LEU A 709 -25.37 9.33 30.90
C LEU A 709 -25.03 10.75 30.46
N SER A 710 -23.92 10.95 29.74
CA SER A 710 -23.61 12.32 29.32
C SER A 710 -24.55 12.81 28.23
N LEU A 711 -25.04 11.94 27.34
CA LEU A 711 -26.08 12.43 26.42
C LEU A 711 -27.35 12.91 27.17
N ALA A 712 -27.65 12.31 28.33
CA ALA A 712 -28.78 12.78 29.11
C ALA A 712 -28.53 14.16 29.68
N ILE A 713 -27.28 14.47 30.09
CA ILE A 713 -26.93 15.82 30.50
C ILE A 713 -27.02 16.78 29.31
N ALA A 714 -26.43 16.39 28.19
CA ALA A 714 -26.47 17.22 26.98
C ALA A 714 -27.92 17.56 26.60
N ALA A 715 -28.86 16.62 26.80
CA ALA A 715 -30.27 16.85 26.44
C ALA A 715 -30.93 17.95 27.24
N HIS A 716 -30.34 18.40 28.36
CA HIS A 716 -30.89 19.55 29.08
C HIS A 716 -30.63 20.86 28.33
N PHE A 717 -29.63 20.91 27.46
CA PHE A 717 -29.18 22.19 26.93
C PHE A 717 -29.35 22.34 25.44
N VAL A 718 -29.25 21.24 24.69
CA VAL A 718 -29.27 21.25 23.24
C VAL A 718 -29.91 19.93 22.80
N ALA A 719 -30.26 19.86 21.51
CA ALA A 719 -30.74 18.62 20.93
C ALA A 719 -29.74 17.51 21.14
N SER A 720 -30.19 16.38 21.67
CA SER A 720 -29.25 15.34 22.06
C SER A 720 -29.75 14.02 21.49
N PRO A 721 -28.96 13.39 20.61
CA PRO A 721 -29.41 12.25 19.79
C PRO A 721 -29.34 10.92 20.51
N MET A 722 -30.04 10.84 21.66
CA MET A 722 -29.97 9.65 22.52
C MET A 722 -30.47 8.41 21.78
N ILE A 723 -31.58 8.52 21.07
CA ILE A 723 -32.20 7.31 20.54
C ILE A 723 -31.51 6.85 19.26
N LEU A 724 -31.02 7.78 18.43
CA LEU A 724 -30.18 7.34 17.33
C LEU A 724 -28.97 6.57 17.85
N TRP A 725 -28.28 7.13 18.85
CA TRP A 725 -27.18 6.40 19.49
C TRP A 725 -27.66 5.06 20.07
N ALA A 726 -28.85 5.04 20.69
CA ALA A 726 -29.33 3.79 21.32
C ALA A 726 -29.60 2.71 20.29
N GLU A 727 -30.20 3.07 19.15
CA GLU A 727 -30.42 2.10 18.08
C GLU A 727 -29.10 1.59 17.54
N GLN A 728 -28.14 2.50 17.33
CA GLN A 728 -26.80 2.09 16.96
C GLN A 728 -26.20 1.18 18.03
N MET A 729 -26.38 1.55 19.30
CA MET A 729 -25.78 0.75 20.36
C MET A 729 -26.39 -0.64 20.41
N LYS A 730 -27.72 -0.73 20.23
CA LYS A 730 -28.37 -2.03 20.17
C LYS A 730 -27.83 -2.85 19.01
N TYR A 731 -27.68 -2.21 17.85
CA TYR A 731 -27.09 -2.90 16.71
C TYR A 731 -25.69 -3.42 17.03
N MET A 732 -24.92 -2.66 17.80
CA MET A 732 -23.54 -3.05 18.09
C MET A 732 -23.43 -3.98 19.29
N ALA A 733 -24.50 -4.72 19.59
CA ALA A 733 -24.40 -5.87 20.49
C ALA A 733 -23.38 -6.89 19.99
N VAL A 734 -23.23 -7.01 18.67
CA VAL A 734 -22.24 -7.90 18.04
C VAL A 734 -21.37 -7.07 17.11
N ASP A 735 -20.25 -7.67 16.66
CA ASP A 735 -19.41 -7.07 15.61
C ASP A 735 -20.21 -6.96 14.31
N ARG A 736 -19.87 -5.95 13.50
CA ARG A 736 -20.57 -5.72 12.25
C ARG A 736 -19.55 -5.33 11.19
N MET A 737 -19.60 -5.98 10.04
CA MET A 737 -18.67 -5.66 8.96
C MET A 737 -18.87 -4.23 8.47
N LEU A 738 -17.75 -3.54 8.24
CA LEU A 738 -17.81 -2.20 7.67
C LEU A 738 -18.56 -2.22 6.33
N PRO A 739 -19.36 -1.20 6.04
CA PRO A 739 -19.98 -1.10 4.72
C PRO A 739 -18.93 -0.95 3.65
N PRO A 740 -19.12 -1.58 2.48
CA PRO A 740 -18.01 -1.68 1.53
C PRO A 740 -17.78 -0.40 0.74
N ASN A 741 -18.77 0.48 0.63
CA ASN A 741 -18.65 1.69 -0.16
C ASN A 741 -18.41 2.95 0.69
N LEU A 742 -17.80 2.79 1.86
CA LEU A 742 -17.48 3.90 2.76
C LEU A 742 -16.00 3.86 3.05
N ASP A 743 -15.36 5.02 2.94
CA ASP A 743 -13.99 5.17 3.38
C ASP A 743 -13.86 4.74 4.82
N LYS A 744 -12.94 3.81 5.10
CA LYS A 744 -12.85 3.25 6.44
C LYS A 744 -12.37 4.27 7.46
N SER A 745 -11.72 5.35 7.03
CA SER A 745 -11.31 6.38 7.99
C SER A 745 -12.50 7.07 8.64
N LEU A 746 -13.68 6.99 8.04
CA LEU A 746 -14.87 7.51 8.70
C LEU A 746 -15.15 6.78 10.00
N PHE A 747 -14.53 5.61 10.19
CA PHE A 747 -14.69 4.81 11.39
C PHE A 747 -13.52 4.92 12.35
N PHE A 748 -12.63 5.92 12.17
CA PHE A 748 -11.46 6.09 13.04
C PHE A 748 -11.80 6.12 14.52
N ASP A 749 -13.01 6.57 14.90
CA ASP A 749 -13.21 6.78 16.33
C ASP A 749 -13.66 5.53 17.08
N ASN A 750 -13.78 4.37 16.41
CA ASN A 750 -14.18 3.14 17.06
C ASN A 750 -13.27 2.00 16.64
N LYS A 751 -13.16 1.01 17.51
CA LYS A 751 -12.29 -0.14 17.26
C LYS A 751 -12.80 -0.94 16.08
N VAL A 752 -11.92 -1.20 15.14
CA VAL A 752 -12.22 -2.02 13.97
C VAL A 752 -11.35 -3.26 14.06
N THR A 753 -11.98 -4.46 14.11
CA THR A 753 -11.28 -5.72 14.34
C THR A 753 -10.31 -6.01 13.20
N PRO A 754 -9.38 -6.96 13.36
CA PRO A 754 -8.49 -7.30 12.24
C PRO A 754 -9.25 -7.68 10.98
N SER A 755 -10.34 -8.44 11.09
CA SER A 755 -11.12 -8.88 9.94
C SER A 755 -11.81 -7.74 9.21
N GLY A 756 -11.86 -6.54 9.79
CA GLY A 756 -12.61 -5.45 9.16
C GLY A 756 -14.02 -5.30 9.68
N ALA A 757 -14.29 -5.78 10.89
CA ALA A 757 -15.56 -5.58 11.54
C ALA A 757 -15.42 -4.45 12.54
N LEU A 758 -16.42 -3.58 12.56
CA LEU A 758 -16.57 -2.68 13.70
C LEU A 758 -16.84 -3.54 14.92
N GLN A 759 -15.97 -3.44 15.92
CA GLN A 759 -16.11 -4.28 17.10
C GLN A 759 -17.36 -3.90 17.89
N ARG A 760 -18.01 -4.92 18.47
CA ARG A 760 -19.19 -4.72 19.31
C ARG A 760 -18.92 -3.75 20.46
N TRP A 761 -19.95 -3.15 21.05
CA TRP A 761 -19.77 -2.07 22.02
C TRP A 761 -20.16 -2.48 23.44
N HIS A 762 -21.40 -2.87 23.65
CA HIS A 762 -21.90 -3.11 24.99
C HIS A 762 -23.02 -4.12 24.92
N SER A 763 -23.24 -4.79 26.02
CA SER A 763 -24.34 -5.72 26.17
C SER A 763 -25.60 -4.94 26.56
N ARG A 764 -26.77 -5.59 26.48
CA ARG A 764 -28.01 -4.89 26.83
C ARG A 764 -28.01 -4.50 28.30
N GLU A 765 -27.46 -5.36 29.17
CA GLU A 765 -27.40 -5.07 30.58
C GLU A 765 -26.59 -3.81 30.86
N GLU A 766 -25.46 -3.67 30.18
CA GLU A 766 -24.62 -2.49 30.36
C GLU A 766 -25.32 -1.21 29.92
N VAL A 767 -26.17 -1.28 28.89
CA VAL A 767 -26.88 -0.09 28.46
C VAL A 767 -28.06 0.17 29.38
N LEU A 768 -28.87 -0.85 29.66
CA LEU A 768 -30.05 -0.58 30.47
C LEU A 768 -29.65 -0.24 31.91
N LEU A 769 -28.56 -0.81 32.41
CA LEU A 769 -28.06 -0.37 33.72
C LEU A 769 -27.80 1.13 33.72
N ALA A 770 -27.08 1.63 32.71
CA ALA A 770 -26.87 3.08 32.60
C ALA A 770 -28.20 3.82 32.60
N ALA A 771 -29.20 3.31 31.86
CA ALA A 771 -30.52 3.97 31.86
C ALA A 771 -31.13 3.96 33.24
N GLU A 772 -30.93 2.88 34.01
CA GLU A 772 -31.51 2.79 35.36
C GLU A 772 -30.90 3.77 36.34
N ILE A 773 -29.58 4.05 36.24
CA ILE A 773 -28.97 5.00 37.17
C ILE A 773 -28.99 6.43 36.63
N CYS A 774 -29.59 6.64 35.45
CA CYS A 774 -29.43 7.92 34.76
C CYS A 774 -30.01 9.06 35.56
N GLU A 775 -31.13 8.82 36.27
CA GLU A 775 -31.70 9.89 37.09
C GLU A 775 -30.75 10.30 38.20
N SER A 776 -30.18 9.32 38.91
CA SER A 776 -29.27 9.67 40.01
C SER A 776 -27.98 10.30 39.48
N TYR A 777 -27.60 9.99 38.24
CA TYR A 777 -26.39 10.60 37.66
C TYR A 777 -26.62 12.09 37.37
N ALA A 778 -27.73 12.39 36.70
CA ALA A 778 -28.06 13.79 36.41
C ALA A 778 -28.23 14.58 37.70
N ALA A 779 -28.88 13.98 38.72
CA ALA A 779 -29.01 14.65 40.01
C ALA A 779 -27.65 14.94 40.64
N MET A 780 -26.72 13.98 40.57
CA MET A 780 -25.37 14.18 41.07
C MET A 780 -24.66 15.32 40.33
N MET A 781 -24.57 15.20 38.98
CA MET A 781 -23.78 16.15 38.19
C MET A 781 -24.39 17.54 38.18
N LEU A 782 -25.72 17.66 38.30
CA LEU A 782 -26.36 18.96 38.30
C LEU A 782 -26.94 19.33 39.67
N ASN A 783 -26.44 18.75 40.76
CA ASN A 783 -26.77 19.22 42.12
C ASN A 783 -28.29 19.23 42.33
N ASN A 784 -28.93 18.13 41.93
CA ASN A 784 -30.39 17.97 41.95
C ASN A 784 -31.14 19.10 41.24
N LYS A 785 -30.47 19.87 40.38
CA LYS A 785 -31.14 20.89 39.58
C LYS A 785 -31.33 20.46 38.13
N HIS A 786 -31.35 19.16 37.90
CA HIS A 786 -31.66 18.56 36.61
C HIS A 786 -33.16 18.58 36.36
N SER A 787 -33.57 18.03 35.22
CA SER A 787 -34.99 17.88 34.92
C SER A 787 -35.36 16.41 34.95
N PRO A 788 -36.06 15.91 35.99
CA PRO A 788 -36.52 14.52 35.96
C PRO A 788 -37.36 14.20 34.74
N ASP A 789 -38.04 15.19 34.17
CA ASP A 789 -38.87 14.97 32.99
C ASP A 789 -38.03 14.65 31.76
N ILE A 790 -36.91 15.36 31.57
CA ILE A 790 -36.03 15.05 30.45
C ILE A 790 -35.54 13.60 30.57
N ILE A 791 -35.07 13.22 31.77
CA ILE A 791 -34.55 11.87 32.01
C ILE A 791 -35.60 10.81 31.70
N GLY A 792 -36.82 11.02 32.19
CA GLY A 792 -37.83 9.97 32.07
C GLY A 792 -38.24 9.73 30.65
N THR A 793 -38.41 10.79 29.87
CA THR A 793 -38.81 10.56 28.49
C THR A 793 -37.68 9.90 27.71
N LEU A 794 -36.42 10.19 28.08
CA LEU A 794 -35.30 9.51 27.43
C LEU A 794 -35.22 8.06 27.89
N LYS A 795 -35.30 7.83 29.21
CA LYS A 795 -35.31 6.48 29.74
C LYS A 795 -36.40 5.64 29.11
N SER A 796 -37.60 6.19 29.05
CA SER A 796 -38.72 5.45 28.48
C SER A 796 -38.45 5.08 27.04
N ALA A 797 -37.90 6.02 26.25
CA ALA A 797 -37.66 5.70 24.83
C ALA A 797 -36.51 4.69 24.66
N ILE A 798 -35.53 4.69 25.56
CA ILE A 798 -34.47 3.70 25.52
C ILE A 798 -35.03 2.30 25.79
N ASN A 799 -35.91 2.21 26.79
CA ASN A 799 -36.61 0.94 27.03
C ASN A 799 -37.39 0.49 25.81
N LEU A 800 -37.98 1.43 25.07
CA LEU A 800 -38.66 1.05 23.82
C LEU A 800 -37.68 0.49 22.78
N VAL A 801 -36.50 1.09 22.63
CA VAL A 801 -35.52 0.57 21.68
C VAL A 801 -35.16 -0.87 22.00
N PHE A 802 -35.01 -1.17 23.28
CA PHE A 802 -34.59 -2.47 23.77
C PHE A 802 -35.78 -3.39 24.14
N LYS A 803 -36.97 -3.15 23.60
CA LYS A 803 -38.12 -3.94 24.01
C LYS A 803 -38.00 -5.39 23.55
N ILE A 804 -38.63 -6.26 24.33
CA ILE A 804 -38.76 -7.68 24.02
C ILE A 804 -39.41 -7.89 22.65
N PRO B 7 -29.96 46.77 23.51
CA PRO B 7 -30.27 45.75 22.49
C PRO B 7 -29.43 45.88 21.23
N ASP B 8 -28.41 45.03 21.05
CA ASP B 8 -27.53 45.16 19.91
C ASP B 8 -27.29 43.84 19.19
N TYR B 9 -27.21 43.95 17.87
CA TYR B 9 -27.03 42.85 16.94
C TYR B 9 -25.75 43.14 16.18
N CYS B 10 -24.65 43.31 16.91
CA CYS B 10 -23.32 43.64 16.39
C CYS B 10 -22.26 42.89 17.16
N ILE B 11 -21.12 42.64 16.52
CA ILE B 11 -19.99 42.14 17.26
C ILE B 11 -18.81 43.05 16.95
N PRO B 12 -17.84 43.22 17.86
CA PRO B 12 -17.82 42.73 19.24
C PRO B 12 -19.02 43.19 20.07
N ASN B 13 -19.40 42.45 21.09
CA ASN B 13 -20.57 42.83 21.88
C ASN B 13 -20.22 42.77 23.35
N PHE B 14 -20.13 43.94 23.97
CA PHE B 14 -20.05 44.03 25.42
C PHE B 14 -21.40 44.27 26.05
N SER B 15 -22.36 44.81 25.28
CA SER B 15 -23.61 45.32 25.87
C SER B 15 -24.53 44.21 26.34
N GLN B 16 -24.61 43.11 25.60
CA GLN B 16 -25.43 41.97 26.03
C GLN B 16 -24.64 40.90 26.74
N THR B 17 -23.30 40.95 26.71
CA THR B 17 -22.48 39.86 27.22
C THR B 17 -21.86 40.14 28.57
N VAL B 18 -21.65 41.41 28.92
CA VAL B 18 -21.00 41.79 30.17
C VAL B 18 -22.01 42.54 31.04
N ASN B 19 -22.64 41.85 31.96
CA ASN B 19 -23.41 42.53 33.00
C ASN B 19 -22.82 42.14 34.36
N GLU B 20 -23.55 42.49 35.43
CA GLU B 20 -23.08 42.19 36.79
C GLU B 20 -22.88 40.69 37.01
N ARG B 21 -23.74 39.86 36.40
CA ARG B 21 -23.57 38.41 36.54
C ARG B 21 -22.31 37.92 35.83
N THR B 22 -21.93 38.57 34.73
CA THR B 22 -20.66 38.24 34.06
C THR B 22 -19.48 38.58 34.94
N ILE B 23 -19.52 39.75 35.60
CA ILE B 23 -18.44 40.16 36.49
C ILE B 23 -18.31 39.15 37.62
N ILE B 24 -19.44 38.68 38.15
CA ILE B 24 -19.42 37.64 39.19
C ILE B 24 -18.78 36.37 38.67
N ASP B 25 -19.11 35.98 37.44
CA ASP B 25 -18.54 34.75 36.90
C ASP B 25 -17.03 34.88 36.73
N ILE B 26 -16.55 36.07 36.39
CA ILE B 26 -15.10 36.25 36.27
C ILE B 26 -14.45 36.12 37.65
N PHE B 27 -15.05 36.71 38.68
CA PHE B 27 -14.59 36.43 40.03
C PHE B 27 -14.52 34.93 40.28
N THR B 28 -15.56 34.20 39.91
CA THR B 28 -15.56 32.77 40.14
C THR B 28 -14.43 32.08 39.38
N ILE B 29 -14.20 32.48 38.12
CA ILE B 29 -13.15 31.84 37.34
C ILE B 29 -11.77 32.14 37.93
N CYS B 30 -11.59 33.28 38.60
CA CYS B 30 -10.32 33.57 39.23
C CYS B 30 -9.93 32.55 40.31
N ARG B 31 -10.89 31.80 40.88
CA ARG B 31 -10.53 30.72 41.80
C ARG B 31 -9.79 29.60 41.10
N TYR B 32 -9.95 29.47 39.79
CA TYR B 32 -9.30 28.44 38.99
C TYR B 32 -8.10 28.97 38.20
N ARG B 33 -7.61 30.15 38.53
CA ARG B 33 -6.55 30.76 37.71
C ARG B 33 -5.14 30.10 37.85
N SER B 34 -4.92 28.96 38.50
CA SER B 34 -3.60 28.30 38.54
C SER B 34 -3.70 26.90 37.95
N PRO B 35 -3.96 26.76 36.64
CA PRO B 35 -4.13 25.41 36.10
C PRO B 35 -2.83 24.69 35.72
N LEU B 36 -1.64 25.30 35.88
CA LEU B 36 -0.43 24.77 35.24
C LEU B 36 0.29 23.73 36.08
N VAL B 37 0.86 22.72 35.40
CA VAL B 37 1.81 21.77 35.99
C VAL B 37 3.05 21.73 35.11
N VAL B 38 4.23 21.92 35.71
CA VAL B 38 5.50 21.84 34.96
C VAL B 38 6.23 20.58 35.43
N PHE B 39 6.51 19.67 34.49
CA PHE B 39 6.92 18.30 34.82
C PHE B 39 8.19 17.94 34.05
N CYS B 40 9.33 17.85 34.74
CA CYS B 40 10.61 17.58 34.09
C CYS B 40 11.00 16.11 34.19
N LEU B 41 11.36 15.50 33.06
CA LEU B 41 11.79 14.09 33.02
C LEU B 41 12.68 13.87 31.81
N SER B 42 13.42 12.75 31.82
CA SER B 42 14.44 12.51 30.80
C SER B 42 13.98 11.67 29.63
N HIS B 43 12.73 11.22 29.63
CA HIS B 43 12.28 10.18 28.70
C HIS B 43 11.15 10.72 27.84
N ASN B 44 11.48 11.03 26.58
CA ASN B 44 10.57 11.76 25.70
C ASN B 44 9.43 10.88 25.18
N GLU B 45 9.69 9.62 24.85
CA GLU B 45 8.57 8.78 24.47
C GLU B 45 7.65 8.53 25.65
N LEU B 46 8.22 8.46 26.86
CA LEU B 46 7.42 8.45 28.08
C LEU B 46 6.50 9.67 28.14
N ALA B 47 7.10 10.87 28.07
CA ALA B 47 6.34 12.11 28.10
C ALA B 47 5.25 12.13 27.02
N LYS B 48 5.56 11.66 25.81
CA LYS B 48 4.56 11.70 24.73
C LYS B 48 3.38 10.80 25.06
N LYS B 49 3.64 9.66 25.71
CA LYS B 49 2.56 8.72 26.04
C LYS B 49 1.60 9.33 27.04
N TYR B 50 2.12 9.85 28.16
CA TYR B 50 1.25 10.40 29.19
C TYR B 50 0.61 11.72 28.76
N ALA B 51 1.28 12.52 27.91
CA ALA B 51 0.65 13.69 27.32
C ALA B 51 -0.56 13.32 26.49
N GLN B 52 -0.44 12.26 25.69
CA GLN B 52 -1.58 11.76 24.93
C GLN B 52 -2.69 11.27 25.85
N ASP B 53 -2.32 10.53 26.92
CA ASP B 53 -3.31 9.98 27.84
C ASP B 53 -4.11 11.08 28.53
N VAL B 54 -3.42 12.12 29.01
CA VAL B 54 -4.15 13.10 29.79
C VAL B 54 -4.94 14.03 28.87
N SER B 55 -4.40 14.37 27.69
CA SER B 55 -5.16 15.22 26.77
C SER B 55 -6.39 14.49 26.24
N MET B 56 -6.22 13.22 25.88
CA MET B 56 -7.34 12.50 25.29
C MET B 56 -8.46 12.24 26.29
N SER B 57 -8.12 12.04 27.56
CA SER B 57 -9.16 11.67 28.51
C SER B 57 -9.80 12.87 29.18
N SER B 58 -9.02 13.91 29.48
CA SER B 58 -9.54 15.07 30.20
C SER B 58 -9.44 16.40 29.43
N GLY B 59 -8.88 16.40 28.22
CA GLY B 59 -8.71 17.64 27.49
C GLY B 59 -7.62 18.56 28.01
N THR B 60 -6.76 18.06 28.91
CA THR B 60 -5.60 18.81 29.37
C THR B 60 -4.76 19.25 28.17
N HIS B 61 -4.32 20.52 28.18
CA HIS B 61 -3.44 21.05 27.14
C HIS B 61 -2.00 20.74 27.51
N VAL B 62 -1.28 20.08 26.61
CA VAL B 62 0.06 19.58 26.91
C VAL B 62 1.06 20.20 25.96
N HIS B 63 2.19 20.59 26.51
CA HIS B 63 3.33 21.01 25.72
C HIS B 63 4.50 20.13 26.09
N ILE B 64 5.36 19.86 25.11
CA ILE B 64 6.61 19.16 25.38
C ILE B 64 7.76 20.00 24.85
N ILE B 65 8.56 20.53 25.77
CA ILE B 65 9.83 21.18 25.45
C ILE B 65 10.88 20.08 25.40
N ASP B 66 11.16 19.57 24.19
CA ASP B 66 12.04 18.43 24.02
C ASP B 66 13.42 18.78 23.47
N GLY B 67 13.67 20.02 23.11
CA GLY B 67 14.97 20.33 22.57
C GLY B 67 15.10 20.21 21.06
N SER B 68 14.02 19.93 20.34
CA SER B 68 14.10 20.09 18.89
C SER B 68 14.09 21.55 18.46
N VAL B 69 13.82 22.48 19.39
CA VAL B 69 13.89 23.91 19.17
C VAL B 69 14.68 24.48 20.34
N GLU B 70 15.45 25.53 20.08
CA GLU B 70 16.35 26.10 21.08
C GLU B 70 15.57 26.54 22.33
N ILE B 71 16.19 26.42 23.50
CA ILE B 71 15.45 26.47 24.78
C ILE B 71 14.79 27.83 24.99
N THR B 72 15.53 28.92 24.74
CA THR B 72 14.97 30.27 24.89
C THR B 72 13.73 30.45 24.04
N VAL B 73 13.81 30.06 22.77
CA VAL B 73 12.67 30.22 21.87
C VAL B 73 11.51 29.35 22.32
N SER B 74 11.77 28.07 22.64
CA SER B 74 10.73 27.14 23.12
C SER B 74 9.98 27.70 24.33
N LEU B 75 10.72 28.16 25.35
CA LEU B 75 10.10 28.76 26.52
C LEU B 75 9.23 29.95 26.15
N TYR B 76 9.75 30.83 25.27
CA TYR B 76 9.00 32.02 24.87
C TYR B 76 7.71 31.64 24.19
N ARG B 77 7.78 30.73 23.20
CA ARG B 77 6.56 30.34 22.49
C ARG B 77 5.59 29.65 23.44
N THR B 78 6.10 28.72 24.25
CA THR B 78 5.23 27.97 25.15
C THR B 78 4.53 28.89 26.13
N PHE B 79 5.27 29.80 26.76
CA PHE B 79 4.65 30.55 27.85
C PHE B 79 3.94 31.82 27.39
N ARG B 80 4.21 32.32 26.19
CA ARG B 80 3.32 33.32 25.60
C ARG B 80 1.94 32.72 25.33
N THR B 81 1.92 31.49 24.79
CA THR B 81 0.66 30.80 24.58
C THR B 81 -0.06 30.59 25.91
N ILE B 82 0.64 30.04 26.90
CA ILE B 82 0.02 29.69 28.18
C ILE B 82 -0.50 30.93 28.90
N ALA B 83 0.25 32.03 28.85
CA ALA B 83 -0.21 33.27 29.48
C ALA B 83 -1.65 33.64 29.10
N THR B 84 -2.06 33.38 27.85
CA THR B 84 -3.40 33.76 27.44
C THR B 84 -4.47 32.81 27.96
N GLN B 85 -4.07 31.64 28.46
CA GLN B 85 -4.97 30.54 28.72
C GLN B 85 -5.26 30.30 30.19
N LEU B 86 -4.74 31.13 31.08
CA LEU B 86 -4.73 30.77 32.50
C LEU B 86 -6.10 30.91 33.15
N LEU B 87 -7.06 31.54 32.50
CA LEU B 87 -8.43 31.59 33.00
C LEU B 87 -9.35 30.67 32.22
N GLY B 88 -8.79 29.70 31.49
CA GLY B 88 -9.64 28.81 30.70
C GLY B 88 -10.32 27.69 31.45
N ARG B 89 -9.96 27.49 32.72
CA ARG B 89 -10.54 26.42 33.51
C ARG B 89 -10.25 25.06 32.90
N MET B 90 -9.08 24.91 32.30
CA MET B 90 -8.61 23.62 31.84
C MET B 90 -7.15 23.48 32.25
N GLN B 91 -6.79 22.28 32.70
CA GLN B 91 -5.43 22.05 33.13
C GLN B 91 -4.45 22.25 31.98
N ILE B 92 -3.25 22.71 32.30
CA ILE B 92 -2.18 22.84 31.33
C ILE B 92 -0.94 22.12 31.88
N VAL B 93 -0.32 21.27 31.04
CA VAL B 93 0.86 20.51 31.41
C VAL B 93 2.00 20.85 30.45
N VAL B 94 3.13 21.26 30.99
CA VAL B 94 4.35 21.46 30.18
C VAL B 94 5.35 20.39 30.58
N PHE B 95 5.66 19.48 29.66
CA PHE B 95 6.75 18.53 29.86
C PHE B 95 8.06 19.15 29.40
N VAL B 96 9.10 19.02 30.22
CA VAL B 96 10.44 19.48 29.86
C VAL B 96 11.33 18.25 29.85
N THR B 97 11.86 17.88 28.67
CA THR B 97 12.66 16.67 28.57
C THR B 97 14.12 16.94 28.20
N VAL B 98 14.53 18.20 28.12
CA VAL B 98 15.94 18.53 27.96
C VAL B 98 16.67 18.38 29.29
N ASP B 99 17.99 18.23 29.24
CA ASP B 99 18.70 17.98 30.49
C ASP B 99 18.89 19.27 31.28
N LYS B 100 19.40 19.12 32.51
CA LYS B 100 19.57 20.27 33.40
C LYS B 100 20.62 21.25 32.89
N SER B 101 21.50 20.83 32.01
CA SER B 101 22.43 21.77 31.42
C SER B 101 21.80 22.57 30.28
N VAL B 102 20.63 22.16 29.78
CA VAL B 102 19.90 23.03 28.87
C VAL B 102 19.07 24.03 29.65
N VAL B 103 18.37 23.57 30.69
CA VAL B 103 17.65 24.48 31.57
C VAL B 103 17.65 23.86 32.96
N SER B 104 18.13 24.62 33.93
CA SER B 104 18.41 24.09 35.25
C SER B 104 17.11 23.82 36.02
N THR B 105 17.26 23.11 37.14
CA THR B 105 16.13 22.91 38.04
C THR B 105 15.61 24.25 38.55
N GLN B 106 16.52 25.14 38.95
CA GLN B 106 16.09 26.38 39.59
C GLN B 106 15.43 27.32 38.59
N VAL B 107 15.95 27.39 37.37
CA VAL B 107 15.33 28.24 36.36
C VAL B 107 13.93 27.74 36.04
N MET B 108 13.79 26.43 35.85
CA MET B 108 12.49 25.87 35.49
C MET B 108 11.49 26.02 36.63
N LYS B 109 11.96 25.86 37.87
CA LYS B 109 11.09 26.07 39.03
C LYS B 109 10.61 27.51 39.10
N SER B 110 11.51 28.46 38.84
CA SER B 110 11.15 29.87 38.87
C SER B 110 10.11 30.20 37.80
N ILE B 111 10.27 29.66 36.58
CA ILE B 111 9.28 29.89 35.52
C ILE B 111 7.96 29.26 35.91
N ALA B 112 8.00 28.03 36.42
CA ALA B 112 6.77 27.35 36.81
C ALA B 112 5.98 28.17 37.81
N TRP B 113 6.63 28.60 38.88
CA TRP B 113 5.91 29.34 39.91
C TRP B 113 5.55 30.76 39.45
N ALA B 114 6.33 31.36 38.55
CA ALA B 114 5.90 32.63 37.98
C ALA B 114 4.59 32.50 37.21
N PHE B 115 4.24 31.30 36.74
CA PHE B 115 2.95 31.04 36.11
C PHE B 115 1.99 30.26 37.01
N ARG B 116 2.17 30.36 38.33
CA ARG B 116 1.26 29.79 39.32
C ARG B 116 1.18 28.27 39.19
N GLY B 117 2.26 27.64 38.79
CA GLY B 117 2.23 26.23 38.47
C GLY B 117 2.74 25.33 39.57
N SER B 118 2.33 24.07 39.49
CA SER B 118 3.03 22.98 40.16
C SER B 118 4.38 22.78 39.47
N PHE B 119 5.39 22.38 40.25
CA PHE B 119 6.70 22.03 39.69
C PHE B 119 7.13 20.63 40.11
N VAL B 120 7.45 19.78 39.13
CA VAL B 120 7.95 18.42 39.36
C VAL B 120 9.29 18.28 38.64
N GLU B 121 10.35 17.92 39.39
CA GLU B 121 11.67 17.62 38.81
C GLU B 121 12.01 16.14 39.00
N LEU B 122 11.97 15.37 37.91
CA LEU B 122 12.31 13.95 37.97
C LEU B 122 13.31 13.57 36.89
N ARG B 123 14.15 14.52 36.48
CA ARG B 123 14.90 14.36 35.24
C ARG B 123 15.98 13.28 35.28
N ASN B 124 16.50 12.88 36.43
CA ASN B 124 17.53 11.85 36.33
C ASN B 124 17.04 10.47 36.73
N GLN B 125 15.73 10.28 36.85
CA GLN B 125 15.15 8.97 37.11
C GLN B 125 15.16 8.13 35.82
N SER B 126 15.29 6.82 35.99
CA SER B 126 15.25 5.95 34.83
C SER B 126 13.81 5.72 34.37
N VAL B 127 13.66 5.14 33.17
CA VAL B 127 12.36 5.09 32.51
C VAL B 127 11.32 4.32 33.33
N ASP B 128 11.75 3.36 34.15
CA ASP B 128 10.78 2.62 34.95
C ASP B 128 11.00 2.84 36.45
N SER B 129 11.64 3.95 36.82
CA SER B 129 11.54 4.41 38.19
C SER B 129 10.08 4.43 38.63
N SER B 130 9.80 3.83 39.78
CA SER B 130 8.44 3.77 40.26
C SER B 130 7.94 5.14 40.72
N THR B 131 8.85 6.00 41.20
CA THR B 131 8.46 7.37 41.53
C THR B 131 8.03 8.13 40.27
N LEU B 132 8.79 7.98 39.19
CA LEU B 132 8.46 8.65 37.94
C LEU B 132 7.14 8.14 37.36
N VAL B 133 7.02 6.82 37.22
CA VAL B 133 5.81 6.25 36.63
C VAL B 133 4.59 6.60 37.46
N SER B 134 4.72 6.59 38.78
CA SER B 134 3.58 6.92 39.61
C SER B 134 3.18 8.39 39.45
N LYS B 135 4.16 9.30 39.41
CA LYS B 135 3.81 10.72 39.29
C LYS B 135 3.21 11.02 37.92
N LEU B 136 3.56 10.24 36.89
CA LEU B 136 2.94 10.41 35.58
C LEU B 136 1.50 9.88 35.57
N GLU B 137 1.25 8.72 36.20
CA GLU B 137 -0.13 8.22 36.26
C GLU B 137 -1.01 9.09 37.13
N ASN B 138 -0.46 9.69 38.20
CA ASN B 138 -1.17 10.71 38.97
C ASN B 138 -1.69 11.84 38.10
N LEU B 139 -0.95 12.21 37.06
CA LEU B 139 -1.45 13.21 36.11
C LEU B 139 -2.75 12.73 35.45
N VAL B 140 -2.76 11.50 34.95
CA VAL B 140 -3.98 11.01 34.29
C VAL B 140 -5.11 10.84 35.30
N SER B 141 -4.79 10.27 36.46
CA SER B 141 -5.82 9.94 37.44
C SER B 141 -6.51 11.18 37.98
N PHE B 142 -5.75 12.24 38.25
CA PHE B 142 -6.31 13.38 38.96
C PHE B 142 -6.80 14.52 38.07
N ALA B 143 -6.46 14.51 36.77
CA ALA B 143 -6.80 15.63 35.90
C ALA B 143 -8.31 15.88 35.94
N PRO B 144 -8.75 17.15 36.00
CA PRO B 144 -7.94 18.37 35.86
C PRO B 144 -7.13 18.79 37.11
N LEU B 145 -7.33 18.09 38.23
CA LEU B 145 -6.54 18.41 39.41
C LEU B 145 -5.18 17.72 39.33
N TYR B 146 -4.32 18.01 40.30
CA TYR B 146 -3.05 17.29 40.47
C TYR B 146 -2.62 17.39 41.94
N ASN B 147 -1.93 16.37 42.42
CA ASN B 147 -1.63 16.24 43.85
C ASN B 147 -0.30 16.86 44.27
N VAL B 148 0.44 17.48 43.36
CA VAL B 148 1.63 18.26 43.70
C VAL B 148 1.18 19.72 43.80
N PRO B 149 1.43 20.39 44.92
CA PRO B 149 0.92 21.76 45.07
C PRO B 149 1.51 22.75 44.08
N LYS B 150 0.83 23.89 43.93
CA LYS B 150 1.31 25.00 43.13
C LYS B 150 2.20 25.90 44.00
N CYS B 151 3.33 26.35 43.44
CA CYS B 151 4.17 27.35 44.09
C CYS B 151 4.70 26.88 45.45
N GLY B 152 5.06 25.60 45.54
CA GLY B 152 5.71 25.05 46.71
C GLY B 152 5.64 23.54 46.69
N PRO B 153 6.69 22.86 47.17
CA PRO B 153 6.72 21.39 47.07
C PRO B 153 5.84 20.71 48.08
N ASP B 154 5.53 21.36 49.19
CA ASP B 154 4.93 20.67 50.32
C ASP B 154 3.54 21.21 50.61
N TYR B 155 2.78 20.40 51.32
CA TYR B 155 1.42 20.74 51.69
C TYR B 155 1.09 19.99 52.96
N TYR B 156 0.55 20.70 53.95
CA TYR B 156 0.18 20.11 55.22
C TYR B 156 -1.23 20.49 55.65
N GLY B 157 -2.14 20.69 54.69
CA GLY B 157 -3.52 20.93 54.99
C GLY B 157 -4.35 19.64 55.00
N PRO B 158 -5.66 19.78 55.15
CA PRO B 158 -6.52 18.60 55.30
C PRO B 158 -6.86 17.86 54.00
N THR B 159 -6.46 18.37 52.82
CA THR B 159 -6.80 17.69 51.59
C THR B 159 -5.89 16.47 51.40
N VAL B 160 -6.48 15.32 51.09
CA VAL B 160 -5.75 14.08 50.90
C VAL B 160 -6.16 13.51 49.55
N TYR B 161 -5.26 13.57 48.56
CA TYR B 161 -5.66 13.29 47.20
C TYR B 161 -6.00 11.82 46.99
N SER B 162 -5.34 10.91 47.72
CA SER B 162 -5.66 9.49 47.56
C SER B 162 -7.13 9.20 47.91
N GLU B 163 -7.75 10.02 48.78
CA GLU B 163 -9.16 9.81 49.12
C GLU B 163 -10.11 10.08 47.95
N LEU B 164 -9.65 10.78 46.91
CA LEU B 164 -10.47 10.93 45.71
C LEU B 164 -10.63 9.63 44.93
N LEU B 165 -9.71 8.68 45.11
CA LEU B 165 -9.74 7.43 44.36
C LEU B 165 -10.35 6.29 45.15
N SER B 166 -10.92 6.56 46.32
CA SER B 166 -11.35 5.53 47.25
C SER B 166 -12.88 5.47 47.29
N LEU B 167 -13.43 4.28 47.02
CA LEU B 167 -14.86 4.07 47.17
C LEU B 167 -15.30 4.24 48.63
N ALA B 168 -14.42 3.88 49.58
CA ALA B 168 -14.81 3.85 50.99
C ALA B 168 -15.19 5.25 51.50
N THR B 169 -14.41 6.26 51.13
CA THR B 169 -14.71 7.64 51.47
C THR B 169 -15.69 8.30 50.51
N ASN B 170 -16.34 7.54 49.64
CA ASN B 170 -17.22 8.10 48.61
C ASN B 170 -16.44 9.00 47.63
N ALA B 171 -15.14 8.76 47.52
CA ALA B 171 -14.29 9.43 46.53
C ALA B 171 -14.32 10.95 46.68
N ARG B 172 -14.25 11.43 47.92
CA ARG B 172 -14.22 12.86 48.20
C ARG B 172 -13.14 13.12 49.25
N THR B 173 -12.69 14.38 49.34
CA THR B 173 -11.73 14.77 50.34
C THR B 173 -12.05 16.18 50.82
N HIS B 174 -11.36 16.59 51.89
CA HIS B 174 -11.50 17.92 52.46
C HIS B 174 -10.93 18.98 51.52
N TRP B 175 -11.50 20.18 51.58
CA TRP B 175 -11.12 21.28 50.68
C TRP B 175 -11.39 22.59 51.44
N TYR B 176 -10.33 23.20 51.97
CA TYR B 176 -10.46 24.43 52.75
C TYR B 176 -9.62 25.52 52.08
N ALA B 177 -10.14 26.07 51.00
CA ALA B 177 -9.35 26.91 50.10
C ALA B 177 -8.77 28.13 50.81
N THR B 178 -9.62 28.84 51.55
CA THR B 178 -9.17 30.09 52.17
C THR B 178 -8.15 29.82 53.26
N ILE B 179 -8.38 28.78 54.08
CA ILE B 179 -7.41 28.42 55.11
C ILE B 179 -6.08 28.06 54.48
N ASP B 180 -6.11 27.24 53.43
CA ASP B 180 -4.89 26.80 52.77
C ASP B 180 -4.18 27.95 52.07
N TYR B 181 -4.93 28.85 51.43
CA TYR B 181 -4.25 29.97 50.77
C TYR B 181 -3.68 30.93 51.80
N SER B 182 -4.31 31.04 52.98
CA SER B 182 -3.74 31.86 54.04
C SER B 182 -2.44 31.27 54.57
N MET B 183 -2.40 29.95 54.74
CA MET B 183 -1.16 29.31 55.17
C MET B 183 -0.08 29.42 54.10
N PHE B 184 -0.46 29.28 52.84
CA PHE B 184 0.47 29.55 51.75
C PHE B 184 0.98 30.99 51.82
N THR B 185 0.09 31.93 52.09
CA THR B 185 0.47 33.34 52.14
C THR B 185 1.49 33.60 53.26
N ARG B 186 1.22 33.11 54.47
CA ARG B 186 2.18 33.27 55.56
C ARG B 186 3.54 32.68 55.17
N SER B 187 3.53 31.52 54.55
CA SER B 187 4.76 30.84 54.19
C SER B 187 5.56 31.64 53.16
N VAL B 188 4.87 32.27 52.20
CA VAL B 188 5.56 33.04 51.16
C VAL B 188 6.16 34.32 51.73
N LEU B 189 5.39 35.03 52.57
CA LEU B 189 5.90 36.21 53.25
C LEU B 189 7.18 35.90 54.00
N THR B 190 7.21 34.74 54.68
CA THR B 190 8.43 34.30 55.36
C THR B 190 9.55 34.04 54.35
N GLY B 191 9.22 33.34 53.26
CA GLY B 191 10.22 33.05 52.25
C GLY B 191 10.78 34.31 51.63
N PHE B 192 9.94 35.34 51.48
CA PHE B 192 10.42 36.60 50.92
C PHE B 192 11.41 37.26 51.88
N VAL B 193 11.11 37.25 53.17
CA VAL B 193 12.07 37.74 54.16
C VAL B 193 13.38 36.94 54.07
N ALA B 194 13.29 35.63 53.82
CA ALA B 194 14.49 34.82 53.67
C ALA B 194 15.26 35.19 52.41
N LYS B 195 14.56 35.52 51.33
CA LYS B 195 15.26 35.98 50.13
C LYS B 195 15.92 37.32 50.38
N TYR B 196 15.23 38.20 51.10
CA TYR B 196 15.77 39.52 51.41
C TYR B 196 17.03 39.42 52.26
N PHE B 197 17.01 38.57 53.30
CA PHE B 197 18.22 38.35 54.08
C PHE B 197 19.36 37.85 53.21
N ASN B 198 19.07 36.93 52.29
CA ASN B 198 20.08 36.46 51.36
C ASN B 198 20.65 37.62 50.54
N GLU B 199 19.77 38.41 49.93
CA GLU B 199 20.22 39.41 48.97
C GLU B 199 20.94 40.57 49.65
N GLU B 200 20.62 40.84 50.90
CA GLU B 200 21.24 41.90 51.67
C GLU B 200 22.47 41.43 52.43
N ALA B 201 22.89 40.18 52.22
CA ALA B 201 24.02 39.59 52.93
C ALA B 201 23.89 39.80 54.45
N VAL B 202 22.68 39.65 54.95
CA VAL B 202 22.47 39.85 56.39
C VAL B 202 23.20 38.75 57.15
N PRO B 203 23.94 39.08 58.22
CA PRO B 203 24.66 38.03 58.95
C PRO B 203 23.70 37.03 59.58
N ILE B 204 24.14 35.76 59.63
CA ILE B 204 23.26 34.66 60.03
C ILE B 204 22.68 34.89 61.42
N ASP B 205 23.51 35.38 62.36
CA ASP B 205 23.04 35.62 63.72
C ASP B 205 22.00 36.74 63.79
N LYS B 206 21.71 37.43 62.68
CA LYS B 206 20.77 38.54 62.66
C LYS B 206 19.53 38.25 61.81
N ARG B 207 19.32 37.00 61.40
CA ARG B 207 18.14 36.67 60.60
C ARG B 207 16.96 36.48 61.54
N ILE B 208 16.36 37.60 61.91
CA ILE B 208 15.29 37.65 62.88
C ILE B 208 14.18 38.52 62.30
N VAL B 209 12.95 38.03 62.34
CA VAL B 209 11.80 38.77 61.82
C VAL B 209 10.80 39.01 62.95
N SER B 210 10.21 40.19 62.95
CA SER B 210 9.16 40.53 63.90
C SER B 210 7.81 40.33 63.22
N ILE B 211 7.03 39.38 63.73
CA ILE B 211 5.65 39.20 63.31
C ILE B 211 4.77 40.14 64.15
N VAL B 212 4.14 41.10 63.49
CA VAL B 212 3.23 42.00 64.20
C VAL B 212 1.88 41.29 64.34
N GLY B 213 1.44 41.11 65.59
CA GLY B 213 0.22 40.38 65.87
C GLY B 213 0.52 38.91 66.04
N TYR B 214 -0.05 38.28 67.06
CA TYR B 214 0.29 36.89 67.31
C TYR B 214 -0.39 36.01 66.27
N ASN B 215 0.39 35.10 65.68
CA ASN B 215 0.01 34.26 64.54
C ASN B 215 0.87 33.01 64.54
N PRO B 216 0.35 31.89 65.04
CA PRO B 216 1.21 30.73 65.42
C PRO B 216 2.02 30.14 64.28
N PRO B 217 1.47 29.98 63.06
CA PRO B 217 2.23 29.25 62.03
C PRO B 217 3.57 29.87 61.69
N TYR B 218 3.81 31.13 62.03
CA TYR B 218 5.05 31.78 61.62
C TYR B 218 6.29 31.16 62.26
N VAL B 219 6.15 30.54 63.44
CA VAL B 219 7.28 29.87 64.06
C VAL B 219 7.79 28.75 63.15
N TRP B 220 6.88 27.88 62.70
CA TRP B 220 7.28 26.80 61.80
C TRP B 220 7.79 27.32 60.45
N THR B 221 7.16 28.37 59.90
CA THR B 221 7.65 28.84 58.59
C THR B 221 9.02 29.48 58.72
N CYS B 222 9.25 30.23 59.79
CA CYS B 222 10.57 30.83 60.00
C CYS B 222 11.64 29.76 60.16
N LEU B 223 11.40 28.77 60.99
CA LEU B 223 12.39 27.69 61.15
C LEU B 223 12.50 26.83 59.91
N ARG B 224 11.48 26.82 59.05
CA ARG B 224 11.68 26.15 57.78
C ARG B 224 12.65 26.90 56.90
N HIS B 225 12.96 28.16 57.21
CA HIS B 225 13.86 28.99 56.42
C HIS B 225 15.06 29.51 57.21
N GLY B 226 15.40 28.90 58.34
CA GLY B 226 16.56 29.33 59.10
C GLY B 226 16.45 30.73 59.65
N ILE B 227 15.26 31.12 60.10
CA ILE B 227 15.00 32.47 60.58
C ILE B 227 14.36 32.36 61.95
N ARG B 228 14.70 33.28 62.85
CA ARG B 228 14.10 33.23 64.18
C ARG B 228 12.97 34.25 64.27
N PRO B 229 11.81 33.82 64.75
CA PRO B 229 10.67 34.74 64.84
C PRO B 229 10.52 35.36 66.21
N THR B 230 10.07 36.60 66.26
CA THR B 230 9.57 37.19 67.49
C THR B 230 8.24 37.86 67.19
N TYR B 231 7.30 37.76 68.12
CA TYR B 231 6.03 38.44 67.95
C TYR B 231 6.05 39.79 68.66
N ILE B 232 5.30 40.74 68.12
CA ILE B 232 5.03 42.02 68.76
C ILE B 232 3.52 42.15 68.89
N GLU B 233 3.04 42.33 70.12
CA GLU B 233 1.60 42.41 70.38
C GLU B 233 1.28 43.63 71.23
N LYS B 234 0.19 44.31 70.89
CA LYS B 234 -0.34 45.43 71.65
C LYS B 234 -1.23 44.96 72.81
N SER B 235 -2.11 44.00 72.54
CA SER B 235 -3.01 43.46 73.55
C SER B 235 -2.48 42.11 74.01
N LEU B 236 -2.07 42.02 75.27
CA LEU B 236 -1.65 40.73 75.83
C LEU B 236 -1.88 40.71 77.33
N PRO B 237 -3.11 40.50 77.78
CA PRO B 237 -3.40 40.54 79.23
C PRO B 237 -3.08 39.22 79.91
N ASN B 238 -3.03 39.28 81.25
CA ASN B 238 -2.44 38.21 82.03
C ASN B 238 -3.18 36.89 81.81
N PRO B 239 -2.46 35.77 81.62
CA PRO B 239 -3.13 34.48 81.45
C PRO B 239 -3.60 33.84 82.76
N GLY B 240 -3.26 34.43 83.91
CA GLY B 240 -3.70 33.88 85.19
C GLY B 240 -2.83 32.75 85.69
N GLY B 241 -1.56 33.07 85.97
CA GLY B 241 -0.66 32.10 86.54
C GLY B 241 0.17 32.73 87.64
N LYS B 242 0.89 31.88 88.38
CA LYS B 242 1.77 32.33 89.45
C LYS B 242 3.19 32.41 88.89
N GLY B 243 3.71 33.64 88.83
CA GLY B 243 5.03 33.89 88.32
C GLY B 243 5.13 35.32 87.81
N PRO B 244 6.35 35.86 87.77
CA PRO B 244 6.52 37.23 87.24
C PRO B 244 5.99 37.40 85.82
N PHE B 245 5.88 36.32 85.07
CA PHE B 245 5.21 36.33 83.78
C PHE B 245 3.82 35.70 83.85
N GLY B 246 3.48 35.07 84.96
CA GLY B 246 2.15 34.53 85.16
C GLY B 246 1.81 33.38 84.25
N LEU B 247 2.79 32.54 83.91
CA LEU B 247 2.59 31.49 82.92
C LEU B 247 2.75 30.08 83.48
N ILE B 248 2.75 29.93 84.79
CA ILE B 248 2.67 28.61 85.39
C ILE B 248 1.21 28.32 85.68
N LEU B 249 0.74 27.13 85.27
CA LEU B 249 -0.65 26.71 85.32
C LEU B 249 -1.57 27.85 84.89
N PRO B 250 -1.62 28.18 83.60
CA PRO B 250 -2.55 29.19 83.12
C PRO B 250 -3.85 28.55 82.63
N VAL B 251 -4.91 29.37 82.63
CA VAL B 251 -6.23 28.92 82.24
C VAL B 251 -6.24 28.38 80.81
N LEU B 272 5.07 17.92 68.89
CA LEU B 272 6.43 17.40 68.82
C LEU B 272 7.34 18.37 68.06
N LEU B 273 7.04 18.55 66.77
CA LEU B 273 7.70 19.60 66.01
C LEU B 273 7.46 20.96 66.64
N CYS B 274 6.28 21.14 67.24
CA CYS B 274 5.90 22.43 67.81
C CYS B 274 6.93 22.93 68.82
N LEU B 275 7.24 22.11 69.84
CA LEU B 275 8.09 22.59 70.92
C LEU B 275 9.50 22.88 70.42
N ASP B 276 10.06 22.00 69.60
CA ASP B 276 11.46 22.16 69.21
C ASP B 276 11.68 23.41 68.38
N THR B 277 10.77 23.69 67.42
CA THR B 277 10.89 24.92 66.65
C THR B 277 10.72 26.16 67.53
N PHE B 278 9.88 26.07 68.56
CA PHE B 278 9.83 27.17 69.52
C PHE B 278 11.15 27.29 70.27
N MET B 279 11.68 26.16 70.75
CA MET B 279 12.96 26.20 71.46
C MET B 279 14.06 26.70 70.55
N LEU B 280 14.09 26.22 69.30
CA LEU B 280 15.10 26.68 68.36
C LEU B 280 14.99 28.17 68.10
N SER B 281 13.81 28.76 68.31
CA SER B 281 13.67 30.19 68.14
C SER B 281 14.43 30.98 69.18
N THR B 282 14.79 30.35 70.29
CA THR B 282 15.26 31.04 71.48
C THR B 282 16.77 31.02 71.66
N SER B 283 17.54 30.43 70.73
CA SER B 283 18.99 30.45 70.80
C SER B 283 19.59 29.72 69.60
N MET B 284 20.63 30.32 68.99
CA MET B 284 21.36 29.63 67.94
C MET B 284 22.23 28.50 68.47
N ASN B 285 22.35 28.37 69.80
CA ASN B 285 23.03 27.25 70.43
C ASN B 285 22.00 26.44 71.19
N ILE B 286 21.92 25.14 70.89
CA ILE B 286 20.91 24.26 71.45
C ILE B 286 21.59 23.03 72.04
N LEU B 287 21.19 22.65 73.25
CA LEU B 287 21.62 21.38 73.84
C LEU B 287 20.61 20.28 73.50
N PRO B 293 16.25 10.17 67.90
CA PRO B 293 15.58 10.16 66.60
C PRO B 293 15.44 11.56 65.98
N ALA B 294 14.42 12.32 66.41
CA ALA B 294 14.23 13.72 66.01
C ALA B 294 14.02 13.86 64.51
N THR B 295 13.29 12.91 63.92
CA THR B 295 13.11 12.89 62.47
C THR B 295 12.41 14.15 61.96
N HIS B 296 11.58 14.79 62.81
CA HIS B 296 10.90 16.01 62.39
C HIS B 296 11.87 17.14 62.10
N LEU B 297 13.00 17.21 62.80
CA LEU B 297 13.94 18.30 62.61
C LEU B 297 14.61 18.28 61.23
N LEU B 298 14.45 17.20 60.46
CA LEU B 298 15.21 17.07 59.22
C LEU B 298 14.73 18.05 58.14
N SER B 299 13.45 18.45 58.18
CA SER B 299 12.90 19.38 57.19
C SER B 299 13.17 20.84 57.51
N LEU B 300 13.71 21.14 58.68
CA LEU B 300 13.98 22.54 59.00
C LEU B 300 15.30 22.97 58.36
N GLN B 301 15.48 24.29 58.27
CA GLN B 301 16.76 24.85 57.86
C GLN B 301 17.38 25.52 59.07
N LEU B 302 18.57 25.05 59.47
CA LEU B 302 19.17 25.50 60.71
C LEU B 302 20.63 25.89 60.52
N ASN B 303 20.94 26.50 59.38
CA ASN B 303 22.25 27.07 59.15
C ASN B 303 22.50 28.18 60.18
N GLY B 304 23.62 28.07 60.90
CA GLY B 304 23.95 28.96 62.00
C GLY B 304 23.58 28.43 63.37
N TRP B 305 22.84 27.32 63.43
CA TRP B 305 22.55 26.65 64.68
C TRP B 305 23.63 25.62 65.00
N THR B 306 23.89 25.45 66.30
CA THR B 306 24.83 24.45 66.80
C THR B 306 24.08 23.57 67.79
N ILE B 307 23.96 22.28 67.49
CA ILE B 307 23.18 21.34 68.28
C ILE B 307 24.10 20.33 68.93
N LEU B 308 24.08 20.29 70.26
CA LEU B 308 24.74 19.25 71.05
C LEU B 308 23.67 18.26 71.53
N ALA B 309 23.77 17.02 71.05
CA ALA B 309 22.70 16.03 71.16
C ALA B 309 23.09 14.90 72.09
N PHE B 310 22.18 14.52 73.00
CA PHE B 310 22.58 13.74 74.17
C PHE B 310 22.40 12.23 74.05
N ASP B 311 21.61 11.72 73.09
CA ASP B 311 21.11 10.36 73.32
C ASP B 311 22.15 9.26 73.09
N PRO B 312 21.98 8.13 73.79
CA PRO B 312 22.88 7.00 73.58
C PRO B 312 22.70 6.31 72.24
N LYS B 313 21.50 6.34 71.66
CA LYS B 313 21.23 5.71 70.38
C LYS B 313 21.99 6.35 69.23
N ILE B 314 22.57 7.54 69.46
CA ILE B 314 23.22 8.28 68.40
C ILE B 314 24.29 7.43 67.73
N THR B 315 24.25 7.39 66.40
CA THR B 315 25.21 6.70 65.57
C THR B 315 25.98 7.75 64.77
N SER B 316 27.12 7.36 64.19
CA SER B 316 27.91 8.29 63.39
C SER B 316 27.12 8.78 62.18
N ASP B 317 26.32 7.90 61.56
CA ASP B 317 25.56 8.28 60.38
C ASP B 317 24.44 9.27 60.72
N TRP B 318 23.76 9.05 61.85
CA TRP B 318 22.68 9.95 62.25
C TRP B 318 23.17 11.38 62.42
N THR B 319 24.36 11.56 62.99
CA THR B 319 24.91 12.90 63.12
C THR B 319 25.25 13.50 61.76
N ASP B 320 25.85 12.70 60.88
CA ASP B 320 26.02 13.14 59.50
C ASP B 320 24.70 13.53 58.88
N ALA B 321 23.69 12.65 58.97
CA ALA B 321 22.38 12.92 58.39
C ALA B 321 21.78 14.20 58.94
N MET B 322 21.83 14.40 60.26
CA MET B 322 21.31 15.63 60.85
C MET B 322 22.05 16.85 60.36
N ALA B 323 23.38 16.77 60.28
CA ALA B 323 24.18 17.94 59.91
C ALA B 323 23.85 18.39 58.49
N LYS B 324 23.88 17.47 57.52
CA LYS B 324 23.75 17.90 56.14
C LYS B 324 22.28 18.19 55.79
N ALA B 325 21.34 17.43 56.34
CA ALA B 325 19.93 17.71 56.08
C ALA B 325 19.58 19.13 56.49
N THR B 326 19.89 19.50 57.73
CA THR B 326 19.48 20.79 58.28
C THR B 326 20.53 21.88 58.17
N GLY B 327 21.77 21.54 57.80
CA GLY B 327 22.82 22.54 57.72
C GLY B 327 23.36 23.02 59.04
N ALA B 328 22.96 22.39 60.15
CA ALA B 328 23.39 22.78 61.49
C ALA B 328 24.73 22.14 61.84
N LYS B 329 25.49 22.83 62.67
CA LYS B 329 26.68 22.23 63.28
C LYS B 329 26.21 21.33 64.42
N VAL B 330 26.26 20.02 64.22
CA VAL B 330 25.73 19.07 65.18
C VAL B 330 26.83 18.08 65.58
N ILE B 331 26.91 17.80 66.88
CA ILE B 331 27.80 16.79 67.44
C ILE B 331 26.98 15.85 68.30
N GLY B 332 27.01 14.57 67.96
CA GLY B 332 26.30 13.54 68.72
C GLY B 332 27.24 12.90 69.72
N VAL B 333 26.80 12.90 70.99
CA VAL B 333 27.67 12.38 72.04
C VAL B 333 27.70 10.85 72.03
N SER B 334 26.61 10.20 71.61
CA SER B 334 26.48 8.74 71.60
C SER B 334 26.66 8.15 72.99
N LYS B 335 26.25 8.90 74.02
CA LYS B 335 26.46 8.51 75.41
C LYS B 335 25.28 8.91 76.30
N GLU B 336 25.57 9.32 77.53
CA GLU B 336 24.51 9.68 78.47
C GLU B 336 24.85 11.00 79.18
N LEU B 349 30.47 20.40 77.25
CA LEU B 349 29.36 21.32 77.48
C LEU B 349 29.87 22.77 77.60
N ASN B 350 31.13 22.99 77.28
CA ASN B 350 31.61 24.37 77.21
C ASN B 350 32.10 24.68 75.80
N MET B 351 31.29 24.28 74.81
CA MET B 351 31.30 24.95 73.52
C MET B 351 30.72 26.35 73.61
N PHE B 352 29.92 26.61 74.65
CA PHE B 352 29.02 27.75 74.73
C PHE B 352 29.50 28.78 75.75
N GLN B 353 30.76 28.72 76.18
CA GLN B 353 31.28 29.71 77.11
C GLN B 353 31.26 31.10 76.50
N ASN B 354 31.38 31.21 75.18
CA ASN B 354 31.34 32.51 74.52
C ASN B 354 29.92 33.03 74.36
N SER B 355 28.92 32.14 74.35
CA SER B 355 27.64 32.41 73.70
C SER B 355 26.46 32.34 74.66
N LYS B 356 25.26 32.43 74.07
CA LYS B 356 23.98 32.13 74.69
C LYS B 356 23.62 30.67 74.43
N LEU B 357 22.73 30.12 75.25
CA LEU B 357 22.40 28.71 75.11
C LEU B 357 20.98 28.44 75.58
N SER B 358 20.32 27.50 74.91
CA SER B 358 19.03 26.95 75.32
C SER B 358 19.13 25.44 75.22
N VAL B 359 18.34 24.75 76.03
CA VAL B 359 18.49 23.31 76.17
C VAL B 359 17.13 22.63 76.07
N ILE B 360 17.11 21.45 75.46
CA ILE B 360 15.89 20.69 75.20
C ILE B 360 16.06 19.30 75.81
N ASP B 361 15.08 18.90 76.63
CA ASP B 361 15.15 17.61 77.34
C ASP B 361 14.78 16.43 76.44
N LEU B 383 23.16 25.89 87.47
CA LEU B 383 22.18 25.34 86.54
C LEU B 383 21.90 26.33 85.40
N ILE B 384 21.17 27.41 85.68
CA ILE B 384 20.75 28.36 84.66
C ILE B 384 21.52 29.69 84.75
N ASP B 385 21.64 30.28 85.94
CA ASP B 385 22.28 31.59 86.03
C ASP B 385 23.78 31.48 86.29
N ARG B 386 24.44 30.68 85.45
CA ARG B 386 25.89 30.71 85.40
C ARG B 386 26.38 32.08 84.89
N THR B 387 27.62 32.41 85.24
CA THR B 387 28.24 33.64 84.75
C THR B 387 29.00 33.43 83.45
N SER B 388 29.36 32.19 83.13
CA SER B 388 30.06 31.89 81.89
C SER B 388 29.09 31.77 80.71
N ILE B 389 28.02 31.00 80.89
CA ILE B 389 27.02 30.75 79.86
C ILE B 389 25.77 31.56 80.19
N ASP B 390 25.20 32.21 79.16
CA ASP B 390 23.91 32.90 79.30
C ASP B 390 22.81 31.93 78.86
N VAL B 391 22.41 31.07 79.80
CA VAL B 391 21.37 30.09 79.54
C VAL B 391 20.05 30.84 79.32
N ARG B 392 19.55 30.80 78.07
CA ARG B 392 18.36 31.56 77.69
C ARG B 392 17.07 30.90 78.20
N LEU B 393 16.93 29.59 77.98
CA LEU B 393 15.69 28.90 78.31
C LEU B 393 15.94 27.40 78.37
N ILE B 394 15.29 26.74 79.32
CA ILE B 394 15.41 25.31 79.55
C ILE B 394 14.00 24.72 79.57
N SER B 395 13.80 23.62 78.84
CA SER B 395 12.51 22.92 78.89
C SER B 395 12.69 21.47 79.35
N VAL B 406 10.73 24.41 93.57
CA VAL B 406 11.46 24.77 92.35
C VAL B 406 11.78 26.26 92.36
N SER B 407 13.00 26.60 91.94
CA SER B 407 13.47 27.98 91.93
C SER B 407 13.69 28.45 90.49
N HIS B 408 13.42 29.74 90.26
CA HIS B 408 13.65 30.39 88.97
C HIS B 408 12.85 29.71 87.85
N LEU B 409 11.55 29.52 88.09
CA LEU B 409 10.67 28.83 87.17
C LEU B 409 9.77 29.85 86.49
N LEU B 410 9.75 29.82 85.15
CA LEU B 410 8.99 30.77 84.33
C LEU B 410 7.66 30.22 83.85
N ALA B 411 7.61 28.96 83.41
CA ALA B 411 6.37 28.42 82.86
C ALA B 411 6.30 26.90 83.04
N LEU B 412 5.07 26.40 83.18
CA LEU B 412 4.74 24.98 83.23
C LEU B 412 3.45 24.81 82.45
N LEU B 413 3.53 24.18 81.27
CA LEU B 413 2.43 24.18 80.32
C LEU B 413 2.10 22.77 79.85
N PRO B 414 0.89 22.57 79.27
CA PRO B 414 0.53 21.32 78.60
C PRO B 414 1.08 21.21 77.18
N MET B 424 3.80 16.68 80.71
CA MET B 424 3.84 18.14 80.78
C MET B 424 5.25 18.66 80.53
N ARG B 425 5.45 19.98 80.64
CA ARG B 425 6.76 20.56 80.33
C ARG B 425 7.03 21.81 81.17
N ALA B 426 8.27 21.91 81.65
CA ALA B 426 8.75 22.97 82.51
C ALA B 426 9.69 23.91 81.77
N PHE B 427 9.64 25.19 82.15
CA PHE B 427 10.51 26.18 81.53
C PHE B 427 11.18 27.00 82.63
N PHE B 428 12.51 26.99 82.65
CA PHE B 428 13.31 27.72 83.63
C PHE B 428 13.91 28.97 83.00
N HIS B 429 13.81 30.09 83.71
CA HIS B 429 14.33 31.36 83.24
C HIS B 429 14.89 32.14 84.41
N LYS B 430 15.97 32.89 84.15
CA LYS B 430 16.51 33.80 85.17
C LYS B 430 15.40 34.61 85.81
N LYS B 431 14.47 35.11 85.00
CA LYS B 431 13.43 36.03 85.43
C LYS B 431 12.16 35.33 85.87
N GLY B 432 12.22 34.02 86.12
CA GLY B 432 11.08 33.28 86.63
C GLY B 432 11.15 33.08 88.13
N SER B 454 -11.30 19.12 75.23
CA SER B 454 -11.45 19.45 73.81
C SER B 454 -10.10 19.51 73.11
N VAL B 455 -10.04 18.99 71.89
CA VAL B 455 -8.76 18.89 71.18
C VAL B 455 -8.42 20.16 70.41
N SER B 456 -9.43 20.89 69.93
CA SER B 456 -9.15 22.14 69.21
C SER B 456 -8.63 23.21 70.16
N ASP B 457 -9.13 23.24 71.39
CA ASP B 457 -8.68 24.21 72.38
C ASP B 457 -7.38 23.81 73.05
N GLN B 458 -7.01 22.53 72.98
CA GLN B 458 -5.70 22.11 73.47
C GLN B 458 -4.59 22.65 72.57
N ILE B 459 -4.84 22.72 71.27
CA ILE B 459 -3.83 23.23 70.35
C ILE B 459 -3.62 24.72 70.56
N ASN B 460 -4.69 25.46 70.88
CA ASN B 460 -4.56 26.89 71.12
C ASN B 460 -3.76 27.22 72.38
N THR B 461 -3.31 26.22 73.13
CA THR B 461 -2.45 26.48 74.28
C THR B 461 -1.04 26.86 73.88
N GLN B 462 -0.65 26.59 72.62
CA GLN B 462 0.64 27.07 72.14
C GLN B 462 0.79 28.59 72.30
N LYS B 463 -0.34 29.30 72.46
CA LYS B 463 -0.28 30.70 72.82
C LYS B 463 0.55 30.92 74.07
N PHE B 464 0.59 29.93 74.96
CA PHE B 464 1.34 30.10 76.21
C PHE B 464 2.84 29.95 75.99
N MET B 465 3.26 29.05 75.10
CA MET B 465 4.67 28.99 74.73
C MET B 465 5.11 30.26 74.03
N HIS B 466 4.32 30.74 73.08
CA HIS B 466 4.75 31.85 72.24
C HIS B 466 4.81 33.16 72.98
N CYS B 467 4.16 33.25 74.15
CA CYS B 467 4.29 34.43 75.00
C CYS B 467 5.75 34.74 75.33
N MET B 468 6.60 33.71 75.39
CA MET B 468 8.00 33.88 75.77
C MET B 468 8.86 34.39 74.63
N ILE B 469 8.36 34.36 73.40
CA ILE B 469 9.07 35.00 72.29
C ILE B 469 8.22 36.15 71.78
N THR B 470 7.40 36.74 72.66
CA THR B 470 6.51 37.84 72.31
C THR B 470 6.91 39.08 73.10
N THR B 471 7.17 40.17 72.38
CA THR B 471 7.38 41.49 72.96
C THR B 471 6.09 42.28 72.92
N VAL B 472 5.76 42.95 74.01
CA VAL B 472 4.54 43.74 74.06
C VAL B 472 4.87 45.18 73.71
N GLY B 473 4.06 45.78 72.85
CA GLY B 473 4.24 47.16 72.45
C GLY B 473 3.51 47.50 71.17
N ASP B 474 3.45 48.80 70.90
CA ASP B 474 2.83 49.33 69.70
C ASP B 474 3.85 49.27 68.56
N ALA B 475 3.52 48.49 67.52
CA ALA B 475 4.45 48.28 66.43
C ALA B 475 4.73 49.58 65.68
N LEU B 476 3.77 50.52 65.69
CA LEU B 476 3.95 51.81 65.02
C LEU B 476 5.04 52.67 65.66
N LYS B 477 5.54 52.30 66.84
CA LYS B 477 6.60 53.03 67.50
C LYS B 477 7.88 52.23 67.61
N MET B 478 7.93 51.04 66.99
CA MET B 478 9.11 50.20 67.09
C MET B 478 10.32 50.89 66.45
N ASP B 479 11.49 50.39 66.80
CA ASP B 479 12.75 50.82 66.20
C ASP B 479 12.92 50.21 64.82
N LEU B 480 13.21 51.06 63.83
CA LEU B 480 13.34 50.62 62.45
C LEU B 480 14.79 50.56 61.97
N ASP B 481 15.75 50.78 62.85
CA ASP B 481 17.14 50.75 62.42
C ASP B 481 17.55 49.37 61.97
N GLY B 482 18.62 49.32 61.18
CA GLY B 482 19.28 48.07 60.88
C GLY B 482 18.73 47.33 59.68
N GLY B 483 17.83 47.93 58.91
CA GLY B 483 17.16 47.15 57.89
C GLY B 483 16.34 46.03 58.50
N ARG B 484 15.64 46.34 59.59
CA ARG B 484 14.91 45.33 60.34
C ARG B 484 13.76 44.77 59.51
N ALA B 485 13.65 43.44 59.48
CA ALA B 485 12.57 42.79 58.76
C ALA B 485 11.37 42.59 59.66
N VAL B 486 10.19 43.01 59.18
CA VAL B 486 8.94 42.95 59.91
C VAL B 486 7.83 42.51 58.97
N ILE B 487 6.99 41.60 59.42
CA ILE B 487 5.83 41.15 58.66
C ILE B 487 4.60 41.68 59.38
N ALA B 488 4.01 42.75 58.84
CA ALA B 488 2.76 43.31 59.34
C ALA B 488 1.60 42.72 58.54
N SER B 489 1.36 41.42 58.77
CA SER B 489 0.37 40.65 58.05
C SER B 489 -0.97 40.78 58.75
N TYR B 490 -1.88 41.60 58.20
CA TYR B 490 -3.26 41.70 58.68
C TYR B 490 -3.33 42.27 60.10
N SER B 491 -2.38 43.12 60.48
CA SER B 491 -2.31 43.63 61.84
C SER B 491 -2.44 45.14 61.88
N LEU B 492 -1.52 45.87 61.26
CA LEU B 492 -1.55 47.32 61.25
C LEU B 492 -2.76 47.89 60.50
N SER B 493 -3.42 47.08 59.67
CA SER B 493 -4.63 47.53 59.00
C SER B 493 -5.84 47.60 59.94
N ASN B 494 -5.77 46.95 61.11
CA ASN B 494 -6.88 46.99 62.05
C ASN B 494 -7.17 48.43 62.46
N SER B 495 -8.46 48.73 62.62
CA SER B 495 -8.93 50.11 62.77
C SER B 495 -8.47 50.78 64.06
N SER B 496 -7.90 50.04 65.01
CA SER B 496 -7.29 50.68 66.17
C SER B 496 -6.10 51.53 65.75
N ASN B 497 -5.33 51.07 64.77
CA ASN B 497 -4.29 51.91 64.18
C ASN B 497 -4.93 52.81 63.13
N SER B 498 -4.72 54.12 63.26
CA SER B 498 -5.30 55.05 62.33
C SER B 498 -4.47 55.12 61.05
N LYS B 499 -5.13 55.46 59.94
CA LYS B 499 -4.47 55.46 58.63
C LYS B 499 -3.31 56.43 58.59
N GLU B 500 -3.51 57.64 59.12
CA GLU B 500 -2.45 58.65 59.13
C GLU B 500 -1.20 58.14 59.82
N ARG B 501 -1.37 57.48 60.98
CA ARG B 501 -0.21 56.98 61.73
C ARG B 501 0.45 55.79 61.02
N VAL B 502 -0.37 54.88 60.45
CA VAL B 502 0.19 53.75 59.71
C VAL B 502 0.99 54.24 58.50
N LEU B 503 0.39 55.15 57.71
CA LEU B 503 1.08 55.68 56.55
C LEU B 503 2.34 56.46 56.95
N LYS B 504 2.30 57.13 58.10
CA LYS B 504 3.51 57.76 58.61
C LYS B 504 4.56 56.70 58.96
N PHE B 505 4.17 55.69 59.74
CA PHE B 505 5.10 54.63 60.12
C PHE B 505 5.69 53.95 58.89
N LEU B 506 4.84 53.62 57.91
CA LEU B 506 5.36 52.99 56.69
C LEU B 506 6.27 53.95 55.94
N SER B 507 5.86 55.23 55.84
CA SER B 507 6.71 56.24 55.22
C SER B 507 8.10 56.27 55.84
N ASP B 508 8.16 56.22 57.18
CA ASP B 508 9.45 56.29 57.85
C ASP B 508 10.22 54.99 57.77
N ALA B 509 9.52 53.85 57.78
CA ALA B 509 10.22 52.58 57.56
C ALA B 509 10.93 52.57 56.22
N ASN B 510 10.28 53.08 55.16
CA ASN B 510 10.93 53.10 53.85
C ASN B 510 12.12 54.06 53.85
N LYS B 511 11.95 55.26 54.41
CA LYS B 511 13.07 56.18 54.52
C LYS B 511 14.24 55.55 55.28
N ALA B 512 13.94 54.78 56.33
CA ALA B 512 14.98 54.17 57.15
C ALA B 512 15.57 52.91 56.53
N LYS B 513 15.12 52.53 55.33
CA LYS B 513 15.59 51.32 54.65
C LYS B 513 15.25 50.06 55.43
N ALA B 514 14.16 50.10 56.20
CA ALA B 514 13.67 48.92 56.87
C ALA B 514 12.98 47.99 55.86
N MET B 515 12.77 46.74 56.26
CA MET B 515 12.04 45.78 55.43
C MET B 515 10.77 45.43 56.18
N VAL B 516 9.81 46.34 56.13
CA VAL B 516 8.50 46.12 56.74
C VAL B 516 7.55 45.71 55.62
N VAL B 517 7.05 44.48 55.67
CA VAL B 517 6.12 43.96 54.66
C VAL B 517 4.69 44.20 55.16
N PHE B 518 3.89 44.91 54.37
CA PHE B 518 2.59 45.41 54.82
C PHE B 518 1.46 44.80 54.00
N GLY B 519 0.42 44.35 54.69
CA GLY B 519 -0.79 43.87 54.02
C GLY B 519 -2.02 44.57 54.55
N ALA B 520 -3.01 44.74 53.66
CA ALA B 520 -4.24 45.45 54.01
C ALA B 520 -5.32 45.07 53.02
N PRO B 521 -6.58 45.06 53.44
CA PRO B 521 -7.67 44.98 52.48
C PRO B 521 -7.54 46.08 51.43
N ASN B 522 -7.82 45.72 50.17
CA ASN B 522 -7.79 46.69 49.08
C ASN B 522 -9.15 47.35 48.98
N THR B 523 -9.20 48.62 49.38
CA THR B 523 -10.46 49.36 49.46
C THR B 523 -11.32 49.17 48.22
N HIS B 524 -10.76 49.53 47.08
CA HIS B 524 -11.58 49.64 45.89
C HIS B 524 -11.86 48.28 45.26
N ARG B 525 -10.96 47.30 45.42
CA ARG B 525 -11.32 45.92 45.03
C ARG B 525 -12.48 45.41 45.86
N LEU B 526 -12.44 45.63 47.18
CA LEU B 526 -13.52 45.17 48.05
C LEU B 526 -14.82 45.87 47.71
N ALA B 527 -14.77 47.19 47.56
CA ALA B 527 -15.98 47.93 47.21
C ALA B 527 -16.58 47.44 45.89
N TYR B 528 -15.73 47.15 44.90
CA TYR B 528 -16.22 46.63 43.64
C TYR B 528 -16.89 45.27 43.82
N ALA B 529 -16.27 44.37 44.59
CA ALA B 529 -16.84 43.06 44.81
C ALA B 529 -18.24 43.17 45.42
N LYS B 530 -18.44 44.12 46.32
CA LYS B 530 -19.76 44.31 46.89
C LYS B 530 -20.71 44.93 45.88
N LYS B 531 -20.23 45.93 45.12
CA LYS B 531 -21.10 46.66 44.21
C LYS B 531 -21.75 45.73 43.20
N VAL B 532 -20.99 44.77 42.67
CA VAL B 532 -21.54 43.83 41.69
C VAL B 532 -22.29 42.69 42.36
N GLY B 533 -22.21 42.58 43.69
CA GLY B 533 -23.00 41.62 44.41
C GLY B 533 -22.30 40.32 44.73
N LEU B 534 -20.98 40.28 44.59
CA LEU B 534 -20.22 39.09 44.95
C LEU B 534 -20.16 38.92 46.46
N VAL B 535 -19.71 39.96 47.15
CA VAL B 535 -19.62 39.95 48.61
C VAL B 535 -20.91 40.54 49.16
N LEU B 536 -21.60 39.77 49.99
CA LEU B 536 -22.88 40.24 50.53
C LEU B 536 -22.64 41.09 51.77
N ASP B 537 -23.53 42.07 51.97
CA ASP B 537 -23.47 42.91 53.16
C ASP B 537 -23.48 42.08 54.43
N SER B 538 -24.16 40.93 54.42
CA SER B 538 -24.14 40.00 55.54
C SER B 538 -22.71 39.69 55.98
N ALA B 539 -21.83 39.42 55.02
CA ALA B 539 -20.48 38.94 55.33
C ALA B 539 -19.52 40.09 55.64
N ILE B 540 -19.48 41.11 54.79
CA ILE B 540 -18.54 42.22 54.94
C ILE B 540 -19.26 43.52 54.65
N LYS B 541 -19.12 44.49 55.55
CA LYS B 541 -19.69 45.81 55.35
C LYS B 541 -18.57 46.84 55.29
N MET B 542 -18.88 47.98 54.68
CA MET B 542 -17.83 48.95 54.40
C MET B 542 -18.43 50.35 54.36
N SER B 543 -17.83 51.29 55.08
CA SER B 543 -18.23 52.71 55.00
C SER B 543 -16.97 53.53 54.77
N LYS B 544 -16.91 54.16 53.60
CA LYS B 544 -15.63 54.70 53.10
C LYS B 544 -14.56 53.63 53.21
N ASP B 545 -13.49 53.89 53.96
CA ASP B 545 -12.37 52.96 54.06
C ASP B 545 -12.47 52.05 55.28
N LEU B 546 -13.56 52.12 56.06
CA LEU B 546 -13.70 51.32 57.27
C LEU B 546 -14.52 50.07 56.96
N ILE B 547 -13.95 48.90 57.26
CA ILE B 547 -14.52 47.62 56.85
C ILE B 547 -14.88 46.80 58.09
N THR B 548 -16.06 46.19 58.08
CA THR B 548 -16.53 45.30 59.15
C THR B 548 -16.64 43.89 58.60
N PHE B 549 -15.75 42.99 59.06
CA PHE B 549 -15.78 41.59 58.65
C PHE B 549 -16.67 40.82 59.61
N SER B 550 -17.79 40.31 59.11
CA SER B 550 -18.74 39.59 59.95
C SER B 550 -18.72 38.08 59.65
N TRP B 557 -14.55 42.07 63.63
CA TRP B 557 -13.38 42.94 63.64
C TRP B 557 -13.45 43.96 62.50
N ARG B 558 -12.71 45.06 62.66
CA ARG B 558 -12.81 46.18 61.73
C ARG B 558 -11.42 46.63 61.30
N ASP B 559 -11.23 46.71 59.99
CA ASP B 559 -9.98 47.13 59.38
C ASP B 559 -10.21 48.36 58.51
N TYR B 560 -9.15 49.13 58.32
CA TYR B 560 -9.15 50.15 57.29
C TYR B 560 -8.66 49.54 55.99
N GLY B 561 -9.36 49.85 54.90
CA GLY B 561 -8.85 49.52 53.59
C GLY B 561 -7.83 50.54 53.14
N TYR B 562 -6.86 50.07 52.36
CA TYR B 562 -5.83 50.92 51.79
C TYR B 562 -5.82 50.74 50.28
N SER B 563 -5.36 51.78 49.59
CA SER B 563 -5.28 51.81 48.14
C SER B 563 -3.83 52.01 47.71
N GLN B 564 -3.57 51.73 46.43
N GLN B 564 -3.53 51.70 46.45
CA GLN B 564 -2.20 51.68 45.93
CA GLN B 564 -2.12 51.71 46.05
C GLN B 564 -1.57 53.08 45.86
C GLN B 564 -1.57 53.13 46.00
N SER B 565 -2.37 54.11 45.56
CA SER B 565 -1.87 55.47 45.51
C SER B 565 -1.47 55.96 46.90
N GLU B 566 -2.32 55.69 47.91
CA GLU B 566 -1.97 55.97 49.29
C GLU B 566 -0.59 55.42 49.61
N LEU B 567 -0.39 54.12 49.38
CA LEU B 567 0.84 53.48 49.83
C LEU B 567 2.04 53.93 48.99
N TYR B 568 1.82 54.27 47.71
CA TYR B 568 2.94 54.81 46.95
C TYR B 568 3.31 56.20 47.43
N ASP B 569 2.31 57.00 47.84
CA ASP B 569 2.61 58.25 48.53
C ASP B 569 3.41 58.00 49.80
N ALA B 570 3.19 56.86 50.44
CA ALA B 570 3.96 56.49 51.62
C ALA B 570 5.24 55.73 51.31
N GLY B 571 5.65 55.66 50.04
CA GLY B 571 6.87 54.94 49.71
C GLY B 571 6.78 53.43 49.65
N TYR B 572 5.60 52.88 49.37
CA TYR B 572 5.42 51.44 49.29
C TYR B 572 4.87 51.01 47.93
N VAL B 573 5.30 49.83 47.48
CA VAL B 573 4.98 49.27 46.16
C VAL B 573 4.25 47.94 46.33
N GLU B 574 3.08 47.79 45.70
CA GLU B 574 2.40 46.51 45.77
C GLU B 574 3.21 45.44 45.03
N ILE B 575 3.22 44.25 45.59
CA ILE B 575 3.79 43.07 44.98
C ILE B 575 2.82 41.94 45.29
N THR B 576 2.65 41.03 44.33
CA THR B 576 1.69 39.96 44.56
C THR B 576 2.38 38.81 45.27
N ILE B 577 1.55 37.96 45.88
CA ILE B 577 2.03 36.70 46.46
C ILE B 577 2.78 35.88 45.43
N ASP B 578 2.21 35.75 44.22
CA ASP B 578 2.87 35.02 43.14
C ASP B 578 4.26 35.57 42.85
N GLN B 579 4.40 36.90 42.86
CA GLN B 579 5.70 37.50 42.57
C GLN B 579 6.71 37.22 43.68
N MET B 580 6.25 37.28 44.94
CA MET B 580 7.13 37.04 46.08
C MET B 580 7.69 35.62 46.08
N VAL B 581 6.82 34.62 45.84
CA VAL B 581 7.28 33.24 45.91
C VAL B 581 8.18 32.92 44.70
N ALA B 582 7.85 33.46 43.53
CA ALA B 582 8.73 33.23 42.39
C ALA B 582 10.07 33.93 42.59
N TYR B 583 10.03 35.18 43.05
CA TYR B 583 11.25 35.92 43.34
C TYR B 583 12.09 35.15 44.36
N SER B 584 11.44 34.53 45.34
CA SER B 584 12.13 33.78 46.38
C SER B 584 12.27 32.31 46.04
N SER B 585 12.14 31.92 44.77
CA SER B 585 12.05 30.49 44.47
C SER B 585 13.31 29.73 44.88
N ASP B 586 14.48 30.35 44.79
CA ASP B 586 15.68 29.54 45.04
C ASP B 586 15.98 29.37 46.53
N VAL B 587 15.35 30.12 47.43
CA VAL B 587 15.47 29.87 48.87
C VAL B 587 14.17 29.35 49.50
N TYR B 588 13.09 29.20 48.75
CA TYR B 588 11.79 28.91 49.35
C TYR B 588 11.74 27.48 49.89
N ASN B 589 11.17 27.33 51.09
CA ASN B 589 11.05 26.01 51.72
C ASN B 589 9.70 25.84 52.39
N GLY B 590 8.68 26.54 51.90
CA GLY B 590 7.37 26.54 52.50
C GLY B 590 6.41 25.63 51.77
N VAL B 591 5.12 25.92 51.91
CA VAL B 591 4.09 25.11 51.30
C VAL B 591 3.64 25.76 49.98
N GLY B 592 2.94 24.97 49.17
CA GLY B 592 2.17 25.49 48.06
C GLY B 592 0.70 25.56 48.39
N TYR B 593 -0.12 25.65 47.34
CA TYR B 593 -1.56 25.66 47.49
C TYR B 593 -2.17 24.85 46.36
N PHE B 594 -3.48 24.60 46.46
CA PHE B 594 -4.20 23.93 45.38
C PHE B 594 -5.23 24.82 44.71
N ALA B 595 -6.01 25.60 45.46
CA ALA B 595 -6.98 26.51 44.86
C ALA B 595 -6.72 27.94 45.31
N ASN B 596 -7.06 28.89 44.43
CA ASN B 596 -7.11 30.29 44.84
C ASN B 596 -8.37 30.57 45.66
N SER B 597 -8.38 31.70 46.36
CA SER B 597 -9.51 32.02 47.24
C SER B 597 -9.92 33.47 47.08
N THR B 598 -11.23 33.71 46.87
CA THR B 598 -11.71 35.07 46.72
C THR B 598 -11.34 35.93 47.94
N TYR B 599 -11.52 35.39 49.15
CA TYR B 599 -11.24 36.17 50.36
C TYR B 599 -9.81 36.68 50.39
N ASN B 600 -8.84 35.80 50.11
CA ASN B 600 -7.44 36.21 50.13
C ASN B 600 -7.13 37.25 49.06
N ASP B 601 -7.80 37.16 47.91
CA ASP B 601 -7.57 38.09 46.80
C ASP B 601 -8.07 39.49 47.11
N LEU B 602 -8.95 39.64 48.09
CA LEU B 602 -9.39 40.96 48.52
C LEU B 602 -8.27 41.77 49.18
N PHE B 603 -7.15 41.15 49.53
CA PHE B 603 -6.05 41.83 50.23
C PHE B 603 -4.87 42.09 49.30
N SER B 604 -4.16 43.18 49.56
CA SER B 604 -2.98 43.56 48.81
C SER B 604 -1.76 43.59 49.72
N TRP B 605 -0.59 43.28 49.15
CA TRP B 605 0.66 43.25 49.91
C TRP B 605 1.63 44.24 49.31
N TYR B 606 2.37 44.93 50.18
CA TYR B 606 3.25 46.01 49.75
C TYR B 606 4.63 45.89 50.38
N ILE B 607 5.65 46.26 49.63
CA ILE B 607 7.03 46.26 50.09
C ILE B 607 7.58 47.67 49.90
N PRO B 608 8.64 48.05 50.62
CA PRO B 608 9.11 49.43 50.56
C PRO B 608 9.76 49.77 49.23
N LYS B 609 9.55 51.01 48.80
CA LYS B 609 10.04 51.49 47.51
C LYS B 609 11.56 51.35 47.40
N TRP B 610 12.30 51.55 48.50
CA TRP B 610 13.76 51.54 48.39
C TRP B 610 14.28 50.18 47.92
N TYR B 611 13.66 49.09 48.37
CA TYR B 611 14.13 47.77 47.94
C TYR B 611 13.76 47.50 46.50
N VAL B 612 12.59 47.97 46.08
CA VAL B 612 12.18 47.83 44.69
C VAL B 612 13.20 48.48 43.78
N HIS B 613 13.55 49.73 44.08
CA HIS B 613 14.48 50.45 43.22
C HIS B 613 15.87 49.85 43.28
N LYS B 614 16.22 49.21 44.38
CA LYS B 614 17.57 48.67 44.53
C LYS B 614 17.72 47.33 43.83
N ARG B 615 16.72 46.44 43.96
CA ARG B 615 16.91 45.07 43.50
C ARG B 615 15.83 44.54 42.55
N MET B 616 14.78 45.33 42.25
CA MET B 616 13.67 44.78 41.49
C MET B 616 13.37 45.50 40.18
N LEU B 617 14.21 46.46 39.76
CA LEU B 617 13.90 47.18 38.52
C LEU B 617 14.25 46.38 37.27
N MET B 618 15.07 45.35 37.38
CA MET B 618 15.42 44.45 36.27
C MET B 618 14.46 43.28 36.29
N GLN B 619 13.59 43.20 35.28
CA GLN B 619 12.46 42.27 35.29
C GLN B 619 12.84 40.97 34.56
N ASP B 620 13.28 39.97 35.30
CA ASP B 620 13.24 38.63 34.74
C ASP B 620 11.86 38.01 35.01
N ILE B 621 11.67 36.76 34.60
CA ILE B 621 10.31 36.18 34.63
C ILE B 621 9.74 36.17 36.05
N ARG B 622 10.61 36.06 37.07
CA ARG B 622 10.15 35.94 38.46
C ARG B 622 9.36 37.14 38.93
N LEU B 623 9.64 38.33 38.39
CA LEU B 623 8.88 39.53 38.73
C LEU B 623 7.96 39.99 37.59
N SER B 624 7.85 39.22 36.54
CA SER B 624 7.00 39.57 35.42
C SER B 624 5.52 39.51 35.82
N PRO B 625 4.69 40.40 35.28
CA PRO B 625 3.24 40.19 35.38
C PRO B 625 2.70 39.27 34.28
N ALA B 626 3.58 38.48 33.67
CA ALA B 626 3.23 37.63 32.51
C ALA B 626 1.94 36.84 32.73
N ALA B 627 1.72 36.34 33.94
CA ALA B 627 0.58 35.45 34.22
C ALA B 627 -0.71 36.21 34.54
N LEU B 628 -0.69 37.54 34.42
CA LEU B 628 -1.88 38.36 34.55
C LEU B 628 -2.19 39.24 33.34
N VAL B 629 -1.22 39.51 32.46
CA VAL B 629 -1.44 40.56 31.48
C VAL B 629 -2.25 40.09 30.28
N LYS B 630 -2.39 38.78 30.06
CA LYS B 630 -3.17 38.33 28.91
C LYS B 630 -4.41 37.52 29.25
N CYS B 631 -4.53 36.95 30.46
CA CYS B 631 -5.56 35.92 30.60
C CYS B 631 -6.94 36.53 30.79
N PHE B 632 -7.04 37.68 31.47
CA PHE B 632 -8.33 38.37 31.55
C PHE B 632 -8.74 38.90 30.18
N THR B 633 -7.79 39.53 29.47
CA THR B 633 -8.10 40.09 28.15
C THR B 633 -8.61 39.02 27.22
N THR B 634 -7.87 37.91 27.15
CA THR B 634 -8.25 36.82 26.27
C THR B 634 -9.62 36.28 26.62
N LEU B 635 -9.89 36.09 27.92
CA LEU B 635 -11.21 35.62 28.35
C LEU B 635 -12.31 36.56 27.87
N ILE B 636 -12.11 37.88 28.02
CA ILE B 636 -13.16 38.83 27.66
C ILE B 636 -13.36 38.87 26.15
N ARG B 637 -12.28 38.76 25.37
CA ARG B 637 -12.40 38.72 23.91
C ARG B 637 -13.18 37.48 23.47
N ASN B 638 -12.99 36.35 24.16
CA ASN B 638 -13.73 35.14 23.82
C ASN B 638 -15.22 35.33 24.11
N ILE B 639 -15.55 35.84 25.29
CA ILE B 639 -16.95 36.05 25.68
C ILE B 639 -17.63 37.07 24.77
N CYS B 640 -16.94 38.17 24.46
CA CYS B 640 -17.54 39.31 23.79
C CYS B 640 -17.30 39.33 22.28
N TYR B 641 -16.72 38.27 21.72
CA TYR B 641 -16.51 38.17 20.26
C TYR B 641 -15.60 39.26 19.73
N VAL B 642 -14.45 39.45 20.37
CA VAL B 642 -13.48 40.47 19.95
C VAL B 642 -12.35 39.77 19.18
N PRO B 643 -12.29 39.89 17.85
CA PRO B 643 -11.12 39.37 17.13
C PRO B 643 -9.82 39.99 17.58
N HIS B 644 -8.75 39.24 17.33
CA HIS B 644 -7.40 39.69 17.65
C HIS B 644 -7.09 41.07 17.07
N GLU B 645 -7.28 41.25 15.75
CA GLU B 645 -6.92 42.54 15.14
C GLU B 645 -7.85 43.63 15.64
N THR B 646 -9.15 43.32 15.73
CA THR B 646 -10.16 44.28 16.19
C THR B 646 -9.77 44.89 17.54
N TYR B 647 -9.19 44.09 18.43
CA TYR B 647 -8.77 44.61 19.73
C TYR B 647 -7.83 45.80 19.56
N TYR B 648 -6.80 45.66 18.69
CA TYR B 648 -5.91 46.80 18.42
C TYR B 648 -6.58 47.88 17.58
N ARG B 649 -7.62 47.58 16.80
CA ARG B 649 -8.42 48.65 16.21
C ARG B 649 -9.10 49.47 17.28
N PHE B 650 -9.74 48.79 18.26
CA PHE B 650 -10.40 49.48 19.36
C PHE B 650 -9.40 50.33 20.13
N ARG B 651 -8.18 49.82 20.31
CA ARG B 651 -7.14 50.62 20.96
C ARG B 651 -6.90 51.90 20.20
N GLY B 652 -6.83 51.82 18.86
CA GLY B 652 -6.64 53.02 18.07
C GLY B 652 -7.77 54.02 18.23
N ILE B 653 -9.01 53.54 18.27
CA ILE B 653 -10.17 54.40 18.47
C ILE B 653 -10.07 55.13 19.82
N LEU B 654 -9.68 54.41 20.87
CA LEU B 654 -9.65 55.05 22.19
C LEU B 654 -8.61 56.18 22.22
N VAL B 655 -7.46 55.95 21.60
CA VAL B 655 -6.42 56.97 21.53
C VAL B 655 -6.90 58.17 20.73
N ASP B 656 -7.57 57.91 19.59
CA ASP B 656 -8.10 58.99 18.77
C ASP B 656 -9.09 59.85 19.55
N LYS B 657 -10.08 59.21 20.17
CA LYS B 657 -11.03 59.94 21.00
C LYS B 657 -10.32 60.76 22.08
N TYR B 658 -9.21 60.22 22.63
CA TYR B 658 -8.50 60.94 23.69
C TYR B 658 -7.76 62.15 23.13
N LEU B 659 -7.04 61.96 22.02
CA LEU B 659 -6.32 63.09 21.43
C LEU B 659 -7.30 64.19 21.02
N ARG B 660 -8.47 63.82 20.50
CA ARG B 660 -9.45 64.84 20.13
C ARG B 660 -9.97 65.58 21.36
N SER B 661 -10.21 64.87 22.47
CA SER B 661 -10.64 65.52 23.70
C SER B 661 -9.60 66.50 24.25
N LYS B 662 -8.34 66.35 23.86
CA LYS B 662 -7.28 67.29 24.20
C LYS B 662 -7.05 68.31 23.10
N ASN B 663 -7.99 68.44 22.14
CA ASN B 663 -7.89 69.38 21.02
C ASN B 663 -6.61 69.22 20.22
N VAL B 664 -6.08 68.00 20.14
CA VAL B 664 -5.06 67.72 19.14
C VAL B 664 -5.72 67.74 17.79
N ASP B 665 -5.09 68.41 16.85
CA ASP B 665 -5.56 68.50 15.48
C ASP B 665 -5.41 67.13 14.82
N PRO B 666 -6.50 66.44 14.48
CA PRO B 666 -6.35 65.07 13.93
C PRO B 666 -5.55 65.02 12.64
N SER B 667 -5.28 66.15 12.00
CA SER B 667 -4.49 66.07 10.78
C SER B 667 -3.00 65.95 11.06
N GLN B 668 -2.61 66.00 12.34
CA GLN B 668 -1.22 65.79 12.74
C GLN B 668 -0.87 64.33 13.05
N TYR B 669 -1.80 63.38 12.87
CA TYR B 669 -1.49 62.00 13.20
C TYR B 669 -2.38 61.08 12.38
N SER B 670 -1.94 59.82 12.25
CA SER B 670 -2.67 58.81 11.49
C SER B 670 -2.90 57.60 12.39
N ILE B 671 -4.16 57.29 12.67
CA ILE B 671 -4.49 56.13 13.49
C ILE B 671 -4.20 54.87 12.69
N VAL B 672 -3.33 54.02 13.20
CA VAL B 672 -3.07 52.72 12.60
C VAL B 672 -3.89 51.63 13.28
N GLY B 673 -3.85 51.54 14.61
CA GLY B 673 -4.62 50.54 15.32
C GLY B 673 -4.18 49.10 15.12
N SER B 674 -2.88 48.85 14.98
CA SER B 674 -2.35 47.49 14.91
C SER B 674 -1.59 47.15 16.19
N GLY B 675 -1.07 45.92 16.22
CA GLY B 675 -0.32 45.48 17.39
C GLY B 675 0.99 46.23 17.52
N SER B 676 1.59 46.61 16.39
CA SER B 676 2.92 47.19 16.42
C SER B 676 2.93 48.71 16.28
N LYS B 677 1.85 49.30 15.76
CA LYS B 677 1.71 50.76 15.70
C LYS B 677 0.30 51.15 16.16
N THR B 678 0.18 51.87 17.26
CA THR B 678 -1.13 52.45 17.59
C THR B 678 -1.45 53.58 16.63
N PHE B 679 -0.51 54.49 16.41
CA PHE B 679 -0.67 55.55 15.42
C PHE B 679 0.71 56.04 15.00
N THR B 680 0.73 56.81 13.91
CA THR B 680 1.93 57.47 13.41
C THR B 680 1.75 58.98 13.45
N VAL B 681 2.81 59.69 13.83
CA VAL B 681 2.80 61.16 13.93
C VAL B 681 3.17 61.75 12.58
N LEU B 682 2.26 62.57 12.03
CA LEU B 682 2.55 63.25 10.76
C LEU B 682 3.32 64.55 10.98
N SER B 683 2.94 65.34 11.97
CA SER B 683 3.67 66.56 12.31
C SER B 683 3.70 66.75 13.81
N HIS B 684 4.72 67.48 14.27
CA HIS B 684 5.00 67.62 15.70
C HIS B 684 3.79 68.18 16.45
N PHE B 685 3.43 67.54 17.57
CA PHE B 685 2.48 68.11 18.51
C PHE B 685 2.84 67.67 19.92
N GLU B 686 2.19 68.28 20.90
CA GLU B 686 2.48 68.01 22.30
C GLU B 686 1.18 68.11 23.07
N VAL B 687 1.04 67.26 24.07
CA VAL B 687 -0.19 67.19 24.85
C VAL B 687 0.17 67.52 26.30
N PRO B 688 -0.46 68.53 26.90
CA PRO B 688 -0.14 68.87 28.28
C PRO B 688 -0.45 67.69 29.21
N HIS B 689 0.41 67.50 30.21
CA HIS B 689 0.27 66.40 31.15
C HIS B 689 0.90 66.80 32.47
N GLU B 690 0.31 66.31 33.57
CA GLU B 690 0.84 66.54 34.91
C GLU B 690 2.29 66.11 35.06
N CYS B 691 2.78 65.17 34.24
CA CYS B 691 4.15 64.70 34.32
C CYS B 691 5.09 65.41 33.34
N GLY B 692 4.70 66.57 32.84
CA GLY B 692 5.43 67.21 31.77
C GLY B 692 4.81 66.82 30.45
N PRO B 693 4.78 67.75 29.49
CA PRO B 693 4.04 67.50 28.24
C PRO B 693 4.47 66.18 27.58
N LEU B 694 3.47 65.50 26.99
CA LEU B 694 3.74 64.35 26.13
C LEU B 694 4.19 64.88 24.78
N VAL B 695 5.36 64.46 24.34
CA VAL B 695 5.96 64.98 23.12
C VAL B 695 5.80 63.95 22.02
N PHE B 696 5.29 64.38 20.87
CA PHE B 696 5.09 63.53 19.71
C PHE B 696 5.79 64.18 18.53
N GLU B 697 6.87 63.55 18.07
CA GLU B 697 7.68 64.10 17.00
C GLU B 697 7.23 63.56 15.65
N ALA B 698 7.44 64.38 14.62
CA ALA B 698 7.04 64.05 13.26
C ALA B 698 7.75 62.80 12.74
N SER B 699 7.02 62.00 11.96
CA SER B 699 7.55 60.81 11.31
C SER B 699 8.09 59.80 12.31
N THR B 700 7.36 59.58 13.41
CA THR B 700 7.62 58.45 14.28
C THR B 700 6.32 57.70 14.55
N ASP B 701 6.48 56.47 15.03
CA ASP B 701 5.40 55.56 15.33
C ASP B 701 5.25 55.43 16.83
N VAL B 702 4.01 55.46 17.30
CA VAL B 702 3.70 55.35 18.72
C VAL B 702 2.96 54.04 18.95
N ASN B 703 3.45 53.26 19.92
CA ASN B 703 2.86 51.97 20.27
C ASN B 703 2.68 51.97 21.79
N ILE B 704 1.44 52.21 22.26
CA ILE B 704 1.21 52.41 23.71
C ILE B 704 1.41 51.10 24.48
N SER B 705 1.71 51.22 25.77
CA SER B 705 2.00 50.04 26.57
C SER B 705 0.67 49.38 26.94
N GLY B 706 0.27 48.39 26.15
CA GLY B 706 -1.01 47.74 26.36
C GLY B 706 -1.11 46.97 27.66
N HIS B 707 0.01 46.54 28.23
CA HIS B 707 -0.13 45.78 29.47
C HIS B 707 -0.61 46.64 30.63
N LEU B 708 -0.47 47.97 30.54
CA LEU B 708 -1.09 48.82 31.57
C LEU B 708 -2.58 48.62 31.56
N LEU B 709 -3.18 48.65 30.37
CA LEU B 709 -4.63 48.52 30.27
C LEU B 709 -5.10 47.16 30.79
N SER B 710 -4.40 46.09 30.39
CA SER B 710 -4.84 44.78 30.86
C SER B 710 -4.63 44.65 32.36
N LEU B 711 -3.56 45.23 32.91
CA LEU B 711 -3.36 45.12 34.37
C LEU B 711 -4.41 45.88 35.15
N ALA B 712 -4.98 46.93 34.56
CA ALA B 712 -6.05 47.66 35.25
C ALA B 712 -7.31 46.81 35.32
N ILE B 713 -7.58 46.00 34.27
CA ILE B 713 -8.70 45.08 34.31
C ILE B 713 -8.45 44.02 35.38
N ALA B 714 -7.26 43.42 35.37
CA ALA B 714 -6.93 42.41 36.38
C ALA B 714 -7.06 42.98 37.79
N ALA B 715 -6.71 44.26 37.96
CA ALA B 715 -6.81 44.89 39.28
C ALA B 715 -8.23 44.89 39.81
N HIS B 716 -9.25 44.68 38.97
CA HIS B 716 -10.60 44.65 39.52
C HIS B 716 -10.87 43.38 40.28
N PHE B 717 -10.09 42.33 40.02
CA PHE B 717 -10.45 41.00 40.44
C PHE B 717 -9.45 40.40 41.41
N VAL B 718 -8.17 40.68 41.22
CA VAL B 718 -7.10 40.09 42.02
C VAL B 718 -6.06 41.19 42.28
N ALA B 719 -5.15 40.90 43.21
CA ALA B 719 -4.06 41.82 43.48
C ALA B 719 -3.22 42.05 42.23
N SER B 720 -2.64 43.24 42.14
CA SER B 720 -2.10 43.83 40.94
C SER B 720 -0.59 44.05 41.06
N PRO B 721 0.17 43.70 40.06
CA PRO B 721 1.60 44.07 40.08
C PRO B 721 1.84 45.36 39.31
N MET B 722 0.83 46.24 39.27
CA MET B 722 0.85 47.36 38.33
C MET B 722 1.97 48.36 38.62
N ILE B 723 2.16 48.71 39.90
CA ILE B 723 3.12 49.76 40.19
C ILE B 723 4.55 49.24 40.12
N LEU B 724 4.76 47.99 40.55
CA LEU B 724 6.05 47.34 40.29
C LEU B 724 6.32 47.29 38.78
N TRP B 725 5.32 46.90 37.99
CA TRP B 725 5.50 46.92 36.54
C TRP B 725 5.82 48.33 36.06
N ALA B 726 5.11 49.33 36.57
CA ALA B 726 5.36 50.69 36.09
C ALA B 726 6.77 51.16 36.44
N GLU B 727 7.27 50.82 37.63
CA GLU B 727 8.64 51.18 37.99
C GLU B 727 9.63 50.52 37.04
N GLN B 728 9.42 49.23 36.72
CA GLN B 728 10.29 48.56 35.76
C GLN B 728 10.17 49.21 34.39
N MET B 729 8.94 49.52 33.99
CA MET B 729 8.73 50.17 32.71
C MET B 729 9.45 51.51 32.65
N LYS B 730 9.44 52.28 33.74
CA LYS B 730 10.18 53.54 33.78
C LYS B 730 11.67 53.30 33.61
N TYR B 731 12.22 52.34 34.36
CA TYR B 731 13.63 51.96 34.22
C TYR B 731 13.95 51.51 32.81
N MET B 732 13.00 50.86 32.12
CA MET B 732 13.29 50.30 30.80
C MET B 732 13.04 51.29 29.67
N ALA B 733 13.10 52.60 29.94
CA ALA B 733 13.10 53.59 28.86
C ALA B 733 14.36 53.52 28.00
N VAL B 734 15.44 52.93 28.52
CA VAL B 734 16.68 52.70 27.79
C VAL B 734 17.08 51.24 27.98
N ASP B 735 18.02 50.78 27.15
CA ASP B 735 18.57 49.44 27.32
C ASP B 735 19.24 49.34 28.69
N ARG B 736 19.25 48.15 29.27
CA ARG B 736 19.93 47.92 30.55
C ARG B 736 20.63 46.57 30.53
N MET B 737 21.95 46.59 30.75
CA MET B 737 22.74 45.38 30.82
C MET B 737 22.16 44.40 31.82
N LEU B 738 22.17 43.11 31.46
CA LEU B 738 21.62 42.08 32.32
C LEU B 738 22.44 41.96 33.61
N PRO B 739 21.81 41.62 34.73
CA PRO B 739 22.58 41.36 35.96
C PRO B 739 23.55 40.22 35.73
N PRO B 740 24.82 40.39 36.12
CA PRO B 740 25.83 39.41 35.74
C PRO B 740 25.62 38.01 36.34
N ASN B 741 24.98 37.89 37.50
CA ASN B 741 24.90 36.60 38.17
C ASN B 741 23.51 35.98 38.10
N LEU B 742 22.76 36.28 37.04
CA LEU B 742 21.47 35.65 36.79
C LEU B 742 21.57 34.78 35.54
N ASP B 743 20.96 33.59 35.60
CA ASP B 743 20.88 32.75 34.43
C ASP B 743 20.16 33.49 33.32
N LYS B 744 20.70 33.40 32.10
CA LYS B 744 20.18 34.18 30.97
C LYS B 744 18.75 33.77 30.62
N SER B 745 18.44 32.48 30.75
CA SER B 745 17.13 31.96 30.39
C SER B 745 16.00 32.59 31.21
N LEU B 746 16.28 33.17 32.37
CA LEU B 746 15.25 33.85 33.14
C LEU B 746 14.74 35.09 32.43
N PHE B 747 15.42 35.55 31.39
CA PHE B 747 14.97 36.72 30.64
C PHE B 747 14.33 36.34 29.32
N PHE B 748 13.92 35.07 29.17
CA PHE B 748 13.41 34.56 27.89
C PHE B 748 12.22 35.34 27.38
N ASP B 749 11.45 35.96 28.26
CA ASP B 749 10.20 36.61 27.85
C ASP B 749 10.41 38.01 27.28
N ASN B 750 11.63 38.53 27.24
CA ASN B 750 11.90 39.88 26.75
C ASN B 750 13.10 39.89 25.82
N LYS B 751 13.10 40.83 24.89
CA LYS B 751 14.20 40.89 23.93
C LYS B 751 15.49 41.25 24.64
N VAL B 752 16.58 40.58 24.25
CA VAL B 752 17.92 40.87 24.78
C VAL B 752 18.80 41.29 23.61
N THR B 753 19.55 42.37 23.78
CA THR B 753 20.35 42.91 22.67
C THR B 753 21.58 42.05 22.42
N PRO B 754 22.16 42.16 21.23
CA PRO B 754 23.49 41.55 21.02
C PRO B 754 24.53 42.04 22.02
N SER B 755 24.35 43.24 22.58
CA SER B 755 25.25 43.77 23.58
C SER B 755 25.10 43.09 24.94
N GLY B 756 24.21 42.11 25.07
CA GLY B 756 23.93 41.51 26.36
C GLY B 756 23.03 42.32 27.27
N ALA B 757 22.25 43.25 26.72
CA ALA B 757 21.37 44.07 27.53
C ALA B 757 19.91 43.72 27.27
N LEU B 758 19.09 43.91 28.31
CA LEU B 758 17.65 43.88 28.14
C LEU B 758 17.25 45.10 27.31
N GLN B 759 16.63 44.87 26.16
CA GLN B 759 16.26 45.97 25.28
C GLN B 759 15.16 46.83 25.89
N ARG B 760 15.23 48.14 25.63
CA ARG B 760 14.28 49.11 26.13
C ARG B 760 12.86 48.79 25.67
N TRP B 761 11.87 49.28 26.41
CA TRP B 761 10.49 48.87 26.25
C TRP B 761 9.64 49.92 25.56
N HIS B 762 9.30 50.97 26.28
CA HIS B 762 8.39 52.00 25.79
C HIS B 762 8.89 53.36 26.26
N SER B 763 8.50 54.39 25.52
CA SER B 763 8.76 55.75 25.94
C SER B 763 7.74 56.15 27.00
N ARG B 764 8.03 57.26 27.70
CA ARG B 764 7.08 57.77 28.69
C ARG B 764 5.76 58.13 28.02
N GLU B 765 5.83 58.64 26.80
CA GLU B 765 4.63 58.94 26.02
C GLU B 765 3.76 57.70 25.86
N GLU B 766 4.40 56.59 25.52
CA GLU B 766 3.67 55.35 25.29
C GLU B 766 3.04 54.84 26.56
N VAL B 767 3.70 55.03 27.71
CA VAL B 767 3.11 54.59 28.97
C VAL B 767 1.98 55.52 29.38
N LEU B 768 2.24 56.83 29.39
CA LEU B 768 1.25 57.74 29.95
C LEU B 768 0.01 57.85 29.05
N LEU B 769 0.16 57.72 27.73
CA LEU B 769 -1.00 57.62 26.86
C LEU B 769 -1.89 56.46 27.27
N ALA B 770 -1.29 55.29 27.51
CA ALA B 770 -2.08 54.18 28.03
C ALA B 770 -2.80 54.59 29.30
N ALA B 771 -2.08 55.23 30.24
CA ALA B 771 -2.73 55.61 31.50
C ALA B 771 -3.86 56.59 31.24
N GLU B 772 -3.68 57.48 30.26
CA GLU B 772 -4.70 58.48 29.92
C GLU B 772 -5.94 57.86 29.30
N ILE B 773 -5.82 56.76 28.56
CA ILE B 773 -7.01 56.14 27.98
C ILE B 773 -7.55 55.02 28.85
N CYS B 774 -6.98 54.82 30.06
CA CYS B 774 -7.23 53.64 30.85
C CYS B 774 -8.68 53.55 31.32
N GLU B 775 -9.27 54.69 31.71
CA GLU B 775 -10.68 54.69 32.12
C GLU B 775 -11.60 54.33 30.96
N SER B 776 -11.28 54.79 29.74
CA SER B 776 -12.13 54.46 28.59
C SER B 776 -11.94 53.00 28.17
N TYR B 777 -10.75 52.45 28.35
CA TYR B 777 -10.53 51.04 28.05
C TYR B 777 -11.33 50.15 28.98
N ALA B 778 -11.29 50.44 30.28
CA ALA B 778 -12.01 49.61 31.24
C ALA B 778 -13.52 49.73 31.05
N ALA B 779 -14.01 50.93 30.72
CA ALA B 779 -15.44 51.07 30.48
C ALA B 779 -15.87 50.32 29.23
N MET B 780 -15.01 50.30 28.20
CA MET B 780 -15.27 49.53 26.99
C MET B 780 -15.34 48.04 27.30
N MET B 781 -14.29 47.49 27.92
CA MET B 781 -14.19 46.04 28.07
C MET B 781 -15.12 45.51 29.13
N LEU B 782 -15.60 46.35 30.04
CA LEU B 782 -16.50 45.89 31.08
C LEU B 782 -17.89 46.53 30.97
N ASN B 783 -18.23 47.08 29.80
CA ASN B 783 -19.59 47.56 29.51
C ASN B 783 -20.02 48.62 30.53
N ASN B 784 -19.08 49.47 30.93
CA ASN B 784 -19.30 50.52 31.90
C ASN B 784 -19.62 49.97 33.29
N LYS B 785 -19.38 48.69 33.52
CA LYS B 785 -19.57 48.05 34.82
C LYS B 785 -18.25 47.93 35.58
N HIS B 786 -17.24 48.68 35.15
CA HIS B 786 -15.93 48.68 35.78
C HIS B 786 -15.99 49.54 37.04
N SER B 787 -14.82 49.86 37.59
CA SER B 787 -14.74 50.73 38.77
C SER B 787 -13.86 51.92 38.47
N PRO B 788 -14.44 53.10 38.25
CA PRO B 788 -13.61 54.31 38.09
C PRO B 788 -12.62 54.53 39.23
N ASP B 789 -12.92 54.07 40.44
CA ASP B 789 -12.02 54.33 41.56
C ASP B 789 -10.78 53.44 41.50
N ILE B 790 -10.94 52.19 41.07
CA ILE B 790 -9.77 51.34 40.89
C ILE B 790 -8.85 51.95 39.86
N ILE B 791 -9.41 52.33 38.70
CA ILE B 791 -8.66 53.01 37.65
C ILE B 791 -8.01 54.28 38.20
N GLY B 792 -8.76 55.07 38.97
CA GLY B 792 -8.25 56.34 39.48
C GLY B 792 -7.06 56.17 40.41
N THR B 793 -7.11 55.20 41.31
CA THR B 793 -5.97 55.02 42.21
C THR B 793 -4.75 54.49 41.46
N LEU B 794 -4.96 53.69 40.41
CA LEU B 794 -3.84 53.21 39.62
C LEU B 794 -3.26 54.34 38.78
N LYS B 795 -4.12 55.17 38.20
CA LYS B 795 -3.63 56.27 37.38
C LYS B 795 -2.81 57.27 38.20
N SER B 796 -3.32 57.69 39.35
CA SER B 796 -2.57 58.68 40.13
C SER B 796 -1.24 58.10 40.62
N ALA B 797 -1.24 56.83 41.01
CA ALA B 797 0.01 56.16 41.34
C ALA B 797 0.98 56.16 40.15
N ILE B 798 0.49 55.81 38.95
CA ILE B 798 1.38 55.79 37.79
C ILE B 798 1.92 57.18 37.49
N ASN B 799 1.06 58.21 37.60
CA ASN B 799 1.54 59.58 37.46
C ASN B 799 2.62 59.92 38.49
N LEU B 800 2.55 59.32 39.69
CA LEU B 800 3.58 59.56 40.69
C LEU B 800 4.88 58.85 40.33
N VAL B 801 4.79 57.63 39.76
CA VAL B 801 6.00 56.92 39.34
C VAL B 801 6.75 57.72 38.28
N PHE B 802 6.01 58.45 37.44
CA PHE B 802 6.57 59.20 36.32
C PHE B 802 6.60 60.71 36.56
N LYS B 803 6.66 61.13 37.83
CA LYS B 803 6.64 62.56 38.13
C LYS B 803 7.87 63.26 37.55
N ILE B 804 7.73 64.57 37.32
CA ILE B 804 8.86 65.42 36.93
C ILE B 804 9.95 65.34 37.98
N CYS C 10 -5.22 -18.99 -40.63
CA CYS C 10 -4.56 -17.70 -40.43
C CYS C 10 -3.45 -17.75 -39.39
N ILE C 11 -2.29 -17.22 -39.76
CA ILE C 11 -1.17 -17.07 -38.83
C ILE C 11 -0.98 -15.58 -38.57
N PRO C 12 -0.49 -15.14 -37.40
CA PRO C 12 -0.23 -15.95 -36.19
C PRO C 12 -1.50 -16.55 -35.59
N ASN C 13 -1.31 -17.65 -34.87
CA ASN C 13 -2.36 -18.61 -34.54
C ASN C 13 -2.27 -18.90 -33.04
N PHE C 14 -3.20 -18.33 -32.27
CA PHE C 14 -3.37 -18.67 -30.86
C PHE C 14 -4.58 -19.57 -30.61
N SER C 15 -5.66 -19.39 -31.37
CA SER C 15 -6.91 -20.09 -31.10
C SER C 15 -6.73 -21.61 -31.15
N GLN C 16 -6.09 -22.11 -32.21
CA GLN C 16 -5.97 -23.55 -32.38
C GLN C 16 -4.81 -24.15 -31.60
N THR C 17 -3.86 -23.33 -31.16
CA THR C 17 -2.61 -23.85 -30.62
C THR C 17 -2.51 -23.77 -29.09
N VAL C 18 -3.29 -22.90 -28.44
CA VAL C 18 -3.22 -22.76 -26.99
C VAL C 18 -4.58 -23.11 -26.39
N ASN C 19 -4.68 -24.29 -25.79
CA ASN C 19 -5.82 -24.63 -24.95
C ASN C 19 -5.32 -25.14 -23.61
N GLU C 20 -6.22 -25.66 -22.78
CA GLU C 20 -5.82 -26.12 -21.45
C GLU C 20 -4.73 -27.17 -21.55
N ARG C 21 -4.69 -27.94 -22.65
CA ARG C 21 -3.61 -28.90 -22.81
C ARG C 21 -2.29 -28.23 -23.17
N THR C 22 -2.33 -27.11 -23.91
CA THR C 22 -1.10 -26.34 -24.10
C THR C 22 -0.56 -25.87 -22.77
N ILE C 23 -1.45 -25.41 -21.88
CA ILE C 23 -1.01 -24.87 -20.60
C ILE C 23 -0.40 -25.95 -19.73
N ILE C 24 -1.01 -27.14 -19.73
CA ILE C 24 -0.41 -28.30 -19.10
C ILE C 24 1.02 -28.48 -19.59
N ASP C 25 1.18 -28.56 -20.91
CA ASP C 25 2.52 -28.78 -21.47
C ASP C 25 3.48 -27.68 -21.08
N ILE C 26 3.00 -26.43 -20.93
CA ILE C 26 3.93 -25.37 -20.51
C ILE C 26 4.34 -25.58 -19.06
N PHE C 27 3.39 -25.99 -18.20
CA PHE C 27 3.75 -26.37 -16.84
C PHE C 27 4.83 -27.46 -16.84
N THR C 28 4.64 -28.48 -17.69
CA THR C 28 5.56 -29.61 -17.73
C THR C 28 6.97 -29.19 -18.17
N ILE C 29 7.05 -28.32 -19.17
CA ILE C 29 8.33 -27.80 -19.65
C ILE C 29 9.04 -26.98 -18.56
N CYS C 30 8.26 -26.35 -17.68
CA CYS C 30 8.84 -25.60 -16.58
C CYS C 30 9.71 -26.46 -15.67
N ARG C 31 9.45 -27.78 -15.64
CA ARG C 31 10.31 -28.70 -14.88
C ARG C 31 11.72 -28.77 -15.47
N TYR C 32 11.87 -28.35 -16.73
CA TYR C 32 13.15 -28.37 -17.43
C TYR C 32 13.73 -26.97 -17.63
N ARG C 33 13.20 -25.97 -16.92
CA ARG C 33 13.58 -24.60 -17.15
C ARG C 33 14.99 -24.24 -16.66
N SER C 34 15.86 -25.19 -16.26
CA SER C 34 17.21 -24.86 -15.78
C SER C 34 18.24 -25.67 -16.57
N PRO C 35 18.41 -25.39 -17.86
CA PRO C 35 19.30 -26.20 -18.70
C PRO C 35 20.76 -25.75 -18.78
N LEU C 36 21.14 -24.67 -18.11
CA LEU C 36 22.43 -24.03 -18.36
C LEU C 36 23.57 -24.64 -17.53
N VAL C 37 24.74 -24.74 -18.16
CA VAL C 37 26.01 -24.99 -17.46
C VAL C 37 26.96 -23.85 -17.83
N VAL C 38 27.56 -23.23 -16.83
CA VAL C 38 28.63 -22.26 -17.06
C VAL C 38 29.94 -22.90 -16.63
N PHE C 39 30.91 -22.95 -17.55
CA PHE C 39 32.15 -23.71 -17.39
C PHE C 39 33.34 -22.81 -17.71
N CYS C 40 34.18 -22.51 -16.71
CA CYS C 40 35.32 -21.63 -16.86
C CYS C 40 36.61 -22.45 -16.86
N LEU C 41 37.42 -22.28 -17.90
CA LEU C 41 38.72 -22.92 -18.04
C LEU C 41 39.62 -21.98 -18.83
N SER C 42 40.91 -22.27 -18.84
CA SER C 42 41.88 -21.32 -19.38
C SER C 42 42.45 -21.74 -20.71
N HIS C 43 41.82 -22.68 -21.41
CA HIS C 43 42.39 -23.25 -22.62
C HIS C 43 41.33 -23.28 -23.71
N ASN C 44 41.38 -22.28 -24.58
CA ASN C 44 40.27 -22.05 -25.51
C ASN C 44 40.10 -23.20 -26.49
N GLU C 45 41.21 -23.81 -26.93
CA GLU C 45 41.11 -24.89 -27.91
C GLU C 45 40.50 -26.16 -27.30
N LEU C 46 40.74 -26.39 -26.01
CA LEU C 46 39.99 -27.41 -25.29
C LEU C 46 38.51 -27.09 -25.27
N ALA C 47 38.17 -25.84 -24.90
CA ALA C 47 36.77 -25.43 -24.92
C ALA C 47 36.14 -25.68 -26.29
N LYS C 48 36.87 -25.35 -27.37
CA LYS C 48 36.32 -25.54 -28.72
C LYS C 48 36.12 -27.02 -29.05
N LYS C 49 37.05 -27.87 -28.63
CA LYS C 49 36.89 -29.30 -28.91
C LYS C 49 35.63 -29.86 -28.25
N TYR C 50 35.46 -29.59 -26.96
CA TYR C 50 34.35 -30.16 -26.20
C TYR C 50 33.03 -29.47 -26.54
N ALA C 51 33.07 -28.19 -26.91
CA ALA C 51 31.89 -27.56 -27.50
C ALA C 51 31.43 -28.33 -28.73
N GLN C 52 32.35 -28.65 -29.64
CA GLN C 52 31.97 -29.41 -30.83
C GLN C 52 31.49 -30.80 -30.46
N ASP C 53 32.21 -31.47 -29.55
CA ASP C 53 31.80 -32.83 -29.19
C ASP C 53 30.38 -32.85 -28.62
N VAL C 54 30.10 -31.98 -27.65
CA VAL C 54 28.78 -32.07 -27.00
C VAL C 54 27.70 -31.57 -27.95
N SER C 55 28.03 -30.61 -28.80
CA SER C 55 27.06 -30.07 -29.76
C SER C 55 26.72 -31.09 -30.84
N MET C 56 27.73 -31.75 -31.40
CA MET C 56 27.49 -32.74 -32.46
C MET C 56 26.73 -33.96 -31.93
N SER C 57 27.05 -34.39 -30.71
CA SER C 57 26.47 -35.66 -30.22
C SER C 57 25.06 -35.50 -29.66
N SER C 58 24.81 -34.44 -28.89
CA SER C 58 23.56 -34.26 -28.15
C SER C 58 22.76 -33.03 -28.56
N GLY C 59 23.29 -32.17 -29.42
CA GLY C 59 22.60 -30.96 -29.79
C GLY C 59 22.63 -29.85 -28.78
N THR C 60 23.47 -29.97 -27.76
CA THR C 60 23.61 -28.91 -26.78
C THR C 60 24.01 -27.59 -27.47
N HIS C 61 23.41 -26.49 -27.03
CA HIS C 61 23.78 -25.16 -27.51
C HIS C 61 25.00 -24.62 -26.76
N VAL C 62 26.03 -24.23 -27.50
CA VAL C 62 27.32 -23.91 -26.89
C VAL C 62 27.73 -22.48 -27.25
N HIS C 63 28.21 -21.76 -26.24
CA HIS C 63 28.79 -20.44 -26.42
C HIS C 63 30.17 -20.41 -25.77
N ILE C 64 31.07 -19.61 -26.34
CA ILE C 64 32.42 -19.46 -25.81
C ILE C 64 32.70 -17.96 -25.66
N ILE C 65 32.91 -17.54 -24.43
CA ILE C 65 33.20 -16.15 -24.10
C ILE C 65 34.71 -16.11 -23.97
N ASP C 66 35.38 -15.77 -25.08
CA ASP C 66 36.82 -15.95 -25.16
C ASP C 66 37.63 -14.67 -24.94
N GLY C 67 36.99 -13.50 -24.83
CA GLY C 67 37.70 -12.26 -24.62
C GLY C 67 37.87 -11.40 -25.85
N SER C 68 37.51 -11.92 -27.03
CA SER C 68 37.69 -11.15 -28.25
C SER C 68 36.74 -9.98 -28.32
N VAL C 69 35.71 -9.97 -27.48
CA VAL C 69 34.74 -8.90 -27.37
C VAL C 69 34.78 -8.40 -25.93
N GLU C 70 34.49 -7.13 -25.71
CA GLU C 70 34.54 -6.63 -24.35
C GLU C 70 33.57 -7.43 -23.47
N ILE C 71 33.97 -7.67 -22.22
CA ILE C 71 33.32 -8.69 -21.39
C ILE C 71 31.86 -8.32 -21.13
N THR C 72 31.58 -7.06 -20.79
N THR C 72 31.56 -7.06 -20.84
CA THR C 72 30.21 -6.60 -20.63
CA THR C 72 30.17 -6.70 -20.60
C THR C 72 29.38 -6.92 -21.87
C THR C 72 29.33 -6.83 -21.87
N VAL C 73 29.93 -6.61 -23.05
CA VAL C 73 29.20 -6.79 -24.30
C VAL C 73 29.00 -8.28 -24.63
N SER C 74 30.04 -9.10 -24.47
CA SER C 74 29.83 -10.52 -24.78
C SER C 74 28.88 -11.17 -23.76
N LEU C 75 28.97 -10.78 -22.49
CA LEU C 75 27.98 -11.27 -21.52
C LEU C 75 26.57 -10.91 -21.96
N TYR C 76 26.37 -9.66 -22.40
CA TYR C 76 25.05 -9.19 -22.75
C TYR C 76 24.51 -9.92 -23.99
N ARG C 77 25.34 -10.09 -25.02
CA ARG C 77 24.89 -10.80 -26.22
C ARG C 77 24.58 -12.26 -25.91
N THR C 78 25.50 -12.96 -25.23
CA THR C 78 25.33 -14.38 -24.94
C THR C 78 24.12 -14.63 -24.05
N PHE C 79 23.93 -13.82 -23.01
CA PHE C 79 22.84 -14.14 -22.09
C PHE C 79 21.51 -13.58 -22.58
N ARG C 80 21.53 -12.59 -23.46
CA ARG C 80 20.30 -12.23 -24.15
C ARG C 80 19.81 -13.38 -25.03
N THR C 81 20.72 -14.03 -25.75
CA THR C 81 20.34 -15.18 -26.57
C THR C 81 19.82 -16.31 -25.70
N ILE C 82 20.56 -16.61 -24.62
CA ILE C 82 20.24 -17.74 -23.74
C ILE C 82 18.89 -17.51 -23.05
N ALA C 83 18.59 -16.27 -22.65
CA ALA C 83 17.33 -15.96 -21.97
C ALA C 83 16.10 -16.36 -22.79
N THR C 84 16.17 -16.28 -24.13
CA THR C 84 15.02 -16.72 -24.92
C THR C 84 14.87 -18.24 -24.97
N GLN C 85 15.90 -19.00 -24.63
CA GLN C 85 15.93 -20.44 -24.89
C GLN C 85 15.76 -21.31 -23.64
N LEU C 86 15.41 -20.72 -22.49
CA LEU C 86 15.47 -21.50 -21.26
C LEU C 86 14.36 -22.55 -21.17
N LEU C 87 13.31 -22.43 -21.98
CA LEU C 87 12.24 -23.42 -22.01
C LEU C 87 12.32 -24.31 -23.24
N GLY C 88 13.48 -24.34 -23.90
CA GLY C 88 13.68 -25.14 -25.09
C GLY C 88 13.86 -26.63 -24.86
N ARG C 89 14.04 -27.06 -23.59
CA ARG C 89 14.36 -28.45 -23.26
C ARG C 89 15.63 -28.94 -23.95
N MET C 90 16.58 -28.05 -24.21
CA MET C 90 17.88 -28.45 -24.70
C MET C 90 18.94 -27.84 -23.81
N GLN C 91 19.97 -28.62 -23.51
CA GLN C 91 21.07 -28.11 -22.70
C GLN C 91 21.76 -26.93 -23.39
N ILE C 92 22.25 -26.01 -22.56
CA ILE C 92 23.03 -24.86 -22.99
C ILE C 92 24.31 -24.82 -22.17
N VAL C 93 25.45 -24.67 -22.84
CA VAL C 93 26.75 -24.57 -22.17
C VAL C 93 27.42 -23.28 -22.59
N VAL C 94 27.83 -22.49 -21.62
CA VAL C 94 28.68 -21.32 -21.86
C VAL C 94 30.06 -21.61 -21.28
N PHE C 95 31.03 -21.70 -22.16
CA PHE C 95 32.42 -21.78 -21.74
C PHE C 95 32.96 -20.37 -21.57
N VAL C 96 33.62 -20.10 -20.44
CA VAL C 96 34.30 -18.83 -20.21
C VAL C 96 35.80 -19.10 -20.18
N THR C 97 36.54 -18.51 -21.11
CA THR C 97 37.99 -18.73 -21.17
C THR C 97 38.81 -17.47 -20.95
N VAL C 98 38.18 -16.34 -20.61
CA VAL C 98 38.94 -15.18 -20.14
C VAL C 98 39.44 -15.44 -18.73
N ASP C 99 40.52 -14.74 -18.36
CA ASP C 99 41.06 -14.96 -17.03
C ASP C 99 40.24 -14.20 -15.98
N LYS C 100 40.58 -14.46 -14.71
CA LYS C 100 39.78 -14.02 -13.58
C LYS C 100 39.81 -12.52 -13.38
N SER C 101 40.82 -11.85 -13.93
CA SER C 101 40.89 -10.39 -13.92
C SER C 101 39.93 -9.77 -14.92
N VAL C 102 39.44 -10.52 -15.89
CA VAL C 102 38.43 -9.99 -16.81
C VAL C 102 37.03 -10.15 -16.24
N VAL C 103 36.71 -11.33 -15.71
CA VAL C 103 35.50 -11.54 -14.93
C VAL C 103 35.83 -12.52 -13.80
N SER C 104 35.65 -12.09 -12.55
CA SER C 104 36.03 -12.89 -11.40
C SER C 104 35.14 -14.13 -11.24
N THR C 105 35.58 -15.02 -10.34
CA THR C 105 34.86 -16.24 -10.02
C THR C 105 33.48 -15.92 -9.40
N GLN C 106 33.45 -15.02 -8.41
CA GLN C 106 32.19 -14.67 -7.76
C GLN C 106 31.20 -14.03 -8.73
N VAL C 107 31.69 -13.19 -9.64
CA VAL C 107 30.79 -12.56 -10.61
C VAL C 107 30.24 -13.59 -11.60
N MET C 108 31.11 -14.43 -12.18
CA MET C 108 30.63 -15.41 -13.15
C MET C 108 29.67 -16.41 -12.49
N LYS C 109 29.94 -16.75 -11.23
CA LYS C 109 29.02 -17.58 -10.46
C LYS C 109 27.68 -16.90 -10.21
N SER C 110 27.71 -15.61 -9.80
CA SER C 110 26.47 -14.84 -9.68
C SER C 110 25.67 -14.92 -10.97
N ILE C 111 26.33 -14.71 -12.11
CA ILE C 111 25.65 -14.69 -13.39
C ILE C 111 25.09 -16.07 -13.71
N ALA C 112 25.90 -17.12 -13.53
CA ALA C 112 25.43 -18.47 -13.80
C ALA C 112 24.16 -18.79 -13.01
N TRP C 113 24.16 -18.46 -11.73
CA TRP C 113 23.06 -18.84 -10.86
C TRP C 113 21.83 -17.95 -11.08
N ALA C 114 22.03 -16.70 -11.51
CA ALA C 114 20.89 -15.86 -11.90
C ALA C 114 20.16 -16.43 -13.12
N PHE C 115 20.86 -17.19 -13.98
CA PHE C 115 20.22 -17.88 -15.08
C PHE C 115 19.96 -19.36 -14.75
N ARG C 116 19.94 -19.73 -13.47
CA ARG C 116 19.56 -21.08 -13.00
C ARG C 116 20.52 -22.15 -13.49
N GLY C 117 21.82 -21.86 -13.48
CA GLY C 117 22.73 -22.78 -14.14
C GLY C 117 23.70 -23.48 -13.19
N SER C 118 24.36 -24.51 -13.69
CA SER C 118 25.52 -25.05 -13.01
C SER C 118 26.71 -24.14 -13.21
N PHE C 119 27.54 -24.03 -12.17
CA PHE C 119 28.77 -23.27 -12.25
C PHE C 119 29.98 -24.15 -11.96
N VAL C 120 30.96 -24.09 -12.87
CA VAL C 120 32.23 -24.78 -12.74
C VAL C 120 33.37 -23.77 -12.96
N GLU C 121 34.25 -23.65 -11.98
CA GLU C 121 35.43 -22.78 -12.02
C GLU C 121 36.67 -23.66 -12.06
N LEU C 122 37.35 -23.70 -13.19
CA LEU C 122 38.59 -24.46 -13.29
C LEU C 122 39.70 -23.69 -13.99
N ARG C 123 39.62 -22.35 -14.00
CA ARG C 123 40.60 -21.57 -14.76
C ARG C 123 42.03 -21.73 -14.23
N ASN C 124 42.20 -22.20 -12.99
CA ASN C 124 43.53 -22.45 -12.46
C ASN C 124 44.17 -23.73 -13.00
N GLN C 125 43.47 -24.52 -13.81
CA GLN C 125 43.96 -25.85 -14.16
C GLN C 125 44.74 -25.83 -15.48
N SER C 126 45.81 -26.61 -15.52
CA SER C 126 46.60 -26.78 -16.74
C SER C 126 45.80 -27.52 -17.81
N VAL C 127 46.27 -27.43 -19.05
CA VAL C 127 45.55 -27.98 -20.19
C VAL C 127 45.36 -29.49 -20.10
N ASP C 128 46.13 -30.19 -19.26
CA ASP C 128 45.95 -31.63 -19.13
C ASP C 128 45.74 -32.08 -17.69
N SER C 129 45.41 -31.15 -16.78
CA SER C 129 44.94 -31.55 -15.46
C SER C 129 43.85 -32.61 -15.59
N SER C 130 43.92 -33.64 -14.73
CA SER C 130 42.95 -34.74 -14.86
C SER C 130 41.57 -34.31 -14.42
N THR C 131 41.49 -33.41 -13.44
CA THR C 131 40.20 -32.88 -13.02
C THR C 131 39.52 -32.14 -14.15
N LEU C 132 40.29 -31.37 -14.93
CA LEU C 132 39.72 -30.59 -16.02
C LEU C 132 39.26 -31.49 -17.15
N VAL C 133 40.14 -32.37 -17.63
CA VAL C 133 39.75 -33.33 -18.67
C VAL C 133 38.51 -34.09 -18.24
N SER C 134 38.47 -34.54 -16.99
CA SER C 134 37.35 -35.34 -16.52
C SER C 134 36.04 -34.54 -16.46
N LYS C 135 36.10 -33.32 -15.92
CA LYS C 135 34.88 -32.52 -15.87
C LYS C 135 34.40 -32.18 -17.27
N LEU C 136 35.33 -32.02 -18.22
CA LEU C 136 34.99 -31.73 -19.61
C LEU C 136 34.38 -32.93 -20.30
N GLU C 137 34.95 -34.12 -20.09
CA GLU C 137 34.38 -35.31 -20.72
C GLU C 137 33.01 -35.61 -20.13
N ASN C 138 32.84 -35.34 -18.82
CA ASN C 138 31.52 -35.42 -18.17
C ASN C 138 30.45 -34.62 -18.90
N LEU C 139 30.81 -33.48 -19.50
CA LEU C 139 29.84 -32.74 -20.30
C LEU C 139 29.34 -33.61 -21.45
N VAL C 140 30.25 -34.21 -22.20
CA VAL C 140 29.86 -35.06 -23.32
C VAL C 140 29.09 -36.27 -22.83
N SER C 141 29.58 -36.92 -21.76
CA SER C 141 29.00 -38.19 -21.30
C SER C 141 27.55 -38.03 -20.84
N PHE C 142 27.25 -36.98 -20.07
CA PHE C 142 25.95 -36.87 -19.41
C PHE C 142 24.90 -36.08 -20.16
N ALA C 143 25.31 -35.29 -21.18
CA ALA C 143 24.39 -34.41 -21.87
C ALA C 143 23.14 -35.17 -22.29
N PRO C 144 21.94 -34.56 -22.16
CA PRO C 144 21.74 -33.15 -21.74
C PRO C 144 21.80 -32.91 -20.23
N LEU C 145 22.03 -33.94 -19.42
CA LEU C 145 22.24 -33.78 -17.99
C LEU C 145 23.67 -33.37 -17.70
N TYR C 146 23.94 -33.05 -16.43
CA TYR C 146 25.29 -32.79 -15.97
C TYR C 146 25.33 -33.01 -14.47
N ASN C 147 26.50 -33.43 -13.97
CA ASN C 147 26.57 -33.91 -12.59
C ASN C 147 26.99 -32.83 -11.61
N VAL C 148 27.30 -31.63 -12.08
CA VAL C 148 27.44 -30.47 -11.22
C VAL C 148 26.06 -29.83 -11.08
N PRO C 149 25.54 -29.68 -9.87
CA PRO C 149 24.17 -29.22 -9.69
C PRO C 149 24.02 -27.76 -10.08
N LYS C 150 22.75 -27.40 -10.37
CA LYS C 150 22.36 -26.02 -10.61
C LYS C 150 22.32 -25.24 -9.31
N CYS C 151 22.86 -24.02 -9.33
CA CYS C 151 22.67 -23.06 -8.24
C CYS C 151 23.23 -23.55 -6.91
N GLY C 152 24.37 -24.22 -6.94
CA GLY C 152 25.06 -24.60 -5.73
C GLY C 152 26.17 -25.61 -6.02
N PRO C 153 27.25 -25.60 -5.23
CA PRO C 153 28.40 -26.45 -5.56
C PRO C 153 28.19 -27.94 -5.26
N ASP C 154 27.37 -28.27 -4.28
CA ASP C 154 27.39 -29.61 -3.75
C ASP C 154 26.02 -30.26 -3.81
N TYR C 155 26.01 -31.59 -3.67
CA TYR C 155 24.75 -32.31 -3.67
C TYR C 155 24.98 -33.61 -2.93
N TYR C 156 24.10 -33.90 -2.00
CA TYR C 156 24.23 -35.09 -1.15
C TYR C 156 23.00 -35.96 -1.20
N GLY C 157 22.09 -35.73 -2.16
CA GLY C 157 20.86 -36.48 -2.27
C GLY C 157 21.17 -37.87 -2.83
N PRO C 158 20.12 -38.66 -3.14
CA PRO C 158 20.36 -40.05 -3.58
C PRO C 158 20.70 -40.20 -5.06
N THR C 159 20.67 -39.15 -5.87
CA THR C 159 21.05 -39.30 -7.28
C THR C 159 22.57 -39.47 -7.39
N VAL C 160 23.03 -40.58 -7.97
CA VAL C 160 24.47 -40.81 -8.15
C VAL C 160 24.79 -40.81 -9.64
N TYR C 161 25.42 -39.75 -10.14
CA TYR C 161 25.60 -39.62 -11.58
C TYR C 161 26.46 -40.74 -12.16
N SER C 162 27.46 -41.21 -11.42
CA SER C 162 28.36 -42.26 -11.91
C SER C 162 27.62 -43.57 -12.23
N GLU C 163 26.49 -43.82 -11.57
CA GLU C 163 25.69 -45.02 -11.83
C GLU C 163 25.05 -45.01 -13.21
N LEU C 164 24.90 -43.84 -13.83
CA LEU C 164 24.37 -43.74 -15.19
C LEU C 164 25.34 -44.26 -16.24
N LEU C 165 26.63 -44.39 -15.90
CA LEU C 165 27.64 -44.79 -16.85
C LEU C 165 28.03 -46.25 -16.70
N SER C 166 27.35 -47.02 -15.87
CA SER C 166 27.78 -48.38 -15.56
C SER C 166 26.61 -49.35 -15.49
N LEU C 167 26.86 -50.57 -15.98
CA LEU C 167 25.86 -51.62 -15.98
C LEU C 167 25.62 -52.25 -14.62
N ALA C 168 26.53 -52.07 -13.65
CA ALA C 168 26.29 -52.57 -12.30
C ALA C 168 24.94 -52.12 -11.78
N THR C 169 24.52 -50.91 -12.13
CA THR C 169 23.19 -50.42 -11.77
C THR C 169 22.21 -50.40 -12.95
N ASN C 170 22.47 -51.18 -14.01
CA ASN C 170 21.68 -51.08 -15.24
C ASN C 170 21.68 -49.65 -15.78
N ALA C 171 22.73 -48.88 -15.48
CA ALA C 171 22.86 -47.50 -15.94
C ALA C 171 21.66 -46.64 -15.55
N ARG C 172 21.11 -46.87 -14.36
CA ARG C 172 20.04 -46.04 -13.80
C ARG C 172 20.44 -45.57 -12.39
N THR C 173 19.83 -44.48 -11.94
CA THR C 173 20.05 -44.01 -10.57
C THR C 173 18.75 -43.41 -10.03
N HIS C 174 18.74 -43.20 -8.72
CA HIS C 174 17.63 -42.56 -8.04
C HIS C 174 17.41 -41.15 -8.54
N TRP C 175 16.17 -40.69 -8.35
CA TRP C 175 15.72 -39.39 -8.86
C TRP C 175 14.48 -38.99 -8.05
N TYR C 176 14.68 -38.10 -7.07
CA TYR C 176 13.61 -37.63 -6.19
C TYR C 176 13.60 -36.11 -6.32
N ALA C 177 13.00 -35.63 -7.41
CA ALA C 177 13.15 -34.21 -7.75
C ALA C 177 12.48 -33.32 -6.72
N THR C 178 11.32 -33.73 -6.23
CA THR C 178 10.62 -32.83 -5.31
C THR C 178 11.34 -32.76 -3.98
N ILE C 179 11.86 -33.89 -3.49
CA ILE C 179 12.58 -33.88 -2.23
C ILE C 179 13.88 -33.11 -2.37
N ASP C 180 14.65 -33.39 -3.43
CA ASP C 180 15.89 -32.65 -3.67
C ASP C 180 15.64 -31.15 -3.80
N TYR C 181 14.51 -30.73 -4.37
CA TYR C 181 14.31 -29.31 -4.51
C TYR C 181 13.89 -28.68 -3.19
N SER C 182 13.15 -29.43 -2.37
CA SER C 182 12.82 -28.98 -1.02
C SER C 182 14.07 -28.82 -0.17
N MET C 183 14.99 -29.78 -0.28
CA MET C 183 16.31 -29.66 0.34
C MET C 183 17.04 -28.42 -0.16
N PHE C 184 17.13 -28.25 -1.49
CA PHE C 184 17.73 -27.04 -2.08
C PHE C 184 17.11 -25.79 -1.48
N THR C 185 15.78 -25.74 -1.44
CA THR C 185 15.08 -24.58 -0.89
C THR C 185 15.52 -24.25 0.54
N ARG C 186 15.52 -25.26 1.45
CA ARG C 186 15.96 -24.98 2.82
C ARG C 186 17.38 -24.47 2.87
N SER C 187 18.26 -25.11 2.09
CA SER C 187 19.65 -24.67 1.99
C SER C 187 19.75 -23.21 1.54
N VAL C 188 18.97 -22.82 0.52
CA VAL C 188 19.02 -21.45 0.01
C VAL C 188 18.51 -20.47 1.06
N LEU C 189 17.41 -20.80 1.73
CA LEU C 189 16.87 -19.95 2.77
C LEU C 189 17.92 -19.71 3.86
N THR C 190 18.71 -20.73 4.16
CA THR C 190 19.82 -20.60 5.11
C THR C 190 20.88 -19.66 4.56
N GLY C 191 21.25 -19.84 3.29
CA GLY C 191 22.21 -18.95 2.67
C GLY C 191 21.75 -17.52 2.64
N PHE C 192 20.43 -17.31 2.45
CA PHE C 192 19.93 -15.94 2.45
C PHE C 192 20.08 -15.30 3.82
N VAL C 193 19.88 -16.06 4.90
CA VAL C 193 20.10 -15.52 6.23
C VAL C 193 21.59 -15.25 6.45
N ALA C 194 22.47 -16.11 5.91
CA ALA C 194 23.91 -15.84 5.97
C ALA C 194 24.24 -14.53 5.26
N LYS C 195 23.67 -14.32 4.07
CA LYS C 195 23.88 -13.09 3.32
C LYS C 195 23.37 -11.90 4.11
N TYR C 196 22.22 -12.04 4.77
CA TYR C 196 21.68 -10.99 5.61
C TYR C 196 22.63 -10.63 6.75
N PHE C 197 23.11 -11.63 7.49
CA PHE C 197 24.10 -11.37 8.54
C PHE C 197 25.31 -10.63 7.98
N ASN C 198 25.77 -11.02 6.79
CA ASN C 198 26.95 -10.37 6.21
C ASN C 198 26.69 -8.91 5.92
N GLU C 199 25.61 -8.62 5.18
CA GLU C 199 25.33 -7.24 4.76
C GLU C 199 25.09 -6.34 5.96
N GLU C 200 24.46 -6.86 7.00
CA GLU C 200 24.11 -6.08 8.18
C GLU C 200 25.22 -6.11 9.22
N ALA C 201 26.36 -6.71 8.88
CA ALA C 201 27.54 -6.74 9.75
C ALA C 201 27.18 -7.27 11.14
N VAL C 202 26.38 -8.31 11.18
CA VAL C 202 25.96 -8.86 12.48
C VAL C 202 27.17 -9.50 13.15
N PRO C 203 27.41 -9.25 14.44
CA PRO C 203 28.57 -9.87 15.10
C PRO C 203 28.47 -11.39 15.03
N ILE C 204 29.64 -12.03 14.98
CA ILE C 204 29.72 -13.48 14.79
C ILE C 204 28.95 -14.21 15.87
N ASP C 205 29.02 -13.73 17.10
CA ASP C 205 28.38 -14.44 18.22
C ASP C 205 26.88 -14.31 18.21
N LYS C 206 26.32 -13.52 17.29
CA LYS C 206 24.87 -13.35 17.17
C LYS C 206 24.34 -13.93 15.88
N ARG C 207 25.13 -14.75 15.19
CA ARG C 207 24.70 -15.37 13.95
C ARG C 207 23.92 -16.63 14.32
N ILE C 208 22.67 -16.41 14.69
CA ILE C 208 21.79 -17.42 15.23
C ILE C 208 20.46 -17.27 14.52
N VAL C 209 19.87 -18.38 14.08
CA VAL C 209 18.56 -18.32 13.44
C VAL C 209 17.58 -19.20 14.19
N SER C 210 16.35 -18.73 14.35
CA SER C 210 15.26 -19.57 14.84
C SER C 210 14.57 -20.24 13.66
N ILE C 211 14.51 -21.57 13.66
CA ILE C 211 13.79 -22.35 12.66
C ILE C 211 12.42 -22.71 13.23
N VAL C 212 11.36 -22.22 12.62
CA VAL C 212 10.02 -22.51 13.12
C VAL C 212 9.61 -23.91 12.67
N GLY C 213 9.32 -24.76 13.65
CA GLY C 213 8.94 -26.13 13.36
C GLY C 213 10.15 -27.02 13.24
N TYR C 214 10.11 -28.18 13.88
CA TYR C 214 11.26 -29.07 13.86
C TYR C 214 11.54 -29.53 12.43
N ASN C 215 12.78 -29.38 11.99
CA ASN C 215 13.12 -29.57 10.58
C ASN C 215 14.60 -29.96 10.48
N PRO C 216 14.90 -31.26 10.56
CA PRO C 216 16.29 -31.73 10.82
C PRO C 216 17.33 -31.18 9.86
N PRO C 217 17.07 -31.04 8.55
CA PRO C 217 18.17 -30.64 7.65
C PRO C 217 18.80 -29.26 7.96
N TYR C 218 18.09 -28.35 8.65
CA TYR C 218 18.64 -27.02 8.91
C TYR C 218 19.88 -27.05 9.79
N VAL C 219 20.02 -28.06 10.63
CA VAL C 219 21.22 -28.09 11.47
C VAL C 219 22.45 -28.17 10.57
N TRP C 220 22.38 -28.98 9.51
CA TRP C 220 23.52 -29.10 8.62
C TRP C 220 23.68 -27.85 7.76
N THR C 221 22.59 -27.35 7.17
CA THR C 221 22.70 -26.16 6.32
C THR C 221 23.27 -24.97 7.10
N CYS C 222 22.86 -24.82 8.36
CA CYS C 222 23.30 -23.69 9.16
C CYS C 222 24.78 -23.78 9.45
N LEU C 223 25.25 -24.94 9.91
CA LEU C 223 26.69 -25.07 10.16
C LEU C 223 27.50 -24.97 8.86
N ARG C 224 26.89 -25.27 7.72
CA ARG C 224 27.58 -25.01 6.46
C ARG C 224 27.78 -23.53 6.22
N HIS C 225 26.99 -22.68 6.89
CA HIS C 225 27.11 -21.23 6.70
C HIS C 225 27.58 -20.50 7.95
N GLY C 226 28.12 -21.22 8.93
CA GLY C 226 28.59 -20.55 10.14
C GLY C 226 27.48 -19.96 10.97
N ILE C 227 26.29 -20.54 10.88
CA ILE C 227 25.13 -20.05 11.60
C ILE C 227 24.73 -21.09 12.62
N ARG C 228 24.33 -20.66 13.81
CA ARG C 228 23.87 -21.61 14.78
C ARG C 228 22.36 -21.67 14.76
N PRO C 229 21.76 -22.84 14.49
CA PRO C 229 20.30 -22.95 14.52
C PRO C 229 19.78 -23.24 15.91
N THR C 230 18.56 -22.77 16.15
CA THR C 230 17.73 -23.26 17.24
C THR C 230 16.31 -23.43 16.69
N TYR C 231 15.62 -24.46 17.16
CA TYR C 231 14.27 -24.75 16.70
C TYR C 231 13.28 -24.17 17.69
N ILE C 232 12.12 -23.76 17.18
CA ILE C 232 10.99 -23.39 18.01
C ILE C 232 9.81 -24.20 17.53
N GLU C 233 9.21 -24.97 18.44
CA GLU C 233 8.21 -25.95 18.06
C GLU C 233 7.01 -25.83 18.98
N LYS C 234 5.82 -25.89 18.37
CA LYS C 234 4.58 -25.88 19.13
C LYS C 234 4.33 -27.22 19.82
N SER C 235 4.57 -28.33 19.11
CA SER C 235 4.23 -29.66 19.59
C SER C 235 5.04 -30.03 20.82
N LEU C 236 4.35 -30.31 21.91
CA LEU C 236 5.02 -30.67 23.15
C LEU C 236 5.81 -31.96 22.95
N PRO C 237 7.11 -31.97 23.28
CA PRO C 237 7.90 -33.20 23.12
C PRO C 237 7.69 -34.13 24.31
N ASN C 238 7.31 -35.37 24.02
CA ASN C 238 7.15 -36.40 25.04
C ASN C 238 7.96 -37.62 24.61
N PRO C 239 9.28 -37.59 24.82
CA PRO C 239 10.12 -38.70 24.34
C PRO C 239 9.91 -40.02 25.06
N GLY C 240 9.43 -40.00 26.31
CA GLY C 240 9.08 -41.22 27.02
C GLY C 240 10.22 -41.94 27.71
N GLY C 241 11.43 -41.38 27.72
CA GLY C 241 12.54 -41.95 28.44
C GLY C 241 12.65 -41.40 29.84
N LYS C 242 13.82 -41.57 30.44
CA LYS C 242 14.02 -41.16 31.82
C LYS C 242 14.87 -39.89 31.88
N GLY C 243 15.06 -39.38 33.10
CA GLY C 243 15.69 -38.10 33.32
C GLY C 243 14.68 -36.97 33.34
N PRO C 244 15.13 -35.77 33.73
CA PRO C 244 14.19 -34.62 33.80
C PRO C 244 13.52 -34.29 32.47
N PHE C 245 14.09 -34.68 31.33
CA PHE C 245 13.50 -34.35 30.04
C PHE C 245 13.14 -35.58 29.23
N GLY C 246 13.17 -36.76 29.83
CA GLY C 246 12.78 -37.97 29.14
C GLY C 246 13.68 -38.40 28.02
N LEU C 247 14.94 -37.94 28.01
CA LEU C 247 15.85 -38.24 26.92
C LEU C 247 16.83 -39.36 27.25
N ILE C 248 16.71 -39.97 28.43
CA ILE C 248 17.54 -41.12 28.79
C ILE C 248 16.81 -42.38 28.38
N LEU C 249 17.33 -43.05 27.35
CA LEU C 249 16.68 -44.20 26.72
C LEU C 249 15.24 -43.86 26.31
N PRO C 250 15.06 -42.91 25.40
CA PRO C 250 13.70 -42.52 25.04
C PRO C 250 12.99 -43.60 24.24
N VAL C 251 11.66 -43.63 24.41
CA VAL C 251 10.82 -44.65 23.79
C VAL C 251 10.98 -44.60 22.27
N ILE C 252 11.48 -45.69 21.69
CA ILE C 252 11.54 -45.78 20.22
C ILE C 252 10.33 -46.53 19.69
N PRO C 268 28.68 -39.28 3.69
CA PRO C 268 29.98 -39.98 3.69
C PRO C 268 30.43 -40.35 5.11
N GLN C 269 30.88 -39.36 5.87
CA GLN C 269 31.06 -39.48 7.31
C GLN C 269 29.87 -38.89 8.06
N ILE C 270 28.66 -39.22 7.58
CA ILE C 270 27.47 -38.52 8.05
C ILE C 270 27.20 -38.79 9.52
N LYS C 271 27.57 -39.97 10.02
CA LYS C 271 27.40 -40.25 11.44
C LYS C 271 28.17 -39.25 12.29
N LEU C 272 29.36 -38.85 11.83
CA LEU C 272 30.10 -37.84 12.55
C LEU C 272 29.61 -36.43 12.26
N LEU C 273 29.09 -36.18 11.04
CA LEU C 273 28.49 -34.87 10.74
C LEU C 273 27.21 -34.65 11.54
N CYS C 274 26.39 -35.69 11.69
CA CYS C 274 25.19 -35.57 12.52
C CYS C 274 25.54 -35.12 13.94
N LEU C 275 26.47 -35.81 14.60
CA LEU C 275 26.75 -35.44 15.98
C LEU C 275 27.46 -34.11 16.08
N ASP C 276 28.46 -33.86 15.23
CA ASP C 276 29.30 -32.69 15.41
C ASP C 276 28.60 -31.39 15.00
N THR C 277 27.83 -31.39 13.90
CA THR C 277 27.06 -30.19 13.58
C THR C 277 26.08 -29.86 14.71
N PHE C 278 25.43 -30.88 15.27
CA PHE C 278 24.57 -30.63 16.43
C PHE C 278 25.39 -30.05 17.58
N MET C 279 26.50 -30.69 17.94
CA MET C 279 27.28 -30.19 19.06
C MET C 279 27.79 -28.77 18.80
N LEU C 280 28.23 -28.49 17.57
CA LEU C 280 28.73 -27.16 17.23
C LEU C 280 27.64 -26.12 17.25
N SER C 281 26.37 -26.53 17.22
CA SER C 281 25.26 -25.59 17.35
C SER C 281 25.13 -25.08 18.77
N THR C 282 25.69 -25.78 19.75
CA THR C 282 25.45 -25.47 21.16
C THR C 282 26.44 -24.47 21.74
N SER C 283 27.55 -24.21 21.07
CA SER C 283 28.55 -23.28 21.60
C SER C 283 29.55 -22.93 20.51
N MET C 284 30.01 -21.68 20.52
CA MET C 284 31.09 -21.21 19.67
C MET C 284 32.45 -21.69 20.14
N ASN C 285 32.54 -22.19 21.37
CA ASN C 285 33.77 -22.76 21.92
C ASN C 285 33.59 -24.26 22.09
N ILE C 286 34.53 -25.03 21.54
CA ILE C 286 34.43 -26.49 21.55
C ILE C 286 35.73 -27.10 22.07
N LEU C 287 35.60 -28.06 23.00
CA LEU C 287 36.67 -28.99 23.34
C LEU C 287 36.41 -30.31 22.61
N TYR C 288 37.30 -30.69 21.72
CA TYR C 288 37.13 -31.89 20.91
C TYR C 288 38.20 -32.91 21.31
N ILE C 289 37.80 -33.88 22.13
CA ILE C 289 38.69 -34.93 22.61
C ILE C 289 38.55 -36.13 21.66
N GLY C 290 39.64 -36.44 20.96
CA GLY C 290 39.62 -37.50 19.96
C GLY C 290 39.32 -36.93 18.59
N ALA C 291 39.85 -35.74 18.32
CA ALA C 291 39.43 -34.96 17.16
C ALA C 291 40.05 -35.44 15.85
N TYR C 292 41.06 -36.33 15.89
CA TYR C 292 41.72 -36.62 14.62
C TYR C 292 41.02 -37.76 13.90
N PRO C 293 40.74 -37.64 12.59
CA PRO C 293 41.04 -36.50 11.72
C PRO C 293 39.89 -35.50 11.54
N ALA C 294 38.66 -35.93 11.82
CA ALA C 294 37.46 -35.09 11.67
C ALA C 294 37.47 -34.40 10.30
N THR C 295 37.74 -35.20 9.26
CA THR C 295 37.77 -34.67 7.90
C THR C 295 36.42 -34.09 7.50
N HIS C 296 35.32 -34.60 8.08
CA HIS C 296 34.00 -34.09 7.77
C HIS C 296 33.82 -32.62 8.15
N LEU C 297 34.63 -32.13 9.10
CA LEU C 297 34.51 -30.74 9.50
C LEU C 297 34.98 -29.77 8.41
N LEU C 298 35.78 -30.25 7.45
CA LEU C 298 36.43 -29.33 6.52
C LEU C 298 35.43 -28.64 5.60
N SER C 299 34.24 -29.20 5.41
CA SER C 299 33.26 -28.61 4.51
C SER C 299 32.39 -27.56 5.17
N LEU C 300 32.54 -27.35 6.48
CA LEU C 300 31.73 -26.41 7.23
C LEU C 300 32.41 -25.05 7.26
N GLN C 301 31.65 -24.02 7.59
CA GLN C 301 32.20 -22.70 7.84
C GLN C 301 32.10 -22.39 9.33
N LEU C 302 33.25 -22.23 9.97
CA LEU C 302 33.28 -22.14 11.43
C LEU C 302 33.93 -20.84 11.90
N ASN C 303 33.86 -19.79 11.08
CA ASN C 303 34.32 -18.47 11.48
C ASN C 303 33.69 -18.05 12.79
N GLY C 304 34.53 -17.72 13.77
CA GLY C 304 34.07 -17.40 15.10
C GLY C 304 34.04 -18.56 16.07
N TRP C 305 34.26 -19.79 15.61
CA TRP C 305 34.38 -20.92 16.51
C TRP C 305 35.81 -21.05 17.00
N THR C 306 35.95 -21.40 18.27
CA THR C 306 37.24 -21.77 18.83
C THR C 306 37.22 -23.26 19.13
N ILE C 307 38.11 -24.01 18.50
CA ILE C 307 38.18 -25.46 18.68
C ILE C 307 39.50 -25.83 19.36
N LEU C 308 39.41 -26.40 20.55
CA LEU C 308 40.57 -26.96 21.23
C LEU C 308 40.53 -28.46 21.02
N ALA C 309 41.48 -28.98 20.27
CA ALA C 309 41.47 -30.36 19.83
C ALA C 309 42.61 -31.14 20.48
N PHE C 310 42.27 -32.22 21.19
CA PHE C 310 43.24 -33.13 21.81
C PHE C 310 43.23 -34.45 21.06
N ASP C 311 44.38 -34.85 20.54
CA ASP C 311 44.60 -36.13 19.89
C ASP C 311 46.08 -36.29 19.59
N PRO C 312 46.73 -37.37 20.07
CA PRO C 312 48.16 -37.55 19.79
C PRO C 312 48.49 -37.76 18.32
N LYS C 313 47.47 -37.99 17.47
CA LYS C 313 47.68 -38.08 16.04
C LYS C 313 47.65 -36.71 15.37
N ILE C 314 47.39 -35.65 16.13
CA ILE C 314 47.33 -34.32 15.57
C ILE C 314 48.73 -33.85 15.23
N THR C 315 48.88 -33.18 14.09
CA THR C 315 50.14 -32.59 13.68
C THR C 315 49.95 -31.11 13.39
N SER C 316 51.07 -30.39 13.27
CA SER C 316 50.99 -28.97 12.96
C SER C 316 50.36 -28.74 11.59
N ASP C 317 50.45 -29.73 10.69
CA ASP C 317 49.82 -29.57 9.39
C ASP C 317 48.31 -29.76 9.49
N TRP C 318 47.85 -30.71 10.31
CA TRP C 318 46.43 -30.92 10.51
C TRP C 318 45.76 -29.67 11.08
N THR C 319 46.36 -29.07 12.11
CA THR C 319 45.79 -27.87 12.69
C THR C 319 45.73 -26.73 11.68
N ASP C 320 46.76 -26.57 10.85
CA ASP C 320 46.74 -25.53 9.86
C ASP C 320 45.65 -25.76 8.81
N ALA C 321 45.52 -27.00 8.33
CA ALA C 321 44.52 -27.31 7.32
C ALA C 321 43.11 -27.10 7.86
N MET C 322 42.84 -27.60 9.08
CA MET C 322 41.51 -27.46 9.68
C MET C 322 41.12 -25.98 9.83
N ALA C 323 42.06 -25.14 10.26
CA ALA C 323 41.74 -23.73 10.44
C ALA C 323 41.57 -23.00 9.11
N LYS C 324 42.36 -23.35 8.09
CA LYS C 324 42.22 -22.70 6.80
C LYS C 324 40.93 -23.11 6.11
N ALA C 325 40.59 -24.40 6.18
CA ALA C 325 39.41 -24.88 5.47
C ALA C 325 38.12 -24.36 6.08
N THR C 326 38.06 -24.25 7.43
CA THR C 326 36.84 -23.86 8.13
C THR C 326 36.85 -22.43 8.65
N GLY C 327 38.01 -21.82 8.82
CA GLY C 327 38.06 -20.51 9.43
C GLY C 327 37.86 -20.49 10.93
N ALA C 328 37.84 -21.65 11.59
CA ALA C 328 37.75 -21.64 13.04
C ALA C 328 39.13 -21.38 13.63
N LYS C 329 39.15 -20.77 14.81
CA LYS C 329 40.38 -20.71 15.60
C LYS C 329 40.64 -22.10 16.18
N VAL C 330 41.71 -22.76 15.73
CA VAL C 330 41.95 -24.17 16.04
C VAL C 330 43.26 -24.32 16.80
N ILE C 331 43.18 -24.82 18.02
CA ILE C 331 44.36 -25.11 18.83
C ILE C 331 44.47 -26.62 18.91
N GLY C 332 45.47 -27.16 18.22
CA GLY C 332 45.66 -28.59 18.11
C GLY C 332 46.69 -29.09 19.09
N VAL C 333 46.26 -29.94 20.01
CA VAL C 333 47.10 -30.47 21.08
C VAL C 333 47.50 -31.89 20.70
N SER C 334 48.78 -32.07 20.35
CA SER C 334 49.28 -33.39 20.00
C SER C 334 49.57 -34.23 21.24
N LYS C 335 48.61 -34.35 22.14
CA LYS C 335 48.78 -35.12 23.36
C LYS C 335 47.47 -35.81 23.69
N GLU C 336 47.53 -36.81 24.56
CA GLU C 336 46.32 -37.43 25.06
C GLU C 336 45.78 -36.63 26.24
N PHE C 337 44.47 -36.44 26.25
CA PHE C 337 43.80 -35.62 27.24
C PHE C 337 43.90 -36.26 28.63
N ASP C 338 44.25 -35.46 29.63
CA ASP C 338 44.42 -35.96 31.00
C ASP C 338 43.09 -35.88 31.72
N PHE C 339 42.34 -36.98 31.70
CA PHE C 339 41.07 -37.06 32.40
C PHE C 339 41.23 -37.19 33.92
N LYS C 340 42.46 -37.29 34.42
CA LYS C 340 42.75 -37.41 35.85
C LYS C 340 43.48 -36.13 36.27
N SER C 341 42.83 -34.99 36.07
CA SER C 341 43.43 -33.69 36.33
C SER C 341 42.32 -32.66 36.49
N PHE C 342 41.75 -32.59 37.69
CA PHE C 342 40.49 -31.88 37.92
C PHE C 342 40.76 -30.40 38.23
N SER C 343 41.32 -29.72 37.24
CA SER C 343 41.73 -28.33 37.36
C SER C 343 41.37 -27.59 36.08
N VAL C 344 40.63 -26.49 36.22
CA VAL C 344 40.32 -25.63 35.06
C VAL C 344 41.58 -25.04 34.45
N GLN C 345 42.70 -25.10 35.17
CA GLN C 345 43.99 -24.68 34.64
C GLN C 345 44.70 -25.81 33.91
N ALA C 346 44.23 -27.04 34.02
CA ALA C 346 44.82 -28.13 33.26
C ALA C 346 44.23 -28.16 31.85
N ASN C 347 44.91 -28.90 30.97
CA ASN C 347 44.42 -29.21 29.63
C ASN C 347 44.10 -27.96 28.83
N GLN C 348 44.74 -26.84 29.17
CA GLN C 348 44.59 -25.56 28.49
C GLN C 348 43.16 -25.04 28.50
N LEU C 349 42.31 -25.57 29.39
CA LEU C 349 40.93 -25.15 29.51
C LEU C 349 40.78 -23.70 29.98
N ASN C 350 41.84 -23.06 30.48
CA ASN C 350 41.70 -21.71 30.98
C ASN C 350 41.29 -20.72 29.90
N MET C 351 41.55 -21.05 28.63
CA MET C 351 41.13 -20.17 27.54
C MET C 351 39.61 -19.99 27.49
N PHE C 352 38.84 -20.87 28.13
CA PHE C 352 37.39 -20.82 28.02
C PHE C 352 36.71 -20.17 29.22
N GLN C 353 37.46 -19.72 30.22
CA GLN C 353 36.85 -19.16 31.42
C GLN C 353 36.06 -17.90 31.09
N ASN C 354 34.91 -17.76 31.76
CA ASN C 354 34.00 -16.62 31.56
C ASN C 354 33.47 -16.62 30.11
N SER C 355 33.10 -17.80 29.65
CA SER C 355 32.45 -17.97 28.35
C SER C 355 31.72 -19.31 28.37
N LYS C 356 31.05 -19.63 27.27
CA LYS C 356 30.34 -20.88 27.16
C LYS C 356 31.20 -21.92 26.44
N LEU C 357 31.08 -23.18 26.86
CA LEU C 357 31.86 -24.27 26.29
C LEU C 357 30.99 -25.51 26.12
N SER C 358 31.29 -26.29 25.09
CA SER C 358 30.73 -27.64 24.90
C SER C 358 31.87 -28.58 24.56
N VAL C 359 31.65 -29.87 24.80
CA VAL C 359 32.71 -30.87 24.72
C VAL C 359 32.25 -32.04 23.86
N ILE C 360 33.04 -32.37 22.86
CA ILE C 360 32.83 -33.53 22.01
C ILE C 360 33.92 -34.53 22.39
N ASP C 361 33.53 -35.63 23.04
CA ASP C 361 34.46 -36.71 23.39
C ASP C 361 34.26 -37.86 22.43
N ASP C 362 35.23 -38.07 21.53
CA ASP C 362 35.24 -39.18 20.59
C ASP C 362 36.41 -40.12 20.85
N THR C 363 36.93 -40.15 22.07
CA THR C 363 38.09 -40.97 22.38
C THR C 363 37.70 -42.42 22.59
N TRP C 364 38.57 -43.32 22.12
CA TRP C 364 38.38 -44.74 22.26
C TRP C 364 39.74 -45.41 22.36
N VAL C 365 39.80 -46.53 23.08
CA VAL C 365 41.05 -47.27 23.24
C VAL C 365 40.79 -48.77 23.12
N GLU C 366 41.82 -49.49 22.64
CA GLU C 366 41.79 -50.95 22.62
C GLU C 366 41.82 -51.51 24.04
N THR C 367 42.87 -51.18 24.79
CA THR C 367 43.12 -51.80 26.09
C THR C 367 42.19 -51.20 27.15
N ASP C 368 41.37 -52.06 27.76
CA ASP C 368 40.60 -51.73 28.95
C ASP C 368 39.68 -50.52 28.72
N TYR C 369 38.83 -50.66 27.71
CA TYR C 369 37.93 -49.58 27.35
C TYR C 369 36.96 -49.25 28.49
N GLU C 370 36.53 -50.27 29.25
CA GLU C 370 35.50 -50.05 30.25
C GLU C 370 35.98 -49.18 31.41
N LYS C 371 37.22 -49.39 31.85
CA LYS C 371 37.75 -48.50 32.89
C LYS C 371 38.01 -47.11 32.33
N PHE C 372 38.39 -47.02 31.05
CA PHE C 372 38.62 -45.72 30.42
C PHE C 372 37.38 -44.84 30.49
N GLN C 373 36.21 -45.41 30.20
CA GLN C 373 34.98 -44.61 30.22
C GLN C 373 34.67 -44.12 31.63
N SER C 374 34.91 -44.95 32.64
CA SER C 374 34.63 -44.56 34.02
C SER C 374 35.49 -43.37 34.43
N GLU C 375 36.75 -43.35 34.00
CA GLU C 375 37.59 -42.15 34.17
C GLU C 375 36.95 -40.95 33.48
N LYS C 376 36.59 -41.11 32.20
CA LYS C 376 35.98 -39.99 31.47
C LYS C 376 34.68 -39.56 32.11
N GLN C 377 33.84 -40.52 32.50
CA GLN C 377 32.59 -40.19 33.16
C GLN C 377 32.81 -39.35 34.41
N ALA C 378 33.76 -39.77 35.26
CA ALA C 378 34.05 -39.03 36.48
C ALA C 378 34.60 -37.65 36.16
N TYR C 379 35.42 -37.54 35.10
CA TYR C 379 35.90 -36.23 34.68
C TYR C 379 34.75 -35.34 34.22
N PHE C 380 33.86 -35.86 33.36
CA PHE C 380 32.78 -35.03 32.85
C PHE C 380 31.76 -34.71 33.94
N GLU C 381 31.55 -35.63 34.87
CA GLU C 381 30.68 -35.32 36.00
C GLU C 381 31.21 -34.15 36.81
N TRP C 382 32.52 -33.89 36.76
CA TRP C 382 33.12 -32.74 37.42
C TRP C 382 33.06 -31.51 36.54
N LEU C 383 33.56 -31.63 35.31
CA LEU C 383 33.68 -30.48 34.41
C LEU C 383 32.33 -29.82 34.14
N ILE C 384 31.25 -30.60 34.13
CA ILE C 384 29.94 -30.05 33.81
C ILE C 384 29.51 -28.97 34.80
N ASP C 385 29.95 -29.09 36.05
CA ASP C 385 29.49 -28.20 37.11
C ASP C 385 30.48 -27.10 37.44
N ARG C 386 31.46 -26.84 36.57
CA ARG C 386 32.41 -25.77 36.83
C ARG C 386 31.67 -24.43 36.94
N THR C 387 32.34 -23.46 37.57
CA THR C 387 31.74 -22.17 37.81
C THR C 387 32.44 -21.04 37.08
N SER C 388 33.71 -21.22 36.70
CA SER C 388 34.43 -20.23 35.90
C SER C 388 34.29 -20.47 34.41
N ILE C 389 33.66 -21.58 34.01
CA ILE C 389 33.31 -21.87 32.63
C ILE C 389 31.85 -22.29 32.60
N ASP C 390 31.12 -21.82 31.59
CA ASP C 390 29.71 -22.19 31.42
C ASP C 390 29.67 -23.40 30.50
N VAL C 391 29.82 -24.59 31.08
CA VAL C 391 29.84 -25.82 30.30
C VAL C 391 28.42 -26.16 29.90
N ARG C 392 28.16 -26.15 28.59
CA ARG C 392 26.79 -26.24 28.10
C ARG C 392 26.37 -27.68 27.83
N LEU C 393 27.25 -28.48 27.23
CA LEU C 393 26.88 -29.84 26.90
C LEU C 393 28.15 -30.63 26.61
N ILE C 394 28.18 -31.88 27.08
CA ILE C 394 29.30 -32.79 26.82
C ILE C 394 28.71 -34.04 26.19
N SER C 395 29.33 -34.53 25.13
CA SER C 395 28.88 -35.75 24.49
C SER C 395 30.00 -36.77 24.56
N MET C 396 29.66 -37.96 25.06
CA MET C 396 30.59 -39.04 25.29
C MET C 396 30.06 -40.32 24.66
N LYS C 397 30.95 -41.06 23.99
CA LYS C 397 30.62 -42.40 23.54
C LYS C 397 30.30 -43.27 24.75
N TRP C 398 29.20 -44.01 24.67
CA TRP C 398 28.74 -44.86 25.77
C TRP C 398 28.62 -46.29 25.28
N ASN C 399 29.39 -47.18 25.90
CA ASN C 399 29.38 -48.62 25.62
C ASN C 399 29.90 -49.29 26.91
N ARG C 400 29.01 -49.41 27.89
CA ARG C 400 29.37 -49.83 29.23
C ARG C 400 28.69 -51.14 29.55
N SER C 401 29.48 -52.16 29.92
CA SER C 401 29.00 -53.50 30.19
C SER C 401 28.52 -53.71 31.62
N LYS C 402 28.89 -52.82 32.55
CA LYS C 402 28.48 -52.92 33.94
C LYS C 402 27.61 -51.73 34.32
N ASP C 403 26.74 -51.94 35.30
CA ASP C 403 25.93 -50.86 35.83
C ASP C 403 26.79 -49.75 36.40
N THR C 404 26.29 -48.52 36.31
CA THR C 404 26.96 -47.41 36.96
C THR C 404 25.99 -46.26 37.13
N SER C 405 26.02 -45.65 38.31
CA SER C 405 25.26 -44.42 38.55
C SER C 405 26.00 -43.25 37.92
N VAL C 406 25.23 -42.38 37.27
CA VAL C 406 25.76 -41.21 36.57
C VAL C 406 25.13 -39.97 37.17
N SER C 407 25.91 -38.90 37.29
CA SER C 407 25.38 -37.62 37.73
C SER C 407 25.32 -36.65 36.55
N HIS C 408 24.34 -35.75 36.60
CA HIS C 408 24.15 -34.69 35.60
C HIS C 408 23.92 -35.28 34.20
N LEU C 409 23.31 -36.47 34.13
CA LEU C 409 23.02 -37.11 32.86
C LEU C 409 21.70 -36.57 32.32
N LEU C 410 21.78 -35.92 31.16
CA LEU C 410 20.59 -35.38 30.51
C LEU C 410 20.02 -36.32 29.46
N ALA C 411 20.86 -37.01 28.70
CA ALA C 411 20.42 -37.86 27.61
C ALA C 411 21.38 -39.02 27.41
N LEU C 412 20.82 -40.16 27.01
CA LEU C 412 21.58 -41.34 26.62
C LEU C 412 20.93 -41.88 25.36
N LEU C 413 21.62 -41.77 24.23
CA LEU C 413 20.92 -41.84 22.95
C LEU C 413 21.59 -42.80 21.99
N PRO C 414 20.81 -43.50 21.18
CA PRO C 414 21.40 -44.25 20.08
C PRO C 414 21.88 -43.29 19.02
N GLN C 415 22.89 -43.72 18.27
CA GLN C 415 23.36 -42.91 17.15
C GLN C 415 22.39 -43.07 15.99
N PRO C 416 21.77 -41.99 15.51
CA PRO C 416 20.76 -42.16 14.45
C PRO C 416 21.35 -42.66 13.15
N TYR C 417 22.64 -42.48 12.92
CA TYR C 417 23.36 -43.08 11.80
C TYR C 417 24.25 -44.23 12.24
N GLY C 418 24.03 -44.77 13.45
CA GLY C 418 24.87 -45.84 13.95
C GLY C 418 24.71 -47.16 13.20
N ALA C 419 23.53 -47.39 12.60
CA ALA C 419 23.20 -48.65 11.94
C ALA C 419 23.51 -49.86 12.80
N SER C 420 24.63 -50.54 12.52
CA SER C 420 24.97 -51.81 13.14
C SER C 420 25.50 -51.68 14.57
N ILE C 421 26.20 -50.58 14.89
CA ILE C 421 26.98 -50.50 16.12
C ILE C 421 26.06 -50.53 17.35
N ARG C 422 26.58 -51.07 18.45
CA ARG C 422 25.90 -51.08 19.74
C ARG C 422 26.26 -49.88 20.60
N GLU C 423 27.03 -48.95 20.08
CA GLU C 423 27.47 -47.78 20.85
C GLU C 423 26.34 -46.78 21.00
N MET C 424 26.27 -46.14 22.16
CA MET C 424 25.36 -45.04 22.42
C MET C 424 26.15 -43.75 22.59
N ARG C 425 25.42 -42.68 22.89
CA ARG C 425 26.00 -41.38 23.18
C ARG C 425 25.34 -40.82 24.42
N ALA C 426 26.15 -40.47 25.42
CA ALA C 426 25.65 -39.92 26.67
C ALA C 426 25.91 -38.42 26.70
N PHE C 427 24.93 -37.66 27.16
CA PHE C 427 24.98 -36.20 27.16
C PHE C 427 24.87 -35.64 28.57
N PHE C 428 25.90 -34.90 29.00
CA PHE C 428 25.92 -34.25 30.31
C PHE C 428 25.47 -32.79 30.20
N HIS C 429 24.65 -32.37 31.16
CA HIS C 429 24.09 -31.03 31.21
C HIS C 429 23.88 -30.66 32.67
N LYS C 430 23.98 -29.36 32.96
CA LYS C 430 23.73 -28.90 34.33
C LYS C 430 22.30 -29.23 34.76
N LYS C 431 21.35 -29.20 33.85
CA LYS C 431 19.97 -29.55 34.17
C LYS C 431 19.71 -31.04 33.99
N GLY C 432 20.74 -31.84 33.77
CA GLY C 432 20.56 -33.27 33.71
C GLY C 432 20.26 -33.87 35.08
N ALA C 433 19.82 -35.13 35.07
CA ALA C 433 19.44 -35.82 36.30
C ALA C 433 20.59 -35.83 37.30
N SER C 434 20.27 -35.50 38.55
CA SER C 434 21.31 -35.41 39.58
C SER C 434 21.98 -36.75 39.81
N ASP C 435 21.18 -37.80 39.96
CA ASP C 435 21.71 -39.15 40.08
C ASP C 435 20.72 -40.12 39.47
N ILE C 436 21.22 -41.12 38.74
CA ILE C 436 20.37 -42.14 38.14
C ILE C 436 21.24 -43.34 37.83
N LYS C 437 20.66 -44.54 37.94
CA LYS C 437 21.37 -45.79 37.75
C LYS C 437 21.14 -46.31 36.34
N ILE C 438 22.20 -46.39 35.55
CA ILE C 438 22.12 -46.88 34.18
C ILE C 438 22.56 -48.33 34.21
N LEU C 439 21.57 -49.23 34.19
CA LEU C 439 21.82 -50.67 34.26
C LEU C 439 22.17 -51.20 32.87
N ALA C 440 23.34 -51.85 32.76
CA ALA C 440 23.78 -52.39 31.47
C ALA C 440 22.80 -53.41 30.91
N ALA C 441 21.91 -53.95 31.74
CA ALA C 441 20.86 -54.83 31.23
C ALA C 441 19.93 -54.08 30.29
N GLU C 442 19.37 -52.96 30.77
CA GLU C 442 18.43 -52.18 29.95
C GLU C 442 19.14 -51.51 28.77
N THR C 443 20.36 -51.01 29.00
CA THR C 443 21.19 -50.51 27.92
C THR C 443 21.26 -51.53 26.78
N GLU C 444 21.59 -52.78 27.12
CA GLU C 444 21.81 -53.80 26.11
C GLU C 444 20.51 -54.17 25.40
N LYS C 445 19.39 -54.19 26.14
CA LYS C 445 18.09 -54.46 25.53
C LYS C 445 17.70 -53.34 24.57
N TYR C 446 17.95 -52.09 24.97
CA TYR C 446 17.61 -50.94 24.12
C TYR C 446 18.28 -51.04 22.76
N MET C 447 19.56 -51.43 22.74
CA MET C 447 20.29 -51.49 21.49
C MET C 447 20.00 -52.75 20.69
N ASP C 448 19.47 -53.80 21.32
CA ASP C 448 18.87 -54.88 20.56
C ASP C 448 17.69 -54.38 19.75
N ASP C 449 16.79 -53.63 20.39
CA ASP C 449 15.67 -52.99 19.70
C ASP C 449 16.15 -52.09 18.56
N PHE C 450 17.09 -51.18 18.87
CA PHE C 450 17.50 -50.19 17.88
C PHE C 450 18.19 -50.83 16.68
N THR C 451 19.09 -51.79 16.94
CA THR C 451 19.76 -52.48 15.84
C THR C 451 18.80 -53.34 15.02
N ALA C 452 17.54 -53.47 15.44
CA ALA C 452 16.59 -54.26 14.67
C ALA C 452 15.75 -53.42 13.72
N MET C 453 15.55 -52.14 14.01
CA MET C 453 14.63 -51.31 13.23
C MET C 453 15.25 -50.91 11.89
N SER C 454 14.40 -50.39 11.01
CA SER C 454 14.83 -49.97 9.69
C SER C 454 15.70 -48.71 9.79
N VAL C 455 16.46 -48.45 8.72
CA VAL C 455 17.37 -47.32 8.71
C VAL C 455 16.60 -46.01 8.87
N SER C 456 15.41 -45.91 8.25
CA SER C 456 14.63 -44.69 8.39
C SER C 456 14.08 -44.54 9.81
N ASP C 457 13.73 -45.65 10.45
CA ASP C 457 13.34 -45.60 11.85
C ASP C 457 14.50 -45.19 12.75
N GLN C 458 15.73 -45.58 12.38
CA GLN C 458 16.91 -45.24 13.17
C GLN C 458 17.27 -43.76 13.02
N ILE C 459 17.25 -43.25 11.78
CA ILE C 459 17.65 -41.87 11.51
C ILE C 459 16.72 -40.89 12.23
N ASN C 460 15.43 -41.22 12.31
CA ASN C 460 14.46 -40.31 12.89
C ASN C 460 14.68 -40.09 14.38
N THR C 461 15.47 -40.93 15.06
CA THR C 461 15.75 -40.67 16.46
C THR C 461 16.66 -39.46 16.67
N GLN C 462 17.26 -38.92 15.60
CA GLN C 462 17.96 -37.64 15.69
C GLN C 462 17.08 -36.55 16.29
N LYS C 463 15.77 -36.66 16.12
CA LYS C 463 14.79 -35.86 16.82
C LYS C 463 15.12 -35.72 18.31
N PHE C 464 15.56 -36.82 18.95
CA PHE C 464 15.87 -36.75 20.38
C PHE C 464 17.06 -35.85 20.65
N MET C 465 18.11 -35.96 19.83
CA MET C 465 19.25 -35.05 19.94
C MET C 465 18.81 -33.61 19.75
N HIS C 466 18.08 -33.33 18.67
CA HIS C 466 17.70 -31.97 18.34
C HIS C 466 16.69 -31.37 19.32
N CYS C 467 16.05 -32.20 20.16
CA CYS C 467 15.25 -31.69 21.28
C CYS C 467 16.06 -30.75 22.15
N MET C 468 17.35 -30.98 22.26
CA MET C 468 18.19 -30.19 23.16
C MET C 468 18.52 -28.81 22.61
N ILE C 469 18.21 -28.53 21.34
CA ILE C 469 18.31 -27.17 20.81
C ILE C 469 16.95 -26.75 20.26
N THR C 470 15.87 -27.15 20.93
CA THR C 470 14.52 -26.82 20.51
C THR C 470 13.79 -26.14 21.64
N THR C 471 13.21 -24.97 21.34
CA THR C 471 12.36 -24.26 22.28
C THR C 471 10.91 -24.66 22.06
N VAL C 472 10.23 -25.03 23.13
CA VAL C 472 8.82 -25.38 23.08
C VAL C 472 8.01 -24.09 23.26
N GLY C 473 7.16 -23.79 22.29
CA GLY C 473 6.41 -22.56 22.34
C GLY C 473 5.91 -22.19 20.97
N ASP C 474 5.09 -21.14 20.94
CA ASP C 474 4.45 -20.65 19.73
C ASP C 474 5.30 -19.56 19.10
N ALA C 475 5.68 -19.77 17.84
CA ALA C 475 6.52 -18.80 17.16
C ALA C 475 5.86 -17.44 17.05
N LEU C 476 4.53 -17.39 16.97
CA LEU C 476 3.88 -16.09 16.85
C LEU C 476 4.04 -15.24 18.10
N LYS C 477 4.44 -15.84 19.23
CA LYS C 477 4.65 -15.11 20.47
C LYS C 477 6.11 -14.75 20.71
N MET C 478 7.02 -15.17 19.85
CA MET C 478 8.45 -15.03 20.13
C MET C 478 8.88 -13.56 20.15
N ASP C 479 10.07 -13.34 20.70
CA ASP C 479 10.71 -12.03 20.70
C ASP C 479 11.20 -11.67 19.29
N LEU C 480 11.00 -10.41 18.89
CA LEU C 480 11.34 -9.97 17.54
C LEU C 480 12.42 -8.89 17.52
N ASP C 481 13.06 -8.60 18.64
CA ASP C 481 13.92 -7.41 18.68
C ASP C 481 15.35 -7.79 18.27
N GLY C 482 16.13 -6.76 17.94
CA GLY C 482 17.55 -6.93 17.66
C GLY C 482 17.90 -7.42 16.27
N GLY C 483 17.02 -7.25 15.30
CA GLY C 483 17.30 -7.73 13.95
C GLY C 483 17.18 -9.24 13.78
N ARG C 484 16.34 -9.88 14.57
CA ARG C 484 16.37 -11.33 14.74
C ARG C 484 16.02 -12.07 13.46
N ALA C 485 16.76 -13.13 13.18
CA ALA C 485 16.57 -13.93 11.98
C ALA C 485 15.73 -15.15 12.31
N VAL C 486 14.70 -15.38 11.50
CA VAL C 486 13.78 -16.50 11.70
C VAL C 486 13.43 -17.06 10.33
N ILE C 487 13.52 -18.39 10.17
CA ILE C 487 13.07 -19.05 8.94
C ILE C 487 11.78 -19.78 9.28
N ALA C 488 10.70 -19.32 8.67
CA ALA C 488 9.37 -19.86 8.88
C ALA C 488 8.92 -20.50 7.57
N SER C 489 9.53 -21.64 7.26
CA SER C 489 9.29 -22.39 6.04
C SER C 489 8.35 -23.55 6.33
N TYR C 490 7.29 -23.67 5.55
CA TYR C 490 6.43 -24.85 5.63
C TYR C 490 5.90 -25.04 7.06
N SER C 491 5.53 -23.94 7.72
CA SER C 491 5.17 -24.08 9.13
C SER C 491 4.10 -23.09 9.58
N LEU C 492 4.46 -21.81 9.70
CA LEU C 492 3.47 -20.78 10.02
C LEU C 492 2.31 -20.77 9.02
N SER C 493 2.52 -21.22 7.79
CA SER C 493 1.39 -21.29 6.87
C SER C 493 0.38 -22.37 7.28
N ASN C 494 0.79 -23.37 8.07
CA ASN C 494 -0.11 -24.44 8.50
C ASN C 494 -1.42 -23.86 9.00
N SER C 495 -2.54 -24.51 8.63
CA SER C 495 -3.83 -23.93 8.97
C SER C 495 -4.12 -23.95 10.47
N SER C 496 -3.27 -24.55 11.29
CA SER C 496 -3.41 -24.40 12.74
C SER C 496 -3.08 -23.00 13.22
N ASN C 497 -2.42 -22.17 12.40
CA ASN C 497 -2.24 -20.75 12.68
C ASN C 497 -3.22 -19.98 11.80
N SER C 498 -4.07 -19.18 12.42
CA SER C 498 -5.01 -18.39 11.62
C SER C 498 -4.26 -17.36 10.77
N LYS C 499 -4.83 -17.05 9.60
CA LYS C 499 -4.20 -16.06 8.74
C LYS C 499 -4.03 -14.75 9.46
N GLU C 500 -5.04 -14.36 10.23
CA GLU C 500 -5.03 -13.05 10.90
C GLU C 500 -3.92 -12.95 11.93
N ARG C 501 -3.66 -14.04 12.66
CA ARG C 501 -2.56 -13.99 13.63
C ARG C 501 -1.20 -14.06 12.96
N VAL C 502 -1.10 -14.76 11.82
CA VAL C 502 0.17 -14.80 11.09
C VAL C 502 0.49 -13.42 10.52
N LEU C 503 -0.48 -12.80 9.82
CA LEU C 503 -0.22 -11.49 9.22
C LEU C 503 0.08 -10.44 10.29
N LYS C 504 -0.55 -10.53 11.46
CA LYS C 504 -0.21 -9.61 12.53
C LYS C 504 1.23 -9.81 13.00
N PHE C 505 1.65 -11.08 13.14
CA PHE C 505 3.02 -11.36 13.53
C PHE C 505 4.01 -10.79 12.50
N LEU C 506 3.73 -11.02 11.21
CA LEU C 506 4.63 -10.55 10.15
C LEU C 506 4.64 -9.02 10.09
N SER C 507 3.47 -8.38 10.24
CA SER C 507 3.43 -6.92 10.33
C SER C 507 4.31 -6.42 11.47
N ASP C 508 4.14 -6.99 12.66
CA ASP C 508 5.00 -6.58 13.78
C ASP C 508 6.47 -6.91 13.54
N ALA C 509 6.75 -7.97 12.78
CA ALA C 509 8.15 -8.32 12.49
C ALA C 509 8.79 -7.28 11.58
N ASN C 510 8.09 -6.87 10.52
CA ASN C 510 8.67 -5.87 9.63
C ASN C 510 8.85 -4.53 10.34
N LYS C 511 7.83 -4.11 11.09
CA LYS C 511 7.93 -2.88 11.88
C LYS C 511 9.10 -2.95 12.84
N ALA C 512 9.36 -4.13 13.40
CA ALA C 512 10.46 -4.27 14.34
C ALA C 512 11.82 -4.34 13.66
N LYS C 513 11.89 -4.26 12.33
CA LYS C 513 13.14 -4.50 11.58
C LYS C 513 13.73 -5.87 11.86
N ALA C 514 12.89 -6.88 12.07
CA ALA C 514 13.37 -8.26 12.16
C ALA C 514 13.56 -8.83 10.75
N MET C 515 14.11 -10.04 10.70
CA MET C 515 14.28 -10.76 9.44
C MET C 515 13.58 -12.12 9.59
N VAL C 516 12.26 -12.10 9.58
CA VAL C 516 11.50 -13.34 9.52
C VAL C 516 11.26 -13.65 8.05
N VAL C 517 11.77 -14.79 7.59
CA VAL C 517 11.55 -15.26 6.23
C VAL C 517 10.37 -16.22 6.23
N PHE C 518 9.41 -16.00 5.33
CA PHE C 518 8.10 -16.62 5.38
C PHE C 518 7.79 -17.29 4.05
N GLY C 519 7.30 -18.52 4.09
CA GLY C 519 6.89 -19.22 2.87
C GLY C 519 5.47 -19.73 3.01
N ALA C 520 4.75 -19.74 1.87
CA ALA C 520 3.36 -20.20 1.90
C ALA C 520 2.94 -20.61 0.49
N PRO C 521 2.03 -21.58 0.36
CA PRO C 521 1.45 -21.86 -0.94
C PRO C 521 0.86 -20.57 -1.52
N ASN C 522 0.99 -20.43 -2.83
CA ASN C 522 0.47 -19.26 -3.51
C ASN C 522 -0.93 -19.56 -4.03
N THR C 523 -1.91 -18.85 -3.50
CA THR C 523 -3.31 -19.21 -3.74
C THR C 523 -3.65 -19.12 -5.22
N HIS C 524 -3.29 -18.03 -5.86
CA HIS C 524 -3.67 -17.83 -7.25
C HIS C 524 -2.97 -18.81 -8.19
N ARG C 525 -1.68 -19.14 -7.95
CA ARG C 525 -1.03 -20.07 -8.87
C ARG C 525 -1.56 -21.48 -8.67
N LEU C 526 -1.91 -21.83 -7.44
CA LEU C 526 -2.45 -23.18 -7.24
C LEU C 526 -3.84 -23.31 -7.85
N ALA C 527 -4.69 -22.30 -7.65
CA ALA C 527 -6.01 -22.33 -8.27
C ALA C 527 -5.91 -22.42 -9.79
N TYR C 528 -4.94 -21.72 -10.38
CA TYR C 528 -4.79 -21.78 -11.82
C TYR C 528 -4.29 -23.15 -12.26
N ALA C 529 -3.37 -23.75 -11.49
CA ALA C 529 -2.89 -25.10 -11.81
C ALA C 529 -3.99 -26.13 -11.63
N LYS C 530 -4.90 -25.88 -10.69
CA LYS C 530 -6.05 -26.77 -10.54
C LYS C 530 -7.02 -26.60 -11.69
N LYS C 531 -7.32 -25.34 -12.05
CA LYS C 531 -8.36 -25.06 -13.03
C LYS C 531 -8.01 -25.58 -14.42
N VAL C 532 -6.73 -25.49 -14.83
CA VAL C 532 -6.39 -26.07 -16.13
C VAL C 532 -6.19 -27.58 -16.06
N GLY C 533 -6.39 -28.18 -14.90
CA GLY C 533 -6.33 -29.63 -14.77
C GLY C 533 -4.95 -30.23 -14.59
N LEU C 534 -3.94 -29.43 -14.22
CA LEU C 534 -2.62 -29.99 -13.99
C LEU C 534 -2.58 -30.74 -12.67
N VAL C 535 -3.03 -30.11 -11.61
CA VAL C 535 -2.97 -30.63 -10.25
C VAL C 535 -4.34 -31.21 -9.95
N LEU C 536 -4.41 -32.54 -9.77
CA LEU C 536 -5.67 -33.22 -9.51
C LEU C 536 -5.96 -33.25 -8.01
N ASP C 537 -7.26 -33.27 -7.68
CA ASP C 537 -7.71 -33.34 -6.28
C ASP C 537 -7.03 -34.45 -5.50
N SER C 538 -6.68 -35.55 -6.16
CA SER C 538 -5.97 -36.64 -5.49
C SER C 538 -4.63 -36.19 -4.93
N ALA C 539 -4.03 -35.15 -5.49
CA ALA C 539 -2.76 -34.64 -4.97
C ALA C 539 -2.95 -33.48 -4.01
N ILE C 540 -3.72 -32.48 -4.43
CA ILE C 540 -3.89 -31.26 -3.64
C ILE C 540 -5.33 -30.82 -3.81
N LYS C 541 -5.99 -30.54 -2.69
CA LYS C 541 -7.33 -29.99 -2.73
C LYS C 541 -7.28 -28.53 -2.29
N MET C 542 -8.26 -27.76 -2.73
CA MET C 542 -8.35 -26.38 -2.27
C MET C 542 -9.83 -26.00 -2.16
N SER C 543 -10.20 -25.34 -1.08
CA SER C 543 -11.47 -24.62 -1.01
C SER C 543 -11.17 -23.26 -0.41
N LYS C 544 -11.48 -22.20 -1.16
CA LYS C 544 -11.04 -20.85 -0.86
C LYS C 544 -9.52 -20.86 -0.70
N ASP C 545 -9.00 -20.50 0.48
CA ASP C 545 -7.55 -20.50 0.66
C ASP C 545 -7.09 -21.65 1.55
N LEU C 546 -7.94 -22.65 1.76
CA LEU C 546 -7.58 -23.83 2.53
C LEU C 546 -7.05 -24.91 1.59
N ILE C 547 -5.79 -25.27 1.77
CA ILE C 547 -5.10 -26.16 0.84
C ILE C 547 -4.66 -27.41 1.60
N THR C 548 -5.02 -28.59 1.08
CA THR C 548 -4.74 -29.85 1.75
C THR C 548 -3.86 -30.73 0.86
N PHE C 549 -2.71 -31.15 1.39
CA PHE C 549 -1.76 -31.96 0.64
C PHE C 549 -1.98 -33.41 1.02
N SER C 550 -2.38 -34.22 0.04
CA SER C 550 -2.74 -35.60 0.33
C SER C 550 -1.71 -36.59 -0.21
N TRP C 557 0.15 -30.75 5.62
CA TRP C 557 -1.03 -31.43 5.08
C TRP C 557 -2.22 -30.46 4.92
N ARG C 558 -2.40 -29.53 5.85
CA ARG C 558 -3.37 -28.44 5.67
C ARG C 558 -2.66 -27.10 5.86
N ASP C 559 -2.64 -26.29 4.81
CA ASP C 559 -2.07 -24.95 4.86
C ASP C 559 -3.11 -23.95 4.36
N TYR C 560 -2.94 -22.70 4.77
CA TYR C 560 -3.59 -21.60 4.08
C TYR C 560 -2.67 -21.10 2.98
N GLY C 561 -3.22 -20.92 1.79
CA GLY C 561 -2.51 -20.17 0.79
C GLY C 561 -2.52 -18.68 1.11
N TYR C 562 -1.52 -17.98 0.60
CA TYR C 562 -1.39 -16.55 0.82
C TYR C 562 -1.12 -15.89 -0.52
N SER C 563 -1.43 -14.60 -0.57
CA SER C 563 -1.32 -13.78 -1.76
C SER C 563 -0.42 -12.58 -1.49
N GLN C 564 0.07 -11.98 -2.56
CA GLN C 564 0.94 -10.82 -2.44
C GLN C 564 0.26 -9.66 -1.68
N SER C 565 -1.04 -9.45 -1.91
CA SER C 565 -1.72 -8.31 -1.32
C SER C 565 -1.77 -8.40 0.19
N GLU C 566 -2.15 -9.57 0.70
CA GLU C 566 -2.10 -9.83 2.13
C GLU C 566 -0.72 -9.53 2.68
N LEU C 567 0.31 -10.14 2.08
CA LEU C 567 1.66 -10.04 2.61
C LEU C 567 2.15 -8.60 2.59
N TYR C 568 1.86 -7.86 1.51
CA TYR C 568 2.28 -6.47 1.45
C TYR C 568 1.68 -5.64 2.60
N ASP C 569 0.36 -5.69 2.77
CA ASP C 569 -0.28 -5.00 3.90
C ASP C 569 0.41 -5.34 5.21
N ALA C 570 0.88 -6.57 5.35
CA ALA C 570 1.70 -6.97 6.48
C ALA C 570 3.15 -6.49 6.35
N GLY C 571 3.50 -5.76 5.29
CA GLY C 571 4.84 -5.22 5.17
C GLY C 571 5.88 -6.20 4.63
N TYR C 572 5.48 -7.08 3.72
CA TYR C 572 6.31 -8.16 3.23
C TYR C 572 6.28 -8.18 1.71
N VAL C 573 7.41 -8.56 1.11
CA VAL C 573 7.62 -8.54 -0.34
C VAL C 573 8.09 -9.93 -0.77
N GLU C 574 7.52 -10.45 -1.86
CA GLU C 574 7.93 -11.73 -2.40
C GLU C 574 9.31 -11.65 -3.06
N ILE C 575 10.08 -12.71 -2.88
CA ILE C 575 11.36 -12.89 -3.56
C ILE C 575 11.43 -14.38 -3.90
N THR C 576 11.96 -14.70 -5.06
CA THR C 576 11.94 -16.10 -5.45
C THR C 576 13.14 -16.81 -4.85
N ILE C 577 13.06 -18.14 -4.81
CA ILE C 577 14.20 -18.93 -4.33
C ILE C 577 15.40 -18.68 -5.24
N ASP C 578 15.16 -18.59 -6.56
CA ASP C 578 16.22 -18.30 -7.51
C ASP C 578 16.91 -16.96 -7.22
N GLN C 579 16.11 -15.93 -6.92
CA GLN C 579 16.71 -14.65 -6.59
C GLN C 579 17.55 -14.75 -5.32
N MET C 580 17.09 -15.54 -4.33
CA MET C 580 17.80 -15.56 -3.06
C MET C 580 19.17 -16.17 -3.21
N VAL C 581 19.27 -17.29 -3.94
CA VAL C 581 20.57 -17.95 -4.10
C VAL C 581 21.51 -17.08 -4.93
N ALA C 582 21.01 -16.47 -6.01
CA ALA C 582 21.84 -15.56 -6.81
C ALA C 582 22.29 -14.36 -5.98
N TYR C 583 21.34 -13.71 -5.29
CA TYR C 583 21.65 -12.62 -4.38
C TYR C 583 22.68 -13.01 -3.34
N SER C 584 22.59 -14.25 -2.85
CA SER C 584 23.45 -14.74 -1.79
C SER C 584 24.66 -15.47 -2.33
N SER C 585 24.93 -15.39 -3.63
CA SER C 585 25.89 -16.33 -4.21
C SER C 585 27.26 -16.26 -3.55
N ASP C 586 27.70 -15.06 -3.12
CA ASP C 586 29.07 -14.94 -2.63
C ASP C 586 29.25 -15.43 -1.20
N VAL C 587 28.18 -15.81 -0.51
CA VAL C 587 28.29 -16.50 0.77
C VAL C 587 27.71 -17.91 0.73
N TYR C 588 27.15 -18.35 -0.40
CA TYR C 588 26.43 -19.61 -0.45
C TYR C 588 27.36 -20.80 -0.32
N ASN C 589 27.03 -21.70 0.61
CA ASN C 589 27.80 -22.93 0.75
C ASN C 589 26.89 -24.14 0.85
N GLY C 590 25.77 -24.13 0.12
CA GLY C 590 24.75 -25.15 0.25
C GLY C 590 24.74 -26.11 -0.91
N VAL C 591 23.60 -26.76 -1.10
CA VAL C 591 23.46 -27.71 -2.18
C VAL C 591 22.82 -26.99 -3.36
N GLY C 592 22.99 -27.57 -4.54
CA GLY C 592 22.27 -27.20 -5.74
C GLY C 592 21.13 -28.17 -6.01
N TYR C 593 20.62 -28.16 -7.24
CA TYR C 593 19.51 -29.01 -7.66
C TYR C 593 19.72 -29.47 -9.11
N PHE C 594 19.00 -30.52 -9.47
CA PHE C 594 19.08 -31.04 -10.83
C PHE C 594 17.83 -30.82 -11.65
N ALA C 595 16.64 -30.89 -11.05
CA ALA C 595 15.40 -30.64 -11.79
C ALA C 595 14.53 -29.66 -11.02
N ASN C 596 13.77 -28.88 -11.77
CA ASN C 596 12.70 -28.13 -11.15
C ASN C 596 11.51 -29.04 -10.85
N SER C 597 10.62 -28.56 -9.99
CA SER C 597 9.54 -29.36 -9.41
C SER C 597 8.26 -28.57 -9.34
N THR C 598 7.19 -29.12 -9.93
CA THR C 598 5.91 -28.43 -9.93
C THR C 598 5.41 -28.13 -8.52
N TYR C 599 5.54 -29.11 -7.63
CA TYR C 599 5.09 -28.93 -6.25
C TYR C 599 5.77 -27.75 -5.59
N ASN C 600 7.10 -27.69 -5.65
CA ASN C 600 7.80 -26.58 -4.99
C ASN C 600 7.45 -25.24 -5.65
N ASP C 601 7.21 -25.23 -6.97
CA ASP C 601 6.89 -23.99 -7.66
C ASP C 601 5.59 -23.37 -7.19
N LEU C 602 4.67 -24.17 -6.60
CA LEU C 602 3.43 -23.62 -6.04
C LEU C 602 3.66 -22.73 -4.81
N PHE C 603 4.83 -22.76 -4.19
CA PHE C 603 5.05 -21.97 -2.99
C PHE C 603 5.71 -20.65 -3.34
N SER C 604 5.41 -19.62 -2.54
CA SER C 604 6.00 -18.30 -2.68
C SER C 604 6.63 -17.93 -1.35
N TRP C 605 7.76 -17.22 -1.43
CA TRP C 605 8.61 -16.83 -0.30
C TRP C 605 8.69 -15.32 -0.17
N TYR C 606 8.76 -14.81 1.06
CA TYR C 606 8.60 -13.39 1.34
C TYR C 606 9.58 -12.90 2.39
N ILE C 607 10.11 -11.69 2.19
CA ILE C 607 11.02 -11.07 3.14
C ILE C 607 10.44 -9.70 3.52
N PRO C 608 10.85 -9.12 4.64
CA PRO C 608 10.22 -7.87 5.10
C PRO C 608 10.60 -6.66 4.24
N LYS C 609 9.61 -5.78 4.08
CA LYS C 609 9.76 -4.55 3.27
C LYS C 609 10.98 -3.74 3.66
N TRP C 610 11.25 -3.58 4.96
CA TRP C 610 12.32 -2.69 5.39
C TRP C 610 13.66 -3.10 4.78
N TYR C 611 13.90 -4.41 4.67
CA TYR C 611 15.16 -4.89 4.12
C TYR C 611 15.23 -4.66 2.61
N VAL C 612 14.12 -4.87 1.91
CA VAL C 612 14.12 -4.64 0.46
C VAL C 612 14.46 -3.19 0.17
N HIS C 613 13.86 -2.27 0.91
CA HIS C 613 14.13 -0.86 0.64
C HIS C 613 15.54 -0.49 1.05
N LYS C 614 16.02 -1.03 2.17
CA LYS C 614 17.37 -0.72 2.62
C LYS C 614 18.43 -1.20 1.63
N ARG C 615 18.30 -2.44 1.11
CA ARG C 615 19.42 -3.07 0.41
C ARG C 615 19.16 -3.60 -0.99
N MET C 616 17.92 -3.63 -1.48
CA MET C 616 17.66 -4.37 -2.71
C MET C 616 16.97 -3.55 -3.80
N LEU C 617 16.92 -2.22 -3.68
CA LEU C 617 16.20 -1.42 -4.67
C LEU C 617 16.96 -1.27 -5.97
N MET C 618 18.29 -1.44 -5.93
CA MET C 618 19.11 -1.35 -7.13
C MET C 618 19.29 -2.75 -7.68
N GLN C 619 18.71 -3.00 -8.86
CA GLN C 619 18.64 -4.34 -9.44
C GLN C 619 19.88 -4.59 -10.30
N ASP C 620 20.77 -5.49 -9.88
CA ASP C 620 21.72 -6.02 -10.84
C ASP C 620 21.25 -7.42 -11.28
N ILE C 621 22.15 -8.19 -11.89
CA ILE C 621 21.70 -9.45 -12.51
C ILE C 621 21.17 -10.41 -11.44
N ARG C 622 21.64 -10.30 -10.21
CA ARG C 622 21.31 -11.30 -9.21
C ARG C 622 19.81 -11.31 -8.92
N LEU C 623 19.17 -10.15 -8.94
CA LEU C 623 17.73 -10.06 -8.69
C LEU C 623 16.91 -9.86 -9.96
N SER C 624 17.57 -9.82 -11.10
CA SER C 624 16.90 -9.47 -12.34
C SER C 624 15.99 -10.61 -12.81
N PRO C 625 14.89 -10.28 -13.48
CA PRO C 625 14.05 -11.31 -14.10
C PRO C 625 14.52 -11.75 -15.47
N ALA C 626 15.82 -11.56 -15.77
CA ALA C 626 16.34 -11.89 -17.10
C ALA C 626 16.02 -13.34 -17.50
N ALA C 627 16.06 -14.26 -16.54
CA ALA C 627 15.80 -15.68 -16.84
C ALA C 627 14.31 -16.02 -16.92
N LEU C 628 13.43 -15.05 -16.87
CA LEU C 628 11.99 -15.26 -17.02
C LEU C 628 11.35 -14.40 -18.08
N VAL C 629 11.93 -13.26 -18.45
CA VAL C 629 11.18 -12.29 -19.23
C VAL C 629 11.08 -12.61 -20.70
N LYS C 630 11.82 -13.58 -21.22
N LYS C 630 11.84 -13.57 -21.21
CA LYS C 630 11.72 -13.90 -22.63
CA LYS C 630 11.83 -13.92 -22.61
C LYS C 630 11.54 -15.38 -22.93
C LYS C 630 11.49 -15.37 -22.90
N CYS C 631 11.75 -16.29 -21.97
CA CYS C 631 11.68 -17.71 -22.29
C CYS C 631 10.23 -18.18 -22.50
N PHE C 632 9.28 -17.67 -21.72
CA PHE C 632 7.88 -18.03 -21.96
C PHE C 632 7.35 -17.45 -23.27
N THR C 633 7.60 -16.16 -23.53
CA THR C 633 6.99 -15.56 -24.70
C THR C 633 7.65 -16.04 -25.98
N THR C 634 8.94 -16.39 -25.91
CA THR C 634 9.57 -17.07 -27.04
C THR C 634 8.93 -18.45 -27.29
N LEU C 635 8.72 -19.23 -26.23
CA LEU C 635 8.02 -20.51 -26.41
C LEU C 635 6.66 -20.32 -27.11
N ILE C 636 5.88 -19.36 -26.64
CA ILE C 636 4.55 -19.20 -27.19
C ILE C 636 4.62 -18.74 -28.64
N ARG C 637 5.59 -17.87 -28.97
CA ARG C 637 5.73 -17.41 -30.35
C ARG C 637 6.11 -18.56 -31.29
N ASN C 638 6.97 -19.46 -30.83
CA ASN C 638 7.38 -20.59 -31.65
C ASN C 638 6.21 -21.54 -31.86
N ILE C 639 5.47 -21.84 -30.78
CA ILE C 639 4.31 -22.72 -30.86
C ILE C 639 3.23 -22.13 -31.75
N CYS C 640 3.03 -20.82 -31.67
CA CYS C 640 1.89 -20.18 -32.28
C CYS C 640 2.22 -19.48 -33.60
N TYR C 641 3.47 -19.56 -34.08
CA TYR C 641 3.85 -18.95 -35.36
C TYR C 641 3.69 -17.43 -35.35
N VAL C 642 4.27 -16.77 -34.36
CA VAL C 642 4.12 -15.32 -34.23
C VAL C 642 5.45 -14.69 -34.62
N PRO C 643 5.56 -14.10 -35.80
CA PRO C 643 6.83 -13.49 -36.22
C PRO C 643 7.28 -12.41 -35.24
N HIS C 644 8.58 -12.16 -35.24
CA HIS C 644 9.17 -11.23 -34.28
C HIS C 644 8.53 -9.85 -34.36
N GLU C 645 8.42 -9.28 -35.56
CA GLU C 645 7.88 -7.93 -35.61
C GLU C 645 6.36 -7.91 -35.57
N THR C 646 5.71 -9.01 -35.95
CA THR C 646 4.27 -9.15 -35.72
C THR C 646 3.93 -9.07 -34.23
N TYR C 647 4.78 -9.65 -33.38
CA TYR C 647 4.55 -9.57 -31.93
C TYR C 647 4.48 -8.11 -31.48
N TYR C 648 5.42 -7.29 -31.95
CA TYR C 648 5.41 -5.88 -31.55
C TYR C 648 4.25 -5.11 -32.17
N ARG C 649 3.85 -5.45 -33.40
CA ARG C 649 2.68 -4.81 -33.98
C ARG C 649 1.47 -5.02 -33.09
N PHE C 650 1.34 -6.21 -32.50
CA PHE C 650 0.18 -6.51 -31.67
C PHE C 650 0.15 -5.64 -30.42
N ARG C 651 1.32 -5.46 -29.79
CA ARG C 651 1.40 -4.59 -28.62
C ARG C 651 0.95 -3.18 -28.94
N GLY C 652 1.30 -2.67 -30.13
CA GLY C 652 0.82 -1.36 -30.53
C GLY C 652 -0.69 -1.31 -30.67
N ILE C 653 -1.28 -2.38 -31.21
CA ILE C 653 -2.73 -2.41 -31.39
C ILE C 653 -3.42 -2.44 -30.04
N LEU C 654 -2.87 -3.19 -29.09
CA LEU C 654 -3.43 -3.20 -27.75
C LEU C 654 -3.33 -1.83 -27.10
N VAL C 655 -2.22 -1.10 -27.31
CA VAL C 655 -2.15 0.24 -26.74
C VAL C 655 -3.17 1.16 -27.41
N ASP C 656 -3.27 1.08 -28.74
CA ASP C 656 -4.25 1.87 -29.48
C ASP C 656 -5.66 1.65 -28.92
N LYS C 657 -6.05 0.39 -28.76
CA LYS C 657 -7.36 0.08 -28.20
C LYS C 657 -7.54 0.70 -26.81
N TYR C 658 -6.52 0.57 -25.95
CA TYR C 658 -6.61 1.15 -24.63
C TYR C 658 -6.79 2.66 -24.68
N LEU C 659 -6.00 3.34 -25.51
CA LEU C 659 -6.10 4.79 -25.56
C LEU C 659 -7.47 5.22 -26.07
N ARG C 660 -7.97 4.53 -27.11
CA ARG C 660 -9.32 4.80 -27.59
C ARG C 660 -10.33 4.67 -26.46
N SER C 661 -10.27 3.57 -25.70
CA SER C 661 -11.19 3.34 -24.60
C SER C 661 -11.09 4.37 -23.47
N LYS C 662 -10.02 5.17 -23.43
CA LYS C 662 -9.96 6.31 -22.51
C LYS C 662 -10.32 7.61 -23.20
N ASN C 663 -10.80 7.54 -24.44
CA ASN C 663 -11.29 8.69 -25.20
C ASN C 663 -10.17 9.69 -25.48
N VAL C 664 -8.99 9.18 -25.75
CA VAL C 664 -7.91 10.01 -26.27
C VAL C 664 -8.12 10.20 -27.77
N ASP C 665 -7.97 11.43 -28.22
CA ASP C 665 -8.08 11.75 -29.64
C ASP C 665 -6.99 11.04 -30.44
N PRO C 666 -7.35 10.25 -31.45
CA PRO C 666 -6.31 9.53 -32.22
C PRO C 666 -5.40 10.42 -33.06
N SER C 667 -5.81 11.68 -33.30
CA SER C 667 -4.93 12.63 -33.97
C SER C 667 -3.78 13.09 -33.10
N GLN C 668 -3.82 12.83 -31.80
CA GLN C 668 -2.78 13.22 -30.86
C GLN C 668 -1.65 12.19 -30.74
N TYR C 669 -1.74 11.04 -31.40
CA TYR C 669 -0.66 10.07 -31.30
C TYR C 669 -0.57 9.28 -32.60
N SER C 670 0.58 8.64 -32.80
CA SER C 670 0.81 7.77 -33.96
C SER C 670 1.33 6.42 -33.50
N ILE C 671 0.50 5.37 -33.62
CA ILE C 671 0.97 4.03 -33.28
C ILE C 671 2.11 3.66 -34.22
N VAL C 672 3.23 3.23 -33.64
CA VAL C 672 4.36 2.67 -34.39
C VAL C 672 4.40 1.14 -34.29
N GLY C 673 4.37 0.61 -33.07
CA GLY C 673 4.33 -0.84 -32.89
C GLY C 673 5.60 -1.57 -33.27
N SER C 674 6.77 -1.03 -32.94
CA SER C 674 8.03 -1.72 -33.15
C SER C 674 8.62 -2.15 -31.80
N GLY C 675 9.68 -2.95 -31.87
CA GLY C 675 10.38 -3.34 -30.65
C GLY C 675 10.93 -2.17 -29.87
N SER C 676 11.26 -1.06 -30.55
CA SER C 676 11.85 0.09 -29.87
C SER C 676 10.86 1.21 -29.61
N LYS C 677 9.73 1.25 -30.32
CA LYS C 677 8.78 2.35 -30.17
C LYS C 677 7.36 1.82 -30.24
N THR C 678 6.61 1.97 -29.15
CA THR C 678 5.20 1.61 -29.17
C THR C 678 4.39 2.65 -29.93
N PHE C 679 4.49 3.92 -29.51
CA PHE C 679 3.85 4.98 -30.28
C PHE C 679 4.59 6.30 -30.09
N THR C 680 4.25 7.25 -30.96
CA THR C 680 4.77 8.61 -30.96
C THR C 680 3.66 9.58 -30.56
N VAL C 681 3.96 10.49 -29.63
CA VAL C 681 3.01 11.50 -29.17
C VAL C 681 3.08 12.69 -30.11
N LEU C 682 1.94 13.06 -30.72
CA LEU C 682 1.94 14.17 -31.67
C LEU C 682 1.66 15.50 -31.01
N SER C 683 0.73 15.55 -30.07
CA SER C 683 0.49 16.75 -29.28
C SER C 683 0.12 16.32 -27.86
N HIS C 684 0.20 17.27 -26.94
CA HIS C 684 0.18 16.92 -25.52
C HIS C 684 -1.19 16.41 -25.10
N PHE C 685 -1.21 15.35 -24.31
CA PHE C 685 -2.47 14.91 -23.72
C PHE C 685 -2.17 14.17 -22.43
N GLU C 686 -3.20 14.05 -21.59
CA GLU C 686 -3.07 13.44 -20.28
C GLU C 686 -4.25 12.50 -20.10
N VAL C 687 -3.98 11.33 -19.53
CA VAL C 687 -4.97 10.27 -19.38
C VAL C 687 -5.22 10.06 -17.89
N PRO C 688 -6.47 10.09 -17.42
CA PRO C 688 -6.74 9.86 -16.00
C PRO C 688 -6.33 8.47 -15.55
N HIS C 689 -5.87 8.36 -14.31
CA HIS C 689 -5.37 7.10 -13.76
C HIS C 689 -5.24 7.27 -12.25
N GLU C 690 -5.35 6.17 -11.52
CA GLU C 690 -5.41 6.26 -10.06
C GLU C 690 -4.07 6.61 -9.43
N CYS C 691 -2.96 6.49 -10.16
CA CYS C 691 -1.64 6.83 -9.64
C CYS C 691 -1.26 8.27 -9.90
N GLY C 692 -2.18 9.07 -10.46
CA GLY C 692 -1.84 10.33 -11.06
C GLY C 692 -2.03 10.18 -12.54
N PRO C 693 -2.41 11.26 -13.22
CA PRO C 693 -2.64 11.16 -14.66
C PRO C 693 -1.37 10.77 -15.39
N LEU C 694 -1.56 10.01 -16.47
CA LEU C 694 -0.46 9.68 -17.37
C LEU C 694 -0.21 10.88 -18.28
N VAL C 695 1.04 11.32 -18.34
CA VAL C 695 1.39 12.56 -19.02
C VAL C 695 2.18 12.21 -20.26
N PHE C 696 1.65 12.59 -21.41
CA PHE C 696 2.26 12.34 -22.70
C PHE C 696 2.55 13.68 -23.35
N GLU C 697 3.83 13.97 -23.54
CA GLU C 697 4.29 15.27 -24.01
C GLU C 697 4.54 15.22 -25.50
N ALA C 698 4.37 16.39 -26.13
CA ALA C 698 4.46 16.52 -27.58
C ALA C 698 5.82 16.08 -28.13
N SER C 699 5.79 15.45 -29.31
CA SER C 699 7.00 15.04 -30.04
C SER C 699 7.90 14.17 -29.18
N THR C 700 7.31 13.20 -28.49
CA THR C 700 8.06 12.22 -27.72
C THR C 700 7.65 10.82 -28.15
N ASP C 701 8.55 9.87 -27.92
CA ASP C 701 8.31 8.46 -28.20
C ASP C 701 8.00 7.74 -26.89
N VAL C 702 6.99 6.87 -26.92
CA VAL C 702 6.60 6.04 -25.78
C VAL C 702 6.91 4.60 -26.11
N ASN C 703 7.67 3.95 -25.24
CA ASN C 703 8.07 2.56 -25.38
C ASN C 703 7.62 1.85 -24.09
N ILE C 704 6.48 1.16 -24.15
CA ILE C 704 5.89 0.59 -22.93
C ILE C 704 6.78 -0.54 -22.39
N SER C 705 6.53 -0.93 -21.15
CA SER C 705 7.40 -1.90 -20.48
C SER C 705 7.07 -3.33 -20.90
N GLY C 706 7.80 -3.83 -21.90
CA GLY C 706 7.52 -5.17 -22.40
C GLY C 706 7.75 -6.25 -21.37
N HIS C 707 8.70 -6.05 -20.45
CA HIS C 707 8.99 -7.06 -19.45
C HIS C 707 7.80 -7.30 -18.53
N LEU C 708 7.09 -6.22 -18.18
CA LEU C 708 5.88 -6.36 -17.38
C LEU C 708 4.89 -7.29 -18.05
N LEU C 709 4.66 -7.08 -19.35
CA LEU C 709 3.76 -7.94 -20.12
C LEU C 709 4.18 -9.40 -20.05
N SER C 710 5.45 -9.71 -20.36
CA SER C 710 5.88 -11.10 -20.36
C SER C 710 5.91 -11.68 -18.96
N LEU C 711 6.22 -10.87 -17.93
CA LEU C 711 6.20 -11.42 -16.58
C LEU C 711 4.78 -11.73 -16.12
N ALA C 712 3.77 -11.11 -16.72
CA ALA C 712 2.39 -11.53 -16.48
C ALA C 712 2.19 -12.99 -16.87
N ILE C 713 2.78 -13.40 -17.98
CA ILE C 713 2.69 -14.80 -18.40
C ILE C 713 3.43 -15.69 -17.42
N ALA C 714 4.70 -15.38 -17.14
CA ALA C 714 5.48 -16.20 -16.23
C ALA C 714 4.75 -16.38 -14.91
N ALA C 715 4.03 -15.37 -14.45
CA ALA C 715 3.36 -15.47 -13.15
C ALA C 715 2.34 -16.60 -13.10
N HIS C 716 1.81 -17.03 -14.24
CA HIS C 716 0.89 -18.17 -14.22
C HIS C 716 1.58 -19.48 -13.88
N PHE C 717 2.88 -19.56 -14.04
CA PHE C 717 3.53 -20.86 -13.96
C PHE C 717 4.51 -20.95 -12.81
N VAL C 718 5.17 -19.84 -12.47
CA VAL C 718 6.17 -19.83 -11.42
C VAL C 718 6.09 -18.50 -10.68
N ALA C 719 6.79 -18.46 -9.54
CA ALA C 719 6.72 -17.33 -8.64
C ALA C 719 7.13 -16.01 -9.31
N SER C 720 6.42 -14.94 -8.95
CA SER C 720 6.48 -13.63 -9.61
C SER C 720 6.66 -12.55 -8.56
N PRO C 721 7.92 -12.17 -8.23
CA PRO C 721 8.15 -11.12 -7.20
C PRO C 721 7.84 -9.70 -7.71
N MET C 722 6.57 -9.39 -7.95
CA MET C 722 6.28 -8.23 -8.79
C MET C 722 6.36 -6.92 -8.03
N ILE C 723 6.13 -6.93 -6.72
CA ILE C 723 6.37 -5.71 -5.95
C ILE C 723 7.86 -5.38 -5.97
N LEU C 724 8.71 -6.40 -5.85
CA LEU C 724 10.16 -6.18 -5.88
C LEU C 724 10.61 -5.67 -7.24
N TRP C 725 10.16 -6.32 -8.33
CA TRP C 725 10.56 -5.85 -9.66
C TRP C 725 10.06 -4.42 -9.89
N ALA C 726 8.84 -4.13 -9.46
CA ALA C 726 8.24 -2.81 -9.63
C ALA C 726 8.98 -1.74 -8.84
N GLU C 727 9.41 -2.04 -7.60
CA GLU C 727 10.22 -1.10 -6.83
C GLU C 727 11.56 -0.85 -7.52
N GLN C 728 12.19 -1.91 -8.04
CA GLN C 728 13.43 -1.70 -8.76
C GLN C 728 13.21 -0.90 -10.04
N MET C 729 12.07 -1.10 -10.70
CA MET C 729 11.75 -0.28 -11.86
C MET C 729 11.55 1.18 -11.47
N LYS C 730 10.84 1.42 -10.37
CA LYS C 730 10.66 2.79 -9.90
C LYS C 730 12.00 3.42 -9.50
N TYR C 731 12.85 2.64 -8.81
CA TYR C 731 14.17 3.14 -8.42
C TYR C 731 14.96 3.63 -9.64
N MET C 732 14.87 2.90 -10.74
CA MET C 732 15.60 3.20 -11.97
C MET C 732 14.80 4.09 -12.93
N ALA C 733 13.92 4.93 -12.40
CA ALA C 733 13.26 5.91 -13.27
C ALA C 733 14.15 7.09 -13.60
N VAL C 734 15.31 7.20 -12.94
CA VAL C 734 16.32 8.19 -13.27
C VAL C 734 17.63 7.47 -13.58
N ASP C 735 18.52 8.16 -14.25
CA ASP C 735 19.85 7.62 -14.47
C ASP C 735 20.58 7.53 -13.15
N ARG C 736 21.46 6.54 -13.02
CA ARG C 736 22.18 6.36 -11.77
C ARG C 736 23.63 5.97 -12.04
N MET C 737 24.49 6.30 -11.08
CA MET C 737 25.87 5.83 -11.11
C MET C 737 25.94 4.35 -10.76
N LEU C 738 26.93 3.67 -11.33
CA LEU C 738 27.25 2.33 -10.89
C LEU C 738 27.58 2.35 -9.40
N PRO C 739 26.92 1.53 -8.57
CA PRO C 739 27.29 1.48 -7.16
C PRO C 739 28.75 1.13 -7.01
N PRO C 740 29.46 1.76 -6.08
CA PRO C 740 30.92 1.66 -6.08
C PRO C 740 31.44 0.31 -5.59
N ASN C 741 30.73 -0.37 -4.70
CA ASN C 741 31.27 -1.58 -4.11
C ASN C 741 30.86 -2.84 -4.87
N LEU C 742 30.34 -2.72 -6.08
CA LEU C 742 29.84 -3.85 -6.85
C LEU C 742 30.62 -3.94 -8.15
N ASP C 743 30.86 -5.17 -8.60
CA ASP C 743 31.56 -5.37 -9.85
C ASP C 743 30.71 -4.90 -11.03
N LYS C 744 31.32 -4.15 -11.94
CA LYS C 744 30.60 -3.59 -13.08
C LYS C 744 29.92 -4.69 -13.90
N SER C 745 30.52 -5.87 -13.96
CA SER C 745 29.93 -6.90 -14.80
C SER C 745 28.63 -7.46 -14.25
N LEU C 746 28.34 -7.25 -12.95
CA LEU C 746 27.01 -7.58 -12.44
C LEU C 746 25.92 -6.75 -13.12
N PHE C 747 26.29 -5.64 -13.74
CA PHE C 747 25.34 -4.75 -14.42
C PHE C 747 25.37 -4.90 -15.94
N PHE C 748 25.89 -6.04 -16.45
CA PHE C 748 26.08 -6.17 -17.89
C PHE C 748 24.79 -6.07 -18.66
N ASP C 749 23.67 -6.46 -18.06
CA ASP C 749 22.43 -6.44 -18.80
C ASP C 749 21.73 -5.09 -18.78
N ASN C 750 22.23 -4.12 -18.00
CA ASN C 750 21.62 -2.80 -17.84
C ASN C 750 22.10 -1.87 -18.94
N LYS C 751 21.19 -1.12 -19.55
CA LYS C 751 21.66 -0.17 -20.56
C LYS C 751 22.42 0.97 -19.89
N VAL C 752 23.45 1.45 -20.57
CA VAL C 752 24.25 2.54 -20.03
C VAL C 752 24.22 3.73 -20.97
N THR C 753 24.57 4.90 -20.42
CA THR C 753 24.62 6.14 -21.19
C THR C 753 25.98 6.25 -21.88
N PRO C 754 26.14 7.19 -22.81
CA PRO C 754 27.48 7.42 -23.38
C PRO C 754 28.55 7.72 -22.34
N SER C 755 28.19 8.24 -21.16
CA SER C 755 29.14 8.48 -20.07
C SER C 755 29.40 7.25 -19.20
N GLY C 756 28.63 6.17 -19.35
CA GLY C 756 28.84 4.99 -18.55
C GLY C 756 27.96 4.91 -17.32
N ALA C 757 26.99 5.81 -17.19
CA ALA C 757 26.03 5.72 -16.11
C ALA C 757 24.95 4.70 -16.47
N LEU C 758 24.28 4.21 -15.43
CA LEU C 758 23.14 3.33 -15.65
C LEU C 758 21.98 4.18 -16.16
N GLN C 759 21.59 3.96 -17.41
CA GLN C 759 20.48 4.69 -18.01
C GLN C 759 19.14 4.30 -17.39
N ARG C 760 18.28 5.30 -17.13
CA ARG C 760 16.90 5.08 -16.68
C ARG C 760 16.17 4.05 -17.57
N TRP C 761 15.28 3.26 -16.96
CA TRP C 761 14.61 2.15 -17.69
C TRP C 761 13.37 2.62 -18.43
N HIS C 762 12.33 2.98 -17.69
CA HIS C 762 11.05 3.34 -18.26
C HIS C 762 10.44 4.45 -17.43
N SER C 763 9.70 5.31 -18.11
CA SER C 763 8.90 6.30 -17.40
C SER C 763 7.75 5.59 -16.69
N ARG C 764 7.15 6.29 -15.72
CA ARG C 764 5.94 5.77 -15.08
C ARG C 764 4.83 5.51 -16.11
N GLU C 765 4.74 6.34 -17.17
CA GLU C 765 3.68 6.15 -18.15
C GLU C 765 3.89 4.87 -18.93
N GLU C 766 5.14 4.56 -19.29
CA GLU C 766 5.44 3.32 -19.98
C GLU C 766 5.21 2.11 -19.10
N VAL C 767 5.42 2.23 -17.79
CA VAL C 767 5.14 1.13 -16.89
C VAL C 767 3.64 0.98 -16.69
N LEU C 768 2.95 2.09 -16.44
CA LEU C 768 1.52 2.01 -16.14
C LEU C 768 0.71 1.60 -17.37
N LEU C 769 1.09 2.08 -18.57
CA LEU C 769 0.41 1.66 -19.79
C LEU C 769 0.49 0.15 -20.00
N ALA C 770 1.65 -0.43 -19.72
CA ALA C 770 1.81 -1.87 -19.83
C ALA C 770 0.93 -2.58 -18.81
N ALA C 771 0.85 -2.03 -17.60
CA ALA C 771 -0.02 -2.63 -16.59
C ALA C 771 -1.49 -2.53 -16.99
N GLU C 772 -1.86 -1.48 -17.73
CA GLU C 772 -3.26 -1.32 -18.17
C GLU C 772 -3.63 -2.23 -19.34
N ILE C 773 -2.68 -2.58 -20.23
CA ILE C 773 -3.00 -3.51 -21.31
C ILE C 773 -2.65 -4.95 -20.94
N CYS C 774 -2.17 -5.19 -19.73
CA CYS C 774 -1.63 -6.49 -19.35
C CYS C 774 -2.68 -7.59 -19.49
N GLU C 775 -3.91 -7.32 -19.09
CA GLU C 775 -4.96 -8.34 -19.13
C GLU C 775 -5.28 -8.73 -20.55
N SER C 776 -5.50 -7.74 -21.42
CA SER C 776 -5.79 -8.07 -22.81
C SER C 776 -4.59 -8.71 -23.49
N TYR C 777 -3.38 -8.39 -23.03
CA TYR C 777 -2.18 -9.04 -23.56
C TYR C 777 -2.15 -10.53 -23.21
N ALA C 778 -2.39 -10.86 -21.94
CA ALA C 778 -2.38 -12.27 -21.54
C ALA C 778 -3.53 -13.04 -22.16
N ALA C 779 -4.68 -12.39 -22.33
CA ALA C 779 -5.80 -13.03 -23.03
C ALA C 779 -5.43 -13.35 -24.47
N MET C 780 -4.65 -12.47 -25.12
CA MET C 780 -4.14 -12.76 -26.46
C MET C 780 -3.20 -13.96 -26.45
N MET C 781 -2.15 -13.90 -25.62
CA MET C 781 -1.10 -14.90 -25.69
C MET C 781 -1.58 -16.28 -25.22
N LEU C 782 -2.51 -16.34 -24.29
CA LEU C 782 -3.00 -17.59 -23.75
C LEU C 782 -4.44 -17.90 -24.18
N ASN C 783 -4.88 -17.32 -25.31
CA ASN C 783 -6.16 -17.66 -25.95
C ASN C 783 -7.29 -17.66 -24.93
N ASN C 784 -7.36 -16.59 -24.16
CA ASN C 784 -8.31 -16.38 -23.06
C ASN C 784 -8.26 -17.46 -21.98
N LYS C 785 -7.22 -18.29 -21.94
CA LYS C 785 -7.05 -19.25 -20.86
C LYS C 785 -6.19 -18.71 -19.73
N HIS C 786 -5.93 -17.41 -19.71
CA HIS C 786 -5.17 -16.77 -18.65
C HIS C 786 -5.99 -16.80 -17.34
N SER C 787 -5.37 -16.35 -16.26
CA SER C 787 -6.09 -16.18 -15.00
C SER C 787 -6.20 -14.70 -14.69
N PRO C 788 -7.39 -14.11 -14.79
CA PRO C 788 -7.53 -12.67 -14.45
C PRO C 788 -7.14 -12.33 -13.03
N ASP C 789 -7.35 -13.25 -12.07
CA ASP C 789 -6.89 -12.99 -10.70
C ASP C 789 -5.39 -12.76 -10.65
N ILE C 790 -4.61 -13.59 -11.36
CA ILE C 790 -3.15 -13.41 -11.38
C ILE C 790 -2.79 -12.07 -12.03
N ILE C 791 -3.45 -11.72 -13.14
CA ILE C 791 -3.25 -10.42 -13.77
C ILE C 791 -3.58 -9.29 -12.79
N GLY C 792 -4.67 -9.43 -12.02
CA GLY C 792 -5.03 -8.40 -11.06
C GLY C 792 -3.96 -8.18 -10.02
N THR C 793 -3.36 -9.26 -9.53
CA THR C 793 -2.27 -9.15 -8.57
C THR C 793 -1.06 -8.43 -9.16
N LEU C 794 -0.76 -8.66 -10.43
CA LEU C 794 0.28 -7.87 -11.07
C LEU C 794 -0.11 -6.40 -11.15
N LYS C 795 -1.37 -6.11 -11.49
CA LYS C 795 -1.79 -4.73 -11.64
C LYS C 795 -1.76 -4.00 -10.32
N SER C 796 -2.21 -4.65 -9.24
CA SER C 796 -2.15 -4.03 -7.91
C SER C 796 -0.72 -3.71 -7.50
N ALA C 797 0.25 -4.53 -7.90
CA ALA C 797 1.65 -4.28 -7.56
C ALA C 797 2.15 -3.00 -8.19
N ILE C 798 1.93 -2.85 -9.48
CA ILE C 798 2.34 -1.65 -10.18
C ILE C 798 1.61 -0.42 -9.62
N ASN C 799 0.31 -0.54 -9.35
CA ASN C 799 -0.46 0.60 -8.87
C ASN C 799 -0.07 0.97 -7.44
N LEU C 800 0.24 0.00 -6.61
CA LEU C 800 0.69 0.32 -5.26
C LEU C 800 2.06 1.00 -5.29
N VAL C 801 2.99 0.46 -6.07
CA VAL C 801 4.37 0.97 -6.08
C VAL C 801 4.42 2.36 -6.72
N PHE C 802 3.63 2.57 -7.77
CA PHE C 802 3.63 3.85 -8.46
C PHE C 802 2.51 4.76 -7.98
N LYS C 803 2.00 4.53 -6.77
CA LYS C 803 0.89 5.31 -6.22
C LYS C 803 1.29 6.75 -5.97
N ILE C 804 0.29 7.61 -5.83
CA ILE C 804 0.44 9.04 -5.45
C ILE C 804 1.57 9.71 -6.24
N PRO D 7 11.27 -47.10 -9.83
CA PRO D 7 10.82 -46.98 -11.23
C PRO D 7 10.40 -45.56 -11.58
N ASP D 8 9.31 -45.10 -10.96
CA ASP D 8 8.94 -43.70 -11.10
C ASP D 8 9.92 -42.77 -10.38
N TYR D 9 10.85 -43.32 -9.60
CA TYR D 9 11.83 -42.52 -8.85
C TYR D 9 13.24 -42.86 -9.30
N CYS D 10 13.41 -43.02 -10.62
CA CYS D 10 14.69 -43.35 -11.22
C CYS D 10 14.85 -42.55 -12.51
N ILE D 11 16.09 -42.26 -12.87
CA ILE D 11 16.38 -41.78 -14.22
C ILE D 11 17.38 -42.73 -14.85
N PRO D 12 17.43 -42.86 -16.18
CA PRO D 12 16.47 -42.31 -17.14
C PRO D 12 15.04 -42.76 -16.86
N ASN D 13 14.05 -41.89 -17.04
CA ASN D 13 12.67 -42.26 -16.75
C ASN D 13 11.82 -42.18 -18.01
N PHE D 14 11.16 -43.29 -18.36
CA PHE D 14 10.10 -43.29 -19.37
C PHE D 14 8.71 -43.50 -18.79
N SER D 15 8.62 -44.19 -17.65
CA SER D 15 7.32 -44.56 -17.09
C SER D 15 6.48 -43.34 -16.78
N GLN D 16 7.08 -42.29 -16.21
CA GLN D 16 6.36 -41.08 -15.88
C GLN D 16 6.36 -40.03 -16.99
N THR D 17 7.25 -40.15 -17.98
CA THR D 17 7.45 -39.11 -18.97
C THR D 17 6.78 -39.40 -20.31
N VAL D 18 6.55 -40.66 -20.67
CA VAL D 18 6.01 -41.01 -21.99
C VAL D 18 4.66 -41.71 -21.82
N ASN D 19 3.57 -40.98 -22.04
CA ASN D 19 2.27 -41.61 -22.15
C ASN D 19 1.61 -41.18 -23.46
N GLU D 20 0.30 -41.45 -23.63
CA GLU D 20 -0.35 -41.16 -24.90
C GLU D 20 -0.27 -39.68 -25.24
N ARG D 21 -0.44 -38.82 -24.24
CA ARG D 21 -0.38 -37.39 -24.52
C ARG D 21 1.03 -36.98 -24.93
N THR D 22 2.06 -37.64 -24.39
CA THR D 22 3.42 -37.39 -24.89
C THR D 22 3.53 -37.77 -26.36
N ILE D 23 3.00 -38.94 -26.72
CA ILE D 23 2.97 -39.37 -28.12
C ILE D 23 2.25 -38.34 -28.97
N ILE D 24 1.08 -37.89 -28.49
CA ILE D 24 0.33 -36.82 -29.16
C ILE D 24 1.22 -35.59 -29.38
N ASP D 25 1.91 -35.15 -28.32
CA ASP D 25 2.75 -33.96 -28.46
C ASP D 25 3.89 -34.18 -29.46
N ILE D 26 4.37 -35.41 -29.60
CA ILE D 26 5.40 -35.65 -30.61
C ILE D 26 4.82 -35.48 -32.01
N PHE D 27 3.61 -35.99 -32.24
CA PHE D 27 2.91 -35.68 -33.49
C PHE D 27 2.77 -34.18 -33.71
N THR D 28 2.41 -33.45 -32.67
CA THR D 28 2.24 -32.00 -32.84
C THR D 28 3.56 -31.35 -33.21
N ILE D 29 4.66 -31.76 -32.57
CA ILE D 29 5.95 -31.18 -32.85
C ILE D 29 6.45 -31.55 -34.26
N CYS D 30 6.06 -32.72 -34.78
CA CYS D 30 6.44 -33.07 -36.15
C CYS D 30 5.90 -32.06 -37.17
N ARG D 31 4.85 -31.29 -36.84
CA ARG D 31 4.42 -30.22 -37.74
C ARG D 31 5.45 -29.12 -37.89
N TYR D 32 6.40 -29.03 -36.95
CA TYR D 32 7.42 -27.99 -36.90
C TYR D 32 8.79 -28.48 -37.33
N ARG D 33 8.87 -29.61 -38.01
CA ARG D 33 10.14 -30.33 -38.10
C ARG D 33 11.08 -29.78 -39.18
N SER D 34 10.74 -28.66 -39.82
CA SER D 34 11.58 -28.04 -40.86
C SER D 34 12.02 -26.63 -40.46
N PRO D 35 12.82 -26.47 -39.41
CA PRO D 35 13.15 -25.12 -38.93
C PRO D 35 14.29 -24.42 -39.67
N LEU D 36 14.96 -25.08 -40.62
CA LEU D 36 16.24 -24.60 -41.12
C LEU D 36 16.10 -23.61 -42.26
N VAL D 37 16.90 -22.56 -42.19
CA VAL D 37 17.14 -21.65 -43.31
C VAL D 37 18.64 -21.69 -43.61
N VAL D 38 18.99 -21.99 -44.85
CA VAL D 38 20.38 -21.92 -45.33
C VAL D 38 20.52 -20.66 -46.17
N PHE D 39 21.47 -19.79 -45.84
CA PHE D 39 21.54 -18.45 -46.41
C PHE D 39 23.00 -18.19 -46.83
N CYS D 40 23.24 -18.07 -48.13
CA CYS D 40 24.60 -17.86 -48.64
C CYS D 40 24.81 -16.41 -49.07
N LEU D 41 25.84 -15.77 -48.51
CA LEU D 41 26.20 -14.41 -48.86
C LEU D 41 27.72 -14.30 -48.78
N SER D 42 28.26 -13.25 -49.38
CA SER D 42 29.71 -13.12 -49.51
C SER D 42 30.35 -12.24 -48.46
N HIS D 43 29.57 -11.68 -47.55
CA HIS D 43 30.08 -10.66 -46.64
C HIS D 43 29.99 -11.15 -45.20
N ASN D 44 31.15 -11.49 -44.64
CA ASN D 44 31.20 -12.19 -43.37
C ASN D 44 30.78 -11.28 -42.21
N GLU D 45 31.15 -10.00 -42.27
CA GLU D 45 30.72 -9.08 -41.21
C GLU D 45 29.22 -8.85 -41.26
N LEU D 46 28.64 -8.90 -42.46
CA LEU D 46 27.19 -8.84 -42.58
C LEU D 46 26.52 -10.03 -41.88
N ALA D 47 26.99 -11.24 -42.18
CA ALA D 47 26.44 -12.42 -41.54
C ALA D 47 26.69 -12.39 -40.03
N LYS D 48 27.88 -11.94 -39.61
CA LYS D 48 28.13 -11.78 -38.18
C LYS D 48 27.09 -10.88 -37.54
N LYS D 49 26.74 -9.77 -38.19
CA LYS D 49 25.80 -8.83 -37.58
C LYS D 49 24.40 -9.43 -37.49
N TYR D 50 23.91 -10.00 -38.60
CA TYR D 50 22.55 -10.49 -38.57
C TYR D 50 22.44 -11.80 -37.77
N ALA D 51 23.51 -12.58 -37.69
CA ALA D 51 23.51 -13.73 -36.79
C ALA D 51 23.21 -13.29 -35.37
N GLN D 52 23.94 -12.26 -34.88
CA GLN D 52 23.73 -11.75 -33.53
C GLN D 52 22.32 -11.21 -33.33
N ASP D 53 21.79 -10.46 -34.30
CA ASP D 53 20.49 -9.85 -34.09
C ASP D 53 19.36 -10.88 -34.02
N VAL D 54 19.37 -11.88 -34.90
CA VAL D 54 18.25 -12.83 -34.88
C VAL D 54 18.35 -13.74 -33.65
N SER D 55 19.56 -14.15 -33.28
CA SER D 55 19.66 -14.99 -32.09
C SER D 55 19.32 -14.20 -30.83
N MET D 56 19.85 -12.98 -30.69
CA MET D 56 19.56 -12.22 -29.49
C MET D 56 18.10 -11.88 -29.35
N SER D 57 17.38 -11.67 -30.45
CA SER D 57 15.98 -11.28 -30.33
C SER D 57 15.01 -12.47 -30.28
N SER D 58 15.24 -13.53 -31.06
CA SER D 58 14.29 -14.64 -31.14
C SER D 58 14.87 -15.97 -30.69
N GLY D 59 16.14 -16.03 -30.32
CA GLY D 59 16.74 -17.29 -29.93
C GLY D 59 17.01 -18.25 -31.05
N THR D 60 16.94 -17.80 -32.29
CA THR D 60 17.25 -18.69 -33.38
C THR D 60 18.71 -19.10 -33.27
N HIS D 61 19.00 -20.35 -33.61
CA HIS D 61 20.36 -20.86 -33.58
C HIS D 61 21.04 -20.54 -34.90
N VAL D 62 22.26 -20.03 -34.85
CA VAL D 62 22.94 -19.58 -36.06
C VAL D 62 24.32 -20.22 -36.14
N HIS D 63 24.68 -20.64 -37.33
CA HIS D 63 26.03 -21.12 -37.62
C HIS D 63 26.57 -20.33 -38.80
N ILE D 64 27.88 -20.12 -38.83
CA ILE D 64 28.52 -19.44 -39.93
C ILE D 64 29.64 -20.31 -40.47
N ILE D 65 29.51 -20.76 -41.71
CA ILE D 65 30.55 -21.53 -42.40
C ILE D 65 31.32 -20.51 -43.24
N ASP D 66 32.51 -20.17 -42.74
CA ASP D 66 33.26 -19.02 -43.22
C ASP D 66 34.63 -19.39 -43.76
N GLY D 67 34.94 -20.67 -43.83
CA GLY D 67 36.20 -21.08 -44.40
C GLY D 67 37.40 -21.03 -43.47
N SER D 68 37.24 -20.66 -42.20
CA SER D 68 38.33 -20.89 -41.26
C SER D 68 38.54 -22.38 -41.00
N VAL D 69 37.60 -23.22 -41.41
CA VAL D 69 37.71 -24.67 -41.32
C VAL D 69 37.40 -25.26 -42.70
N GLU D 70 38.14 -26.29 -43.10
CA GLU D 70 37.95 -26.91 -44.41
C GLU D 70 36.49 -27.30 -44.61
N ILE D 71 36.00 -27.08 -45.83
CA ILE D 71 34.56 -27.04 -46.09
C ILE D 71 33.90 -28.37 -45.74
N THR D 72 34.57 -29.49 -46.05
CA THR D 72 34.02 -30.81 -45.75
C THR D 72 33.84 -31.01 -44.25
N VAL D 73 34.81 -30.56 -43.45
CA VAL D 73 34.69 -30.67 -42.01
C VAL D 73 33.58 -29.75 -41.50
N SER D 74 33.59 -28.50 -41.97
CA SER D 74 32.61 -27.51 -41.54
C SER D 74 31.19 -27.99 -41.76
N LEU D 75 30.92 -28.54 -42.95
CA LEU D 75 29.60 -29.09 -43.23
C LEU D 75 29.29 -30.26 -42.30
N TYR D 76 30.31 -31.07 -41.96
CA TYR D 76 30.09 -32.24 -41.13
C TYR D 76 29.69 -31.83 -39.73
N ARG D 77 30.40 -30.87 -39.16
CA ARG D 77 30.14 -30.46 -37.78
C ARG D 77 28.81 -29.75 -37.68
N THR D 78 28.56 -28.81 -38.58
CA THR D 78 27.32 -28.04 -38.52
C THR D 78 26.11 -28.95 -38.65
N PHE D 79 26.10 -29.83 -39.64
CA PHE D 79 24.87 -30.55 -39.90
C PHE D 79 24.72 -31.80 -39.05
N ARG D 80 25.79 -32.30 -38.42
CA ARG D 80 25.61 -33.29 -37.36
C ARG D 80 24.95 -32.65 -36.15
N THR D 81 25.40 -31.46 -35.78
CA THR D 81 24.72 -30.71 -34.72
C THR D 81 23.26 -30.51 -35.08
N ILE D 82 23.00 -29.97 -36.27
CA ILE D 82 21.64 -29.58 -36.64
C ILE D 82 20.72 -30.78 -36.74
N ALA D 83 21.23 -31.92 -37.18
CA ALA D 83 20.38 -33.10 -37.26
C ALA D 83 19.70 -33.43 -35.94
N THR D 84 20.38 -33.18 -34.81
CA THR D 84 19.82 -33.51 -33.50
C THR D 84 18.73 -32.54 -33.04
N GLN D 85 18.60 -31.39 -33.69
CA GLN D 85 17.82 -30.27 -33.20
C GLN D 85 16.55 -30.00 -34.00
N LEU D 86 16.24 -30.82 -35.03
CA LEU D 86 15.16 -30.47 -35.96
C LEU D 86 13.79 -30.55 -35.33
N LEU D 87 13.65 -31.23 -34.19
CA LEU D 87 12.37 -31.25 -33.47
C LEU D 87 12.35 -30.28 -32.31
N GLY D 88 13.28 -29.31 -32.27
CA GLY D 88 13.44 -28.38 -31.17
C GLY D 88 12.48 -27.20 -31.16
N ARG D 89 11.73 -27.00 -32.24
CA ARG D 89 10.79 -25.88 -32.37
C ARG D 89 11.49 -24.53 -32.28
N MET D 90 12.76 -24.47 -32.64
CA MET D 90 13.45 -23.21 -32.74
C MET D 90 14.07 -23.11 -34.13
N GLN D 91 14.02 -21.92 -34.72
CA GLN D 91 14.59 -21.68 -36.03
C GLN D 91 16.09 -21.92 -35.99
N ILE D 92 16.63 -22.45 -37.08
CA ILE D 92 18.06 -22.67 -37.23
C ILE D 92 18.49 -21.99 -38.51
N VAL D 93 19.57 -21.22 -38.45
CA VAL D 93 20.04 -20.48 -39.62
C VAL D 93 21.51 -20.79 -39.84
N VAL D 94 21.85 -21.27 -41.03
CA VAL D 94 23.22 -21.54 -41.42
C VAL D 94 23.62 -20.52 -42.47
N PHE D 95 24.57 -19.65 -42.13
CA PHE D 95 25.16 -18.69 -43.05
C PHE D 95 26.37 -19.31 -43.75
N VAL D 96 26.37 -19.28 -45.08
CA VAL D 96 27.46 -19.82 -45.88
C VAL D 96 28.13 -18.64 -46.58
N THR D 97 29.37 -18.37 -46.18
CA THR D 97 30.08 -17.18 -46.65
C THR D 97 31.38 -17.52 -47.36
N VAL D 98 31.60 -18.78 -47.70
CA VAL D 98 32.69 -19.14 -48.60
C VAL D 98 32.26 -18.93 -50.05
N ASP D 99 33.24 -18.85 -50.94
CA ASP D 99 32.93 -18.56 -52.34
C ASP D 99 32.31 -19.79 -53.01
N LYS D 100 31.78 -19.57 -54.21
CA LYS D 100 31.14 -20.66 -54.94
C LYS D 100 32.13 -21.72 -55.36
N SER D 101 33.42 -21.37 -55.47
CA SER D 101 34.42 -22.37 -55.78
C SER D 101 34.66 -23.33 -54.62
N VAL D 102 34.35 -22.91 -53.39
CA VAL D 102 34.58 -23.76 -52.23
C VAL D 102 33.45 -24.77 -52.08
N VAL D 103 32.21 -24.30 -52.17
CA VAL D 103 31.04 -25.18 -52.20
C VAL D 103 30.05 -24.52 -53.17
N SER D 104 29.64 -25.27 -54.19
CA SER D 104 28.84 -24.71 -55.28
C SER D 104 27.41 -24.44 -54.82
N THR D 105 26.65 -23.77 -55.69
CA THR D 105 25.24 -23.50 -55.41
C THR D 105 24.44 -24.79 -55.37
N GLN D 106 24.67 -25.69 -56.32
CA GLN D 106 23.89 -26.92 -56.38
C GLN D 106 24.15 -27.80 -55.16
N VAL D 107 25.39 -27.82 -54.68
CA VAL D 107 25.73 -28.67 -53.53
C VAL D 107 25.08 -28.12 -52.27
N MET D 108 25.31 -26.85 -51.98
CA MET D 108 24.70 -26.19 -50.83
C MET D 108 23.19 -26.37 -50.84
N LYS D 109 22.56 -26.13 -52.00
CA LYS D 109 21.12 -26.25 -52.10
C LYS D 109 20.66 -27.67 -51.84
N SER D 110 21.44 -28.65 -52.33
CA SER D 110 21.11 -30.05 -52.07
C SER D 110 21.15 -30.34 -50.59
N ILE D 111 22.17 -29.82 -49.90
CA ILE D 111 22.29 -30.01 -48.45
C ILE D 111 21.11 -29.39 -47.75
N ALA D 112 20.76 -28.15 -48.11
CA ALA D 112 19.63 -27.47 -47.47
C ALA D 112 18.36 -28.29 -47.58
N TRP D 113 18.04 -28.77 -48.78
CA TRP D 113 16.79 -29.48 -48.95
C TRP D 113 16.85 -30.89 -48.37
N ALA D 114 18.04 -31.46 -48.24
CA ALA D 114 18.19 -32.72 -47.51
C ALA D 114 17.85 -32.56 -46.03
N PHE D 115 17.92 -31.34 -45.51
CA PHE D 115 17.58 -31.05 -44.12
C PHE D 115 16.30 -30.24 -44.01
N ARG D 116 15.42 -30.39 -45.01
CA ARG D 116 14.10 -29.78 -45.01
C ARG D 116 14.17 -28.26 -44.84
N GLY D 117 15.23 -27.64 -45.33
CA GLY D 117 15.45 -26.24 -45.14
C GLY D 117 15.14 -25.36 -46.33
N SER D 118 14.96 -24.07 -46.04
CA SER D 118 14.95 -23.04 -47.08
C SER D 118 16.35 -22.78 -47.60
N PHE D 119 16.43 -22.41 -48.88
CA PHE D 119 17.70 -22.09 -49.49
C PHE D 119 17.66 -20.69 -50.06
N VAL D 120 18.71 -19.91 -49.78
CA VAL D 120 18.88 -18.55 -50.29
C VAL D 120 20.31 -18.47 -50.83
N GLU D 121 20.44 -18.15 -52.11
CA GLU D 121 21.73 -17.92 -52.73
C GLU D 121 21.83 -16.44 -53.09
N LEU D 122 22.77 -15.73 -52.47
CA LEU D 122 23.00 -14.33 -52.81
C LEU D 122 24.47 -13.97 -52.68
N ARG D 123 25.36 -14.91 -52.96
CA ARG D 123 26.77 -14.66 -52.75
C ARG D 123 27.35 -13.66 -53.75
N ASN D 124 26.74 -13.50 -54.93
CA ASN D 124 27.30 -12.59 -55.91
C ASN D 124 27.02 -11.13 -55.59
N GLN D 125 26.20 -10.84 -54.59
CA GLN D 125 25.78 -9.47 -54.35
C GLN D 125 26.87 -8.67 -53.64
N SER D 126 26.73 -7.35 -53.71
CA SER D 126 27.61 -6.42 -53.03
C SER D 126 27.18 -6.22 -51.57
N VAL D 127 28.04 -5.57 -50.79
CA VAL D 127 27.84 -5.55 -49.34
C VAL D 127 26.60 -4.73 -48.95
N ASP D 128 26.19 -3.77 -49.77
CA ASP D 128 25.01 -2.99 -49.47
C ASP D 128 23.92 -3.17 -50.52
N SER D 129 24.00 -4.25 -51.30
CA SER D 129 22.96 -4.60 -52.25
C SER D 129 21.58 -4.60 -51.60
N SER D 130 20.62 -3.96 -52.26
CA SER D 130 19.30 -3.82 -51.67
C SER D 130 18.62 -5.17 -51.50
N THR D 131 18.84 -6.09 -52.42
CA THR D 131 18.24 -7.40 -52.27
C THR D 131 18.86 -8.13 -51.09
N LEU D 132 20.19 -8.02 -50.93
CA LEU D 132 20.88 -8.71 -49.84
C LEU D 132 20.44 -8.20 -48.48
N VAL D 133 20.46 -6.88 -48.28
CA VAL D 133 20.08 -6.31 -46.99
C VAL D 133 18.62 -6.62 -46.69
N SER D 134 17.77 -6.61 -47.72
CA SER D 134 16.34 -6.79 -47.50
C SER D 134 16.04 -8.20 -47.01
N LYS D 135 16.68 -9.21 -47.60
CA LYS D 135 16.42 -10.57 -47.18
C LYS D 135 17.07 -10.89 -45.84
N LEU D 136 18.20 -10.22 -45.52
CA LEU D 136 18.81 -10.34 -44.20
C LEU D 136 17.89 -9.77 -43.13
N GLU D 137 17.36 -8.56 -43.36
CA GLU D 137 16.46 -7.95 -42.39
C GLU D 137 15.21 -8.79 -42.21
N ASN D 138 14.81 -9.52 -43.25
CA ASN D 138 13.62 -10.34 -43.18
C ASN D 138 13.79 -11.49 -42.19
N LEU D 139 15.01 -12.02 -42.03
CA LEU D 139 15.29 -12.98 -40.98
C LEU D 139 14.87 -12.46 -39.61
N VAL D 140 15.33 -11.25 -39.27
CA VAL D 140 15.02 -10.71 -37.95
C VAL D 140 13.52 -10.49 -37.80
N SER D 141 12.89 -9.90 -38.82
CA SER D 141 11.48 -9.51 -38.73
C SER D 141 10.56 -10.71 -38.59
N PHE D 142 10.89 -11.83 -39.23
CA PHE D 142 9.96 -12.93 -39.33
C PHE D 142 10.23 -14.08 -38.37
N ALA D 143 11.43 -14.14 -37.80
CA ALA D 143 11.78 -15.26 -36.93
C ALA D 143 10.71 -15.45 -35.86
N PRO D 144 10.34 -16.70 -35.53
CA PRO D 144 10.97 -17.92 -36.02
C PRO D 144 10.50 -18.37 -37.42
N LEU D 145 9.67 -17.57 -38.09
CA LEU D 145 9.31 -17.90 -39.47
C LEU D 145 10.26 -17.22 -40.44
N TYR D 146 10.08 -17.53 -41.73
CA TYR D 146 10.84 -16.94 -42.83
C TYR D 146 10.04 -17.10 -44.12
N ASN D 147 10.26 -16.20 -45.08
CA ASN D 147 9.38 -16.10 -46.23
C ASN D 147 9.94 -16.74 -47.51
N VAL D 148 11.12 -17.36 -47.43
CA VAL D 148 11.60 -18.24 -48.49
C VAL D 148 11.11 -19.64 -48.17
N PRO D 149 10.46 -20.34 -49.10
CA PRO D 149 9.87 -21.65 -48.76
C PRO D 149 10.93 -22.71 -48.52
N LYS D 150 10.53 -23.77 -47.82
CA LYS D 150 11.40 -24.91 -47.62
C LYS D 150 11.30 -25.81 -48.84
N CYS D 151 12.45 -26.27 -49.32
CA CYS D 151 12.47 -27.31 -50.36
C CYS D 151 11.86 -26.84 -51.68
N GLY D 152 12.05 -25.56 -52.01
CA GLY D 152 11.55 -25.02 -53.24
C GLY D 152 11.83 -23.54 -53.37
N PRO D 153 11.99 -23.05 -54.61
CA PRO D 153 12.23 -21.60 -54.78
C PRO D 153 10.97 -20.77 -54.57
N ASP D 154 9.84 -21.21 -55.10
CA ASP D 154 8.64 -20.39 -55.19
C ASP D 154 7.49 -21.01 -54.43
N TYR D 155 6.46 -20.20 -54.28
CA TYR D 155 5.24 -20.58 -53.57
C TYR D 155 4.15 -19.66 -54.11
N TYR D 156 2.98 -20.24 -54.37
CA TYR D 156 1.86 -19.51 -54.96
C TYR D 156 0.58 -19.74 -54.17
N GLY D 157 0.71 -20.05 -52.88
CA GLY D 157 -0.43 -20.20 -52.01
C GLY D 157 -0.82 -18.92 -51.31
N PRO D 158 -1.78 -19.02 -50.39
CA PRO D 158 -2.39 -17.81 -49.83
C PRO D 158 -1.47 -16.97 -48.95
N THR D 159 -0.58 -17.59 -48.17
CA THR D 159 0.22 -16.86 -47.19
C THR D 159 1.21 -15.93 -47.89
N VAL D 160 1.16 -14.65 -47.55
CA VAL D 160 2.13 -13.67 -48.00
C VAL D 160 2.69 -12.96 -46.78
N TYR D 161 4.02 -12.96 -46.66
CA TYR D 161 4.62 -12.58 -45.39
C TYR D 161 4.62 -11.07 -45.19
N SER D 162 4.64 -10.31 -46.28
CA SER D 162 4.50 -8.85 -46.18
C SER D 162 3.42 -8.43 -45.21
N GLU D 163 2.30 -9.16 -45.17
CA GLU D 163 1.13 -8.71 -44.42
C GLU D 163 1.36 -8.81 -42.92
N LEU D 164 2.26 -9.68 -42.47
CA LEU D 164 2.54 -9.87 -41.05
C LEU D 164 3.14 -8.62 -40.41
N ALA D 171 -2.15 -7.51 -38.15
CA ALA D 171 -0.85 -7.92 -38.64
C ALA D 171 -0.77 -9.45 -38.79
N ARG D 172 -1.60 -10.01 -39.68
CA ARG D 172 -1.65 -11.45 -39.94
C ARG D 172 -1.59 -11.72 -41.43
N THR D 173 -1.62 -13.02 -41.75
CA THR D 173 -1.69 -13.52 -43.12
C THR D 173 -2.20 -14.97 -43.11
N ALA D 177 -2.58 -25.91 -44.22
CA ALA D 177 -1.23 -26.45 -44.27
C ALA D 177 -1.25 -27.71 -45.11
N THR D 178 -2.31 -28.48 -44.96
CA THR D 178 -2.46 -29.70 -45.75
C THR D 178 -2.53 -29.38 -47.24
N ILE D 179 -3.30 -28.36 -47.62
CA ILE D 179 -3.43 -28.00 -49.03
C ILE D 179 -2.06 -27.63 -49.60
N ASP D 180 -1.30 -26.80 -48.88
CA ASP D 180 -0.01 -26.37 -49.39
C ASP D 180 0.98 -27.54 -49.46
N TYR D 181 0.94 -28.45 -48.48
CA TYR D 181 1.88 -29.57 -48.53
C TYR D 181 1.48 -30.57 -49.60
N SER D 182 0.18 -30.68 -49.89
CA SER D 182 -0.27 -31.52 -51.00
C SER D 182 0.23 -31.00 -52.34
N MET D 183 0.17 -29.67 -52.53
CA MET D 183 0.69 -29.06 -53.75
C MET D 183 2.21 -29.26 -53.87
N PHE D 184 2.93 -29.14 -52.75
CA PHE D 184 4.37 -29.41 -52.74
C PHE D 184 4.65 -30.86 -53.14
N THR D 185 3.86 -31.79 -52.62
CA THR D 185 4.08 -33.21 -52.93
C THR D 185 3.91 -33.47 -54.42
N ARG D 186 2.83 -32.97 -55.03
CA ARG D 186 2.62 -33.17 -56.45
C ARG D 186 3.77 -32.58 -57.25
N SER D 187 4.25 -31.41 -56.81
CA SER D 187 5.40 -30.80 -57.46
C SER D 187 6.64 -31.68 -57.35
N VAL D 188 6.90 -32.23 -56.17
CA VAL D 188 8.10 -33.04 -56.00
C VAL D 188 8.01 -34.33 -56.82
N LEU D 189 6.84 -34.98 -56.80
CA LEU D 189 6.71 -36.21 -57.60
C LEU D 189 7.00 -35.95 -59.07
N THR D 190 6.54 -34.79 -59.58
CA THR D 190 6.87 -34.39 -60.94
C THR D 190 8.37 -34.23 -61.11
N GLY D 191 9.02 -33.55 -60.16
CA GLY D 191 10.44 -33.32 -60.27
C GLY D 191 11.24 -34.59 -60.21
N PHE D 192 10.74 -35.61 -59.50
CA PHE D 192 11.47 -36.87 -59.43
C PHE D 192 11.45 -37.59 -60.79
N VAL D 193 10.30 -37.59 -61.45
CA VAL D 193 10.24 -38.14 -62.81
C VAL D 193 11.20 -37.38 -63.71
N ALA D 194 11.24 -36.04 -63.59
CA ALA D 194 12.20 -35.23 -64.31
C ALA D 194 13.62 -35.73 -64.10
N LYS D 195 13.97 -36.02 -62.84
CA LYS D 195 15.30 -36.55 -62.55
C LYS D 195 15.47 -37.95 -63.13
N TYR D 196 14.40 -38.75 -63.12
CA TYR D 196 14.48 -40.09 -63.67
C TYR D 196 14.75 -40.05 -65.18
N PHE D 197 14.09 -39.13 -65.89
CA PHE D 197 14.35 -38.97 -67.32
C PHE D 197 15.79 -38.60 -67.59
N ASN D 198 16.34 -37.68 -66.79
CA ASN D 198 17.73 -37.25 -67.00
C ASN D 198 18.69 -38.40 -66.75
N GLU D 199 18.49 -39.11 -65.64
CA GLU D 199 19.42 -40.18 -65.27
C GLU D 199 19.38 -41.31 -66.30
N GLU D 200 18.19 -41.68 -66.74
CA GLU D 200 18.02 -42.77 -67.70
C GLU D 200 18.26 -42.34 -69.14
N ALA D 201 18.67 -41.09 -69.35
CA ALA D 201 18.97 -40.54 -70.68
C ALA D 201 17.81 -40.76 -71.65
N VAL D 202 16.60 -40.61 -71.16
CA VAL D 202 15.43 -40.82 -72.02
C VAL D 202 15.39 -39.73 -73.09
N PRO D 203 15.12 -40.06 -74.35
CA PRO D 203 15.04 -39.03 -75.39
C PRO D 203 14.00 -37.97 -75.06
N ILE D 204 14.37 -36.70 -75.31
CA ILE D 204 13.59 -35.57 -74.78
C ILE D 204 12.14 -35.64 -75.24
N ASP D 205 11.89 -36.08 -76.48
CA ASP D 205 10.52 -36.14 -76.97
C ASP D 205 9.72 -37.27 -76.35
N LYS D 206 10.39 -38.23 -75.71
CA LYS D 206 9.74 -39.34 -75.02
C LYS D 206 9.55 -39.08 -73.52
N ARG D 207 9.68 -37.82 -73.08
CA ARG D 207 9.53 -37.45 -71.67
C ARG D 207 8.06 -37.19 -71.40
N ILE D 208 7.32 -38.29 -71.23
CA ILE D 208 5.88 -38.32 -71.02
C ILE D 208 5.61 -38.97 -69.67
N VAL D 209 4.68 -38.40 -68.93
CA VAL D 209 4.25 -39.01 -67.68
C VAL D 209 2.75 -39.23 -67.76
N SER D 210 2.29 -40.29 -67.12
CA SER D 210 0.87 -40.60 -67.03
C SER D 210 0.41 -40.39 -65.59
N ILE D 211 -0.56 -39.51 -65.40
CA ILE D 211 -1.11 -39.18 -64.10
C ILE D 211 -2.39 -39.98 -63.92
N VAL D 212 -2.37 -40.97 -63.04
CA VAL D 212 -3.55 -41.79 -62.80
C VAL D 212 -4.54 -41.00 -61.98
N GLY D 213 -5.73 -40.77 -62.54
CA GLY D 213 -6.74 -39.96 -61.88
C GLY D 213 -6.58 -38.49 -62.21
N TYR D 214 -7.70 -37.79 -62.39
CA TYR D 214 -7.60 -36.40 -62.81
C TYR D 214 -7.13 -35.53 -61.65
N ASN D 215 -5.97 -34.90 -61.82
CA ASN D 215 -5.35 -34.06 -60.81
C ASN D 215 -4.85 -32.80 -61.52
N PRO D 216 -5.64 -31.74 -61.53
CA PRO D 216 -5.39 -30.59 -62.44
C PRO D 216 -4.00 -30.00 -62.30
N PRO D 217 -3.47 -29.77 -61.08
CA PRO D 217 -2.19 -29.05 -60.96
C PRO D 217 -1.02 -29.71 -61.68
N TYR D 218 -1.11 -30.99 -62.07
CA TYR D 218 0.03 -31.65 -62.69
C TYR D 218 0.37 -31.07 -64.06
N VAL D 219 -0.60 -30.44 -64.74
CA VAL D 219 -0.29 -29.76 -65.99
C VAL D 219 0.81 -28.74 -65.78
N TRP D 220 0.62 -27.86 -64.80
CA TRP D 220 1.61 -26.83 -64.51
C TRP D 220 2.94 -27.42 -64.05
N THR D 221 2.89 -28.38 -63.13
CA THR D 221 4.15 -28.92 -62.60
C THR D 221 4.93 -29.66 -63.68
N CYS D 222 4.25 -30.29 -64.62
CA CYS D 222 4.96 -31.02 -65.67
C CYS D 222 5.67 -30.07 -66.63
N LEU D 223 5.04 -28.92 -66.93
CA LEU D 223 5.70 -27.98 -67.84
C LEU D 223 6.87 -27.29 -67.15
N ARG D 224 6.78 -27.07 -65.84
CA ARG D 224 7.89 -26.48 -65.11
C ARG D 224 9.16 -27.30 -65.22
N HIS D 225 9.06 -28.59 -65.56
CA HIS D 225 10.21 -29.48 -65.58
C HIS D 225 10.47 -30.06 -66.97
N GLY D 226 9.88 -29.47 -68.01
CA GLY D 226 10.13 -29.95 -69.36
C GLY D 226 9.57 -31.31 -69.67
N ILE D 227 8.42 -31.64 -69.09
CA ILE D 227 7.77 -32.92 -69.28
C ILE D 227 6.32 -32.65 -69.67
N ARG D 228 5.76 -33.57 -70.46
CA ARG D 228 4.38 -33.42 -70.85
C ARG D 228 3.50 -34.40 -70.12
N PRO D 229 2.40 -33.95 -69.54
CA PRO D 229 1.48 -34.84 -68.85
C PRO D 229 0.38 -35.38 -69.73
N THR D 230 -0.12 -36.55 -69.36
CA THR D 230 -1.35 -37.10 -69.91
C THR D 230 -2.05 -37.87 -68.81
N TYR D 231 -3.35 -37.61 -68.63
CA TYR D 231 -4.08 -38.25 -67.56
C TYR D 231 -4.64 -39.60 -68.01
N ILE D 232 -4.97 -40.43 -67.04
CA ILE D 232 -5.67 -41.70 -67.23
C ILE D 232 -6.74 -41.80 -66.16
N GLU D 233 -8.01 -41.83 -66.58
CA GLU D 233 -9.13 -41.94 -65.65
C GLU D 233 -9.89 -43.22 -65.92
N LYS D 234 -10.57 -43.74 -64.89
CA LYS D 234 -11.29 -45.00 -65.02
C LYS D 234 -12.51 -44.85 -65.91
N SER D 235 -13.45 -44.00 -65.50
CA SER D 235 -14.66 -43.73 -66.28
C SER D 235 -14.79 -42.22 -66.39
N LEU D 236 -14.60 -41.67 -67.61
CA LEU D 236 -14.71 -40.24 -67.85
C LEU D 236 -16.06 -39.94 -68.49
N PRO D 237 -17.00 -39.33 -67.77
CA PRO D 237 -18.32 -39.08 -68.34
C PRO D 237 -18.28 -37.91 -69.32
N ASN D 238 -19.36 -37.81 -70.12
CA ASN D 238 -19.42 -36.72 -71.07
C ASN D 238 -19.82 -35.41 -70.39
N PRO D 239 -19.30 -34.29 -70.88
CA PRO D 239 -19.71 -32.99 -70.32
C PRO D 239 -21.08 -32.52 -70.78
N GLY D 240 -21.73 -33.26 -71.68
CA GLY D 240 -23.09 -32.96 -72.09
C GLY D 240 -23.23 -31.87 -73.13
N GLY D 241 -22.19 -31.59 -73.90
CA GLY D 241 -22.18 -30.49 -74.85
C GLY D 241 -22.30 -30.91 -76.31
N LYS D 242 -22.28 -29.88 -77.15
CA LYS D 242 -22.30 -30.05 -78.60
C LYS D 242 -21.07 -30.82 -79.08
N GLY D 243 -21.21 -31.52 -80.20
CA GLY D 243 -20.08 -32.11 -80.87
C GLY D 243 -19.91 -33.59 -80.61
N PRO D 244 -18.79 -34.17 -81.10
CA PRO D 244 -18.56 -35.61 -80.95
C PRO D 244 -18.13 -36.00 -79.55
N PHE D 245 -17.29 -35.17 -78.93
CA PHE D 245 -16.84 -35.40 -77.57
C PHE D 245 -17.71 -34.69 -76.53
N GLY D 246 -18.64 -33.85 -76.96
CA GLY D 246 -19.48 -33.13 -76.02
C GLY D 246 -18.82 -31.95 -75.36
N LEU D 247 -17.79 -31.39 -75.97
CA LEU D 247 -16.99 -30.34 -75.37
C LEU D 247 -17.31 -28.95 -75.91
N ILE D 248 -18.27 -28.83 -76.82
CA ILE D 248 -18.74 -27.53 -77.29
C ILE D 248 -19.91 -27.12 -76.39
N LEU D 249 -19.71 -26.06 -75.61
CA LEU D 249 -20.66 -25.57 -74.62
C LEU D 249 -21.04 -26.68 -73.64
N PRO D 250 -20.09 -27.12 -72.79
CA PRO D 250 -20.35 -28.26 -71.90
C PRO D 250 -21.02 -27.88 -70.59
N VAL D 251 -22.29 -28.29 -70.44
CA VAL D 251 -23.16 -27.97 -69.29
C VAL D 251 -22.83 -26.65 -68.56
N LEU D 272 -4.19 -16.80 -66.81
CA LEU D 272 -3.96 -16.92 -68.25
C LEU D 272 -2.79 -17.89 -68.50
N LEU D 273 -2.28 -18.48 -67.41
CA LEU D 273 -1.20 -19.46 -67.51
C LEU D 273 -1.74 -20.85 -67.86
N CYS D 274 -3.01 -21.10 -67.55
CA CYS D 274 -3.57 -22.45 -67.68
C CYS D 274 -3.62 -22.90 -69.14
N LEU D 275 -3.88 -21.96 -70.06
CA LEU D 275 -4.13 -22.36 -71.44
C LEU D 275 -2.88 -22.88 -72.11
N ASP D 276 -1.76 -22.19 -71.94
CA ASP D 276 -0.61 -22.47 -72.79
C ASP D 276 0.23 -23.64 -72.28
N THR D 277 0.20 -23.91 -70.97
CA THR D 277 0.84 -25.13 -70.47
C THR D 277 0.10 -26.36 -70.97
N PHE D 278 -1.22 -26.31 -70.96
CA PHE D 278 -2.01 -27.37 -71.57
C PHE D 278 -1.64 -27.55 -73.04
N MET D 279 -1.65 -26.44 -73.79
CA MET D 279 -1.28 -26.48 -75.20
C MET D 279 0.12 -27.03 -75.38
N LEU D 280 1.09 -26.46 -74.67
CA LEU D 280 2.48 -26.88 -74.79
C LEU D 280 2.68 -28.35 -74.46
N SER D 281 1.73 -28.96 -73.75
CA SER D 281 1.81 -30.39 -73.43
C SER D 281 1.59 -31.23 -74.66
N THR D 282 0.78 -30.75 -75.59
CA THR D 282 0.34 -31.60 -76.69
C THR D 282 1.34 -31.71 -77.84
N SER D 283 2.31 -30.81 -77.98
CA SER D 283 3.28 -31.03 -79.05
C SER D 283 4.61 -30.34 -78.77
N MET D 284 5.70 -31.00 -79.17
CA MET D 284 7.03 -30.43 -79.01
C MET D 284 7.30 -29.31 -80.01
N ASN D 285 6.58 -29.29 -81.13
CA ASN D 285 6.68 -28.22 -82.10
C ASN D 285 5.39 -27.40 -81.99
N ILE D 286 5.53 -26.13 -81.63
CA ILE D 286 4.38 -25.28 -81.35
C ILE D 286 4.57 -23.95 -82.07
N LEU D 287 3.48 -23.42 -82.62
CA LEU D 287 3.47 -22.17 -83.37
C LEU D 287 2.64 -21.18 -82.57
N TYR D 288 3.30 -20.16 -82.01
CA TYR D 288 2.63 -19.14 -81.21
C TYR D 288 2.38 -17.92 -82.08
N ILE D 289 1.12 -17.70 -82.47
CA ILE D 289 0.73 -16.49 -83.20
C ILE D 289 0.25 -15.47 -82.18
N GLY D 290 0.87 -14.30 -82.19
CA GLY D 290 0.57 -13.29 -81.20
C GLY D 290 1.31 -13.55 -79.91
N ALA D 291 2.62 -13.79 -80.01
CA ALA D 291 3.39 -14.27 -78.86
C ALA D 291 3.64 -13.19 -77.82
N TYR D 292 3.65 -11.92 -78.21
CA TYR D 292 3.98 -10.87 -77.25
C TYR D 292 2.84 -10.70 -76.26
N PRO D 293 3.12 -10.63 -74.95
CA PRO D 293 4.47 -10.76 -74.41
C PRO D 293 4.91 -12.20 -74.16
N ALA D 294 3.95 -13.05 -73.76
CA ALA D 294 4.21 -14.41 -73.30
C ALA D 294 5.18 -14.40 -72.11
N THR D 295 4.90 -13.52 -71.15
CA THR D 295 5.79 -13.35 -70.01
C THR D 295 5.69 -14.51 -69.03
N HIS D 296 4.64 -15.34 -69.12
CA HIS D 296 4.50 -16.48 -68.25
C HIS D 296 5.30 -17.70 -68.72
N LEU D 297 5.80 -17.68 -69.94
CA LEU D 297 6.58 -18.81 -70.42
C LEU D 297 8.00 -18.81 -69.89
N LEU D 298 8.42 -17.73 -69.22
CA LEU D 298 9.78 -17.63 -68.72
C LEU D 298 10.09 -18.71 -67.70
N SER D 299 9.11 -19.08 -66.88
CA SER D 299 9.29 -19.98 -65.75
C SER D 299 9.31 -21.45 -66.12
N LEU D 300 9.14 -21.80 -67.39
CA LEU D 300 9.06 -23.20 -67.79
C LEU D 300 10.39 -23.68 -68.36
N GLN D 301 10.64 -24.99 -68.23
CA GLN D 301 11.78 -25.65 -68.85
C GLN D 301 11.29 -26.26 -70.15
N LEU D 302 11.93 -25.91 -71.27
CA LEU D 302 11.37 -26.34 -72.55
C LEU D 302 12.44 -26.77 -73.56
N ASN D 303 13.60 -27.21 -73.09
CA ASN D 303 14.58 -27.81 -73.99
C ASN D 303 13.94 -29.01 -74.70
N GLY D 304 14.03 -29.02 -76.03
CA GLY D 304 13.35 -29.99 -76.84
C GLY D 304 12.14 -29.45 -77.58
N TRP D 305 11.65 -28.29 -77.19
CA TRP D 305 10.53 -27.65 -77.85
C TRP D 305 10.99 -26.79 -79.03
N THR D 306 10.04 -26.50 -79.92
CA THR D 306 10.26 -25.63 -81.06
C THR D 306 9.08 -24.67 -81.16
N ILE D 307 9.35 -23.37 -81.01
CA ILE D 307 8.32 -22.35 -80.95
C ILE D 307 8.58 -21.29 -82.02
N LEU D 308 7.56 -21.04 -82.85
CA LEU D 308 7.60 -20.01 -83.88
C LEU D 308 6.73 -18.84 -83.41
N ALA D 309 7.37 -17.74 -83.05
CA ALA D 309 6.71 -16.62 -82.39
C ALA D 309 6.57 -15.48 -83.38
N PHE D 310 5.34 -15.18 -83.78
CA PHE D 310 5.03 -14.05 -84.66
C PHE D 310 3.54 -13.73 -84.58
N ILE D 314 8.54 -7.14 -80.71
CA ILE D 314 9.08 -8.45 -81.04
C ILE D 314 10.48 -8.28 -81.65
N THR D 315 11.49 -8.27 -80.78
CA THR D 315 12.86 -7.94 -81.18
C THR D 315 13.75 -9.18 -81.15
N SER D 316 14.99 -9.00 -81.59
CA SER D 316 15.97 -10.08 -81.55
C SER D 316 16.35 -10.42 -80.11
N ASP D 317 16.29 -9.44 -79.21
CA ASP D 317 16.60 -9.68 -77.81
C ASP D 317 15.44 -10.36 -77.08
N TRP D 318 14.20 -10.10 -77.51
CA TRP D 318 13.06 -10.81 -76.96
C TRP D 318 13.14 -12.31 -77.29
N THR D 319 13.48 -12.63 -78.54
CA THR D 319 13.67 -14.02 -78.92
C THR D 319 14.90 -14.61 -78.21
N ASP D 320 15.97 -13.82 -78.09
CA ASP D 320 17.15 -14.30 -77.37
C ASP D 320 16.87 -14.45 -75.88
N ALA D 321 16.01 -13.59 -75.31
CA ALA D 321 15.68 -13.70 -73.89
C ALA D 321 14.93 -14.99 -73.60
N MET D 322 14.05 -15.39 -74.53
CA MET D 322 13.31 -16.65 -74.34
C MET D 322 14.25 -17.85 -74.35
N ALA D 323 15.10 -17.94 -75.38
CA ALA D 323 15.86 -19.16 -75.60
C ALA D 323 16.79 -19.50 -74.44
N LYS D 324 17.22 -18.49 -73.66
CA LYS D 324 18.17 -18.80 -72.59
C LYS D 324 17.45 -19.10 -71.28
N ALA D 325 16.33 -18.43 -71.00
CA ALA D 325 15.52 -18.75 -69.84
C ALA D 325 14.63 -19.96 -70.09
N THR D 326 13.99 -20.01 -71.27
CA THR D 326 13.12 -21.11 -71.63
C THR D 326 13.91 -22.31 -72.13
N GLY D 327 14.94 -22.08 -72.94
CA GLY D 327 15.70 -23.17 -73.48
C GLY D 327 15.09 -23.86 -74.68
N ALA D 328 14.07 -23.28 -75.29
CA ALA D 328 13.48 -23.86 -76.50
C ALA D 328 14.06 -23.22 -77.75
N VAL D 344 1.84 -23.05 -96.86
CA VAL D 344 2.58 -24.08 -96.14
C VAL D 344 4.07 -23.96 -96.51
N GLN D 345 4.36 -23.20 -97.57
CA GLN D 345 5.71 -22.68 -97.77
C GLN D 345 5.87 -21.27 -97.20
N ALA D 346 4.76 -20.56 -96.99
CA ALA D 346 4.78 -19.28 -96.31
C ALA D 346 4.75 -19.49 -94.80
N ASN D 347 5.04 -18.41 -94.08
CA ASN D 347 5.07 -18.38 -92.62
C ASN D 347 6.05 -19.40 -92.03
N GLN D 348 7.00 -19.88 -92.85
CA GLN D 348 8.09 -20.74 -92.40
C GLN D 348 7.57 -22.04 -91.75
N LEU D 349 6.52 -22.61 -92.34
CA LEU D 349 6.01 -23.90 -91.88
C LEU D 349 6.85 -25.08 -92.38
N ASN D 350 7.85 -24.82 -93.24
CA ASN D 350 8.63 -25.90 -93.85
C ASN D 350 9.45 -26.66 -92.82
N MET D 351 9.90 -25.99 -91.75
CA MET D 351 10.61 -26.65 -90.66
C MET D 351 9.78 -27.75 -90.00
N PHE D 352 8.47 -27.79 -90.27
CA PHE D 352 7.54 -28.73 -89.66
C PHE D 352 7.07 -29.81 -90.63
N GLN D 353 7.82 -30.07 -91.70
CA GLN D 353 7.31 -30.93 -92.77
C GLN D 353 7.18 -32.38 -92.30
N ASN D 354 8.20 -32.93 -91.65
CA ASN D 354 8.17 -34.33 -91.23
C ASN D 354 7.77 -34.49 -89.76
N SER D 355 7.12 -33.50 -89.16
CA SER D 355 6.95 -33.43 -87.72
C SER D 355 5.50 -33.13 -87.34
N LYS D 356 5.20 -33.34 -86.05
CA LYS D 356 3.93 -32.92 -85.46
C LYS D 356 4.00 -31.44 -85.09
N LEU D 357 2.82 -30.79 -85.07
CA LEU D 357 2.76 -29.38 -84.70
C LEU D 357 1.39 -29.05 -84.13
N SER D 358 1.39 -28.11 -83.18
CA SER D 358 0.21 -27.55 -82.55
C SER D 358 0.37 -26.05 -82.50
N VAL D 359 -0.75 -25.32 -82.49
CA VAL D 359 -0.69 -23.87 -82.61
C VAL D 359 -1.64 -23.23 -81.62
N ILE D 360 -1.14 -22.23 -80.90
CA ILE D 360 -1.93 -21.35 -80.06
C ILE D 360 -2.05 -20.03 -80.79
N ASP D 361 -3.18 -19.36 -80.59
CA ASP D 361 -3.42 -18.08 -81.24
C ASP D 361 -4.16 -17.16 -80.28
N ASP D 362 -3.48 -16.12 -79.82
CA ASP D 362 -4.16 -14.94 -79.30
C ASP D 362 -3.95 -13.81 -80.32
N THR D 363 -5.05 -13.29 -80.83
CA THR D 363 -5.07 -12.33 -81.93
C THR D 363 -5.28 -10.90 -81.42
N GLN D 377 -9.75 -17.68 -88.94
CA GLN D 377 -10.35 -18.98 -88.66
C GLN D 377 -10.20 -19.91 -89.84
N ALA D 378 -10.49 -19.38 -91.03
CA ALA D 378 -10.41 -20.18 -92.25
C ALA D 378 -9.02 -20.76 -92.45
N TYR D 379 -7.99 -20.09 -91.95
CA TYR D 379 -6.64 -20.62 -92.05
C TYR D 379 -6.50 -21.92 -91.28
N PHE D 380 -7.01 -21.95 -90.05
CA PHE D 380 -6.91 -23.15 -89.21
C PHE D 380 -7.75 -24.29 -89.78
N GLU D 381 -8.90 -23.96 -90.38
CA GLU D 381 -9.79 -25.01 -90.91
C GLU D 381 -9.10 -25.81 -91.99
N TRP D 382 -8.24 -25.17 -92.79
CA TRP D 382 -7.43 -25.86 -93.78
C TRP D 382 -6.11 -26.33 -93.19
N LEU D 383 -5.56 -25.58 -92.23
CA LEU D 383 -4.31 -25.99 -91.59
C LEU D 383 -4.42 -27.36 -90.93
N ILE D 384 -5.63 -27.76 -90.50
CA ILE D 384 -5.76 -28.96 -89.68
C ILE D 384 -5.60 -30.22 -90.51
N ASP D 385 -6.14 -30.24 -91.74
CA ASP D 385 -6.22 -31.47 -92.51
C ASP D 385 -5.00 -31.72 -93.39
N ARG D 386 -4.14 -30.73 -93.56
CA ARG D 386 -3.02 -30.86 -94.49
C ARG D 386 -1.98 -31.84 -93.95
N THR D 387 -1.87 -33.01 -94.60
CA THR D 387 -0.96 -34.06 -94.19
C THR D 387 0.50 -33.73 -94.48
N SER D 388 0.81 -32.53 -94.98
CA SER D 388 2.21 -32.11 -95.02
C SER D 388 2.77 -31.94 -93.61
N ILE D 389 1.91 -31.70 -92.63
CA ILE D 389 2.28 -31.63 -91.22
C ILE D 389 1.24 -32.42 -90.43
N ASP D 390 1.70 -33.06 -89.36
CA ASP D 390 0.78 -33.75 -88.44
C ASP D 390 0.27 -32.72 -87.44
N VAL D 391 -0.71 -31.93 -87.87
CA VAL D 391 -1.27 -30.86 -87.05
C VAL D 391 -2.19 -31.48 -86.00
N ARG D 392 -1.86 -31.26 -84.73
CA ARG D 392 -2.53 -31.93 -83.60
C ARG D 392 -3.59 -31.10 -82.92
N LEU D 393 -3.34 -29.82 -82.67
CA LEU D 393 -4.29 -29.03 -81.90
C LEU D 393 -4.09 -27.55 -82.20
N ILE D 394 -5.21 -26.84 -82.42
CA ILE D 394 -5.24 -25.42 -82.75
C ILE D 394 -6.07 -24.70 -81.70
N SER D 395 -5.49 -23.67 -81.08
CA SER D 395 -6.17 -22.86 -80.08
C SER D 395 -6.48 -21.49 -80.65
N MET D 396 -7.78 -21.14 -80.70
CA MET D 396 -8.20 -19.86 -81.28
C MET D 396 -9.14 -19.14 -80.34
N LYS D 397 -9.04 -17.81 -80.34
CA LYS D 397 -9.90 -16.95 -79.53
C LYS D 397 -11.38 -17.10 -79.88
N LYS D 402 -22.45 -13.15 -84.42
CA LYS D 402 -23.29 -13.67 -85.49
C LYS D 402 -23.21 -15.20 -85.58
N ASP D 403 -24.36 -15.87 -85.68
CA ASP D 403 -24.36 -17.32 -85.81
C ASP D 403 -23.58 -17.75 -87.05
N THR D 404 -22.83 -18.85 -86.92
CA THR D 404 -21.87 -19.24 -87.96
C THR D 404 -21.61 -20.75 -87.91
N SER D 405 -20.99 -21.25 -88.98
CA SER D 405 -20.68 -22.67 -89.14
C SER D 405 -19.19 -22.90 -89.11
N VAL D 406 -18.75 -23.86 -88.30
CA VAL D 406 -17.35 -24.17 -88.13
C VAL D 406 -17.11 -25.63 -88.50
N SER D 407 -16.01 -25.88 -89.21
CA SER D 407 -15.59 -27.22 -89.54
C SER D 407 -14.38 -27.61 -88.69
N HIS D 408 -14.30 -28.90 -88.35
CA HIS D 408 -13.19 -29.47 -87.58
C HIS D 408 -13.04 -28.78 -86.22
N LEU D 409 -14.12 -28.79 -85.45
CA LEU D 409 -14.17 -28.12 -84.16
C LEU D 409 -14.43 -29.15 -83.06
N LEU D 410 -13.46 -29.30 -82.15
CA LEU D 410 -13.53 -30.31 -81.09
C LEU D 410 -14.08 -29.75 -79.79
N ALA D 411 -13.78 -28.50 -79.46
CA ALA D 411 -14.24 -27.90 -78.23
C ALA D 411 -14.36 -26.40 -78.39
N LEU D 412 -15.45 -25.86 -77.85
CA LEU D 412 -15.60 -24.42 -77.63
C LEU D 412 -15.86 -24.27 -76.13
N LEU D 413 -14.80 -24.03 -75.37
CA LEU D 413 -14.84 -24.01 -73.92
C LEU D 413 -14.89 -22.59 -73.39
N PRO D 414 -15.65 -22.39 -72.33
CA PRO D 414 -15.80 -21.05 -71.76
C PRO D 414 -14.62 -20.69 -70.88
N GLN D 415 -13.80 -19.75 -71.35
CA GLN D 415 -12.60 -19.33 -70.65
C GLN D 415 -12.08 -18.01 -71.22
N MET D 424 -14.40 -16.80 -75.08
CA MET D 424 -14.34 -18.25 -75.24
C MET D 424 -13.14 -18.68 -76.08
N ARG D 425 -12.92 -19.99 -76.15
CA ARG D 425 -11.73 -20.52 -76.81
C ARG D 425 -12.14 -21.70 -77.69
N ALA D 426 -11.65 -21.71 -78.93
CA ALA D 426 -11.97 -22.73 -79.90
C ALA D 426 -10.78 -23.66 -80.08
N PHE D 427 -11.06 -24.95 -80.20
CA PHE D 427 -10.03 -25.98 -80.29
C PHE D 427 -10.28 -26.79 -81.54
N PHE D 428 -9.60 -26.43 -82.62
CA PHE D 428 -9.76 -27.12 -83.89
C PHE D 428 -8.99 -28.43 -83.86
N HIS D 429 -9.64 -29.51 -84.28
CA HIS D 429 -9.03 -30.82 -84.25
C HIS D 429 -9.42 -31.59 -85.50
N LYS D 430 -8.51 -32.45 -85.96
CA LYS D 430 -8.83 -33.34 -87.07
C LYS D 430 -10.07 -34.16 -86.75
N LYS D 431 -10.13 -34.70 -85.54
CA LYS D 431 -11.28 -35.51 -85.13
C LYS D 431 -12.45 -34.70 -84.65
N GLY D 432 -12.34 -33.38 -84.60
CA GLY D 432 -13.44 -32.56 -84.13
C GLY D 432 -14.63 -32.64 -85.06
N ALA D 433 -15.77 -32.24 -84.54
CA ALA D 433 -16.96 -32.07 -85.39
C ALA D 433 -16.65 -31.18 -86.59
N SER D 434 -16.63 -31.78 -87.77
CA SER D 434 -16.62 -31.01 -89.00
C SER D 434 -18.01 -30.44 -89.32
N ASP D 435 -19.02 -31.27 -89.13
CA ASP D 435 -20.39 -30.90 -89.45
C ASP D 435 -21.13 -30.49 -88.18
N ILE D 436 -20.75 -29.31 -87.66
CA ILE D 436 -21.54 -28.61 -86.67
C ILE D 436 -21.50 -27.13 -87.00
N LYS D 437 -22.58 -26.43 -86.68
CA LYS D 437 -22.72 -25.00 -86.91
C LYS D 437 -23.18 -24.42 -85.60
N ILE D 438 -22.46 -23.42 -85.10
CA ILE D 438 -22.71 -22.89 -83.76
C ILE D 438 -23.79 -21.82 -83.83
N LEU D 439 -24.94 -22.08 -83.23
CA LEU D 439 -25.95 -21.04 -83.02
C LEU D 439 -25.40 -20.04 -82.00
N ALA D 440 -24.94 -18.89 -82.48
CA ALA D 440 -24.25 -17.94 -81.62
C ALA D 440 -25.18 -17.24 -80.63
N ALA D 441 -26.50 -17.32 -80.82
CA ALA D 441 -27.42 -16.70 -79.86
C ALA D 441 -27.45 -17.45 -78.53
N GLU D 442 -26.92 -18.66 -78.48
CA GLU D 442 -26.79 -19.43 -77.24
C GLU D 442 -25.42 -19.29 -76.59
N THR D 443 -24.41 -18.75 -77.30
CA THR D 443 -23.10 -18.59 -76.70
C THR D 443 -23.10 -17.50 -75.63
N GLU D 444 -23.79 -16.39 -75.89
CA GLU D 444 -23.96 -15.37 -74.85
C GLU D 444 -24.96 -15.82 -73.80
N LYS D 445 -25.97 -16.61 -74.20
CA LYS D 445 -26.85 -17.22 -73.21
C LYS D 445 -26.05 -18.15 -72.30
N TYR D 446 -25.08 -18.87 -72.87
CA TYR D 446 -24.24 -19.77 -72.08
C TYR D 446 -23.31 -18.99 -71.18
N MET D 447 -22.48 -18.11 -71.76
CA MET D 447 -21.50 -17.37 -70.97
C MET D 447 -22.14 -16.30 -70.09
N ASP D 448 -23.44 -16.02 -70.25
CA ASP D 448 -24.12 -15.24 -69.23
C ASP D 448 -24.31 -16.05 -67.97
N ASP D 449 -24.42 -17.38 -68.09
CA ASP D 449 -24.51 -18.24 -66.92
C ASP D 449 -23.15 -18.40 -66.26
N PHE D 450 -22.10 -18.65 -67.05
CA PHE D 450 -20.77 -18.87 -66.49
C PHE D 450 -20.31 -17.66 -65.68
N THR D 451 -20.46 -16.46 -66.24
CA THR D 451 -19.88 -15.29 -65.59
C THR D 451 -20.42 -15.11 -64.17
N ALA D 452 -21.67 -15.48 -63.93
CA ALA D 452 -22.26 -15.35 -62.60
C ALA D 452 -22.34 -16.70 -61.90
N MET D 453 -21.20 -17.34 -61.65
CA MET D 453 -21.16 -18.61 -60.93
C MET D 453 -20.46 -18.46 -59.58
N ASN D 460 -13.25 -24.23 -62.31
CA ASN D 460 -13.63 -25.64 -62.29
C ASN D 460 -13.64 -26.24 -63.69
N THR D 461 -14.17 -25.47 -64.65
CA THR D 461 -14.30 -25.92 -66.04
C THR D 461 -12.96 -26.20 -66.71
N GLN D 462 -11.85 -25.98 -65.99
CA GLN D 462 -10.54 -26.43 -66.45
C GLN D 462 -10.52 -27.93 -66.75
N LYS D 463 -11.45 -28.69 -66.18
CA LYS D 463 -11.49 -30.13 -66.44
C LYS D 463 -11.89 -30.42 -67.89
N PHE D 464 -12.77 -29.61 -68.48
CA PHE D 464 -13.16 -29.83 -69.86
C PHE D 464 -11.98 -29.70 -70.80
N MET D 465 -11.07 -28.76 -70.51
CA MET D 465 -9.94 -28.53 -71.39
C MET D 465 -8.92 -29.66 -71.30
N HIS D 466 -8.69 -30.17 -70.08
CA HIS D 466 -7.72 -31.23 -69.89
C HIS D 466 -8.23 -32.60 -70.33
N CYS D 467 -9.55 -32.74 -70.52
CA CYS D 467 -10.08 -33.99 -71.07
C CYS D 467 -9.36 -34.41 -72.34
N MET D 468 -8.80 -33.44 -73.07
CA MET D 468 -8.15 -33.74 -74.33
C MET D 468 -6.81 -34.45 -74.15
N ILE D 469 -6.24 -34.41 -72.95
CA ILE D 469 -5.09 -35.26 -72.65
C ILE D 469 -5.49 -36.23 -71.54
N THR D 470 -6.57 -36.97 -71.74
CA THR D 470 -7.01 -37.98 -70.78
C THR D 470 -7.43 -39.25 -71.52
N THR D 471 -6.62 -40.29 -71.42
CA THR D 471 -7.01 -41.62 -71.89
C THR D 471 -7.91 -42.29 -70.86
N VAL D 472 -8.96 -42.94 -71.33
CA VAL D 472 -9.89 -43.64 -70.45
C VAL D 472 -9.49 -45.10 -70.41
N GLY D 473 -9.41 -45.66 -69.21
CA GLY D 473 -9.06 -47.06 -69.04
C GLY D 473 -8.62 -47.36 -67.63
N ASP D 474 -8.43 -48.66 -67.37
CA ASP D 474 -8.01 -49.14 -66.05
C ASP D 474 -6.48 -49.09 -65.97
N ALA D 475 -5.96 -48.27 -65.07
CA ALA D 475 -4.53 -48.09 -64.98
C ALA D 475 -3.82 -49.40 -64.66
N LEU D 476 -4.51 -50.33 -64.01
CA LEU D 476 -3.87 -51.60 -63.69
C LEU D 476 -3.57 -52.44 -64.93
N LYS D 477 -4.20 -52.14 -66.06
CA LYS D 477 -4.05 -52.92 -67.29
C LYS D 477 -3.20 -52.21 -68.34
N MET D 478 -2.62 -51.05 -68.02
CA MET D 478 -1.93 -50.24 -69.01
C MET D 478 -0.61 -50.88 -69.41
N ASP D 479 -0.08 -50.42 -70.54
CA ASP D 479 1.18 -50.92 -71.08
C ASP D 479 2.35 -50.35 -70.28
N LEU D 480 3.35 -51.20 -70.01
CA LEU D 480 4.45 -50.80 -69.14
C LEU D 480 5.81 -50.83 -69.81
N ASP D 481 5.88 -51.03 -71.12
CA ASP D 481 7.21 -51.10 -71.71
C ASP D 481 7.74 -49.70 -71.99
N GLY D 482 9.06 -49.64 -72.23
CA GLY D 482 9.69 -48.39 -72.60
C GLY D 482 10.00 -47.49 -71.45
N GLY D 483 10.32 -48.05 -70.28
CA GLY D 483 10.64 -47.22 -69.12
C GLY D 483 9.58 -46.19 -68.82
N ARG D 484 8.32 -46.57 -68.98
CA ARG D 484 7.22 -45.61 -68.84
C ARG D 484 7.23 -44.98 -67.47
N ALA D 485 7.02 -43.66 -67.43
CA ALA D 485 6.94 -42.92 -66.18
C ALA D 485 5.47 -42.72 -65.82
N VAL D 486 5.08 -43.24 -64.66
CA VAL D 486 3.69 -43.19 -64.18
C VAL D 486 3.69 -42.69 -62.75
N ILE D 487 2.73 -41.82 -62.45
CA ILE D 487 2.54 -41.29 -61.11
C ILE D 487 1.12 -41.63 -60.70
N ALA D 488 0.98 -42.51 -59.70
CA ALA D 488 -0.32 -42.91 -59.18
C ALA D 488 -0.49 -42.35 -57.76
N SER D 489 -0.72 -41.04 -57.69
CA SER D 489 -0.80 -40.34 -56.42
C SER D 489 -2.24 -40.38 -55.92
N TYR D 490 -2.46 -41.05 -54.79
CA TYR D 490 -3.76 -41.10 -54.13
C TYR D 490 -4.83 -41.79 -54.99
N SER D 491 -4.41 -42.63 -55.94
CA SER D 491 -5.32 -43.15 -56.95
C SER D 491 -5.45 -44.67 -56.87
N LEU D 492 -4.38 -45.43 -57.16
CA LEU D 492 -4.44 -46.88 -57.14
C LEU D 492 -4.82 -47.44 -55.77
N SER D 493 -4.82 -46.61 -54.73
CA SER D 493 -5.09 -47.07 -53.38
C SER D 493 -6.57 -47.08 -53.04
N ASN D 494 -7.43 -46.58 -53.93
CA ASN D 494 -8.87 -46.63 -53.70
C ASN D 494 -9.33 -48.06 -53.50
N SER D 495 -10.39 -48.23 -52.71
CA SER D 495 -10.88 -49.59 -52.46
C SER D 495 -11.50 -50.22 -53.70
N SER D 496 -11.69 -49.45 -54.78
CA SER D 496 -12.13 -50.03 -56.04
C SER D 496 -11.04 -50.91 -56.65
N ASN D 497 -9.78 -50.57 -56.42
CA ASN D 497 -8.67 -51.46 -56.75
C ASN D 497 -8.46 -52.42 -55.59
N SER D 498 -8.37 -53.71 -55.89
CA SER D 498 -8.07 -54.71 -54.88
C SER D 498 -6.56 -54.78 -54.62
N LYS D 499 -6.20 -55.11 -53.38
CA LYS D 499 -4.79 -55.18 -53.02
C LYS D 499 -4.05 -56.19 -53.85
N GLU D 500 -4.67 -57.36 -54.09
CA GLU D 500 -4.07 -58.38 -54.95
C GLU D 500 -3.65 -57.80 -56.30
N ARG D 501 -4.54 -57.05 -56.94
CA ARG D 501 -4.28 -56.59 -58.30
C ARG D 501 -3.25 -55.45 -58.31
N VAL D 502 -3.35 -54.53 -57.35
CA VAL D 502 -2.38 -53.44 -57.25
C VAL D 502 -0.98 -53.99 -57.04
N LEU D 503 -0.82 -54.86 -56.04
CA LEU D 503 0.49 -55.42 -55.76
C LEU D 503 1.03 -56.19 -56.96
N LYS D 504 0.15 -56.94 -57.64
CA LYS D 504 0.53 -57.63 -58.86
C LYS D 504 0.96 -56.64 -59.93
N PHE D 505 0.17 -55.57 -60.11
CA PHE D 505 0.53 -54.55 -61.11
C PHE D 505 1.89 -53.94 -60.81
N LEU D 506 2.12 -53.55 -59.55
CA LEU D 506 3.40 -52.95 -59.19
C LEU D 506 4.53 -53.96 -59.30
N SER D 507 4.26 -55.21 -58.89
CA SER D 507 5.26 -56.26 -59.05
C SER D 507 5.66 -56.43 -60.51
N ASP D 508 4.66 -56.49 -61.40
CA ASP D 508 4.96 -56.56 -62.83
C ASP D 508 5.72 -55.34 -63.33
N ALA D 509 5.34 -54.16 -62.85
CA ALA D 509 5.98 -52.92 -63.32
C ALA D 509 7.46 -52.90 -62.96
N ASN D 510 7.81 -53.34 -61.75
CA ASN D 510 9.20 -53.40 -61.34
C ASN D 510 9.99 -54.40 -62.18
N LYS D 511 9.42 -55.59 -62.42
CA LYS D 511 10.10 -56.57 -63.27
C LYS D 511 10.24 -56.07 -64.70
N ALA D 512 9.31 -55.23 -65.15
CA ALA D 512 9.37 -54.63 -66.48
C ALA D 512 10.39 -53.50 -66.59
N LYS D 513 11.04 -53.13 -65.47
CA LYS D 513 11.94 -51.98 -65.40
C LYS D 513 11.22 -50.69 -65.78
N ALA D 514 9.94 -50.60 -65.45
CA ALA D 514 9.19 -49.36 -65.59
C ALA D 514 9.47 -48.43 -64.40
N MET D 515 8.80 -47.27 -64.39
CA MET D 515 8.99 -46.25 -63.36
C MET D 515 7.61 -45.76 -62.93
N VAL D 516 6.85 -46.64 -62.28
CA VAL D 516 5.59 -46.25 -61.66
C VAL D 516 5.88 -45.81 -60.23
N VAL D 517 5.49 -44.58 -59.90
CA VAL D 517 5.71 -44.00 -58.57
C VAL D 517 4.39 -44.06 -57.82
N PHE D 518 4.39 -44.78 -56.70
CA PHE D 518 3.15 -45.16 -56.05
C PHE D 518 3.09 -44.61 -54.64
N GLY D 519 1.90 -44.15 -54.24
CA GLY D 519 1.69 -43.72 -52.87
C GLY D 519 0.40 -44.30 -52.32
N ALA D 520 0.35 -44.40 -50.99
CA ALA D 520 -0.81 -44.99 -50.33
C ALA D 520 -0.79 -44.64 -48.86
N PRO D 521 -1.94 -44.59 -48.22
CA PRO D 521 -1.96 -44.52 -46.75
C PRO D 521 -1.10 -45.62 -46.14
N ASN D 522 -0.31 -45.25 -45.13
CA ASN D 522 0.44 -46.23 -44.36
C ASN D 522 -0.47 -46.83 -43.29
N THR D 523 -0.67 -48.15 -43.36
CA THR D 523 -1.69 -48.80 -42.55
C THR D 523 -1.42 -48.64 -41.06
N HIS D 524 -0.19 -48.93 -40.65
CA HIS D 524 0.09 -49.01 -39.23
C HIS D 524 0.39 -47.65 -38.62
N ARG D 525 0.98 -46.73 -39.39
CA ARG D 525 1.11 -45.34 -38.94
C ARG D 525 -0.26 -44.74 -38.64
N LEU D 526 -1.22 -44.95 -39.55
CA LEU D 526 -2.56 -44.43 -39.35
C LEU D 526 -3.24 -45.11 -38.17
N ALA D 527 -3.08 -46.43 -38.06
CA ALA D 527 -3.67 -47.13 -36.92
C ALA D 527 -3.04 -46.67 -35.61
N TYR D 528 -1.72 -46.47 -35.60
CA TYR D 528 -1.05 -45.93 -34.43
C TYR D 528 -1.59 -44.57 -34.06
N ALA D 529 -1.80 -43.70 -35.06
CA ALA D 529 -2.27 -42.34 -34.78
C ALA D 529 -3.68 -42.38 -34.20
N LYS D 530 -4.50 -43.32 -34.65
CA LYS D 530 -5.81 -43.48 -34.04
C LYS D 530 -5.71 -44.08 -32.65
N LYS D 531 -4.84 -45.08 -32.48
CA LYS D 531 -4.77 -45.79 -31.20
C LYS D 531 -4.35 -44.86 -30.07
N VAL D 532 -3.44 -43.91 -30.35
CA VAL D 532 -3.03 -42.97 -29.31
C VAL D 532 -4.00 -41.81 -29.19
N GLY D 533 -4.97 -41.70 -30.08
CA GLY D 533 -5.96 -40.65 -29.98
C GLY D 533 -5.66 -39.40 -30.76
N LEU D 534 -4.70 -39.44 -31.68
CA LEU D 534 -4.43 -38.27 -32.51
C LEU D 534 -5.56 -38.06 -33.50
N VAL D 535 -5.95 -39.12 -34.19
CA VAL D 535 -7.00 -39.08 -35.20
C VAL D 535 -8.24 -39.76 -34.60
N LEU D 536 -9.33 -38.99 -34.49
CA LEU D 536 -10.60 -39.49 -33.98
C LEU D 536 -11.38 -40.19 -35.10
N ASP D 537 -12.31 -41.06 -34.68
CA ASP D 537 -13.15 -41.75 -35.67
C ASP D 537 -13.94 -40.78 -36.52
N SER D 538 -14.35 -39.64 -35.96
CA SER D 538 -15.09 -38.64 -36.73
C SER D 538 -14.37 -38.32 -38.04
N ALA D 539 -13.06 -38.12 -37.99
CA ALA D 539 -12.30 -37.69 -39.15
C ALA D 539 -11.95 -38.85 -40.07
N ILE D 540 -11.37 -39.90 -39.51
CA ILE D 540 -10.93 -41.07 -40.27
C ILE D 540 -11.34 -42.32 -39.50
N LYS D 541 -11.80 -43.34 -40.21
CA LYS D 541 -12.08 -44.63 -39.61
C LYS D 541 -11.38 -45.72 -40.40
N MET D 542 -11.17 -46.85 -39.74
CA MET D 542 -10.40 -47.95 -40.32
C MET D 542 -11.00 -49.26 -39.82
N SER D 543 -10.93 -50.28 -40.67
CA SER D 543 -11.35 -51.63 -40.31
C SER D 543 -10.37 -52.56 -41.02
N LYS D 544 -9.43 -53.11 -40.25
CA LYS D 544 -8.21 -53.75 -40.78
C LYS D 544 -7.58 -52.72 -41.73
N ASP D 545 -7.26 -53.07 -42.97
CA ASP D 545 -6.52 -52.17 -43.84
C ASP D 545 -7.41 -51.42 -44.82
N LEU D 546 -8.72 -51.38 -44.57
CA LEU D 546 -9.65 -50.59 -45.38
C LEU D 546 -9.97 -49.31 -44.64
N ILE D 547 -9.60 -48.17 -45.23
CA ILE D 547 -9.67 -46.88 -44.57
C ILE D 547 -10.77 -46.03 -45.20
N THR D 548 -11.65 -45.50 -44.35
CA THR D 548 -12.70 -44.56 -44.77
C THR D 548 -12.41 -43.21 -44.13
N PHE D 549 -12.02 -42.24 -44.94
CA PHE D 549 -11.72 -40.92 -44.41
C PHE D 549 -13.00 -40.13 -44.25
N TRP D 557 -14.32 -40.71 -49.09
CA TRP D 557 -13.54 -41.65 -49.89
C TRP D 557 -13.10 -42.87 -49.08
N ARG D 558 -12.93 -44.00 -49.77
CA ARG D 558 -12.49 -45.26 -49.14
C ARG D 558 -11.24 -45.77 -49.85
N ASP D 559 -10.22 -46.12 -49.07
CA ASP D 559 -8.94 -46.56 -49.61
C ASP D 559 -8.41 -47.75 -48.81
N TYR D 560 -7.46 -48.46 -49.41
CA TYR D 560 -6.69 -49.48 -48.71
C TYR D 560 -5.35 -48.88 -48.31
N GLY D 561 -4.95 -49.12 -47.07
CA GLY D 561 -3.61 -48.78 -46.64
C GLY D 561 -2.63 -49.89 -46.97
N TYR D 562 -1.39 -49.49 -47.25
CA TYR D 562 -0.35 -50.43 -47.60
C TYR D 562 0.81 -50.32 -46.62
N SER D 563 1.63 -51.38 -46.58
CA SER D 563 2.77 -51.51 -45.71
C SER D 563 4.06 -51.58 -46.51
N GLN D 564 5.18 -51.36 -45.82
CA GLN D 564 6.48 -51.47 -46.49
C GLN D 564 6.84 -52.93 -46.78
N SER D 565 6.33 -53.87 -45.98
CA SER D 565 6.67 -55.27 -46.21
C SER D 565 5.97 -55.80 -47.47
N GLU D 566 4.65 -55.63 -47.55
CA GLU D 566 3.88 -55.89 -48.77
C GLU D 566 4.60 -55.37 -50.00
N LEU D 567 4.85 -54.06 -50.03
CA LEU D 567 5.33 -53.40 -51.22
C LEU D 567 6.76 -53.80 -51.55
N TYR D 568 7.59 -54.09 -50.53
CA TYR D 568 8.90 -54.65 -50.82
C TYR D 568 8.79 -56.06 -51.40
N ASP D 569 7.75 -56.81 -51.02
CA ASP D 569 7.50 -58.08 -51.67
C ASP D 569 7.05 -57.88 -53.11
N ALA D 570 6.32 -56.80 -53.36
CA ALA D 570 5.98 -56.42 -54.71
C ALA D 570 7.13 -55.73 -55.44
N GLY D 571 8.33 -55.77 -54.89
CA GLY D 571 9.48 -55.12 -55.50
C GLY D 571 9.53 -53.61 -55.42
N TYR D 572 8.91 -53.01 -54.39
CA TYR D 572 8.87 -51.56 -54.26
C TYR D 572 9.47 -51.07 -52.94
N VAL D 573 10.13 -49.92 -53.01
CA VAL D 573 10.95 -49.38 -51.93
C VAL D 573 10.39 -48.02 -51.53
N GLU D 574 10.19 -47.82 -50.22
CA GLU D 574 9.77 -46.51 -49.75
C GLU D 574 10.89 -45.49 -49.92
N ILE D 575 10.50 -44.29 -50.36
CA ILE D 575 11.35 -43.12 -50.37
C ILE D 575 10.49 -41.97 -49.88
N THR D 576 11.10 -41.03 -49.15
CA THR D 576 10.33 -39.94 -48.59
C THR D 576 10.29 -38.80 -49.59
N ILE D 577 9.22 -38.01 -49.52
CA ILE D 577 9.10 -36.80 -50.33
C ILE D 577 10.36 -35.96 -50.20
N ASP D 578 10.87 -35.83 -48.97
CA ASP D 578 12.07 -35.04 -48.75
C ASP D 578 13.27 -35.64 -49.48
N GLN D 579 13.37 -36.96 -49.50
CA GLN D 579 14.45 -37.55 -50.27
C GLN D 579 14.29 -37.27 -51.76
N MET D 580 13.05 -37.28 -52.26
CA MET D 580 12.85 -37.09 -53.69
C MET D 580 13.26 -35.69 -54.13
N VAL D 581 12.79 -34.66 -53.43
CA VAL D 581 13.12 -33.29 -53.80
C VAL D 581 14.62 -33.04 -53.67
N ALA D 582 15.29 -33.68 -52.71
CA ALA D 582 16.73 -33.49 -52.57
C ALA D 582 17.47 -34.18 -53.71
N TYR D 583 17.15 -35.45 -53.96
CA TYR D 583 17.67 -36.17 -55.12
C TYR D 583 17.49 -35.35 -56.40
N SER D 584 16.31 -34.79 -56.57
CA SER D 584 15.96 -34.07 -57.78
C SER D 584 16.35 -32.61 -57.74
N SER D 585 17.32 -32.23 -56.88
CA SER D 585 17.49 -30.80 -56.62
C SER D 585 18.08 -30.05 -57.81
N ASP D 586 18.88 -30.71 -58.64
CA ASP D 586 19.53 -30.00 -59.74
C ASP D 586 18.66 -29.91 -60.98
N VAL D 587 17.42 -30.39 -60.93
CA VAL D 587 16.44 -30.13 -61.97
C VAL D 587 15.13 -29.59 -61.40
N TYR D 588 15.02 -29.47 -60.08
CA TYR D 588 13.75 -29.09 -59.49
C TYR D 588 13.43 -27.64 -59.82
N ASN D 589 12.14 -27.39 -60.09
CA ASN D 589 11.66 -26.08 -60.48
C ASN D 589 10.19 -25.92 -60.09
N GLY D 590 9.77 -26.55 -59.01
CA GLY D 590 8.42 -26.47 -58.52
C GLY D 590 8.28 -25.58 -57.31
N VAL D 591 7.35 -25.93 -56.43
CA VAL D 591 7.10 -25.14 -55.25
C VAL D 591 7.74 -25.82 -54.04
N GLY D 592 7.92 -25.02 -52.99
CA GLY D 592 8.26 -25.52 -51.69
C GLY D 592 7.09 -25.47 -50.73
N TYR D 593 7.40 -25.47 -49.44
CA TYR D 593 6.36 -25.46 -48.42
C TYR D 593 6.85 -24.66 -47.23
N PHE D 594 5.91 -24.30 -46.36
CA PHE D 594 6.23 -23.58 -45.14
C PHE D 594 6.02 -24.41 -43.87
N ALA D 595 4.96 -25.23 -43.82
CA ALA D 595 4.66 -26.01 -42.64
C ALA D 595 4.46 -27.47 -43.02
N ASN D 596 4.81 -28.37 -42.11
CA ASN D 596 4.48 -29.78 -42.33
C ASN D 596 3.02 -30.05 -41.96
N SER D 597 2.53 -31.22 -42.38
CA SER D 597 1.12 -31.52 -42.17
C SER D 597 0.94 -32.97 -41.72
N THR D 598 0.15 -33.13 -40.66
CA THR D 598 -0.11 -34.46 -40.10
C THR D 598 -0.83 -35.34 -41.10
N TYR D 599 -1.83 -34.80 -41.79
CA TYR D 599 -2.57 -35.57 -42.78
C TYR D 599 -1.64 -36.17 -43.82
N ASN D 600 -0.79 -35.33 -44.42
CA ASN D 600 0.11 -35.80 -45.47
C ASN D 600 1.09 -36.84 -44.96
N ASP D 601 1.51 -36.70 -43.70
CA ASP D 601 2.48 -37.61 -43.10
C ASP D 601 1.95 -39.04 -43.03
N LEU D 602 0.63 -39.22 -43.02
CA LEU D 602 0.00 -40.53 -42.98
C LEU D 602 0.22 -41.35 -44.24
N PHE D 603 0.81 -40.78 -45.29
CA PHE D 603 0.98 -41.46 -46.57
C PHE D 603 2.45 -41.77 -46.83
N SER D 604 2.70 -42.85 -47.54
CA SER D 604 4.05 -43.25 -47.92
C SER D 604 4.15 -43.39 -49.43
N TRP D 605 5.31 -43.06 -49.97
CA TRP D 605 5.54 -43.12 -51.41
C TRP D 605 6.61 -44.16 -51.70
N TYR D 606 6.44 -44.88 -52.81
CA TYR D 606 7.31 -46.01 -53.13
C TYR D 606 7.75 -45.97 -54.58
N ILE D 607 9.02 -46.27 -54.79
CA ILE D 607 9.61 -46.33 -56.13
C ILE D 607 10.02 -47.79 -56.35
N PRO D 608 10.28 -48.19 -57.61
CA PRO D 608 10.56 -49.60 -57.87
C PRO D 608 11.97 -50.03 -57.51
N LYS D 609 12.09 -51.27 -57.02
CA LYS D 609 13.38 -51.77 -56.52
C LYS D 609 14.47 -51.75 -57.58
N TRP D 610 14.12 -52.06 -58.84
CA TRP D 610 15.12 -52.06 -59.91
C TRP D 610 15.85 -50.72 -59.98
N TYR D 611 15.11 -49.61 -59.91
CA TYR D 611 15.77 -48.31 -60.05
C TYR D 611 16.66 -48.01 -58.85
N VAL D 612 16.19 -48.36 -57.65
CA VAL D 612 16.99 -48.12 -56.44
C VAL D 612 18.35 -48.78 -56.57
N HIS D 613 18.35 -50.04 -57.03
CA HIS D 613 19.61 -50.78 -57.12
C HIS D 613 20.51 -50.24 -58.23
N LYS D 614 19.92 -49.63 -59.26
CA LYS D 614 20.73 -49.12 -60.38
C LYS D 614 21.42 -47.81 -60.03
N ARG D 615 20.68 -46.86 -59.44
CA ARG D 615 21.20 -45.50 -59.28
C ARG D 615 21.22 -44.95 -57.86
N MET D 616 20.70 -45.67 -56.86
CA MET D 616 20.50 -45.07 -55.55
C MET D 616 21.21 -45.79 -54.41
N LEU D 617 22.09 -46.75 -54.71
CA LEU D 617 22.76 -47.47 -53.64
C LEU D 617 23.95 -46.70 -53.08
N MET D 618 24.44 -45.68 -53.79
CA MET D 618 25.50 -44.82 -53.28
C MET D 618 24.85 -43.63 -52.61
N GLN D 619 24.79 -43.64 -51.29
CA GLN D 619 24.10 -42.60 -50.55
C GLN D 619 25.00 -41.38 -50.40
N ASP D 620 24.68 -40.32 -51.14
CA ASP D 620 25.17 -38.99 -50.79
C ASP D 620 24.12 -38.33 -49.93
N ILE D 621 24.37 -37.07 -49.54
CA ILE D 621 23.48 -36.39 -48.60
C ILE D 621 22.04 -36.32 -49.12
N ARG D 622 21.86 -36.21 -50.44
CA ARG D 622 20.51 -36.03 -50.99
C ARG D 622 19.59 -37.19 -50.64
N LEU D 623 20.15 -38.39 -50.48
CA LEU D 623 19.39 -39.56 -50.08
C LEU D 623 19.57 -39.94 -48.61
N SER D 624 20.47 -39.26 -47.91
CA SER D 624 20.74 -39.54 -46.50
C SER D 624 19.47 -39.39 -45.67
N PRO D 625 19.26 -40.23 -44.66
CA PRO D 625 18.14 -40.02 -43.74
C PRO D 625 18.55 -39.14 -42.56
N ALA D 626 19.61 -38.35 -42.79
CA ALA D 626 20.25 -37.60 -41.71
C ALA D 626 19.28 -36.70 -40.96
N ALA D 627 18.28 -36.17 -41.64
CA ALA D 627 17.33 -35.26 -40.99
C ALA D 627 16.28 -35.99 -40.17
N LEU D 628 16.38 -37.32 -40.04
CA LEU D 628 15.44 -38.06 -39.23
C LEU D 628 16.09 -39.00 -38.22
N VAL D 629 17.38 -39.30 -38.32
CA VAL D 629 17.97 -40.36 -37.51
C VAL D 629 18.40 -39.93 -36.11
N LYS D 630 18.45 -38.63 -35.83
CA LYS D 630 18.83 -38.15 -34.49
C LYS D 630 17.78 -37.25 -33.84
N CYS D 631 16.85 -36.66 -34.58
CA CYS D 631 16.00 -35.63 -33.97
C CYS D 631 14.88 -36.22 -33.10
N PHE D 632 14.37 -37.42 -33.41
CA PHE D 632 13.44 -38.06 -32.48
C PHE D 632 14.17 -38.58 -31.24
N THR D 633 15.34 -39.19 -31.42
CA THR D 633 16.11 -39.74 -30.30
C THR D 633 16.50 -38.65 -29.32
N THR D 634 16.89 -37.48 -29.84
CA THR D 634 17.35 -36.40 -28.99
C THR D 634 16.20 -35.78 -28.23
N LEU D 635 15.06 -35.60 -28.91
CA LEU D 635 13.86 -35.14 -28.22
C LEU D 635 13.52 -36.07 -27.07
N ILE D 636 13.60 -37.38 -27.30
CA ILE D 636 13.18 -38.31 -26.26
C ILE D 636 14.21 -38.35 -25.13
N ARG D 637 15.51 -38.24 -25.46
CA ARG D 637 16.50 -38.22 -24.36
C ARG D 637 16.32 -36.96 -23.50
N ASN D 638 15.97 -35.83 -24.11
CA ASN D 638 15.78 -34.61 -23.34
C ASN D 638 14.55 -34.73 -22.44
N ILE D 639 13.46 -35.29 -22.97
CA ILE D 639 12.24 -35.43 -22.21
C ILE D 639 12.42 -36.45 -21.09
N CYS D 640 13.14 -37.54 -21.35
CA CYS D 640 13.20 -38.69 -20.45
C CYS D 640 14.48 -38.75 -19.61
N TYR D 641 15.33 -37.72 -19.64
CA TYR D 641 16.55 -37.69 -18.81
C TYR D 641 17.50 -38.84 -19.14
N VAL D 642 17.79 -39.01 -20.43
CA VAL D 642 18.72 -40.05 -20.89
C VAL D 642 20.07 -39.44 -21.24
N PRO D 643 21.08 -39.55 -20.37
CA PRO D 643 22.44 -39.09 -20.75
C PRO D 643 22.94 -39.76 -22.02
N HIS D 644 23.83 -39.05 -22.72
CA HIS D 644 24.40 -39.52 -23.98
C HIS D 644 25.04 -40.91 -23.86
N GLU D 645 25.92 -41.10 -22.86
CA GLU D 645 26.57 -42.41 -22.70
C GLU D 645 25.56 -43.44 -22.23
N THR D 646 24.63 -43.05 -21.35
CA THR D 646 23.63 -43.98 -20.86
C THR D 646 22.85 -44.61 -22.01
N TYR D 647 22.57 -43.81 -23.04
CA TYR D 647 21.81 -44.32 -24.18
C TYR D 647 22.50 -45.54 -24.77
N TYR D 648 23.82 -45.45 -24.97
CA TYR D 648 24.58 -46.57 -25.50
C TYR D 648 24.68 -47.72 -24.50
N ARG D 649 24.74 -47.43 -23.19
CA ARG D 649 24.69 -48.51 -22.21
C ARG D 649 23.38 -49.29 -22.36
N PHE D 650 22.26 -48.58 -22.50
CA PHE D 650 20.98 -49.25 -22.72
C PHE D 650 21.03 -50.13 -23.97
N ARG D 651 21.64 -49.62 -25.04
CA ARG D 651 21.83 -50.44 -26.23
C ARG D 651 22.58 -51.73 -25.90
N GLY D 652 23.58 -51.65 -25.02
CA GLY D 652 24.31 -52.85 -24.63
C GLY D 652 23.44 -53.84 -23.88
N ILE D 653 22.64 -53.34 -22.95
CA ILE D 653 21.71 -54.19 -22.22
C ILE D 653 20.71 -54.87 -23.15
N LEU D 654 20.29 -54.18 -24.21
CA LEU D 654 19.29 -54.74 -25.13
C LEU D 654 19.87 -55.90 -25.92
N VAL D 655 21.12 -55.78 -26.34
CA VAL D 655 21.80 -56.84 -27.08
C VAL D 655 22.08 -58.03 -26.15
N ASP D 656 22.60 -57.76 -24.95
CA ASP D 656 22.78 -58.81 -23.94
C ASP D 656 21.49 -59.59 -23.69
N LYS D 657 20.36 -58.90 -23.53
CA LYS D 657 19.08 -59.60 -23.35
C LYS D 657 18.74 -60.44 -24.57
N TYR D 658 19.09 -59.96 -25.77
CA TYR D 658 18.77 -60.72 -26.97
C TYR D 658 19.65 -61.95 -27.10
N LEU D 659 20.96 -61.77 -26.87
CA LEU D 659 21.88 -62.90 -27.00
C LEU D 659 21.56 -64.01 -25.99
N ARG D 660 21.09 -63.63 -24.80
CA ARG D 660 20.75 -64.64 -23.81
C ARG D 660 19.44 -65.35 -24.16
N SER D 661 18.46 -64.59 -24.66
CA SER D 661 17.23 -65.20 -25.18
C SER D 661 17.52 -66.20 -26.30
N LYS D 662 18.64 -66.04 -27.01
CA LYS D 662 19.11 -66.96 -28.03
C LYS D 662 20.09 -68.02 -27.49
N ASN D 663 20.16 -68.19 -26.17
CA ASN D 663 21.05 -69.21 -25.56
C ASN D 663 22.50 -69.07 -26.00
N VAL D 664 22.94 -67.85 -26.31
CA VAL D 664 24.37 -67.60 -26.48
C VAL D 664 25.02 -67.56 -25.09
N ASP D 665 26.18 -68.20 -24.96
CA ASP D 665 26.85 -68.30 -23.66
C ASP D 665 27.52 -66.98 -23.32
N PRO D 666 27.14 -66.33 -22.22
CA PRO D 666 27.63 -64.96 -21.96
C PRO D 666 29.12 -64.87 -21.77
N SER D 667 29.82 -65.98 -21.53
CA SER D 667 31.27 -65.96 -21.42
C SER D 667 31.95 -65.72 -22.76
N GLN D 668 31.18 -65.72 -23.85
CA GLN D 668 31.73 -65.56 -25.18
C GLN D 668 31.76 -64.11 -25.66
N TYR D 669 31.20 -63.17 -24.91
CA TYR D 669 31.22 -61.76 -25.31
C TYR D 669 31.27 -60.86 -24.08
N SER D 670 31.71 -59.63 -24.33
CA SER D 670 31.86 -58.59 -23.31
C SER D 670 31.05 -57.37 -23.74
N ILE D 671 30.00 -57.06 -22.97
CA ILE D 671 29.17 -55.90 -23.28
C ILE D 671 29.95 -54.64 -22.98
N VAL D 672 30.17 -53.82 -23.99
CA VAL D 672 30.84 -52.55 -23.76
C VAL D 672 29.85 -51.42 -23.54
N GLY D 673 28.84 -51.34 -24.41
CA GLY D 673 27.80 -50.34 -24.32
C GLY D 673 28.26 -48.91 -24.53
N SER D 674 29.21 -48.70 -25.44
CA SER D 674 29.66 -47.38 -25.87
C SER D 674 29.16 -47.09 -27.28
N GLY D 675 29.43 -45.87 -27.74
CA GLY D 675 29.07 -45.50 -29.11
C GLY D 675 29.86 -46.25 -30.16
N SER D 676 31.11 -46.60 -29.88
CA SER D 676 31.90 -47.29 -30.89
C SER D 676 31.87 -48.80 -30.75
N LYS D 677 31.58 -49.33 -29.56
CA LYS D 677 31.55 -50.78 -29.35
C LYS D 677 30.27 -51.11 -28.58
N THR D 678 29.33 -51.77 -29.23
CA THR D 678 28.23 -52.37 -28.48
C THR D 678 28.77 -53.49 -27.58
N PHE D 679 29.46 -54.46 -28.19
CA PHE D 679 30.09 -55.53 -27.43
C PHE D 679 31.26 -56.09 -28.20
N THR D 680 32.18 -56.70 -27.45
CA THR D 680 33.33 -57.42 -28.01
C THR D 680 33.06 -58.92 -27.93
N VAL D 681 33.60 -59.66 -28.89
CA VAL D 681 33.43 -61.11 -28.94
C VAL D 681 34.63 -61.75 -28.28
N LEU D 682 34.37 -62.65 -27.35
CA LEU D 682 35.50 -63.29 -26.70
C LEU D 682 35.87 -64.56 -27.42
N SER D 683 34.86 -65.32 -27.83
CA SER D 683 35.03 -66.50 -28.65
C SER D 683 33.87 -66.58 -29.63
N HIS D 684 34.09 -67.31 -30.72
CA HIS D 684 33.14 -67.45 -31.82
C HIS D 684 31.82 -68.03 -31.34
N PHE D 685 30.73 -67.45 -31.82
CA PHE D 685 29.42 -68.01 -31.64
C PHE D 685 28.58 -67.64 -32.85
N GLU D 686 27.41 -68.28 -32.98
CA GLU D 686 26.51 -68.02 -34.08
C GLU D 686 25.08 -68.05 -33.57
N VAL D 687 24.23 -67.25 -34.19
CA VAL D 687 22.83 -67.10 -33.82
C VAL D 687 21.98 -67.46 -35.02
N PRO D 688 21.01 -68.35 -34.90
CA PRO D 688 20.15 -68.68 -36.05
C PRO D 688 19.22 -67.54 -36.41
N HIS D 689 19.07 -67.31 -37.72
CA HIS D 689 18.32 -66.19 -38.27
C HIS D 689 17.98 -66.52 -39.73
N GLU D 690 16.79 -66.13 -40.17
CA GLU D 690 16.31 -66.54 -41.48
C GLU D 690 17.15 -65.99 -42.64
N CYS D 691 18.12 -65.10 -42.36
CA CYS D 691 19.08 -64.66 -43.36
C CYS D 691 20.37 -65.44 -43.32
N GLY D 692 20.37 -66.64 -42.75
CA GLY D 692 21.59 -67.31 -42.42
C GLY D 692 22.06 -66.90 -41.03
N PRO D 693 22.79 -67.77 -40.36
CA PRO D 693 23.24 -67.47 -38.99
C PRO D 693 24.10 -66.21 -38.91
N LEU D 694 23.90 -65.44 -37.83
CA LEU D 694 24.73 -64.27 -37.57
C LEU D 694 26.08 -64.73 -37.04
N VAL D 695 27.15 -64.36 -37.72
CA VAL D 695 28.46 -64.90 -37.44
C VAL D 695 29.25 -63.84 -36.68
N PHE D 696 29.72 -64.21 -35.49
CA PHE D 696 30.56 -63.36 -34.65
C PHE D 696 31.86 -64.10 -34.38
N GLU D 697 32.97 -63.46 -34.73
CA GLU D 697 34.28 -64.08 -34.71
C GLU D 697 35.12 -63.41 -33.64
N ALA D 698 35.76 -64.23 -32.79
CA ALA D 698 36.47 -63.72 -31.62
C ALA D 698 37.49 -62.66 -31.99
N SER D 699 37.82 -61.83 -30.99
CA SER D 699 38.81 -60.76 -31.11
C SER D 699 38.36 -59.64 -32.06
N THR D 700 37.06 -59.43 -32.18
CA THR D 700 36.52 -58.33 -32.97
C THR D 700 35.46 -57.59 -32.14
N ASP D 701 35.10 -56.40 -32.63
CA ASP D 701 34.16 -55.51 -31.97
C ASP D 701 32.91 -55.38 -32.83
N VAL D 702 31.75 -55.52 -32.20
CA VAL D 702 30.47 -55.33 -32.85
C VAL D 702 29.93 -53.96 -32.48
N ASN D 703 29.60 -53.15 -33.48
CA ASN D 703 28.95 -51.86 -33.32
C ASN D 703 27.68 -51.89 -34.17
N ILE D 704 26.53 -52.11 -33.52
CA ILE D 704 25.31 -52.26 -34.29
C ILE D 704 24.90 -50.92 -34.93
N SER D 705 24.02 -51.02 -35.92
CA SER D 705 23.60 -49.85 -36.69
C SER D 705 22.44 -49.17 -35.97
N GLY D 706 22.75 -48.20 -35.11
CA GLY D 706 21.72 -47.54 -34.33
C GLY D 706 20.74 -46.73 -35.16
N HIS D 707 21.10 -46.34 -36.39
CA HIS D 707 20.14 -45.58 -37.18
C HIS D 707 18.93 -46.42 -37.57
N LEU D 708 19.06 -47.75 -37.63
CA LEU D 708 17.89 -48.58 -37.83
C LEU D 708 16.89 -48.34 -36.70
N LEU D 709 17.40 -48.32 -35.48
CA LEU D 709 16.55 -48.18 -34.31
C LEU D 709 15.86 -46.82 -34.29
N SER D 710 16.60 -45.75 -34.58
CA SER D 710 15.95 -44.45 -34.53
C SER D 710 15.00 -44.27 -35.69
N LEU D 711 15.32 -44.80 -36.88
CA LEU D 711 14.34 -44.75 -37.98
C LEU D 711 13.07 -45.50 -37.61
N ALA D 712 13.19 -46.56 -36.80
CA ALA D 712 11.98 -47.26 -36.39
C ALA D 712 11.10 -46.37 -35.53
N ILE D 713 11.69 -45.62 -34.60
CA ILE D 713 10.91 -44.63 -33.85
C ILE D 713 10.25 -43.65 -34.81
N ALA D 714 11.06 -43.06 -35.71
CA ALA D 714 10.56 -42.03 -36.64
C ALA D 714 9.39 -42.55 -37.46
N ALA D 715 9.44 -43.82 -37.84
CA ALA D 715 8.38 -44.42 -38.63
C ALA D 715 7.06 -44.51 -37.88
N HIS D 716 7.04 -44.25 -36.58
CA HIS D 716 5.75 -44.16 -35.90
C HIS D 716 5.01 -42.87 -36.23
N PHE D 717 5.72 -41.84 -36.67
CA PHE D 717 5.19 -40.48 -36.75
C PHE D 717 5.18 -39.90 -38.15
N VAL D 718 6.20 -40.18 -38.96
CA VAL D 718 6.33 -39.66 -40.32
C VAL D 718 6.85 -40.78 -41.21
N ALA D 719 6.80 -40.54 -42.52
CA ALA D 719 7.32 -41.49 -43.49
C ALA D 719 8.81 -41.70 -43.26
N SER D 720 9.25 -42.96 -43.26
CA SER D 720 10.60 -43.29 -42.80
C SER D 720 11.34 -44.03 -43.90
N PRO D 721 12.51 -43.57 -44.31
CA PRO D 721 13.22 -44.20 -45.43
C PRO D 721 14.05 -45.40 -45.02
N MET D 722 13.51 -46.25 -44.16
CA MET D 722 14.26 -47.37 -43.60
C MET D 722 14.73 -48.34 -44.70
N ILE D 723 13.86 -48.62 -45.67
CA ILE D 723 14.16 -49.66 -46.66
C ILE D 723 15.21 -49.17 -47.65
N LEU D 724 15.06 -47.94 -48.15
CA LEU D 724 16.12 -47.35 -48.96
C LEU D 724 17.43 -47.28 -48.17
N TRP D 725 17.35 -46.96 -46.88
CA TRP D 725 18.54 -46.98 -46.04
C TRP D 725 19.12 -48.39 -45.93
N ALA D 726 18.27 -49.39 -45.73
CA ALA D 726 18.79 -50.75 -45.60
C ALA D 726 19.49 -51.20 -46.86
N GLU D 727 18.92 -50.87 -48.03
CA GLU D 727 19.55 -51.23 -49.30
C GLU D 727 20.91 -50.58 -49.44
N GLN D 728 21.02 -49.29 -49.05
CA GLN D 728 22.33 -48.66 -49.06
C GLN D 728 23.25 -49.27 -48.00
N MET D 729 22.69 -49.65 -46.86
CA MET D 729 23.51 -50.29 -45.83
C MET D 729 24.03 -51.65 -46.31
N LYS D 730 23.14 -52.46 -46.91
CA LYS D 730 23.58 -53.71 -47.53
C LYS D 730 24.71 -53.46 -48.53
N TYR D 731 24.56 -52.42 -49.35
CA TYR D 731 25.56 -52.10 -50.37
C TYR D 731 26.92 -51.74 -49.77
N MET D 732 26.91 -51.07 -48.62
CA MET D 732 28.14 -50.57 -48.02
C MET D 732 28.83 -51.60 -47.13
N ALA D 733 28.46 -52.87 -47.24
CA ALA D 733 29.18 -53.94 -46.56
C ALA D 733 30.66 -53.95 -46.91
N VAL D 734 31.03 -53.38 -48.07
CA VAL D 734 32.42 -53.21 -48.51
C VAL D 734 32.59 -51.77 -48.96
N ASP D 735 33.85 -51.35 -49.09
CA ASP D 735 34.16 -50.02 -49.61
C ASP D 735 33.65 -49.87 -51.05
N ARG D 736 33.30 -48.64 -51.43
CA ARG D 736 32.75 -48.37 -52.76
C ARG D 736 33.32 -47.07 -53.32
N MET D 737 33.60 -47.08 -54.61
CA MET D 737 34.14 -45.90 -55.28
C MET D 737 33.06 -44.85 -55.50
N LEU D 738 33.43 -43.59 -55.23
CA LEU D 738 32.50 -42.49 -55.46
C LEU D 738 32.29 -42.30 -56.97
N PRO D 739 31.08 -41.94 -57.39
CA PRO D 739 30.88 -41.60 -58.80
C PRO D 739 31.74 -40.40 -59.19
N PRO D 740 32.55 -40.52 -60.25
CA PRO D 740 33.47 -39.43 -60.59
C PRO D 740 32.79 -38.16 -61.05
N ASN D 741 31.53 -38.21 -61.49
CA ASN D 741 30.79 -37.04 -61.91
C ASN D 741 29.86 -36.50 -60.82
N LEU D 742 30.19 -36.77 -59.55
CA LEU D 742 29.48 -36.23 -58.40
C LEU D 742 30.45 -35.39 -57.59
N ASP D 743 30.03 -34.18 -57.21
CA ASP D 743 30.82 -33.37 -56.30
C ASP D 743 31.08 -34.15 -55.01
N LYS D 744 32.37 -34.25 -54.64
CA LYS D 744 32.75 -35.07 -53.49
C LYS D 744 32.15 -34.52 -52.21
N SER D 745 31.85 -33.22 -52.17
CA SER D 745 31.32 -32.59 -50.98
C SER D 745 29.97 -33.17 -50.61
N LEU D 746 29.21 -33.63 -51.61
CA LEU D 746 27.94 -34.26 -51.33
C LEU D 746 28.08 -35.46 -50.41
N PHE D 747 29.30 -35.99 -50.26
CA PHE D 747 29.59 -37.11 -49.37
C PHE D 747 30.20 -36.66 -48.05
N PHE D 748 29.97 -35.41 -47.65
CA PHE D 748 30.65 -34.86 -46.47
C PHE D 748 30.29 -35.62 -45.19
N ASP D 749 29.12 -36.24 -45.13
CA ASP D 749 28.64 -36.87 -43.91
C ASP D 749 29.20 -38.26 -43.66
N ASN D 750 30.12 -38.75 -44.49
CA ASN D 750 30.61 -40.12 -44.32
C ASN D 750 32.11 -40.14 -44.59
N LYS D 751 32.78 -41.13 -44.02
CA LYS D 751 34.22 -41.21 -44.16
C LYS D 751 34.60 -41.64 -45.58
N VAL D 752 35.63 -41.03 -46.12
CA VAL D 752 36.13 -41.32 -47.44
C VAL D 752 37.55 -41.87 -47.30
N THR D 753 37.82 -43.01 -47.94
CA THR D 753 39.13 -43.64 -47.83
C THR D 753 40.16 -42.85 -48.63
N PRO D 754 41.44 -42.97 -48.29
CA PRO D 754 42.49 -42.27 -49.06
C PRO D 754 42.43 -42.55 -50.55
N SER D 755 42.03 -43.76 -50.94
CA SER D 755 41.85 -44.09 -52.35
C SER D 755 40.80 -43.22 -53.02
N GLY D 756 39.95 -42.56 -52.25
CA GLY D 756 38.84 -41.81 -52.77
C GLY D 756 37.52 -42.54 -52.80
N ALA D 757 37.39 -43.64 -52.07
CA ALA D 757 36.18 -44.43 -52.06
C ALA D 757 35.38 -44.18 -50.78
N LEU D 758 34.09 -44.55 -50.83
CA LEU D 758 33.23 -44.48 -49.66
C LEU D 758 33.55 -45.64 -48.74
N GLN D 759 34.00 -45.33 -47.53
CA GLN D 759 34.36 -46.37 -46.58
C GLN D 759 33.14 -47.17 -46.15
N ARG D 760 33.33 -48.47 -45.94
CA ARG D 760 32.26 -49.37 -45.53
C ARG D 760 31.62 -48.89 -44.23
N TRP D 761 30.37 -49.31 -44.00
CA TRP D 761 29.60 -48.89 -42.84
C TRP D 761 29.50 -50.00 -41.80
N HIS D 762 28.72 -51.04 -42.05
CA HIS D 762 28.44 -52.03 -41.03
C HIS D 762 28.39 -53.41 -41.67
N SER D 763 28.58 -54.42 -40.81
CA SER D 763 28.39 -55.80 -41.21
C SER D 763 26.91 -56.15 -41.22
N ARG D 764 26.58 -57.24 -41.91
CA ARG D 764 25.19 -57.71 -41.89
C ARG D 764 24.77 -58.13 -40.49
N GLU D 765 25.71 -58.56 -39.66
CA GLU D 765 25.38 -58.91 -38.29
C GLU D 765 25.02 -57.66 -37.49
N GLU D 766 25.80 -56.60 -37.65
CA GLU D 766 25.56 -55.36 -36.92
C GLU D 766 24.24 -54.70 -37.33
N VAL D 767 23.79 -54.95 -38.56
CA VAL D 767 22.50 -54.44 -38.98
C VAL D 767 21.39 -55.33 -38.46
N LEU D 768 21.57 -56.65 -38.59
CA LEU D 768 20.48 -57.57 -38.30
C LEU D 768 20.23 -57.67 -36.80
N LEU D 769 21.31 -57.68 -35.99
CA LEU D 769 21.19 -57.49 -34.54
C LEU D 769 20.32 -56.30 -34.18
N ALA D 770 20.60 -55.16 -34.81
CA ALA D 770 19.77 -53.98 -34.58
C ALA D 770 18.31 -54.27 -34.92
N ALA D 771 18.06 -55.00 -36.02
CA ALA D 771 16.70 -55.40 -36.35
C ALA D 771 16.12 -56.31 -35.28
N GLU D 772 16.93 -57.25 -34.77
CA GLU D 772 16.42 -58.22 -33.79
C GLU D 772 16.09 -57.55 -32.45
N ILE D 773 16.83 -56.50 -32.07
CA ILE D 773 16.50 -55.82 -30.82
C ILE D 773 15.53 -54.67 -31.02
N CYS D 774 15.09 -54.42 -32.26
CA CYS D 774 14.35 -53.19 -32.56
C CYS D 774 13.07 -53.09 -31.77
N GLU D 775 12.36 -54.21 -31.61
CA GLU D 775 11.11 -54.17 -30.86
C GLU D 775 11.36 -53.78 -29.40
N SER D 776 12.35 -54.38 -28.76
CA SER D 776 12.64 -54.02 -27.37
C SER D 776 13.17 -52.60 -27.25
N TYR D 777 13.92 -52.11 -28.23
CA TYR D 777 14.31 -50.69 -28.27
C TYR D 777 13.09 -49.79 -28.27
N ALA D 778 12.12 -50.08 -29.15
CA ALA D 778 10.94 -49.22 -29.27
C ALA D 778 10.07 -49.29 -28.02
N ALA D 779 9.93 -50.49 -27.44
CA ALA D 779 9.22 -50.59 -26.17
C ALA D 779 9.92 -49.79 -25.09
N MET D 780 11.27 -49.79 -25.09
CA MET D 780 12.04 -49.00 -24.13
C MET D 780 11.78 -47.50 -24.32
N MET D 781 12.09 -46.97 -25.51
CA MET D 781 12.09 -45.53 -25.74
C MET D 781 10.68 -44.93 -25.63
N LEU D 782 9.64 -45.71 -25.89
CA LEU D 782 8.28 -45.19 -25.88
C LEU D 782 7.44 -45.82 -24.76
N ASN D 783 8.10 -46.30 -23.70
CA ASN D 783 7.43 -46.81 -22.51
C ASN D 783 6.30 -47.77 -22.88
N ASN D 784 6.62 -48.72 -23.76
CA ASN D 784 5.70 -49.76 -24.23
C ASN D 784 4.44 -49.21 -24.91
N LYS D 785 4.47 -47.96 -25.36
CA LYS D 785 3.36 -47.36 -26.11
C LYS D 785 3.66 -47.23 -27.58
N HIS D 786 4.56 -48.06 -28.09
CA HIS D 786 4.96 -48.09 -29.49
C HIS D 786 3.92 -48.89 -30.28
N SER D 787 4.20 -49.12 -31.56
CA SER D 787 3.38 -50.03 -32.35
C SER D 787 4.19 -51.26 -32.74
N PRO D 788 3.94 -52.44 -32.17
CA PRO D 788 4.62 -53.65 -32.67
C PRO D 788 4.38 -53.91 -34.15
N ASP D 789 3.21 -53.57 -34.70
CA ASP D 789 2.98 -53.79 -36.13
C ASP D 789 3.94 -52.97 -36.98
N ILE D 790 4.17 -51.70 -36.61
CA ILE D 790 5.13 -50.87 -37.36
C ILE D 790 6.51 -51.51 -37.32
N ILE D 791 6.97 -51.85 -36.12
CA ILE D 791 8.26 -52.55 -35.97
C ILE D 791 8.26 -53.84 -36.76
N GLY D 792 7.17 -54.60 -36.64
CA GLY D 792 7.09 -55.88 -37.32
C GLY D 792 7.19 -55.75 -38.83
N THR D 793 6.38 -54.87 -39.42
CA THR D 793 6.41 -54.73 -40.87
C THR D 793 7.74 -54.18 -41.36
N LEU D 794 8.44 -53.39 -40.54
CA LEU D 794 9.78 -52.96 -40.92
C LEU D 794 10.80 -54.08 -40.76
N LYS D 795 10.62 -54.91 -39.72
CA LYS D 795 11.52 -56.04 -39.54
C LYS D 795 11.47 -57.00 -40.73
N SER D 796 10.25 -57.34 -41.17
CA SER D 796 10.07 -58.20 -42.35
C SER D 796 10.84 -57.68 -43.54
N ALA D 797 10.68 -56.40 -43.84
CA ALA D 797 11.32 -55.83 -45.03
C ALA D 797 12.83 -55.90 -44.93
N ILE D 798 13.38 -55.56 -43.76
CA ILE D 798 14.82 -55.62 -43.57
C ILE D 798 15.34 -57.04 -43.79
N ASN D 799 14.57 -58.03 -43.32
CA ASN D 799 14.99 -59.42 -43.51
C ASN D 799 14.94 -59.82 -44.99
N LEU D 800 13.93 -59.33 -45.72
CA LEU D 800 13.92 -59.56 -47.17
C LEU D 800 15.09 -58.88 -47.85
N VAL D 801 15.40 -57.62 -47.47
CA VAL D 801 16.55 -56.94 -48.07
C VAL D 801 17.81 -57.78 -47.91
N PHE D 802 17.91 -58.53 -46.82
CA PHE D 802 19.10 -59.33 -46.52
C PHE D 802 18.90 -60.83 -46.76
N LYS D 803 17.89 -61.20 -47.56
CA LYS D 803 17.62 -62.60 -47.92
C LYS D 803 18.87 -63.36 -48.36
N ILE D 804 18.90 -64.64 -48.01
CA ILE D 804 19.91 -65.60 -48.50
C ILE D 804 19.53 -67.00 -48.02
#